data_6UIW
#
_entry.id   6UIW
#
loop_
_entity.id
_entity.type
_entity.pdbx_description
1 polymer 'Calcium homeostasis modulator protein 2'
2 non-polymer 'ruthenium(6+) azanide pentaamino(oxido)ruthenium (1/4/2)'
#
_entity_poly.entity_id   1
_entity_poly.type   'polypeptide(L)'
_entity_poly.pdbx_seq_one_letter_code
;MAALIAENFRFLSLFFKSKDVMIFNGLVALGTVGSQELFSVVAFHCPCSPARNYLYGLAAIGVPALVLFIIGIILNNHTW
NLVAECQHRRTKNCSAAPTFLLLSSILGRAAVAPVTWSVISLLRGEAYVCALSEFVDPSSLTAREEHFPSAHATEILARF
PCKENPDNLSDFREEVSRRLRYESQLFGWLLIGVVAILVFLTKCLKHYCSPLSYRQEAYWAQYRANEDQLFQRTAEVHSR
VLAANNVRRFFGFVALNKDDEELIANFPVEGTQPRPQWNAITGVYLYRENQGLPLYSRLHKWAQGLAGNGAAPDNVEMAL
LPSFESRLVPR
;
_entity_poly.pdbx_strand_id   A,B,C,D,E,F,G,H,I,J,K
#
# COMPACT_ATOMS: atom_id res chain seq x y z
N SER A 13 -26.12 -0.23 9.30
CA SER A 13 -24.71 0.04 9.56
C SER A 13 -24.51 1.44 10.11
N LEU A 14 -25.61 2.11 10.45
CA LEU A 14 -25.52 3.47 10.99
C LEU A 14 -24.91 3.47 12.39
N PHE A 15 -25.46 2.65 13.29
CA PHE A 15 -24.91 2.56 14.64
C PHE A 15 -23.53 1.90 14.64
N PHE A 16 -23.29 0.99 13.69
CA PHE A 16 -22.01 0.32 13.62
C PHE A 16 -20.90 1.27 13.18
N LYS A 17 -21.14 2.07 12.13
CA LYS A 17 -20.14 3.01 11.67
C LYS A 17 -20.02 4.21 12.61
N SER A 18 -21.14 4.56 13.28
CA SER A 18 -21.09 5.68 14.22
C SER A 18 -20.39 5.28 15.52
N LYS A 19 -20.39 3.98 15.85
CA LYS A 19 -19.70 3.52 17.05
C LYS A 19 -18.28 3.07 16.72
N ASP A 20 -18.09 2.42 15.58
CA ASP A 20 -16.77 1.96 15.16
C ASP A 20 -16.57 2.41 13.71
N VAL A 21 -15.70 3.39 13.52
CA VAL A 21 -15.67 4.10 12.24
C VAL A 21 -14.82 3.35 11.21
N MET A 22 -15.41 3.17 10.02
CA MET A 22 -14.66 2.88 8.80
C MET A 22 -14.00 4.19 8.38
N ILE A 23 -13.06 4.11 7.42
CA ILE A 23 -11.94 5.03 7.22
C ILE A 23 -12.35 6.51 7.23
N PHE A 24 -11.76 7.26 8.17
CA PHE A 24 -12.32 8.56 8.53
C PHE A 24 -11.94 9.63 7.52
N ASN A 25 -10.90 9.38 6.72
CA ASN A 25 -10.60 10.28 5.62
C ASN A 25 -11.67 10.21 4.55
N GLY A 26 -12.04 9.00 4.13
CA GLY A 26 -13.13 8.84 3.18
C GLY A 26 -14.47 9.21 3.78
N LEU A 27 -14.64 8.99 5.09
CA LEU A 27 -15.86 9.40 5.77
C LEU A 27 -16.00 10.91 5.81
N VAL A 28 -14.90 11.62 6.09
CA VAL A 28 -14.93 13.08 6.10
C VAL A 28 -15.08 13.62 4.68
N ALA A 29 -14.57 12.90 3.69
CA ALA A 29 -14.74 13.32 2.30
C ALA A 29 -16.18 13.17 1.84
N LEU A 30 -16.83 12.05 2.20
CA LEU A 30 -18.24 11.87 1.86
C LEU A 30 -19.13 12.81 2.66
N GLY A 31 -18.71 13.16 3.88
CA GLY A 31 -19.42 14.17 4.63
C GLY A 31 -19.25 15.56 4.04
N THR A 32 -18.08 15.83 3.45
CA THR A 32 -17.87 17.10 2.76
C THR A 32 -18.69 17.17 1.47
N VAL A 33 -18.85 16.04 0.78
CA VAL A 33 -19.68 16.01 -0.43
C VAL A 33 -21.16 16.19 -0.09
N GLY A 34 -21.64 15.49 0.93
CA GLY A 34 -23.02 15.69 1.37
C GLY A 34 -23.26 17.07 1.94
N SER A 35 -22.25 17.63 2.63
CA SER A 35 -22.35 19.01 3.12
C SER A 35 -22.34 20.00 1.97
N GLN A 36 -21.62 19.68 0.89
CA GLN A 36 -21.63 20.52 -0.30
C GLN A 36 -23.01 20.57 -0.94
N GLU A 37 -23.60 19.37 -1.11
CA GLU A 37 -24.97 19.22 -1.71
C GLU A 37 -26.08 19.83 -0.83
N LEU A 38 -26.05 19.62 0.49
CA LEU A 38 -27.07 20.12 1.40
C LEU A 38 -26.87 21.60 1.71
N PHE A 39 -25.61 22.05 1.81
CA PHE A 39 -25.37 23.47 2.04
C PHE A 39 -25.52 24.26 0.74
N SER A 40 -25.50 23.57 -0.40
CA SER A 40 -25.86 24.24 -1.65
C SER A 40 -27.36 24.47 -1.72
N VAL A 41 -28.15 23.55 -1.18
CA VAL A 41 -29.60 23.74 -1.27
C VAL A 41 -30.10 24.69 -0.20
N VAL A 42 -29.29 24.97 0.83
CA VAL A 42 -29.69 25.95 1.84
C VAL A 42 -28.81 27.20 1.83
N ALA A 43 -28.02 27.41 0.77
CA ALA A 43 -27.14 28.56 0.71
C ALA A 43 -27.93 29.85 0.60
N PHE A 44 -27.41 30.90 1.24
CA PHE A 44 -28.11 32.18 1.34
C PHE A 44 -27.97 32.89 -0.01
N HIS A 45 -29.10 33.08 -0.67
CA HIS A 45 -29.13 33.85 -1.90
C HIS A 45 -29.93 35.12 -1.69
N CYS A 46 -29.24 36.24 -1.58
CA CYS A 46 -29.89 37.48 -1.23
C CYS A 46 -30.70 38.03 -2.38
N PRO A 47 -31.98 38.34 -2.18
CA PRO A 47 -32.74 39.07 -3.20
C PRO A 47 -32.35 40.53 -3.17
N CYS A 48 -31.56 40.96 -4.14
CA CYS A 48 -31.09 42.32 -4.13
C CYS A 48 -32.21 43.23 -4.63
N SER A 49 -33.12 43.53 -3.70
CA SER A 49 -34.33 44.30 -3.96
C SER A 49 -34.84 44.84 -2.64
N PRO A 50 -35.37 46.05 -2.62
CA PRO A 50 -35.85 46.62 -1.35
C PRO A 50 -37.16 45.98 -0.92
N ALA A 51 -37.41 46.05 0.40
CA ALA A 51 -38.62 45.55 1.07
C ALA A 51 -38.80 44.03 0.89
N ARG A 52 -37.75 43.35 0.49
CA ARG A 52 -37.86 41.99 0.00
C ARG A 52 -36.74 41.16 0.58
N ASN A 53 -35.65 41.83 0.95
CA ASN A 53 -34.47 41.10 1.37
C ASN A 53 -34.42 40.94 2.88
N TYR A 54 -35.07 41.84 3.62
CA TYR A 54 -35.17 41.60 5.05
C TYR A 54 -36.19 40.51 5.32
N LEU A 55 -37.20 40.39 4.47
CA LEU A 55 -38.13 39.28 4.57
C LEU A 55 -37.43 37.96 4.29
N TYR A 56 -36.49 37.96 3.34
CA TYR A 56 -35.76 36.73 3.08
C TYR A 56 -34.76 36.43 4.18
N GLY A 57 -34.12 37.45 4.74
CA GLY A 57 -33.24 37.21 5.87
C GLY A 57 -33.98 36.68 7.08
N LEU A 58 -35.14 37.27 7.35
CA LEU A 58 -35.99 36.80 8.44
C LEU A 58 -36.48 35.38 8.21
N ALA A 59 -36.86 35.05 6.98
CA ALA A 59 -37.27 33.67 6.70
C ALA A 59 -36.10 32.71 6.81
N ALA A 60 -35.02 32.94 6.07
CA ALA A 60 -33.95 31.97 5.96
C ALA A 60 -33.12 31.88 7.24
N ILE A 61 -33.33 32.79 8.19
CA ILE A 61 -32.66 32.62 9.47
C ILE A 61 -33.64 32.19 10.55
N GLY A 62 -34.75 32.91 10.71
CA GLY A 62 -35.65 32.62 11.81
C GLY A 62 -36.45 31.36 11.62
N VAL A 63 -36.58 30.90 10.37
CA VAL A 63 -37.28 29.64 10.12
C VAL A 63 -36.43 28.42 10.45
N PRO A 64 -35.13 28.34 10.10
CA PRO A 64 -34.32 27.27 10.70
C PRO A 64 -34.17 27.41 12.20
N ALA A 65 -34.22 28.64 12.72
CA ALA A 65 -34.28 28.84 14.16
C ALA A 65 -35.56 28.26 14.74
N LEU A 66 -36.70 28.55 14.13
CA LEU A 66 -37.97 28.04 14.64
C LEU A 66 -38.06 26.53 14.46
N VAL A 67 -37.47 25.99 13.41
CA VAL A 67 -37.46 24.55 13.20
C VAL A 67 -36.62 23.86 14.25
N LEU A 68 -35.44 24.39 14.53
CA LEU A 68 -34.58 23.77 15.55
C LEU A 68 -35.16 23.95 16.94
N PHE A 69 -35.88 25.05 17.16
CA PHE A 69 -36.57 25.26 18.43
C PHE A 69 -37.71 24.27 18.61
N ILE A 70 -38.48 24.03 17.55
CA ILE A 70 -39.56 23.05 17.58
C ILE A 70 -39.01 21.65 17.80
N ILE A 71 -37.91 21.32 17.11
CA ILE A 71 -37.28 20.01 17.25
C ILE A 71 -36.76 19.82 18.68
N GLY A 72 -36.21 20.87 19.27
CA GLY A 72 -35.75 20.77 20.65
C GLY A 72 -36.89 20.62 21.64
N ILE A 73 -38.06 21.18 21.32
CA ILE A 73 -39.22 20.96 22.18
C ILE A 73 -39.73 19.53 22.03
N ILE A 74 -39.72 19.01 20.79
CA ILE A 74 -40.24 17.68 20.49
C ILE A 74 -39.40 16.61 21.14
N LEU A 75 -38.08 16.67 20.99
CA LEU A 75 -37.24 15.58 21.44
C LEU A 75 -37.07 15.58 22.96
N ASN A 76 -37.38 16.71 23.60
CA ASN A 76 -37.34 16.75 25.06
C ASN A 76 -38.55 16.04 25.63
N ASN A 77 -38.30 15.03 26.46
CA ASN A 77 -39.40 14.24 26.98
C ASN A 77 -40.08 14.93 28.16
N HIS A 78 -39.45 15.99 28.68
CA HIS A 78 -40.09 16.77 29.73
C HIS A 78 -41.28 17.54 29.19
N THR A 79 -41.28 17.81 27.88
CA THR A 79 -42.45 18.37 27.21
C THR A 79 -43.65 17.45 27.37
N TRP A 80 -43.44 16.16 27.15
CA TRP A 80 -44.55 15.23 27.20
C TRP A 80 -44.87 14.86 28.64
N ASN A 81 -43.90 14.97 29.54
CA ASN A 81 -44.20 14.83 30.95
C ASN A 81 -45.10 15.96 31.44
N LEU A 82 -44.83 17.18 30.99
CA LEU A 82 -45.67 18.30 31.41
C LEU A 82 -47.04 18.24 30.74
N VAL A 83 -47.09 17.79 29.49
CA VAL A 83 -48.36 17.70 28.81
C VAL A 83 -49.18 16.54 29.38
N ALA A 84 -48.51 15.53 29.94
CA ALA A 84 -49.23 14.45 30.58
C ALA A 84 -49.73 14.88 31.95
N GLU A 85 -48.95 15.73 32.63
CA GLU A 85 -49.40 16.28 33.90
C GLU A 85 -50.65 17.13 33.72
N CYS A 86 -50.64 18.04 32.75
CA CYS A 86 -51.83 18.86 32.53
C CYS A 86 -52.94 18.08 31.86
N GLN A 87 -52.60 16.95 31.23
CA GLN A 87 -53.61 16.12 30.60
C GLN A 87 -54.38 15.30 31.63
N HIS A 88 -53.70 14.41 32.35
CA HIS A 88 -54.45 13.47 33.18
C HIS A 88 -54.44 13.90 34.65
N ARG A 89 -53.45 14.69 35.06
CA ARG A 89 -53.53 15.29 36.39
C ARG A 89 -54.68 16.28 36.44
N ARG A 90 -54.80 17.12 35.40
CA ARG A 90 -56.01 17.80 34.95
C ARG A 90 -56.65 18.72 35.99
N THR A 91 -55.98 19.01 37.10
CA THR A 91 -56.55 19.86 38.14
C THR A 91 -55.52 20.82 38.73
N LYS A 92 -54.46 21.12 37.98
CA LYS A 92 -53.27 21.85 38.45
C LYS A 92 -52.69 21.19 39.70
N ASN A 93 -52.36 19.91 39.59
CA ASN A 93 -51.71 19.19 40.69
C ASN A 93 -50.33 19.76 40.94
N CYS A 94 -49.52 19.90 39.89
CA CYS A 94 -48.37 20.79 39.95
C CYS A 94 -48.83 22.20 39.62
N SER A 95 -48.46 23.14 40.48
CA SER A 95 -49.00 24.50 40.38
C SER A 95 -48.28 25.29 39.30
N ALA A 96 -48.50 26.61 39.30
CA ALA A 96 -47.97 27.46 38.25
C ALA A 96 -46.45 27.61 38.37
N ALA A 97 -45.91 27.51 39.58
CA ALA A 97 -44.46 27.61 39.76
C ALA A 97 -43.69 26.34 39.36
N PRO A 98 -44.13 25.09 39.68
CA PRO A 98 -43.43 23.95 39.07
C PRO A 98 -43.62 23.86 37.57
N THR A 99 -44.79 24.26 37.06
CA THR A 99 -44.99 24.34 35.63
C THR A 99 -44.06 25.36 34.99
N PHE A 100 -43.82 26.48 35.68
CA PHE A 100 -42.92 27.51 35.15
C PHE A 100 -41.47 27.03 35.17
N LEU A 101 -41.07 26.32 36.22
CA LEU A 101 -39.70 25.81 36.28
C LEU A 101 -39.46 24.72 35.23
N LEU A 102 -40.44 23.83 35.04
CA LEU A 102 -40.33 22.79 34.03
C LEU A 102 -40.31 23.40 32.62
N LEU A 103 -41.19 24.38 32.38
CA LEU A 103 -41.21 25.07 31.10
C LEU A 103 -39.91 25.81 30.83
N SER A 104 -39.30 26.39 31.86
CA SER A 104 -38.02 27.06 31.68
C SER A 104 -36.93 26.08 31.29
N SER A 105 -36.91 24.91 31.93
CA SER A 105 -35.93 23.87 31.56
C SER A 105 -36.13 23.38 30.13
N ILE A 106 -37.39 23.18 29.73
CA ILE A 106 -37.71 22.71 28.39
C ILE A 106 -37.32 23.75 27.34
N LEU A 107 -37.72 25.00 27.55
CA LEU A 107 -37.44 26.06 26.58
C LEU A 107 -35.95 26.35 26.50
N GLY A 108 -35.21 26.14 27.58
CA GLY A 108 -33.77 26.31 27.51
C GLY A 108 -33.07 25.24 26.69
N ARG A 109 -33.38 23.97 26.96
CA ARG A 109 -32.75 22.91 26.19
C ARG A 109 -33.23 22.91 24.75
N ALA A 110 -34.42 23.45 24.50
CA ALA A 110 -34.85 23.70 23.14
C ALA A 110 -34.03 24.81 22.49
N ALA A 111 -33.94 25.96 23.16
CA ALA A 111 -33.34 27.15 22.57
C ALA A 111 -31.82 27.12 22.58
N VAL A 112 -31.21 26.01 22.94
CA VAL A 112 -29.78 25.81 22.64
C VAL A 112 -29.52 25.98 21.15
N ALA A 113 -30.24 25.23 20.31
CA ALA A 113 -29.88 25.16 18.89
C ALA A 113 -30.32 26.35 18.04
N PRO A 114 -31.50 26.98 18.22
CA PRO A 114 -31.75 28.19 17.43
C PRO A 114 -30.85 29.36 17.77
N VAL A 115 -30.45 29.48 19.03
CA VAL A 115 -29.50 30.53 19.41
C VAL A 115 -28.16 30.28 18.74
N THR A 116 -27.74 29.01 18.65
CA THR A 116 -26.47 28.71 18.02
C THR A 116 -26.54 28.95 16.51
N TRP A 117 -27.69 28.65 15.91
CA TRP A 117 -27.88 28.91 14.49
C TRP A 117 -27.89 30.41 14.20
N SER A 118 -28.60 31.19 15.02
CA SER A 118 -28.70 32.61 14.77
C SER A 118 -27.39 33.32 15.08
N VAL A 119 -26.60 32.78 16.01
CA VAL A 119 -25.30 33.34 16.29
C VAL A 119 -24.33 33.06 15.14
N ILE A 120 -24.36 31.83 14.60
CA ILE A 120 -23.50 31.51 13.46
C ILE A 120 -23.92 32.32 12.23
N SER A 121 -25.21 32.56 12.08
CA SER A 121 -25.67 33.33 10.93
C SER A 121 -25.40 34.82 11.10
N LEU A 122 -25.33 35.29 12.34
CA LEU A 122 -24.98 36.69 12.57
C LEU A 122 -23.49 36.90 12.43
N LEU A 123 -22.69 35.91 12.78
CA LEU A 123 -21.25 36.05 12.66
C LEU A 123 -20.80 35.82 11.22
N ARG A 124 -21.66 35.12 10.46
CA ARG A 124 -21.47 34.98 8.99
C ARG A 124 -21.66 36.37 8.39
N GLY A 125 -22.67 37.10 8.91
CA GLY A 125 -22.95 38.47 8.51
C GLY A 125 -23.81 38.63 7.29
N GLU A 126 -24.00 37.57 6.48
CA GLU A 126 -24.57 37.71 5.15
C GLU A 126 -26.05 38.05 5.19
N ALA A 127 -26.77 37.50 6.17
CA ALA A 127 -28.18 37.79 6.31
C ALA A 127 -28.40 39.23 6.73
N TYR A 128 -27.45 39.81 7.45
CA TYR A 128 -27.68 41.14 7.97
C TYR A 128 -27.33 42.21 6.95
N VAL A 129 -26.25 42.02 6.16
CA VAL A 129 -25.99 42.93 5.05
C VAL A 129 -27.13 42.86 4.06
N CYS A 130 -27.64 41.65 3.82
CA CYS A 130 -28.76 41.49 2.91
C CYS A 130 -30.02 42.13 3.47
N ALA A 131 -30.24 42.02 4.77
CA ALA A 131 -31.49 42.48 5.34
C ALA A 131 -31.50 43.98 5.56
N LEU A 132 -30.34 44.60 5.71
CA LEU A 132 -30.32 46.02 6.04
C LEU A 132 -29.58 46.87 5.03
N SER A 133 -29.31 46.36 3.83
CA SER A 133 -28.71 47.20 2.79
C SER A 133 -29.63 48.36 2.43
N GLU A 134 -30.94 48.15 2.44
CA GLU A 134 -31.85 49.18 1.98
C GLU A 134 -32.09 50.24 3.03
N PHE A 135 -31.75 49.95 4.30
CA PHE A 135 -32.05 50.90 5.36
C PHE A 135 -30.88 51.81 5.64
N VAL A 136 -29.77 51.61 4.94
CA VAL A 136 -28.59 52.45 5.16
C VAL A 136 -28.86 53.84 4.60
N ASP A 137 -28.70 54.84 5.45
CA ASP A 137 -28.88 56.23 5.07
C ASP A 137 -27.81 56.64 4.06
N PRO A 138 -28.21 57.14 2.89
CA PRO A 138 -27.23 57.40 1.83
C PRO A 138 -26.34 58.60 2.12
N SER A 139 -26.81 59.54 2.94
CA SER A 139 -25.99 60.69 3.29
C SER A 139 -24.88 60.32 4.26
N SER A 140 -25.03 59.19 4.96
CA SER A 140 -24.03 58.81 5.95
C SER A 140 -22.85 58.09 5.33
N LEU A 141 -22.84 57.91 4.01
CA LEU A 141 -21.75 57.19 3.37
C LEU A 141 -20.54 58.10 3.17
N THR A 142 -19.36 57.51 3.21
CA THR A 142 -18.10 58.22 3.04
C THR A 142 -17.24 57.49 2.00
N ALA A 143 -15.98 57.93 1.92
CA ALA A 143 -14.87 57.39 1.12
C ALA A 143 -15.06 57.57 -0.39
N ARG A 144 -16.04 58.36 -0.82
CA ARG A 144 -16.21 58.69 -2.23
C ARG A 144 -17.07 59.94 -2.34
N GLU A 145 -17.26 60.40 -3.58
CA GLU A 145 -18.19 61.49 -3.82
C GLU A 145 -19.61 60.95 -3.88
N GLU A 146 -20.53 61.66 -3.22
CA GLU A 146 -21.89 61.18 -3.03
C GLU A 146 -22.65 61.11 -4.36
N HIS A 147 -22.96 59.89 -4.79
CA HIS A 147 -23.60 59.63 -6.07
C HIS A 147 -24.83 58.74 -5.82
N PHE A 148 -25.95 59.37 -5.49
CA PHE A 148 -27.18 58.65 -5.19
C PHE A 148 -28.38 59.44 -5.68
N PRO A 149 -29.05 59.00 -6.74
CA PRO A 149 -30.37 59.56 -7.07
C PRO A 149 -31.36 59.22 -5.96
N SER A 150 -32.01 60.25 -5.43
CA SER A 150 -32.91 60.07 -4.29
C SER A 150 -34.17 59.30 -4.68
N ALA A 151 -34.49 59.26 -5.98
CA ALA A 151 -35.56 58.38 -6.44
C ALA A 151 -35.14 56.92 -6.37
N HIS A 152 -33.97 56.59 -6.90
CA HIS A 152 -33.46 55.24 -6.91
C HIS A 152 -32.48 54.97 -5.78
N ALA A 153 -32.68 55.60 -4.62
CA ALA A 153 -31.75 55.42 -3.52
C ALA A 153 -31.85 54.03 -2.92
N THR A 154 -33.05 53.65 -2.47
CA THR A 154 -33.24 52.41 -1.73
C THR A 154 -32.96 51.18 -2.60
N GLU A 155 -33.23 51.28 -3.90
CA GLU A 155 -33.02 50.12 -4.77
C GLU A 155 -31.53 49.86 -5.01
N ILE A 156 -30.75 50.92 -5.25
CA ILE A 156 -29.33 50.73 -5.49
C ILE A 156 -28.61 50.47 -4.17
N LEU A 157 -29.21 50.88 -3.05
CA LEU A 157 -28.72 50.44 -1.75
C LEU A 157 -28.96 48.95 -1.56
N ALA A 158 -30.18 48.49 -1.86
CA ALA A 158 -30.54 47.10 -1.64
C ALA A 158 -29.85 46.16 -2.61
N ARG A 159 -29.31 46.67 -3.70
CA ARG A 159 -28.61 45.83 -4.66
C ARG A 159 -27.15 45.65 -4.30
N PHE A 160 -26.67 46.30 -3.23
CA PHE A 160 -25.28 46.15 -2.81
C PHE A 160 -24.81 44.75 -2.43
N PRO A 161 -25.55 43.91 -1.66
CA PRO A 161 -24.93 42.65 -1.21
C PRO A 161 -24.72 41.61 -2.30
N CYS A 162 -25.24 41.82 -3.50
CA CYS A 162 -24.97 40.89 -4.58
C CYS A 162 -23.71 41.28 -5.35
N LYS A 163 -22.95 42.24 -4.83
CA LYS A 163 -21.87 42.96 -5.52
C LYS A 163 -22.33 43.53 -6.85
N GLU A 164 -23.57 44.00 -6.92
CA GLU A 164 -24.13 44.54 -8.14
C GLU A 164 -24.18 46.06 -8.14
N ASN A 165 -23.29 46.71 -7.40
CA ASN A 165 -23.16 48.14 -7.50
C ASN A 165 -22.47 48.50 -8.81
N PRO A 166 -22.63 49.73 -9.29
CA PRO A 166 -21.75 50.22 -10.36
C PRO A 166 -20.32 50.34 -9.85
N ASP A 167 -19.37 50.31 -10.79
CA ASP A 167 -17.96 50.41 -10.41
C ASP A 167 -17.61 51.81 -9.93
N ASN A 168 -18.46 52.79 -10.24
CA ASN A 168 -18.34 54.12 -9.64
C ASN A 168 -18.70 54.09 -8.17
N LEU A 169 -19.45 53.08 -7.74
CA LEU A 169 -19.88 52.98 -6.35
C LEU A 169 -19.30 51.78 -5.62
N SER A 170 -18.17 51.24 -6.08
CA SER A 170 -17.59 50.07 -5.43
C SER A 170 -17.02 50.41 -4.06
N ASP A 171 -16.50 51.63 -3.91
CA ASP A 171 -16.01 52.07 -2.60
C ASP A 171 -17.16 52.26 -1.62
N PHE A 172 -18.25 52.86 -2.11
CA PHE A 172 -19.48 52.96 -1.32
C PHE A 172 -19.99 51.59 -0.90
N ARG A 173 -19.95 50.63 -1.82
CA ARG A 173 -20.47 49.29 -1.52
C ARG A 173 -19.58 48.59 -0.50
N GLU A 174 -18.26 48.76 -0.61
CA GLU A 174 -17.37 48.18 0.40
C GLU A 174 -17.57 48.83 1.76
N GLU A 175 -17.88 50.13 1.78
CA GLU A 175 -18.13 50.82 3.06
C GLU A 175 -19.40 50.31 3.72
N VAL A 176 -20.49 50.17 2.96
CA VAL A 176 -21.73 49.65 3.52
C VAL A 176 -21.59 48.18 3.89
N SER A 177 -20.83 47.40 3.12
CA SER A 177 -20.62 46.00 3.45
C SER A 177 -19.85 45.85 4.75
N ARG A 178 -18.82 46.67 4.95
CA ARG A 178 -18.04 46.58 6.18
C ARG A 178 -18.83 47.08 7.37
N ARG A 179 -19.63 48.14 7.20
CA ARG A 179 -20.39 48.69 8.31
C ARG A 179 -21.50 47.74 8.76
N LEU A 180 -22.21 47.15 7.80
CA LEU A 180 -23.31 46.27 8.18
C LEU A 180 -22.80 44.91 8.61
N ARG A 181 -21.64 44.46 8.09
CA ARG A 181 -21.04 43.26 8.60
C ARG A 181 -20.51 43.47 10.02
N TYR A 182 -20.06 44.70 10.31
CA TYR A 182 -19.74 45.05 11.69
C TYR A 182 -20.94 44.95 12.58
N GLU A 183 -22.08 45.52 12.16
CA GLU A 183 -23.26 45.51 13.02
C GLU A 183 -23.80 44.09 13.17
N SER A 184 -23.61 43.26 12.15
CA SER A 184 -23.96 41.85 12.24
C SER A 184 -23.11 41.11 13.25
N GLN A 185 -21.79 41.22 13.14
CA GLN A 185 -20.91 40.49 14.05
C GLN A 185 -20.98 41.07 15.45
N LEU A 186 -21.27 42.36 15.58
CA LEU A 186 -21.47 42.95 16.89
C LEU A 186 -22.74 42.42 17.54
N PHE A 187 -23.81 42.29 16.77
CA PHE A 187 -25.03 41.70 17.28
C PHE A 187 -24.82 40.23 17.64
N GLY A 188 -24.01 39.53 16.85
CA GLY A 188 -23.74 38.13 17.14
C GLY A 188 -22.91 37.94 18.40
N TRP A 189 -21.91 38.80 18.59
CA TRP A 189 -21.09 38.68 19.79
C TRP A 189 -21.85 39.13 21.03
N LEU A 190 -22.65 40.18 20.93
CA LEU A 190 -23.44 40.57 22.09
C LEU A 190 -24.53 39.55 22.39
N LEU A 191 -25.00 38.84 21.36
CA LEU A 191 -25.96 37.76 21.58
C LEU A 191 -25.33 36.58 22.30
N ILE A 192 -24.15 36.15 21.85
CA ILE A 192 -23.51 35.01 22.51
C ILE A 192 -23.01 35.42 23.89
N GLY A 193 -22.76 36.71 24.10
CA GLY A 193 -22.41 37.18 25.43
C GLY A 193 -23.57 37.13 26.39
N VAL A 194 -24.74 37.65 25.96
CA VAL A 194 -25.88 37.65 26.87
C VAL A 194 -26.41 36.24 27.05
N VAL A 195 -26.21 35.37 26.05
CA VAL A 195 -26.61 33.98 26.21
C VAL A 195 -25.69 33.28 27.20
N ALA A 196 -24.40 33.62 27.18
CA ALA A 196 -23.48 33.03 28.16
C ALA A 196 -23.80 33.50 29.57
N ILE A 197 -24.10 34.79 29.74
CA ILE A 197 -24.36 35.24 31.11
C ILE A 197 -25.73 34.78 31.58
N LEU A 198 -26.64 34.57 30.62
CA LEU A 198 -27.99 34.01 30.89
C LEU A 198 -27.84 32.55 31.36
N VAL A 199 -27.00 31.77 30.67
CA VAL A 199 -26.69 30.39 31.04
C VAL A 199 -26.07 30.35 32.43
N PHE A 200 -25.18 31.29 32.70
CA PHE A 200 -24.53 31.39 34.01
C PHE A 200 -25.53 31.71 35.11
N LEU A 201 -26.42 32.68 34.87
CA LEU A 201 -27.37 33.05 35.92
C LEU A 201 -28.46 32.02 36.09
N THR A 202 -28.81 31.28 35.03
CA THR A 202 -29.79 30.22 35.21
C THR A 202 -29.21 29.08 36.01
N LYS A 203 -27.93 28.76 35.76
CA LYS A 203 -27.29 27.72 36.57
C LYS A 203 -27.14 28.16 38.02
N CYS A 204 -26.81 29.44 38.24
CA CYS A 204 -26.63 29.92 39.61
C CYS A 204 -27.95 29.98 40.35
N LEU A 205 -29.02 30.41 39.68
CA LEU A 205 -30.30 30.47 40.37
C LEU A 205 -30.92 29.09 40.52
N LYS A 206 -30.58 28.16 39.63
CA LYS A 206 -31.01 26.78 39.81
C LYS A 206 -30.33 26.16 41.03
N HIS A 207 -29.03 26.40 41.18
CA HIS A 207 -28.31 25.82 42.31
C HIS A 207 -28.67 26.54 43.61
N TYR A 208 -29.03 27.81 43.53
CA TYR A 208 -29.38 28.56 44.73
C TYR A 208 -30.82 28.27 45.15
N CYS A 209 -31.69 27.96 44.19
CA CYS A 209 -33.10 27.85 44.52
C CYS A 209 -33.58 26.41 44.44
N SER A 210 -32.67 25.46 44.31
CA SER A 210 -33.03 24.07 44.47
C SER A 210 -33.14 23.75 45.95
N PRO A 211 -34.10 22.93 46.37
CA PRO A 211 -34.15 22.56 47.79
C PRO A 211 -33.08 21.58 48.18
N LEU A 212 -32.74 20.67 47.28
CA LEU A 212 -31.72 19.68 47.56
C LEU A 212 -30.38 20.19 47.03
N SER A 213 -29.31 19.52 47.46
CA SER A 213 -27.96 19.96 47.16
C SER A 213 -27.60 19.68 45.72
N TYR A 214 -26.35 19.99 45.37
CA TYR A 214 -25.94 19.79 43.99
C TYR A 214 -25.36 18.41 43.79
N ARG A 215 -24.82 17.81 44.85
CA ARG A 215 -24.37 16.43 44.74
C ARG A 215 -25.56 15.48 44.69
N GLN A 216 -26.61 15.79 45.45
CA GLN A 216 -27.83 15.01 45.36
C GLN A 216 -28.54 15.24 44.05
N GLU A 217 -28.41 16.44 43.48
CA GLU A 217 -29.01 16.67 42.17
C GLU A 217 -28.23 15.94 41.09
N ALA A 218 -26.93 15.74 41.29
CA ALA A 218 -26.17 14.93 40.34
C ALA A 218 -26.53 13.46 40.48
N TYR A 219 -26.79 13.01 41.71
CA TYR A 219 -27.26 11.65 41.91
C TYR A 219 -28.65 11.47 41.33
N TRP A 220 -29.49 12.49 41.44
CA TRP A 220 -30.82 12.44 40.87
C TRP A 220 -30.76 12.37 39.35
N ALA A 221 -29.83 13.11 38.75
CA ALA A 221 -29.68 13.04 37.30
C ALA A 221 -29.17 11.67 36.87
N GLN A 222 -28.27 11.08 37.65
CA GLN A 222 -27.80 9.74 37.34
C GLN A 222 -28.90 8.71 37.52
N TYR A 223 -29.76 8.92 38.52
CA TYR A 223 -30.89 8.03 38.71
C TYR A 223 -31.87 8.13 37.56
N ARG A 224 -32.16 9.33 37.11
CA ARG A 224 -33.13 9.50 36.04
C ARG A 224 -32.61 8.91 34.75
N ALA A 225 -31.31 9.05 34.50
CA ALA A 225 -30.74 8.42 33.32
C ALA A 225 -30.77 6.90 33.42
N ASN A 226 -30.42 6.35 34.58
CA ASN A 226 -30.43 4.90 34.76
C ASN A 226 -31.84 4.37 34.72
N GLU A 227 -32.80 5.13 35.23
CA GLU A 227 -34.16 4.62 35.29
C GLU A 227 -34.83 4.67 33.95
N ASP A 228 -34.57 5.73 33.16
CA ASP A 228 -35.13 5.76 31.82
C ASP A 228 -34.48 4.72 30.92
N GLN A 229 -33.17 4.48 31.09
CA GLN A 229 -32.53 3.47 30.26
C GLN A 229 -32.98 2.07 30.64
N LEU A 230 -33.06 1.77 31.93
CA LEU A 230 -33.50 0.47 32.38
C LEU A 230 -34.96 0.25 32.08
N PHE A 231 -35.76 1.32 32.09
CA PHE A 231 -37.18 1.19 31.82
C PHE A 231 -37.43 0.95 30.35
N GLN A 232 -36.69 1.63 29.46
CA GLN A 232 -36.84 1.36 28.03
C GLN A 232 -36.39 -0.04 27.69
N ARG A 233 -35.30 -0.51 28.32
CA ARG A 233 -34.81 -1.86 28.03
C ARG A 233 -35.80 -2.92 28.51
N THR A 234 -36.31 -2.78 29.72
CA THR A 234 -37.20 -3.83 30.19
C THR A 234 -38.60 -3.66 29.63
N ALA A 235 -38.93 -2.48 29.10
CA ALA A 235 -40.20 -2.36 28.41
C ALA A 235 -40.14 -3.04 27.07
N GLU A 236 -39.00 -2.91 26.37
CA GLU A 236 -38.80 -3.65 25.13
C GLU A 236 -38.80 -5.15 25.38
N VAL A 237 -38.17 -5.59 26.47
CA VAL A 237 -38.10 -7.02 26.74
C VAL A 237 -39.46 -7.56 27.18
N HIS A 238 -40.16 -6.82 28.03
CA HIS A 238 -41.48 -7.23 28.50
C HIS A 238 -42.48 -7.26 27.37
N SER A 239 -42.39 -6.30 26.45
CA SER A 239 -43.26 -6.29 25.30
C SER A 239 -42.92 -7.43 24.36
N ARG A 240 -41.64 -7.79 24.26
CA ARG A 240 -41.26 -8.91 23.43
C ARG A 240 -41.77 -10.23 23.97
N VAL A 241 -41.75 -10.40 25.29
CA VAL A 241 -42.23 -11.66 25.85
C VAL A 241 -43.75 -11.72 25.79
N LEU A 242 -44.41 -10.57 25.91
CA LEU A 242 -45.87 -10.56 25.74
C LEU A 242 -46.26 -10.85 24.31
N ALA A 243 -45.50 -10.30 23.36
CA ALA A 243 -45.72 -10.58 21.95
C ALA A 243 -45.47 -12.03 21.63
N ALA A 244 -44.46 -12.63 22.25
CA ALA A 244 -44.21 -14.04 22.05
C ALA A 244 -45.31 -14.90 22.62
N ASN A 245 -45.91 -14.48 23.74
CA ASN A 245 -47.02 -15.24 24.30
C ASN A 245 -48.23 -15.20 23.37
N ASN A 246 -48.52 -14.04 22.79
CA ASN A 246 -49.67 -13.92 21.90
C ASN A 246 -49.42 -14.67 20.59
N VAL A 247 -48.21 -14.56 20.07
CA VAL A 247 -47.83 -15.24 18.85
C VAL A 247 -47.86 -16.75 19.01
N ARG A 248 -47.37 -17.25 20.15
CA ARG A 248 -47.44 -18.67 20.45
C ARG A 248 -48.88 -19.13 20.61
N ARG A 249 -49.74 -18.26 21.13
CA ARG A 249 -51.15 -18.61 21.21
C ARG A 249 -51.77 -18.68 19.83
N PHE A 250 -51.22 -17.95 18.87
CA PHE A 250 -51.74 -18.02 17.51
C PHE A 250 -51.26 -19.26 16.78
N PHE A 251 -49.95 -19.41 16.63
CA PHE A 251 -49.39 -20.45 15.79
C PHE A 251 -49.11 -21.75 16.50
N GLY A 252 -48.89 -21.72 17.80
CA GLY A 252 -48.43 -22.90 18.51
C GLY A 252 -46.98 -22.85 18.93
N PHE A 253 -46.21 -21.92 18.39
CA PHE A 253 -44.80 -21.77 18.71
C PHE A 253 -44.39 -20.39 18.30
N VAL A 254 -43.16 -20.01 18.64
CA VAL A 254 -42.59 -18.74 18.22
C VAL A 254 -41.21 -19.03 17.62
N ALA A 255 -40.92 -18.42 16.49
CA ALA A 255 -39.57 -18.44 15.95
C ALA A 255 -38.75 -17.39 16.69
N LEU A 256 -38.05 -17.82 17.72
CA LEU A 256 -37.20 -16.94 18.50
C LEU A 256 -35.75 -17.14 18.13
N ASN A 257 -34.95 -16.11 18.31
CA ASN A 257 -33.51 -16.27 18.25
C ASN A 257 -33.02 -16.95 19.53
N LYS A 258 -31.70 -17.10 19.63
CA LYS A 258 -31.14 -17.70 20.84
C LYS A 258 -31.26 -16.74 22.02
N ASP A 259 -30.96 -15.47 21.79
CA ASP A 259 -31.13 -14.44 22.82
C ASP A 259 -32.59 -14.28 23.20
N ASP A 260 -33.49 -14.35 22.22
CA ASP A 260 -34.91 -14.22 22.52
C ASP A 260 -35.42 -15.44 23.28
N GLU A 261 -34.89 -16.61 22.99
CA GLU A 261 -35.27 -17.80 23.75
C GLU A 261 -34.76 -17.70 25.18
N GLU A 262 -33.60 -17.08 25.36
CA GLU A 262 -33.13 -16.77 26.71
C GLU A 262 -34.04 -15.78 27.42
N LEU A 263 -34.59 -14.82 26.67
CA LEU A 263 -35.51 -13.85 27.29
C LEU A 263 -36.83 -14.50 27.69
N ILE A 264 -37.33 -15.43 26.89
CA ILE A 264 -38.55 -16.15 27.27
C ILE A 264 -38.28 -17.08 28.44
N ALA A 265 -37.05 -17.59 28.52
CA ALA A 265 -36.67 -18.44 29.64
C ALA A 265 -36.62 -17.65 30.94
N ASN A 266 -35.93 -16.50 30.93
CA ASN A 266 -35.69 -15.77 32.17
C ASN A 266 -36.95 -15.09 32.69
N PHE A 267 -37.62 -14.32 31.84
CA PHE A 267 -38.65 -13.38 32.28
C PHE A 267 -40.01 -13.82 31.77
N PRO A 268 -40.85 -14.42 32.60
CA PRO A 268 -42.20 -14.75 32.16
C PRO A 268 -43.19 -13.62 32.43
N VAL A 269 -44.26 -13.53 31.64
CA VAL A 269 -45.39 -12.67 31.94
C VAL A 269 -46.65 -13.51 32.10
N GLU A 270 -47.44 -13.14 33.10
CA GLU A 270 -48.84 -13.55 33.11
C GLU A 270 -49.70 -12.50 32.44
N GLY A 271 -49.41 -11.23 32.70
CA GLY A 271 -50.14 -10.15 32.06
C GLY A 271 -49.40 -8.84 32.21
N THR A 272 -49.84 -7.85 31.45
CA THR A 272 -49.23 -6.54 31.51
C THR A 272 -49.86 -5.71 32.61
N GLN A 273 -49.43 -4.45 32.68
CA GLN A 273 -49.76 -3.61 33.82
C GLN A 273 -50.94 -2.70 33.48
N PRO A 274 -51.80 -2.41 34.45
CA PRO A 274 -53.00 -1.64 34.15
C PRO A 274 -52.70 -0.20 33.80
N ARG A 275 -53.67 0.41 33.13
CA ARG A 275 -53.52 1.80 32.71
C ARG A 275 -53.44 2.83 33.85
N PRO A 276 -54.15 2.71 34.99
CA PRO A 276 -53.88 3.68 36.06
C PRO A 276 -52.49 3.57 36.66
N GLN A 277 -51.89 2.38 36.62
CA GLN A 277 -50.53 2.22 37.11
C GLN A 277 -49.53 2.90 36.18
N TRP A 278 -49.75 2.76 34.87
CA TRP A 278 -48.96 3.49 33.88
C TRP A 278 -49.17 4.99 34.01
N ASN A 279 -50.36 5.41 34.40
CA ASN A 279 -50.60 6.82 34.64
C ASN A 279 -49.90 7.29 35.89
N ALA A 280 -49.80 6.40 36.89
CA ALA A 280 -49.18 6.77 38.15
C ALA A 280 -47.69 6.98 37.99
N ILE A 281 -47.05 6.24 37.10
CA ILE A 281 -45.60 6.43 36.97
C ILE A 281 -45.26 7.50 35.93
N THR A 282 -46.26 8.11 35.31
CA THR A 282 -45.99 9.11 34.29
C THR A 282 -46.37 10.49 34.79
N GLY A 283 -45.71 11.50 34.26
CA GLY A 283 -46.00 12.87 34.64
C GLY A 283 -44.72 13.55 35.06
N VAL A 284 -44.87 14.82 35.46
CA VAL A 284 -43.74 15.56 35.96
C VAL A 284 -43.55 15.25 37.44
N TYR A 285 -42.30 15.26 37.88
CA TYR A 285 -41.97 14.91 39.26
C TYR A 285 -41.30 16.07 39.98
N LEU A 286 -41.71 16.31 41.21
CA LEU A 286 -41.29 17.49 41.95
C LEU A 286 -40.65 17.19 43.30
N TYR A 287 -39.91 16.06 43.42
CA TYR A 287 -39.10 15.72 44.59
C TYR A 287 -39.93 15.66 45.89
N ARG A 288 -40.73 14.62 46.02
CA ARG A 288 -41.33 14.36 47.32
C ARG A 288 -40.34 13.64 48.21
N GLU A 289 -40.70 13.45 49.47
CA GLU A 289 -39.96 12.64 50.42
C GLU A 289 -40.94 11.84 51.25
N ASN A 290 -40.79 10.51 51.24
CA ASN A 290 -41.63 9.63 52.03
C ASN A 290 -40.90 9.26 53.30
N GLN A 291 -41.39 9.78 54.43
CA GLN A 291 -40.85 9.52 55.77
C GLN A 291 -39.37 9.89 55.88
N GLY A 292 -39.01 11.05 55.35
CA GLY A 292 -37.64 11.52 55.43
C GLY A 292 -36.72 11.00 54.35
N LEU A 293 -37.01 9.85 53.76
CA LEU A 293 -36.19 9.33 52.68
C LEU A 293 -36.65 9.93 51.37
N PRO A 294 -35.74 10.25 50.46
CA PRO A 294 -36.14 10.92 49.24
C PRO A 294 -36.64 9.96 48.19
N LEU A 295 -37.54 10.46 47.35
CA LEU A 295 -38.04 9.75 46.19
C LEU A 295 -37.65 10.55 44.97
N TYR A 296 -37.14 9.88 43.95
CA TYR A 296 -36.49 10.56 42.85
C TYR A 296 -37.26 10.51 41.55
N SER A 297 -38.37 9.79 41.49
CA SER A 297 -39.22 9.78 40.31
C SER A 297 -40.60 9.32 40.72
N ARG A 298 -41.54 9.41 39.78
CA ARG A 298 -42.88 8.91 40.04
C ARG A 298 -42.88 7.39 40.08
N LEU A 299 -41.97 6.76 39.35
CA LEU A 299 -41.81 5.32 39.45
C LEU A 299 -41.25 4.94 40.81
N HIS A 300 -40.33 5.74 41.33
CA HIS A 300 -39.78 5.48 42.65
C HIS A 300 -40.82 5.72 43.73
N LYS A 301 -41.62 6.78 43.57
CA LYS A 301 -42.69 7.06 44.51
C LYS A 301 -43.75 5.97 44.47
N TRP A 302 -44.03 5.45 43.27
CA TRP A 302 -45.01 4.38 43.13
C TRP A 302 -44.49 3.08 43.72
N ALA A 303 -43.20 2.80 43.55
CA ALA A 303 -42.64 1.56 44.07
C ALA A 303 -42.54 1.61 45.58
N GLN A 304 -42.26 2.78 46.15
CA GLN A 304 -42.29 2.89 47.61
C GLN A 304 -43.72 2.92 48.12
N GLY A 305 -44.67 3.31 47.28
CA GLY A 305 -46.05 3.37 47.72
C GLY A 305 -46.68 2.01 47.91
N LEU A 306 -46.05 0.97 47.40
CA LEU A 306 -46.54 -0.39 47.61
C LEU A 306 -45.94 -0.98 48.88
N SER B 13 -18.39 7.13 19.49
CA SER B 13 -17.00 6.87 19.13
C SER B 13 -16.11 8.05 19.51
N LEU B 14 -16.65 8.98 20.30
CA LEU B 14 -15.88 10.14 20.72
C LEU B 14 -14.80 9.75 21.74
N PHE B 15 -15.20 9.04 22.79
CA PHE B 15 -14.23 8.58 23.78
C PHE B 15 -13.30 7.52 23.20
N PHE B 16 -13.81 6.72 22.26
CA PHE B 16 -12.99 5.67 21.66
C PHE B 16 -11.89 6.25 20.79
N LYS B 17 -12.23 7.22 19.92
CA LYS B 17 -11.22 7.84 19.07
C LYS B 17 -10.33 8.79 19.86
N SER B 18 -10.87 9.39 20.92
CA SER B 18 -10.05 10.29 21.74
C SER B 18 -9.09 9.50 22.62
N LYS B 19 -9.42 8.25 22.95
CA LYS B 19 -8.53 7.43 23.74
C LYS B 19 -7.62 6.57 22.86
N ASP B 20 -8.14 6.07 21.75
CA ASP B 20 -7.36 5.26 20.81
C ASP B 20 -7.62 5.81 19.42
N VAL B 21 -6.61 6.48 18.85
CA VAL B 21 -6.83 7.29 17.67
C VAL B 21 -6.82 6.46 16.40
N MET B 22 -7.84 6.65 15.57
CA MET B 22 -7.79 6.31 14.16
C MET B 22 -6.95 7.36 13.47
N ILE B 23 -6.56 7.11 12.21
CA ILE B 23 -5.36 7.63 11.54
C ILE B 23 -5.17 9.14 11.69
N PHE B 24 -4.04 9.52 12.29
CA PHE B 24 -3.90 10.87 12.83
C PHE B 24 -3.60 11.88 11.73
N ASN B 25 -3.13 11.42 10.58
CA ASN B 25 -2.99 12.31 9.43
C ASN B 25 -4.35 12.75 8.92
N GLY B 26 -5.26 11.79 8.71
CA GLY B 26 -6.62 12.14 8.32
C GLY B 26 -7.39 12.86 9.43
N LEU B 27 -7.07 12.51 10.69
CA LEU B 27 -7.69 13.20 11.81
C LEU B 27 -7.25 14.66 11.89
N VAL B 28 -5.95 14.92 11.65
CA VAL B 28 -5.45 16.29 11.66
C VAL B 28 -5.95 17.04 10.44
N ALA B 29 -6.18 16.33 9.33
CA ALA B 29 -6.72 16.98 8.14
C ALA B 29 -8.19 17.38 8.33
N LEU B 30 -8.98 16.50 8.95
CA LEU B 30 -10.37 16.84 9.24
C LEU B 30 -10.45 17.91 10.32
N GLY B 31 -9.50 17.92 11.25
CA GLY B 31 -9.43 19.00 12.22
C GLY B 31 -9.03 20.32 11.58
N THR B 32 -8.18 20.26 10.56
CA THR B 32 -7.82 21.47 9.82
C THR B 32 -9.00 21.99 9.00
N VAL B 33 -9.83 21.08 8.46
CA VAL B 33 -11.02 21.51 7.72
C VAL B 33 -12.06 22.12 8.64
N GLY B 34 -12.32 21.48 9.78
CA GLY B 34 -13.23 22.06 10.77
C GLY B 34 -12.70 23.35 11.37
N SER B 35 -11.38 23.44 11.54
CA SER B 35 -10.78 24.68 12.01
C SER B 35 -10.87 25.77 10.95
N GLN B 36 -10.80 25.39 9.68
CA GLN B 36 -10.99 26.35 8.59
C GLN B 36 -12.40 26.92 8.59
N GLU B 37 -13.39 26.04 8.71
CA GLU B 37 -14.84 26.43 8.75
C GLU B 37 -15.20 27.24 10.00
N LEU B 38 -14.72 26.85 11.18
CA LEU B 38 -15.04 27.53 12.44
C LEU B 38 -14.22 28.80 12.62
N PHE B 39 -12.96 28.80 12.17
CA PHE B 39 -12.15 30.01 12.24
C PHE B 39 -12.52 30.97 11.12
N SER B 40 -13.21 30.48 10.09
CA SER B 40 -13.77 31.39 9.10
C SER B 40 -14.98 32.12 9.67
N VAL B 41 -15.76 31.44 10.50
CA VAL B 41 -16.96 32.11 11.03
C VAL B 41 -16.60 33.02 12.21
N VAL B 42 -15.41 32.87 12.79
CA VAL B 42 -14.98 33.77 13.85
C VAL B 42 -13.80 34.66 13.46
N ALA B 43 -13.49 34.74 12.16
CA ALA B 43 -12.35 35.52 11.71
C ALA B 43 -12.60 37.01 11.93
N PHE B 44 -11.53 37.72 12.28
CA PHE B 44 -11.62 39.13 12.63
C PHE B 44 -11.79 39.95 11.35
N HIS B 45 -12.93 40.58 11.23
CA HIS B 45 -13.17 41.48 10.12
C HIS B 45 -13.32 42.90 10.62
N CYS B 46 -12.29 43.71 10.41
CA CYS B 46 -12.24 45.03 10.99
C CYS B 46 -13.19 45.97 10.28
N PRO B 47 -14.08 46.65 11.00
CA PRO B 47 -14.86 47.73 10.38
C PRO B 47 -14.01 48.97 10.23
N CYS B 48 -13.58 49.23 9.00
CA CYS B 48 -12.68 50.34 8.78
C CYS B 48 -13.51 51.64 8.80
N SER B 49 -13.79 52.08 10.02
CA SER B 49 -14.63 53.24 10.28
C SER B 49 -14.35 53.73 11.70
N PRO B 50 -14.35 55.03 11.92
CA PRO B 50 -14.04 55.56 13.26
C PRO B 50 -15.20 55.33 14.22
N ALA B 51 -14.86 55.29 15.52
CA ALA B 51 -15.79 55.12 16.64
C ALA B 51 -16.56 53.81 16.58
N ARG B 52 -16.09 52.87 15.78
CA ARG B 52 -16.87 51.71 15.41
C ARG B 52 -15.98 50.48 15.47
N ASN B 53 -14.67 50.70 15.33
CA ASN B 53 -13.78 49.56 15.23
C ASN B 53 -13.18 49.20 16.57
N TYR B 54 -13.10 50.15 17.50
CA TYR B 54 -12.71 49.75 18.84
C TYR B 54 -13.85 49.04 19.54
N LEU B 55 -15.09 49.38 19.19
CA LEU B 55 -16.23 48.64 19.70
C LEU B 55 -16.22 47.21 19.17
N TYR B 56 -15.81 47.03 17.91
CA TYR B 56 -15.73 45.68 17.37
C TYR B 56 -14.57 44.91 17.96
N GLY B 57 -13.43 45.57 18.18
CA GLY B 57 -12.33 44.90 18.83
C GLY B 57 -12.66 44.48 20.24
N LEU B 58 -13.32 45.38 20.99
CA LEU B 58 -13.77 45.08 22.34
C LEU B 58 -14.78 43.95 22.36
N ALA B 59 -15.72 43.93 21.41
CA ALA B 59 -16.66 42.83 21.35
C ALA B 59 -15.99 41.51 20.97
N ALA B 60 -15.28 41.48 19.84
CA ALA B 60 -14.77 40.23 19.31
C ALA B 60 -13.60 39.70 20.11
N ILE B 61 -13.06 40.48 21.05
CA ILE B 61 -12.05 39.93 21.92
C ILE B 61 -12.59 39.70 23.32
N GLY B 62 -13.21 40.72 23.93
CA GLY B 62 -13.63 40.59 25.32
C GLY B 62 -14.84 39.72 25.49
N VAL B 63 -15.62 39.49 24.42
CA VAL B 63 -16.75 38.58 24.52
C VAL B 63 -16.34 37.12 24.47
N PRO B 64 -15.41 36.66 23.60
CA PRO B 64 -14.88 35.32 23.83
C PRO B 64 -14.10 35.18 25.12
N ALA B 65 -13.49 36.28 25.58
CA ALA B 65 -12.89 36.28 26.92
C ALA B 65 -13.95 36.08 27.99
N LEU B 66 -15.05 36.82 27.91
CA LEU B 66 -16.10 36.68 28.92
C LEU B 66 -16.79 35.34 28.83
N VAL B 67 -16.90 34.79 27.62
CA VAL B 67 -17.50 33.47 27.45
C VAL B 67 -16.62 32.39 28.06
N LEU B 68 -15.31 32.45 27.81
CA LEU B 68 -14.40 31.46 28.37
C LEU B 68 -14.28 31.62 29.89
N PHE B 69 -14.41 32.85 30.37
CA PHE B 69 -14.40 33.10 31.81
C PHE B 69 -15.64 32.52 32.47
N ILE B 70 -16.81 32.71 31.84
CA ILE B 70 -18.06 32.16 32.33
C ILE B 70 -18.00 30.63 32.32
N ILE B 71 -17.47 30.05 31.25
CA ILE B 71 -17.35 28.60 31.12
C ILE B 71 -16.42 28.05 32.20
N GLY B 72 -15.34 28.77 32.48
CA GLY B 72 -14.44 28.34 33.54
C GLY B 72 -15.05 28.45 34.92
N ILE B 73 -15.97 29.39 35.11
CA ILE B 73 -16.67 29.44 36.39
C ILE B 73 -17.68 28.30 36.48
N ILE B 74 -18.36 28.00 35.37
CA ILE B 74 -19.39 26.96 35.33
C ILE B 74 -18.81 25.58 35.59
N LEU B 75 -17.74 25.23 34.89
CA LEU B 75 -17.24 23.87 34.97
C LEU B 75 -16.48 23.62 36.26
N ASN B 76 -16.08 24.67 36.97
CA ASN B 76 -15.45 24.50 38.26
C ASN B 76 -16.50 24.15 39.30
N ASN B 77 -16.32 23.01 39.96
CA ASN B 77 -17.33 22.56 40.92
C ASN B 77 -17.18 23.27 42.26
N HIS B 78 -16.06 23.97 42.45
CA HIS B 78 -15.90 24.78 43.67
C HIS B 78 -16.85 25.96 43.67
N THR B 79 -17.27 26.40 42.47
CA THR B 79 -18.32 27.40 42.36
C THR B 79 -19.59 26.91 43.02
N TRP B 80 -19.98 25.67 42.74
CA TRP B 80 -21.22 25.16 43.28
C TRP B 80 -21.06 24.72 44.72
N ASN B 81 -19.83 24.39 45.12
CA ASN B 81 -19.58 24.16 46.54
C ASN B 81 -19.73 25.43 47.35
N LEU B 82 -19.25 26.55 46.81
CA LEU B 82 -19.38 27.82 47.51
C LEU B 82 -20.82 28.30 47.50
N VAL B 83 -21.52 28.08 46.39
CA VAL B 83 -22.91 28.51 46.32
C VAL B 83 -23.78 27.62 47.20
N ALA B 84 -23.36 26.38 47.42
CA ALA B 84 -24.09 25.52 48.33
C ALA B 84 -23.81 25.89 49.77
N GLU B 85 -22.58 26.33 50.05
CA GLU B 85 -22.25 26.82 51.38
C GLU B 85 -23.08 28.05 51.74
N CYS B 86 -23.13 29.03 50.84
CA CYS B 86 -23.92 30.22 51.13
C CYS B 86 -25.42 29.94 51.01
N GLN B 87 -25.78 28.87 50.31
CA GLN B 87 -27.19 28.52 50.18
C GLN B 87 -27.72 27.88 51.45
N HIS B 88 -27.18 26.71 51.83
CA HIS B 88 -27.80 25.97 52.92
C HIS B 88 -27.06 26.16 54.24
N ARG B 89 -25.77 26.51 54.19
CA ARG B 89 -25.09 26.91 55.41
C ARG B 89 -25.68 28.22 55.93
N ARG B 90 -25.90 29.17 55.02
CA ARG B 90 -26.86 30.28 55.11
C ARG B 90 -26.67 31.21 56.30
N THR B 91 -25.55 31.11 57.03
CA THR B 91 -25.30 31.94 58.20
C THR B 91 -23.86 32.41 58.28
N LYS B 92 -23.16 32.45 57.14
CA LYS B 92 -21.70 32.67 57.06
C LYS B 92 -20.94 31.69 57.96
N ASN B 93 -21.18 30.38 57.74
CA ASN B 93 -20.44 29.36 58.47
C ASN B 93 -18.97 29.39 58.11
N CYS B 94 -18.66 29.40 56.82
CA CYS B 94 -17.35 29.84 56.37
C CYS B 94 -17.36 31.36 56.24
N SER B 95 -16.37 32.00 56.85
CA SER B 95 -16.37 33.45 56.96
C SER B 95 -15.91 34.10 55.66
N ALA B 96 -15.63 35.41 55.75
CA ALA B 96 -15.29 36.17 54.55
C ALA B 96 -13.91 35.80 54.02
N ALA B 97 -13.01 35.36 54.89
CA ALA B 97 -11.69 34.94 54.43
C ALA B 97 -11.66 33.56 53.76
N PRO B 98 -12.34 32.50 54.26
CA PRO B 98 -12.41 31.28 53.43
C PRO B 98 -13.19 31.46 52.15
N THR B 99 -14.24 32.30 52.19
CA THR B 99 -14.96 32.65 50.97
C THR B 99 -14.06 33.38 49.98
N PHE B 100 -13.18 34.25 50.48
CA PHE B 100 -12.26 34.98 49.61
C PHE B 100 -11.20 34.06 49.02
N LEU B 101 -10.70 33.10 49.82
CA LEU B 101 -9.70 32.17 49.29
C LEU B 101 -10.31 31.23 48.26
N LEU B 102 -11.53 30.75 48.52
CA LEU B 102 -12.21 29.88 47.56
C LEU B 102 -12.54 30.63 46.28
N LEU B 103 -13.02 31.88 46.41
CA LEU B 103 -13.32 32.70 45.25
C LEU B 103 -12.07 33.01 44.44
N SER B 104 -10.92 33.20 45.11
CA SER B 104 -9.67 33.42 44.40
C SER B 104 -9.27 32.20 43.60
N SER B 105 -9.42 31.01 44.18
CA SER B 105 -9.11 29.77 43.45
C SER B 105 -10.02 29.58 42.24
N ILE B 106 -11.32 29.85 42.42
CA ILE B 106 -12.29 29.72 41.34
C ILE B 106 -12.01 30.70 40.21
N LEU B 107 -11.81 31.97 40.56
CA LEU B 107 -11.59 33.00 39.55
C LEU B 107 -10.26 32.79 38.84
N GLY B 108 -9.27 32.20 39.51
CA GLY B 108 -8.03 31.90 38.83
C GLY B 108 -8.15 30.78 37.81
N ARG B 109 -8.77 29.66 38.21
CA ARG B 109 -8.91 28.56 37.26
C ARG B 109 -9.90 28.92 36.16
N ALA B 110 -10.81 29.87 36.43
CA ALA B 110 -11.63 30.42 35.37
C ALA B 110 -10.80 31.27 34.42
N ALA B 111 -10.04 32.23 34.96
CA ALA B 111 -9.34 33.23 34.16
C ALA B 111 -8.07 32.70 33.53
N VAL B 112 -7.80 31.39 33.61
CA VAL B 112 -6.79 30.80 32.74
C VAL B 112 -7.12 31.07 31.27
N ALA B 113 -8.31 30.71 30.83
CA ALA B 113 -8.62 30.72 29.40
C ALA B 113 -8.89 32.11 28.79
N PRO B 114 -9.59 33.06 29.44
CA PRO B 114 -9.69 34.39 28.82
C PRO B 114 -8.38 35.13 28.72
N VAL B 115 -7.49 34.93 29.70
CA VAL B 115 -6.16 35.55 29.62
C VAL B 115 -5.38 34.95 28.46
N THR B 116 -5.52 33.65 28.21
CA THR B 116 -4.80 33.03 27.10
C THR B 116 -5.39 33.49 25.77
N TRP B 117 -6.71 33.68 25.71
CA TRP B 117 -7.34 34.19 24.50
C TRP B 117 -6.93 35.63 24.22
N SER B 118 -6.91 36.47 25.26
CA SER B 118 -6.59 37.88 25.05
C SER B 118 -5.11 38.06 24.77
N VAL B 119 -4.27 37.17 25.28
CA VAL B 119 -2.85 37.22 24.97
C VAL B 119 -2.61 36.80 23.53
N ILE B 120 -3.27 35.73 23.07
CA ILE B 120 -3.13 35.30 21.68
C ILE B 120 -3.67 36.37 20.74
N SER B 121 -4.75 37.05 21.14
CA SER B 121 -5.32 38.07 20.28
C SER B 121 -4.48 39.34 20.29
N LEU B 122 -3.76 39.59 21.38
CA LEU B 122 -2.87 40.75 21.42
C LEU B 122 -1.59 40.48 20.66
N LEU B 123 -1.14 39.23 20.65
CA LEU B 123 0.08 38.90 19.92
C LEU B 123 -0.20 38.74 18.45
N ARG B 124 -1.47 38.48 18.13
CA ARG B 124 -1.95 38.48 16.72
C ARG B 124 -1.86 39.94 16.24
N GLY B 125 -2.24 40.87 17.11
CA GLY B 125 -2.14 42.29 16.86
C GLY B 125 -3.31 42.91 16.11
N GLU B 126 -4.16 42.09 15.48
CA GLU B 126 -5.12 42.60 14.51
C GLU B 126 -6.23 43.40 15.18
N ALA B 127 -6.65 42.98 16.37
CA ALA B 127 -7.68 43.70 17.09
C ALA B 127 -7.18 45.06 17.54
N TYR B 128 -5.88 45.19 17.79
CA TYR B 128 -5.39 46.43 18.33
C TYR B 128 -5.12 47.46 17.24
N VAL B 129 -4.60 47.04 16.08
CA VAL B 129 -4.49 47.96 14.94
C VAL B 129 -5.88 48.41 14.52
N CYS B 130 -6.83 47.48 14.54
CA CYS B 130 -8.20 47.83 14.19
C CYS B 130 -8.81 48.77 15.22
N ALA B 131 -8.51 48.55 16.51
CA ALA B 131 -9.18 49.31 17.55
C ALA B 131 -8.56 50.69 17.73
N LEU B 132 -7.29 50.86 17.35
CA LEU B 132 -6.63 52.13 17.62
C LEU B 132 -6.11 52.82 16.38
N SER B 133 -6.54 52.42 15.19
CA SER B 133 -6.16 53.16 13.99
C SER B 133 -6.66 54.59 14.03
N GLU B 134 -7.84 54.82 14.60
CA GLU B 134 -8.42 56.16 14.55
C GLU B 134 -7.82 57.08 15.59
N PHE B 135 -7.13 56.52 16.59
CA PHE B 135 -6.62 57.35 17.67
C PHE B 135 -5.20 57.78 17.41
N VAL B 136 -4.60 57.33 16.31
CA VAL B 136 -3.24 57.69 16.00
C VAL B 136 -3.17 59.15 15.58
N ASP B 137 -2.34 59.91 16.26
CA ASP B 137 -2.16 61.33 15.98
C ASP B 137 -1.51 61.50 14.61
N PRO B 138 -2.14 62.25 13.70
CA PRO B 138 -1.64 62.32 12.33
C PRO B 138 -0.34 63.10 12.20
N SER B 139 -0.07 64.02 13.13
CA SER B 139 1.18 64.78 13.07
C SER B 139 2.36 63.93 13.50
N SER B 140 2.12 62.83 14.21
CA SER B 140 3.21 62.01 14.69
C SER B 140 3.71 61.03 13.64
N LEU B 141 3.12 61.04 12.45
CA LEU B 141 3.53 60.10 11.41
C LEU B 141 4.79 60.57 10.71
N THR B 142 5.60 59.62 10.25
CA THR B 142 6.84 59.89 9.54
C THR B 142 6.90 59.07 8.26
N ALA B 143 8.08 59.07 7.65
CA ALA B 143 8.50 58.32 6.45
C ALA B 143 7.80 58.75 5.16
N ARG B 144 7.10 59.88 5.17
CA ARG B 144 6.50 60.44 3.96
C ARG B 144 6.17 61.90 4.22
N GLU B 145 5.69 62.57 3.17
CA GLU B 145 5.19 63.94 3.32
C GLU B 145 3.78 63.90 3.89
N GLU B 146 3.52 64.78 4.85
CA GLU B 146 2.28 64.76 5.61
C GLU B 146 1.08 65.12 4.73
N HIS B 147 0.21 64.14 4.49
CA HIS B 147 -0.94 64.30 3.60
C HIS B 147 -2.18 63.84 4.37
N PHE B 148 -2.78 64.76 5.12
CA PHE B 148 -3.95 64.45 5.93
C PHE B 148 -4.88 65.65 5.98
N PRO B 149 -6.03 65.60 5.31
CA PRO B 149 -7.07 66.61 5.57
C PRO B 149 -7.59 66.47 6.98
N SER B 150 -7.55 67.57 7.73
CA SER B 150 -7.92 67.54 9.14
C SER B 150 -9.41 67.29 9.34
N ALA B 151 -10.22 67.54 8.31
CA ALA B 151 -11.61 67.14 8.35
C ALA B 151 -11.76 65.63 8.26
N HIS B 152 -11.10 65.01 7.28
CA HIS B 152 -11.16 63.57 7.08
C HIS B 152 -9.97 62.85 7.69
N ALA B 153 -9.46 63.34 8.82
CA ALA B 153 -8.29 62.71 9.43
C ALA B 153 -8.64 61.36 10.03
N THR B 154 -9.61 61.35 10.95
CA THR B 154 -9.92 60.15 11.72
C THR B 154 -10.47 59.03 10.84
N GLU B 155 -11.18 59.38 9.76
CA GLU B 155 -11.76 58.36 8.91
C GLU B 155 -10.70 57.67 8.07
N ILE B 156 -9.77 58.43 7.50
CA ILE B 156 -8.72 57.80 6.69
C ILE B 156 -7.69 57.14 7.59
N LEU B 157 -7.59 57.57 8.85
CA LEU B 157 -6.82 56.81 9.81
C LEU B 157 -7.48 55.48 10.12
N ALA B 158 -8.79 55.48 10.37
CA ALA B 158 -9.50 54.27 10.74
C ALA B 158 -9.64 53.31 9.60
N ARG B 159 -9.45 53.77 8.36
CA ARG B 159 -9.55 52.88 7.22
C ARG B 159 -8.23 52.18 6.91
N PHE B 160 -7.17 52.47 7.68
CA PHE B 160 -5.88 51.82 7.48
C PHE B 160 -5.84 50.30 7.64
N PRO B 161 -6.45 49.66 8.67
CA PRO B 161 -6.20 48.22 8.83
C PRO B 161 -6.83 47.32 7.77
N CYS B 162 -7.68 47.86 6.90
CA CYS B 162 -8.21 47.05 5.80
C CYS B 162 -7.31 47.10 4.59
N LYS B 163 -6.12 47.68 4.72
CA LYS B 163 -5.24 48.08 3.62
C LYS B 163 -5.95 48.95 2.60
N GLU B 164 -6.85 49.81 3.06
CA GLU B 164 -7.62 50.67 2.18
C GLU B 164 -7.12 52.11 2.18
N ASN B 165 -5.84 52.31 2.46
CA ASN B 165 -5.25 53.63 2.29
C ASN B 165 -5.06 53.91 0.81
N PRO B 166 -4.96 55.18 0.42
CA PRO B 166 -4.46 55.50 -0.92
C PRO B 166 -3.02 55.06 -1.07
N ASP B 167 -2.60 54.85 -2.32
CA ASP B 167 -1.23 54.43 -2.58
C ASP B 167 -0.24 55.56 -2.31
N ASN B 168 -0.73 56.80 -2.25
CA ASN B 168 0.10 57.91 -1.78
C ASN B 168 0.38 57.80 -0.29
N LEU B 169 -0.45 57.05 0.43
CA LEU B 169 -0.30 56.90 1.88
C LEU B 169 0.06 55.48 2.31
N SER B 170 0.63 54.67 1.42
CA SER B 170 0.95 53.30 1.79
C SER B 170 2.12 53.24 2.78
N ASP B 171 3.05 54.18 2.67
CA ASP B 171 4.15 54.25 3.64
C ASP B 171 3.63 54.67 5.01
N PHE B 172 2.74 55.66 5.04
CA PHE B 172 2.06 56.05 6.26
C PHE B 172 1.30 54.88 6.88
N ARG B 173 0.61 54.09 6.05
CA ARG B 173 -0.17 52.98 6.56
C ARG B 173 0.72 51.89 7.12
N GLU B 174 1.86 51.63 6.47
CA GLU B 174 2.80 50.65 7.00
C GLU B 174 3.41 51.14 8.31
N GLU B 175 3.63 52.45 8.44
CA GLU B 175 4.17 52.99 9.69
C GLU B 175 3.18 52.84 10.84
N VAL B 176 1.91 53.18 10.60
CA VAL B 176 0.90 53.02 11.65
C VAL B 176 0.65 51.55 11.96
N SER B 177 0.69 50.69 10.94
CA SER B 177 0.50 49.27 11.18
C SER B 177 1.62 48.69 12.02
N ARG B 178 2.86 49.09 11.76
CA ARG B 178 3.97 48.58 12.55
C ARG B 178 3.97 49.14 13.95
N ARG B 179 3.60 50.42 14.11
CA ARG B 179 3.60 51.02 15.44
C ARG B 179 2.51 50.44 16.32
N LEU B 180 1.31 50.26 15.76
CA LEU B 180 0.22 49.75 16.59
C LEU B 180 0.33 48.25 16.78
N ARG B 181 0.94 47.53 15.83
CA ARG B 181 1.22 46.12 16.06
C ARG B 181 2.31 45.95 17.11
N TYR B 182 3.24 46.91 17.18
CA TYR B 182 4.20 46.94 18.27
C TYR B 182 3.51 47.11 19.60
N GLU B 183 2.59 48.08 19.69
CA GLU B 183 1.92 48.34 20.97
C GLU B 183 1.03 47.18 21.35
N SER B 184 0.49 46.47 20.36
CA SER B 184 -0.29 45.26 20.61
C SER B 184 0.58 44.16 21.19
N GLN B 185 1.68 43.84 20.52
CA GLN B 185 2.52 42.74 20.98
C GLN B 185 3.23 43.11 22.27
N LEU B 186 3.50 44.40 22.49
CA LEU B 186 4.07 44.82 23.76
C LEU B 186 3.07 44.66 24.89
N PHE B 187 1.80 45.01 24.64
CA PHE B 187 0.77 44.78 25.64
C PHE B 187 0.56 43.31 25.89
N GLY B 188 0.68 42.48 24.85
CA GLY B 188 0.52 41.05 25.02
C GLY B 188 1.65 40.43 25.80
N TRP B 189 2.88 40.87 25.55
CA TRP B 189 4.01 40.31 26.28
C TRP B 189 4.03 40.81 27.72
N LEU B 190 3.69 42.08 27.97
CA LEU B 190 3.63 42.54 29.34
C LEU B 190 2.46 41.91 30.08
N LEU B 191 1.40 41.54 29.35
CA LEU B 191 0.29 40.82 29.98
C LEU B 191 0.69 39.42 30.38
N ILE B 192 1.34 38.68 29.48
CA ILE B 192 1.73 37.32 29.82
C ILE B 192 2.86 37.33 30.87
N GLY B 193 3.62 38.42 30.93
CA GLY B 193 4.61 38.56 31.97
C GLY B 193 4.01 38.78 33.33
N VAL B 194 3.04 39.71 33.44
CA VAL B 194 2.44 39.96 34.74
C VAL B 194 1.55 38.79 35.14
N VAL B 195 1.01 38.05 34.18
CA VAL B 195 0.24 36.86 34.51
C VAL B 195 1.16 35.77 35.02
N ALA B 196 2.36 35.66 34.47
CA ALA B 196 3.31 34.68 34.96
C ALA B 196 3.78 35.02 36.36
N ILE B 197 4.06 36.30 36.63
CA ILE B 197 4.55 36.61 37.98
C ILE B 197 3.42 36.58 38.99
N LEU B 198 2.19 36.81 38.50
CA LEU B 198 0.96 36.70 39.33
C LEU B 198 0.75 35.23 39.71
N VAL B 199 0.91 34.31 38.74
CA VAL B 199 0.82 32.87 38.97
C VAL B 199 1.87 32.43 39.97
N PHE B 200 3.08 32.98 39.82
CA PHE B 200 4.18 32.67 40.73
C PHE B 200 3.90 33.17 42.15
N LEU B 201 3.40 34.39 42.30
CA LEU B 201 3.16 34.90 43.64
C LEU B 201 1.92 34.27 44.27
N THR B 202 0.94 33.86 43.47
CA THR B 202 -0.20 33.16 44.06
C THR B 202 0.21 31.79 44.55
N LYS B 203 1.07 31.10 43.81
CA LYS B 203 1.57 29.81 44.28
C LYS B 203 2.44 29.97 45.51
N CYS B 204 3.26 31.02 45.55
CA CYS B 204 4.12 31.22 46.71
C CYS B 204 3.33 31.61 47.95
N LEU B 205 2.32 32.46 47.79
CA LEU B 205 1.52 32.83 48.96
C LEU B 205 0.57 31.73 49.36
N LYS B 206 0.17 30.88 48.43
CA LYS B 206 -0.61 29.71 48.81
C LYS B 206 0.23 28.74 49.62
N HIS B 207 1.47 28.50 49.20
CA HIS B 207 2.32 27.58 49.94
C HIS B 207 2.79 28.19 51.25
N TYR B 208 2.91 29.50 51.31
CA TYR B 208 3.36 30.15 52.54
C TYR B 208 2.22 30.30 53.53
N CYS B 209 0.99 30.43 53.04
CA CYS B 209 -0.11 30.74 53.94
C CYS B 209 -1.06 29.57 54.09
N SER B 210 -0.68 28.41 53.60
CA SER B 210 -1.43 27.20 53.91
C SER B 210 -1.03 26.73 55.30
N PRO B 211 -1.98 26.22 56.10
CA PRO B 211 -1.59 25.71 57.43
C PRO B 211 -0.87 24.38 57.34
N LEU B 212 -1.28 23.54 56.39
CA LEU B 212 -0.66 22.25 56.22
C LEU B 212 0.45 22.34 55.17
N SER B 213 1.27 21.31 55.12
CA SER B 213 2.45 21.31 54.28
C SER B 213 2.08 21.13 52.82
N TYR B 214 3.10 21.06 51.96
CA TYR B 214 2.83 20.93 50.54
C TYR B 214 2.74 19.47 50.14
N ARG B 215 3.40 18.57 50.88
CA ARG B 215 3.24 17.16 50.61
C ARG B 215 1.88 16.69 51.08
N GLN B 216 1.41 17.21 52.21
CA GLN B 216 0.07 16.90 52.66
C GLN B 216 -0.97 17.53 51.77
N GLU B 217 -0.67 18.69 51.18
CA GLU B 217 -1.61 19.28 50.24
C GLU B 217 -1.64 18.50 48.94
N ALA B 218 -0.54 17.85 48.57
CA ALA B 218 -0.56 16.98 47.42
C ALA B 218 -1.34 15.70 47.71
N TYR B 219 -1.23 15.20 48.94
CA TYR B 219 -2.03 14.07 49.35
C TYR B 219 -3.51 14.43 49.41
N TRP B 220 -3.81 15.64 49.84
CA TRP B 220 -5.18 16.11 49.89
C TRP B 220 -5.76 16.25 48.49
N ALA B 221 -4.95 16.70 47.54
CA ALA B 221 -5.42 16.80 46.17
C ALA B 221 -5.66 15.41 45.59
N GLN B 222 -4.80 14.45 45.93
CA GLN B 222 -5.01 13.09 45.46
C GLN B 222 -6.23 12.47 46.11
N TYR B 223 -6.49 12.81 47.37
CA TYR B 223 -7.68 12.32 48.04
C TYR B 223 -8.92 12.89 47.41
N ARG B 224 -8.93 14.19 47.11
CA ARG B 224 -10.11 14.80 46.55
C ARG B 224 -10.40 14.27 45.17
N ALA B 225 -9.36 13.99 44.39
CA ALA B 225 -9.57 13.39 43.08
C ALA B 225 -10.10 11.97 43.20
N ASN B 226 -9.53 11.18 44.12
CA ASN B 226 -9.99 9.81 44.31
C ASN B 226 -11.39 9.77 44.88
N GLU B 227 -11.73 10.73 45.73
CA GLU B 227 -13.02 10.70 46.38
C GLU B 227 -14.12 11.16 45.43
N ASP B 228 -13.84 12.16 44.61
CA ASP B 228 -14.82 12.57 43.61
C ASP B 228 -15.00 11.50 42.55
N GLN B 229 -13.92 10.82 42.15
CA GLN B 229 -14.08 9.78 41.15
C GLN B 229 -14.82 8.57 41.70
N LEU B 230 -14.46 8.14 42.92
CA LEU B 230 -15.13 7.00 43.52
C LEU B 230 -16.56 7.33 43.87
N PHE B 231 -16.84 8.59 44.21
CA PHE B 231 -18.19 8.97 44.56
C PHE B 231 -19.08 9.03 43.33
N GLN B 232 -18.57 9.55 42.21
CA GLN B 232 -19.36 9.55 40.98
C GLN B 232 -19.62 8.14 40.51
N ARG B 233 -18.62 7.26 40.62
CA ARG B 233 -18.81 5.88 40.18
C ARG B 233 -19.83 5.15 41.04
N THR B 234 -19.72 5.27 42.35
CA THR B 234 -20.67 4.53 43.17
C THR B 234 -22.01 5.23 43.25
N ALA B 235 -22.08 6.51 42.89
CA ALA B 235 -23.38 7.14 42.81
C ALA B 235 -24.10 6.68 41.56
N GLU B 236 -23.38 6.51 40.46
CA GLU B 236 -23.97 5.93 39.26
C GLU B 236 -24.41 4.49 39.51
N VAL B 237 -23.60 3.72 40.24
CA VAL B 237 -23.94 2.33 40.47
C VAL B 237 -25.11 2.21 41.45
N HIS B 238 -25.10 3.01 42.51
CA HIS B 238 -26.16 3.00 43.50
C HIS B 238 -27.48 3.47 42.89
N SER B 239 -27.42 4.46 42.01
CA SER B 239 -28.62 4.92 41.34
C SER B 239 -29.12 3.87 40.36
N ARG B 240 -28.21 3.13 39.75
CA ARG B 240 -28.61 2.06 38.83
C ARG B 240 -29.30 0.93 39.57
N VAL B 241 -28.81 0.58 40.76
CA VAL B 241 -29.45 -0.52 41.48
C VAL B 241 -30.78 -0.06 42.07
N LEU B 242 -30.88 1.22 42.44
CA LEU B 242 -32.16 1.73 42.90
C LEU B 242 -33.18 1.79 41.78
N ALA B 243 -32.72 2.19 40.59
CA ALA B 243 -33.56 2.20 39.41
C ALA B 243 -34.01 0.80 39.03
N ALA B 244 -33.12 -0.18 39.18
CA ALA B 244 -33.49 -1.55 38.90
C ALA B 244 -34.50 -2.07 39.91
N ASN B 245 -34.40 -1.63 41.17
CA ASN B 245 -35.39 -2.05 42.15
C ASN B 245 -36.77 -1.49 41.82
N ASN B 246 -36.83 -0.22 41.41
CA ASN B 246 -38.12 0.39 41.09
C ASN B 246 -38.70 -0.20 39.81
N VAL B 247 -37.84 -0.44 38.83
CA VAL B 247 -38.25 -1.03 37.56
C VAL B 247 -38.76 -2.46 37.75
N ARG B 248 -38.07 -3.23 38.58
CA ARG B 248 -38.52 -4.58 38.91
C ARG B 248 -39.84 -4.55 39.66
N ARG B 249 -40.04 -3.53 40.49
CA ARG B 249 -41.32 -3.40 41.16
C ARG B 249 -42.43 -3.08 40.17
N PHE B 250 -42.08 -2.43 39.06
CA PHE B 250 -43.09 -2.14 38.06
C PHE B 250 -43.42 -3.36 37.20
N PHE B 251 -42.44 -3.90 36.51
CA PHE B 251 -42.67 -4.94 35.53
C PHE B 251 -42.61 -6.36 36.08
N GLY B 252 -41.89 -6.59 37.17
CA GLY B 252 -41.65 -7.93 37.63
C GLY B 252 -40.25 -8.42 37.39
N PHE B 253 -39.47 -7.74 36.56
CA PHE B 253 -38.10 -8.10 36.26
C PHE B 253 -37.42 -6.89 35.69
N VAL B 254 -36.11 -6.99 35.47
CA VAL B 254 -35.35 -5.94 34.82
C VAL B 254 -34.52 -6.58 33.71
N ALA B 255 -34.52 -5.95 32.55
CA ALA B 255 -33.60 -6.35 31.50
C ALA B 255 -32.25 -5.74 31.80
N LEU B 256 -31.39 -6.51 32.45
CA LEU B 256 -30.04 -6.08 32.79
C LEU B 256 -29.05 -6.70 31.82
N ASN B 257 -27.92 -6.02 31.65
CA ASN B 257 -26.79 -6.64 30.98
C ASN B 257 -26.10 -7.61 31.94
N LYS B 258 -25.00 -8.21 31.47
CA LYS B 258 -24.26 -9.12 32.34
C LYS B 258 -23.55 -8.35 33.45
N ASP B 259 -22.94 -7.23 33.10
CA ASP B 259 -22.30 -6.36 34.08
C ASP B 259 -23.32 -5.78 35.04
N ASP B 260 -24.50 -5.41 34.54
CA ASP B 260 -25.52 -4.86 35.41
C ASP B 260 -26.09 -5.93 36.33
N GLU B 261 -26.18 -7.17 35.86
CA GLU B 261 -26.62 -8.26 36.73
C GLU B 261 -25.60 -8.52 37.81
N GLU B 262 -24.31 -8.36 37.47
CA GLU B 262 -23.27 -8.41 38.49
C GLU B 262 -23.40 -7.29 39.50
N LEU B 263 -23.81 -6.10 39.05
CA LEU B 263 -24.00 -4.98 39.97
C LEU B 263 -25.17 -5.21 40.91
N ILE B 264 -26.26 -5.80 40.40
CA ILE B 264 -27.39 -6.11 41.28
C ILE B 264 -27.02 -7.23 42.24
N ALA B 265 -26.15 -8.14 41.79
CA ALA B 265 -25.67 -9.21 42.67
C ALA B 265 -24.83 -8.67 43.80
N ASN B 266 -23.85 -7.82 43.50
CA ASN B 266 -22.88 -7.39 44.50
C ASN B 266 -23.49 -6.42 45.50
N PHE B 267 -24.12 -5.35 45.01
CA PHE B 267 -24.47 -4.20 45.82
C PHE B 267 -25.99 -4.09 45.94
N PRO B 268 -26.58 -4.49 47.05
CA PRO B 268 -28.01 -4.28 47.23
C PRO B 268 -28.33 -2.94 47.88
N VAL B 269 -29.51 -2.39 47.62
CA VAL B 269 -30.04 -1.25 48.35
C VAL B 269 -31.33 -1.64 49.04
N GLU B 270 -31.48 -1.18 50.28
CA GLU B 270 -32.80 -1.10 50.88
C GLU B 270 -33.42 0.26 50.63
N GLY B 271 -32.61 1.32 50.72
CA GLY B 271 -33.09 2.65 50.43
C GLY B 271 -31.94 3.60 50.24
N THR B 272 -32.27 4.77 49.71
CA THR B 272 -31.26 5.80 49.49
C THR B 272 -31.03 6.63 50.75
N GLN B 273 -30.21 7.65 50.61
CA GLN B 273 -29.72 8.39 51.76
C GLN B 273 -30.53 9.68 51.94
N PRO B 274 -30.76 10.09 53.18
CA PRO B 274 -31.62 11.25 53.42
C PRO B 274 -31.00 12.54 52.94
N ARG B 275 -31.86 13.54 52.73
CA ARG B 275 -31.40 14.84 52.27
C ARG B 275 -30.50 15.61 53.25
N PRO B 276 -30.69 15.57 54.58
CA PRO B 276 -29.69 16.24 55.44
C PRO B 276 -28.32 15.59 55.39
N GLN B 277 -28.26 14.29 55.11
CA GLN B 277 -26.97 13.62 54.99
C GLN B 277 -26.25 14.06 53.71
N TRP B 278 -27.01 14.19 52.61
CA TRP B 278 -26.48 14.74 51.38
C TRP B 278 -26.06 16.19 51.55
N ASN B 279 -26.76 16.92 52.42
CA ASN B 279 -26.37 18.29 52.71
C ASN B 279 -25.10 18.32 53.54
N ALA B 280 -24.94 17.33 54.41
CA ALA B 280 -23.78 17.28 55.29
C ALA B 280 -22.51 17.01 54.51
N ILE B 281 -22.60 16.23 53.43
CA ILE B 281 -21.36 15.95 52.71
C ILE B 281 -21.10 16.97 51.61
N THR B 282 -21.98 17.96 51.46
CA THR B 282 -21.80 18.94 50.41
C THR B 282 -21.43 20.29 51.01
N GLY B 283 -20.72 21.09 50.23
CA GLY B 283 -20.32 22.41 50.66
C GLY B 283 -18.82 22.56 50.50
N VAL B 284 -18.35 23.73 50.91
CA VAL B 284 -16.91 24.00 50.87
C VAL B 284 -16.28 23.44 52.13
N TYR B 285 -15.04 22.96 52.01
CA TYR B 285 -14.34 22.34 53.12
C TYR B 285 -13.07 23.10 53.47
N LEU B 286 -12.84 23.29 54.77
CA LEU B 286 -11.76 24.15 55.22
C LEU B 286 -10.79 23.46 56.19
N TYR B 287 -10.53 22.15 55.99
CA TYR B 287 -9.50 21.39 56.73
C TYR B 287 -9.70 21.44 58.25
N ARG B 288 -10.69 20.72 58.72
CA ARG B 288 -10.76 20.49 60.16
C ARG B 288 -9.83 19.37 60.55
N GLU B 289 -9.70 19.14 61.86
CA GLU B 289 -8.99 18.00 62.41
C GLU B 289 -9.78 17.46 63.59
N ASN B 290 -10.13 16.18 63.55
CA ASN B 290 -10.84 15.52 64.62
C ASN B 290 -9.84 14.75 65.47
N GLN B 291 -9.62 15.24 66.70
CA GLN B 291 -8.72 14.64 67.68
C GLN B 291 -7.30 14.48 67.15
N GLY B 292 -6.78 15.51 66.51
CA GLY B 292 -5.44 15.48 65.99
C GLY B 292 -5.27 14.85 64.62
N LEU B 293 -6.16 13.95 64.22
CA LEU B 293 -6.09 13.34 62.93
C LEU B 293 -6.79 14.24 61.91
N PRO B 294 -6.27 14.37 60.70
CA PRO B 294 -6.86 15.30 59.75
C PRO B 294 -8.05 14.71 59.03
N LEU B 295 -8.96 15.59 58.64
CA LEU B 295 -10.10 15.26 57.81
C LEU B 295 -9.97 16.04 56.53
N TYR B 296 -10.19 15.39 55.40
CA TYR B 296 -9.84 15.97 54.12
C TYR B 296 -11.03 16.35 53.27
N SER B 297 -12.24 16.06 53.70
CA SER B 297 -13.43 16.49 52.98
C SER B 297 -14.60 16.47 53.95
N ARG B 298 -15.74 16.99 53.48
CA ARG B 298 -16.94 16.92 54.30
C ARG B 298 -17.47 15.50 54.36
N LEU B 299 -17.23 14.72 53.32
CA LEU B 299 -17.56 13.30 53.37
C LEU B 299 -16.69 12.58 54.37
N HIS B 300 -15.41 12.95 54.43
CA HIS B 300 -14.52 12.34 55.40
C HIS B 300 -14.87 12.76 56.82
N LYS B 301 -15.24 14.03 57.00
CA LYS B 301 -15.66 14.52 58.30
C LYS B 301 -16.96 13.85 58.72
N TRP B 302 -17.86 13.62 57.77
CA TRP B 302 -19.12 12.97 58.07
C TRP B 302 -18.93 11.51 58.40
N ALA B 303 -18.01 10.84 57.71
CA ALA B 303 -17.76 9.43 57.96
C ALA B 303 -17.07 9.22 59.29
N GLN B 304 -16.18 10.14 59.67
CA GLN B 304 -15.57 10.07 60.99
C GLN B 304 -16.56 10.49 62.07
N GLY B 305 -17.57 11.28 61.71
CA GLY B 305 -18.54 11.75 62.68
C GLY B 305 -19.49 10.65 63.15
N LEU B 306 -19.52 9.54 62.43
CA LEU B 306 -20.34 8.41 62.84
C LEU B 306 -19.54 7.48 63.75
N SER C 13 -5.17 10.04 25.34
CA SER C 13 -4.23 9.39 24.42
C SER C 13 -2.91 10.13 24.38
N LEU C 14 -2.72 11.07 25.30
CA LEU C 14 -1.48 11.85 25.34
C LEU C 14 -0.32 10.99 25.81
N PHE C 15 -0.47 10.30 26.95
CA PHE C 15 0.58 9.43 27.44
C PHE C 15 0.74 8.20 26.55
N PHE C 16 -0.34 7.75 25.92
CA PHE C 16 -0.27 6.59 25.03
C PHE C 16 0.52 6.89 23.76
N LYS C 17 0.23 8.02 23.12
CA LYS C 17 0.96 8.38 21.91
C LYS C 17 2.36 8.86 22.23
N SER C 18 2.56 9.46 23.41
CA SER C 18 3.89 9.91 23.80
C SER C 18 4.77 8.73 24.20
N LYS C 19 4.17 7.63 24.65
CA LYS C 19 4.95 6.45 25.01
C LYS C 19 5.07 5.48 23.84
N ASP C 20 3.99 5.34 23.06
CA ASP C 20 3.98 4.46 21.90
C ASP C 20 3.41 5.25 20.73
N VAL C 21 4.27 5.62 19.79
CA VAL C 21 3.90 6.61 18.79
C VAL C 21 3.11 6.00 17.64
N MET C 22 1.99 6.65 17.31
CA MET C 22 1.33 6.50 16.02
C MET C 22 2.16 7.31 15.03
N ILE C 23 1.88 7.12 13.74
CA ILE C 23 2.82 7.29 12.61
C ILE C 23 3.57 8.62 12.65
N PHE C 24 4.90 8.52 12.69
CA PHE C 24 5.73 9.65 13.11
C PHE C 24 5.91 10.65 11.98
N ASN C 25 5.67 10.22 10.73
CA ASN C 25 5.65 11.17 9.63
C ASN C 25 4.45 12.11 9.74
N GLY C 26 3.26 11.55 9.94
CA GLY C 26 2.08 12.37 10.16
C GLY C 26 2.14 13.13 11.47
N LEU C 27 2.78 12.54 12.49
CA LEU C 27 2.96 13.23 13.76
C LEU C 27 3.88 14.44 13.61
N VAL C 28 4.97 14.28 12.85
CA VAL C 28 5.89 15.39 12.63
C VAL C 28 5.26 16.43 11.71
N ALA C 29 4.36 15.99 10.82
CA ALA C 29 3.66 16.95 9.96
C ALA C 29 2.65 17.77 10.75
N LEU C 30 1.91 17.13 11.66
CA LEU C 30 0.98 17.87 12.50
C LEU C 30 1.71 18.75 13.51
N GLY C 31 2.90 18.31 13.94
CA GLY C 31 3.74 19.17 14.78
C GLY C 31 4.30 20.35 14.01
N THR C 32 4.58 20.15 12.72
CA THR C 32 5.02 21.27 11.89
C THR C 32 3.88 22.25 11.63
N VAL C 33 2.64 21.75 11.51
CA VAL C 33 1.50 22.65 11.34
C VAL C 33 1.20 23.44 12.61
N GLY C 34 1.22 22.76 13.76
CA GLY C 34 1.05 23.47 15.02
C GLY C 34 2.19 24.43 15.32
N SER C 35 3.41 24.05 14.92
CA SER C 35 4.56 24.94 15.08
C SER C 35 4.44 26.13 14.14
N GLN C 36 3.85 25.93 12.95
CA GLN C 36 3.61 27.04 12.03
C GLN C 36 2.63 28.03 12.62
N GLU C 37 1.52 27.53 13.17
CA GLU C 37 0.45 28.37 13.80
C GLU C 37 0.94 29.08 15.08
N LEU C 38 1.68 28.38 15.96
CA LEU C 38 2.15 28.95 17.22
C LEU C 38 3.38 29.84 17.02
N PHE C 39 4.25 29.49 16.07
CA PHE C 39 5.39 30.33 15.78
C PHE C 39 4.99 31.51 14.90
N SER C 40 3.82 31.43 14.27
CA SER C 40 3.28 32.61 13.60
C SER C 40 2.75 33.60 14.61
N VAL C 41 2.18 33.11 15.72
CA VAL C 41 1.62 34.05 16.68
C VAL C 41 2.72 34.62 17.58
N VAL C 42 3.91 34.00 17.60
CA VAL C 42 5.01 34.55 18.38
C VAL C 42 6.17 35.05 17.52
N ALA C 43 5.95 35.19 16.21
CA ALA C 43 7.00 35.62 15.30
C ALA C 43 7.42 37.06 15.58
N PHE C 44 8.71 37.32 15.44
CA PHE C 44 9.28 38.61 15.77
C PHE C 44 8.92 39.60 14.67
N HIS C 45 8.13 40.60 15.05
CA HIS C 45 7.81 41.67 14.12
C HIS C 45 8.40 42.98 14.61
N CYS C 46 9.47 43.41 13.97
CA CYS C 46 10.22 44.56 14.46
C CYS C 46 9.47 45.85 14.20
N PRO C 47 9.26 46.68 15.22
CA PRO C 47 8.73 48.03 14.98
C PRO C 47 9.83 48.92 14.45
N CYS C 48 9.81 49.20 13.16
CA CYS C 48 10.88 49.97 12.57
C CYS C 48 10.65 51.44 12.91
N SER C 49 11.06 51.79 14.13
CA SER C 49 10.87 53.10 14.71
C SER C 49 11.85 53.27 15.86
N PRO C 50 12.41 54.46 16.04
CA PRO C 50 13.39 54.65 17.12
C PRO C 50 12.71 54.70 18.47
N ALA C 51 13.50 54.37 19.51
CA ALA C 51 13.11 54.36 20.92
C ALA C 51 11.97 53.39 21.22
N ARG C 52 11.70 52.48 20.30
CA ARG C 52 10.48 51.70 20.32
C ARG C 52 10.82 50.26 20.02
N ASN C 53 11.94 50.04 19.33
CA ASN C 53 12.25 48.70 18.87
C ASN C 53 13.15 47.97 19.85
N TYR C 54 13.93 48.71 20.65
CA TYR C 54 14.67 48.01 21.70
C TYR C 54 13.72 47.63 22.83
N LEU C 55 12.66 48.41 23.04
CA LEU C 55 11.63 48.02 23.98
C LEU C 55 10.91 46.77 23.52
N TYR C 56 10.70 46.64 22.21
CA TYR C 56 10.06 45.43 21.72
C TYR C 56 11.00 44.24 21.76
N GLY C 57 12.28 44.45 21.47
CA GLY C 57 13.24 43.37 21.60
C GLY C 57 13.38 42.89 23.04
N LEU C 58 13.43 43.85 23.97
CA LEU C 58 13.49 43.53 25.38
C LEU C 58 12.24 42.79 25.85
N ALA C 59 11.07 43.22 25.38
CA ALA C 59 9.84 42.51 25.75
C ALA C 59 9.79 41.12 25.14
N ALA C 60 9.92 41.02 23.82
CA ALA C 60 9.69 39.75 23.13
C ALA C 60 10.81 38.75 23.37
N ILE C 61 11.92 39.18 23.99
CA ILE C 61 12.93 38.20 24.36
C ILE C 61 12.94 37.97 25.87
N GLY C 62 13.03 39.04 26.66
CA GLY C 62 13.18 38.88 28.09
C GLY C 62 11.91 38.44 28.78
N VAL C 63 10.76 38.63 28.14
CA VAL C 63 9.51 38.14 28.71
C VAL C 63 9.31 36.65 28.52
N PRO C 64 9.58 36.03 27.35
CA PRO C 64 9.64 34.57 27.35
C PRO C 64 10.77 34.01 28.19
N ALA C 65 11.86 34.77 28.35
CA ALA C 65 12.90 34.39 29.29
C ALA C 65 12.37 34.40 30.72
N LEU C 66 11.67 35.46 31.11
CA LEU C 66 11.14 35.55 32.46
C LEU C 66 10.04 34.53 32.69
N VAL C 67 9.26 34.22 31.65
CA VAL C 67 8.22 33.21 31.78
C VAL C 67 8.82 31.84 31.97
N LEU C 68 9.85 31.50 31.18
CA LEU C 68 10.47 30.19 31.33
C LEU C 68 11.25 30.09 32.64
N PHE C 69 11.78 31.21 33.12
CA PHE C 69 12.44 31.23 34.41
C PHE C 69 11.45 31.02 35.54
N ILE C 70 10.28 31.67 35.46
CA ILE C 70 9.23 31.49 36.45
C ILE C 70 8.73 30.06 36.44
N ILE C 71 8.53 29.50 35.25
CA ILE C 71 8.07 28.12 35.11
C ILE C 71 9.09 27.14 35.69
N GLY C 72 10.37 27.41 35.48
CA GLY C 72 11.39 26.56 36.07
C GLY C 72 11.47 26.67 37.58
N ILE C 73 11.11 27.84 38.13
CA ILE C 73 11.04 27.94 39.58
C ILE C 73 9.82 27.20 40.11
N ILE C 74 8.70 27.29 39.39
CA ILE C 74 7.44 26.68 39.81
C ILE C 74 7.54 25.16 39.82
N LEU C 75 8.04 24.57 38.74
CA LEU C 75 8.00 23.13 38.62
C LEU C 75 9.06 22.45 39.48
N ASN C 76 10.06 23.21 39.92
CA ASN C 76 11.05 22.65 40.83
C ASN C 76 10.45 22.55 42.23
N ASN C 77 10.46 21.32 42.77
CA ASN C 77 9.84 21.11 44.07
C ASN C 77 10.76 21.53 45.21
N HIS C 78 12.02 21.79 44.89
CA HIS C 78 12.93 22.31 45.92
C HIS C 78 12.56 23.73 46.29
N THR C 79 11.88 24.46 45.39
CA THR C 79 11.30 25.74 45.71
C THR C 79 10.33 25.62 46.86
N TRP C 80 9.45 24.63 46.79
CA TRP C 80 8.43 24.49 47.81
C TRP C 80 8.98 23.83 49.06
N ASN C 81 10.06 23.05 48.91
CA ASN C 81 10.76 22.55 50.08
C ASN C 81 11.41 23.68 50.85
N LEU C 82 12.01 24.65 50.15
CA LEU C 82 12.63 25.77 50.82
C LEU C 82 11.58 26.70 51.41
N VAL C 83 10.46 26.87 50.71
CA VAL C 83 9.42 27.75 51.23
C VAL C 83 8.72 27.09 52.41
N ALA C 84 8.71 25.75 52.46
CA ALA C 84 8.15 25.07 53.61
C ALA C 84 9.10 25.12 54.78
N GLU C 85 10.41 25.09 54.51
CA GLU C 85 11.40 25.26 55.56
C GLU C 85 11.29 26.62 56.21
N CYS C 86 11.23 27.69 55.41
CA CYS C 86 11.11 29.02 55.99
C CYS C 86 9.70 29.27 56.51
N GLN C 87 8.73 28.49 56.06
CA GLN C 87 7.37 28.64 56.54
C GLN C 87 7.18 28.04 57.92
N HIS C 88 7.38 26.72 58.06
CA HIS C 88 7.02 26.08 59.31
C HIS C 88 8.24 25.83 60.19
N ARG C 89 9.43 25.74 59.60
CA ARG C 89 10.64 25.72 60.40
C ARG C 89 10.82 27.06 61.11
N ARG C 90 10.62 28.15 60.37
CA ARG C 90 10.24 29.49 60.84
C ARG C 90 11.23 30.12 61.82
N THR C 91 12.41 29.56 62.01
CA THR C 91 13.39 30.09 62.96
C THR C 91 14.80 30.04 62.42
N LYS C 92 14.96 30.00 61.08
CA LYS C 92 16.23 29.74 60.39
C LYS C 92 16.88 28.45 60.89
N ASN C 93 16.13 27.34 60.81
CA ASN C 93 16.66 26.04 61.17
C ASN C 93 17.78 25.62 60.22
N CYS C 94 17.52 25.72 58.92
CA CYS C 94 18.61 25.76 57.96
C CYS C 94 19.10 27.19 57.82
N SER C 95 20.41 27.38 57.95
CA SER C 95 20.97 28.72 58.03
C SER C 95 21.07 29.35 56.65
N ALA C 96 21.81 30.47 56.59
CA ALA C 96 21.90 31.24 55.34
C ALA C 96 22.70 30.50 54.29
N ALA C 97 23.65 29.67 54.70
CA ALA C 97 24.45 28.91 53.73
C ALA C 97 23.71 27.70 53.13
N PRO C 98 22.95 26.87 53.88
CA PRO C 98 22.12 25.87 53.18
C PRO C 98 21.01 26.47 52.36
N THR C 99 20.44 27.60 52.81
CA THR C 99 19.47 28.33 52.01
C THR C 99 20.10 28.86 50.72
N PHE C 100 21.35 29.30 50.79
CA PHE C 100 22.04 29.80 49.61
C PHE C 100 22.36 28.67 48.64
N LEU C 101 22.76 27.51 49.16
CA LEU C 101 23.05 26.38 48.28
C LEU C 101 21.79 25.85 47.61
N LEU C 102 20.70 25.76 48.37
CA LEU C 102 19.44 25.31 47.80
C LEU C 102 18.90 26.30 46.77
N LEU C 103 19.00 27.60 47.07
CA LEU C 103 18.59 28.64 46.14
C LEU C 103 19.43 28.61 44.87
N SER C 104 20.73 28.32 44.99
CA SER C 104 21.57 28.22 43.81
C SER C 104 21.16 27.05 42.93
N SER C 105 20.85 25.91 43.55
CA SER C 105 20.37 24.75 42.77
C SER C 105 19.05 25.06 42.07
N ILE C 106 18.13 25.71 42.78
CA ILE C 106 16.82 26.05 42.21
C ILE C 106 16.96 27.03 41.06
N LEU C 107 17.72 28.11 41.26
CA LEU C 107 17.87 29.14 40.23
C LEU C 107 18.63 28.60 39.03
N GLY C 108 19.52 27.62 39.23
CA GLY C 108 20.19 27.03 38.09
C GLY C 108 19.28 26.16 37.24
N ARG C 109 18.53 25.27 37.87
CA ARG C 109 17.62 24.43 37.09
C ARG C 109 16.47 25.24 36.51
N ALA C 110 16.16 26.38 37.13
CA ALA C 110 15.24 27.33 36.51
C ALA C 110 15.86 27.98 35.28
N ALA C 111 17.07 28.55 35.44
CA ALA C 111 17.69 29.35 34.39
C ALA C 111 18.33 28.53 33.29
N VAL C 112 18.11 27.22 33.29
CA VAL C 112 18.40 26.43 32.07
C VAL C 112 17.64 27.00 30.87
N ALA C 113 16.33 27.13 30.98
CA ALA C 113 15.50 27.45 29.81
C ALA C 113 15.52 28.90 29.36
N PRO C 114 15.54 29.93 30.24
CA PRO C 114 15.68 31.29 29.69
C PRO C 114 17.02 31.56 29.04
N VAL C 115 18.08 30.95 29.54
CA VAL C 115 19.39 31.09 28.91
C VAL C 115 19.37 30.45 27.53
N THR C 116 18.70 29.31 27.39
CA THR C 116 18.63 28.65 26.09
C THR C 116 17.77 29.45 25.13
N TRP C 117 16.70 30.07 25.63
CA TRP C 117 15.86 30.93 24.79
C TRP C 117 16.62 32.17 24.34
N SER C 118 17.35 32.81 25.25
CA SER C 118 18.04 34.04 24.91
C SER C 118 19.24 33.77 24.02
N VAL C 119 19.84 32.58 24.15
CA VAL C 119 20.92 32.20 23.27
C VAL C 119 20.40 31.93 21.87
N ILE C 120 19.27 31.23 21.75
CA ILE C 120 18.69 30.97 20.43
C ILE C 120 18.24 32.28 19.79
N SER C 121 17.74 33.20 20.60
CA SER C 121 17.28 34.47 20.05
C SER C 121 18.45 35.38 19.69
N LEU C 122 19.58 35.22 20.36
CA LEU C 122 20.75 36.00 20.00
C LEU C 122 21.44 35.43 18.78
N LEU C 123 21.37 34.11 18.59
CA LEU C 123 21.99 33.50 17.43
C LEU C 123 21.10 33.66 16.21
N ARG C 124 19.80 33.88 16.47
CA ARG C 124 18.83 34.23 15.40
C ARG C 124 19.25 35.63 14.90
N GLY C 125 19.61 36.51 15.83
CA GLY C 125 20.10 37.84 15.54
C GLY C 125 19.04 38.90 15.35
N GLU C 126 17.78 38.51 15.15
CA GLU C 126 16.76 39.44 14.67
C GLU C 126 16.37 40.46 15.73
N ALA C 127 16.35 40.04 16.99
CA ALA C 127 16.03 40.96 18.07
C ALA C 127 17.12 42.00 18.26
N TYR C 128 18.36 41.65 17.92
CA TYR C 128 19.44 42.57 18.18
C TYR C 128 19.59 43.60 17.07
N VAL C 129 19.42 43.19 15.80
CA VAL C 129 19.39 44.16 14.71
C VAL C 129 18.21 45.10 14.92
N CYS C 130 17.08 44.55 15.35
CA CYS C 130 15.92 45.37 15.61
C CYS C 130 16.15 46.31 16.79
N ALA C 131 16.83 45.84 17.82
CA ALA C 131 16.96 46.63 19.04
C ALA C 131 18.05 47.68 18.92
N LEU C 132 19.03 47.47 18.05
CA LEU C 132 20.15 48.39 17.99
C LEU C 132 20.34 49.04 16.63
N SER C 133 19.35 48.98 15.73
CA SER C 133 19.45 49.71 14.48
C SER C 133 19.58 51.21 14.70
N GLU C 134 18.89 51.73 15.71
CA GLU C 134 18.86 53.18 15.89
C GLU C 134 20.11 53.69 16.58
N PHE C 135 20.89 52.80 17.20
CA PHE C 135 22.05 53.26 17.94
C PHE C 135 23.31 53.23 17.10
N VAL C 136 23.20 52.76 15.86
CA VAL C 136 24.36 52.68 14.99
C VAL C 136 24.77 54.08 14.57
N ASP C 137 26.03 54.43 14.82
CA ASP C 137 26.57 55.72 14.47
C ASP C 137 26.64 55.86 12.94
N PRO C 138 26.01 56.90 12.39
CA PRO C 138 25.91 56.99 10.92
C PRO C 138 27.23 57.31 10.25
N SER C 139 28.16 57.95 10.96
CA SER C 139 29.45 58.26 10.37
C SER C 139 30.33 57.01 10.26
N SER C 140 30.01 55.97 11.03
CA SER C 140 30.83 54.76 11.02
C SER C 140 30.47 53.83 9.87
N LEU C 141 29.51 54.20 9.03
CA LEU C 141 29.09 53.33 7.93
C LEU C 141 30.05 53.46 6.75
N THR C 142 30.21 52.36 6.02
CA THR C 142 31.07 52.30 4.85
C THR C 142 30.31 51.69 3.67
N ALA C 143 31.06 51.40 2.61
CA ALA C 143 30.67 50.71 1.37
C ALA C 143 29.72 51.53 0.49
N ARG C 144 29.53 52.82 0.78
CA ARG C 144 28.74 53.70 -0.07
C ARG C 144 29.10 55.14 0.27
N GLU C 145 28.52 56.07 -0.48
CA GLU C 145 28.64 57.48 -0.15
C GLU C 145 27.67 57.85 0.95
N GLU C 146 28.14 58.62 1.93
CA GLU C 146 27.40 58.90 3.15
C GLU C 146 26.17 59.76 2.84
N HIS C 147 24.99 59.17 3.01
CA HIS C 147 23.71 59.82 2.69
C HIS C 147 22.81 59.70 3.92
N PHE C 148 22.93 60.64 4.84
CA PHE C 148 22.16 60.63 6.08
C PHE C 148 21.83 62.06 6.49
N PRO C 149 20.58 62.49 6.37
CA PRO C 149 20.16 63.73 7.03
C PRO C 149 20.25 63.57 8.54
N SER C 150 20.97 64.49 9.19
CA SER C 150 21.21 64.38 10.62
C SER C 150 19.94 64.62 11.43
N ALA C 151 18.94 65.26 10.83
CA ALA C 151 17.63 65.35 11.46
C ALA C 151 16.93 63.99 11.47
N HIS C 152 16.87 63.34 10.31
CA HIS C 152 16.23 62.04 10.18
C HIS C 152 17.22 60.89 10.24
N ALA C 153 18.27 61.02 11.04
CA ALA C 153 19.27 59.97 11.11
C ALA C 153 18.74 58.74 11.82
N THR C 154 18.28 58.91 13.06
CA THR C 154 17.89 57.78 13.91
C THR C 154 16.68 57.05 13.36
N GLU C 155 15.78 57.76 12.69
CA GLU C 155 14.57 57.12 12.18
C GLU C 155 14.89 56.24 10.98
N ILE C 156 15.73 56.71 10.05
CA ILE C 156 16.05 55.91 8.89
C ILE C 156 17.04 54.82 9.26
N LEU C 157 17.79 55.01 10.36
CA LEU C 157 18.56 53.92 10.92
C LEU C 157 17.64 52.84 11.50
N ALA C 158 16.64 53.25 12.28
CA ALA C 158 15.76 52.31 12.94
C ALA C 158 14.83 51.61 11.97
N ARG C 159 14.65 52.14 10.77
CA ARG C 159 13.80 51.51 9.78
C ARG C 159 14.54 50.45 8.97
N PHE C 160 15.84 50.28 9.20
CA PHE C 160 16.62 49.27 8.48
C PHE C 160 16.17 47.81 8.65
N PRO C 161 15.83 47.28 9.83
CA PRO C 161 15.59 45.82 9.89
C PRO C 161 14.32 45.35 9.21
N CYS C 162 13.45 46.25 8.77
CA CYS C 162 12.26 45.82 8.03
C CYS C 162 12.55 45.74 6.54
N LYS C 163 13.82 45.86 6.15
CA LYS C 163 14.28 46.10 4.78
C LYS C 163 13.57 47.29 4.14
N GLU C 164 13.31 48.34 4.92
CA GLU C 164 12.62 49.52 4.44
C GLU C 164 13.56 50.69 4.21
N ASN C 165 14.82 50.42 3.92
CA ASN C 165 15.73 51.46 3.49
C ASN C 165 15.39 51.88 2.06
N PRO C 166 15.78 53.08 1.65
CA PRO C 166 15.77 53.41 0.22
C PRO C 166 16.78 52.54 -0.53
N ASP C 167 16.55 52.38 -1.83
CA ASP C 167 17.45 51.56 -2.63
C ASP C 167 18.80 52.25 -2.83
N ASN C 168 18.86 53.56 -2.58
CA ASN C 168 20.14 54.25 -2.53
C ASN C 168 20.93 53.86 -1.29
N LEU C 169 20.26 53.33 -0.27
CA LEU C 169 20.91 52.94 0.97
C LEU C 169 20.87 51.45 1.23
N SER C 170 20.71 50.62 0.20
CA SER C 170 20.64 49.18 0.41
C SER C 170 21.99 48.59 0.82
N ASP C 171 23.08 49.18 0.32
CA ASP C 171 24.41 48.75 0.73
C ASP C 171 24.68 49.11 2.17
N PHE C 172 24.29 50.34 2.56
CA PHE C 172 24.34 50.76 3.96
C PHE C 172 23.53 49.83 4.85
N ARG C 173 22.33 49.45 4.40
CA ARG C 173 21.48 48.59 5.22
C ARG C 173 22.06 47.20 5.35
N GLU C 174 22.67 46.67 4.29
CA GLU C 174 23.33 45.37 4.39
C GLU C 174 24.54 45.43 5.31
N GLU C 175 25.25 46.57 5.33
CA GLU C 175 26.39 46.72 6.21
C GLU C 175 25.97 46.75 7.68
N VAL C 176 24.93 47.53 8.00
CA VAL C 176 24.43 47.57 9.38
C VAL C 176 23.82 46.25 9.79
N SER C 177 23.14 45.56 8.86
CA SER C 177 22.55 44.26 9.17
C SER C 177 23.64 43.23 9.48
N ARG C 178 24.72 43.23 8.70
CA ARG C 178 25.78 42.27 8.95
C ARG C 178 26.55 42.60 10.22
N ARG C 179 26.76 43.89 10.50
CA ARG C 179 27.51 44.28 11.70
C ARG C 179 26.73 43.97 12.97
N LEU C 180 25.43 44.28 12.98
CA LEU C 180 24.67 44.05 14.19
C LEU C 180 24.30 42.58 14.34
N ARG C 181 24.17 41.85 13.24
CA ARG C 181 24.00 40.41 13.34
C ARG C 181 25.27 39.74 13.83
N TYR C 182 26.42 40.32 13.48
CA TYR C 182 27.68 39.87 14.07
C TYR C 182 27.69 40.09 15.56
N GLU C 183 27.30 41.28 16.02
CA GLU C 183 27.34 41.57 17.45
C GLU C 183 26.32 40.72 18.20
N SER C 184 25.21 40.38 17.54
CA SER C 184 24.23 39.48 18.11
C SER C 184 24.79 38.08 18.29
N GLN C 185 25.35 37.51 17.22
CA GLN C 185 25.84 36.14 17.31
C GLN C 185 27.09 36.06 18.16
N LEU C 186 27.87 37.14 18.23
CA LEU C 186 29.00 37.19 19.12
C LEU C 186 28.56 37.20 20.57
N PHE C 187 27.52 37.98 20.88
CA PHE C 187 26.96 37.98 22.23
C PHE C 187 26.36 36.63 22.57
N GLY C 188 25.74 35.97 21.58
CA GLY C 188 25.16 34.66 21.82
C GLY C 188 26.21 33.59 22.07
N TRP C 189 27.30 33.63 21.31
CA TRP C 189 28.36 32.64 21.50
C TRP C 189 29.12 32.90 22.79
N LEU C 190 29.38 34.16 23.13
CA LEU C 190 30.05 34.41 24.40
C LEU C 190 29.13 34.10 25.58
N LEU C 191 27.81 34.21 25.37
CA LEU C 191 26.88 33.83 26.41
C LEU C 191 26.87 32.33 26.63
N ILE C 192 26.79 31.55 25.56
CA ILE C 192 26.77 30.10 25.72
C ILE C 192 28.13 29.60 26.19
N GLY C 193 29.20 30.36 25.90
CA GLY C 193 30.50 30.02 26.42
C GLY C 193 30.62 30.23 27.92
N VAL C 194 30.17 31.39 28.41
CA VAL C 194 30.27 31.65 29.84
C VAL C 194 29.27 30.80 30.60
N VAL C 195 28.17 30.42 29.96
CA VAL C 195 27.22 29.53 30.60
C VAL C 195 27.81 28.13 30.70
N ALA C 196 28.55 27.70 29.68
CA ALA C 196 29.20 26.39 29.74
C ALA C 196 30.29 26.36 30.81
N ILE C 197 31.08 27.43 30.92
CA ILE C 197 32.15 27.38 31.92
C ILE C 197 31.59 27.59 33.32
N LEU C 198 30.44 28.27 33.40
CA LEU C 198 29.69 28.46 34.67
C LEU C 198 29.14 27.10 35.13
N VAL C 199 28.56 26.33 34.19
CA VAL C 199 28.05 24.98 34.47
C VAL C 199 29.20 24.08 34.93
N PHE C 200 30.35 24.21 34.28
CA PHE C 200 31.52 23.43 34.64
C PHE C 200 32.03 23.79 36.04
N LEU C 201 32.11 25.08 36.36
CA LEU C 201 32.62 25.44 37.67
C LEU C 201 31.61 25.18 38.78
N THR C 202 30.31 25.23 38.47
CA THR C 202 29.34 24.88 39.50
C THR C 202 29.40 23.40 39.80
N LYS C 203 29.58 22.58 38.76
CA LYS C 203 29.71 21.13 39.00
C LYS C 203 31.00 20.82 39.75
N CYS C 204 32.08 21.53 39.42
CA CYS C 204 33.35 21.27 40.09
C CYS C 204 33.31 21.73 41.54
N LEU C 205 32.70 22.87 41.82
CA LEU C 205 32.64 23.33 43.21
C LEU C 205 31.60 22.56 44.00
N LYS C 206 30.58 22.03 43.34
CA LYS C 206 29.65 21.14 44.03
C LYS C 206 30.34 19.85 44.42
N HIS C 207 31.14 19.26 43.53
CA HIS C 207 31.81 18.01 43.84
C HIS C 207 32.95 18.24 44.83
N TYR C 208 33.55 19.43 44.80
CA TYR C 208 34.65 19.70 45.72
C TYR C 208 34.14 20.09 47.10
N CYS C 209 32.95 20.68 47.18
CA CYS C 209 32.49 21.22 48.45
C CYS C 209 31.32 20.42 49.01
N SER C 210 31.04 19.28 48.41
CA SER C 210 30.10 18.35 49.04
C SER C 210 30.82 17.59 50.14
N PRO C 211 30.17 17.32 51.27
CA PRO C 211 30.83 16.53 52.31
C PRO C 211 30.93 15.06 51.95
N LEU C 212 29.90 14.54 51.27
CA LEU C 212 29.90 13.16 50.87
C LEU C 212 30.44 13.02 49.46
N SER C 213 30.76 11.79 49.08
CA SER C 213 31.41 11.52 47.81
C SER C 213 30.45 11.69 46.65
N TYR C 214 30.94 11.39 45.45
CA TYR C 214 30.09 11.56 44.28
C TYR C 214 29.33 10.28 43.97
N ARG C 215 29.87 9.14 44.38
CA ARG C 215 29.12 7.90 44.22
C ARG C 215 27.98 7.84 45.23
N GLN C 216 28.23 8.33 46.44
CA GLN C 216 27.17 8.42 47.42
C GLN C 216 26.16 9.49 47.04
N GLU C 217 26.60 10.53 46.37
CA GLU C 217 25.65 11.54 45.90
C GLU C 217 24.81 10.99 44.76
N ALA C 218 25.36 10.08 43.97
CA ALA C 218 24.56 9.43 42.94
C ALA C 218 23.57 8.46 43.55
N TYR C 219 23.97 7.79 44.63
CA TYR C 219 23.05 6.93 45.36
C TYR C 219 21.96 7.74 46.02
N TRP C 220 22.32 8.92 46.54
CA TRP C 220 21.35 9.82 47.15
C TRP C 220 20.35 10.32 46.13
N ALA C 221 20.82 10.61 44.91
CA ALA C 221 19.90 11.05 43.87
C ALA C 221 18.97 9.91 43.46
N GLN C 222 19.49 8.69 43.42
CA GLN C 222 18.64 7.55 43.10
C GLN C 222 17.64 7.29 44.22
N TYR C 223 18.06 7.51 45.47
CA TYR C 223 17.14 7.36 46.58
C TYR C 223 16.04 8.39 46.53
N ARG C 224 16.39 9.64 46.25
CA ARG C 224 15.38 10.69 46.22
C ARG C 224 14.40 10.48 45.10
N ALA C 225 14.86 9.99 43.96
CA ALA C 225 13.95 9.67 42.87
C ALA C 225 13.04 8.50 43.24
N ASN C 226 13.60 7.45 43.84
CA ASN C 226 12.81 6.30 44.22
C ASN C 226 11.83 6.65 45.34
N GLU C 227 12.23 7.54 46.24
CA GLU C 227 11.39 7.85 47.37
C GLU C 227 10.26 8.77 46.97
N ASP C 228 10.52 9.73 46.08
CA ASP C 228 9.44 10.57 45.60
C ASP C 228 8.47 9.78 44.73
N GLN C 229 8.98 8.86 43.92
CA GLN C 229 8.08 8.07 43.08
C GLN C 229 7.25 7.10 43.92
N LEU C 230 7.88 6.42 44.87
CA LEU C 230 7.15 5.50 45.72
C LEU C 230 6.20 6.22 46.64
N PHE C 231 6.55 7.45 47.05
CA PHE C 231 5.68 8.20 47.93
C PHE C 231 4.46 8.73 47.20
N GLN C 232 4.63 9.20 45.96
CA GLN C 232 3.48 9.62 45.18
C GLN C 232 2.56 8.46 44.88
N ARG C 233 3.14 7.29 44.57
CA ARG C 233 2.30 6.13 44.27
C ARG C 233 1.52 5.67 45.49
N THR C 234 2.18 5.57 46.63
CA THR C 234 1.44 5.07 47.78
C THR C 234 0.60 6.16 48.42
N ALA C 235 0.85 7.42 48.10
CA ALA C 235 -0.05 8.46 48.57
C ALA C 235 -1.32 8.43 47.76
N GLU C 236 -1.22 8.19 46.44
CA GLU C 236 -2.40 8.01 45.62
C GLU C 236 -3.19 6.79 46.05
N VAL C 237 -2.50 5.70 46.39
CA VAL C 237 -3.19 4.47 46.77
C VAL C 237 -3.82 4.61 48.14
N HIS C 238 -3.10 5.22 49.09
CA HIS C 238 -3.60 5.41 50.44
C HIS C 238 -4.79 6.37 50.44
N SER C 239 -4.74 7.41 49.60
CA SER C 239 -5.86 8.32 49.49
C SER C 239 -7.04 7.65 48.83
N ARG C 240 -6.78 6.73 47.89
CA ARG C 240 -7.87 6.01 47.26
C ARG C 240 -8.57 5.07 48.24
N VAL C 241 -7.81 4.42 49.11
CA VAL C 241 -8.45 3.51 50.06
C VAL C 241 -9.17 4.29 51.15
N LEU C 242 -8.65 5.47 51.50
CA LEU C 242 -9.36 6.30 52.46
C LEU C 242 -10.65 6.85 51.86
N ALA C 243 -10.60 7.23 50.58
CA ALA C 243 -11.77 7.69 49.88
C ALA C 243 -12.80 6.59 49.74
N ALA C 244 -12.34 5.36 49.52
CA ALA C 244 -13.26 4.24 49.45
C ALA C 244 -13.89 3.94 50.80
N ASN C 245 -13.16 4.15 51.89
CA ASN C 245 -13.75 3.95 53.20
C ASN C 245 -14.83 4.98 53.48
N ASN C 246 -14.59 6.24 53.11
CA ASN C 246 -15.59 7.27 53.35
C ASN C 246 -16.81 7.09 52.44
N VAL C 247 -16.56 6.72 51.20
CA VAL C 247 -17.63 6.49 50.23
C VAL C 247 -18.49 5.30 50.64
N ARG C 248 -17.85 4.22 51.12
CA ARG C 248 -18.59 3.07 51.62
C ARG C 248 -19.38 3.43 52.86
N ARG C 249 -18.86 4.34 53.68
CA ARG C 249 -19.62 4.79 54.83
C ARG C 249 -20.83 5.59 54.39
N PHE C 250 -20.76 6.24 53.23
CA PHE C 250 -21.90 6.99 52.74
C PHE C 250 -22.96 6.08 52.13
N PHE C 251 -22.60 5.34 51.09
CA PHE C 251 -23.56 4.59 50.32
C PHE C 251 -23.81 3.17 50.81
N GLY C 252 -22.85 2.57 51.50
CA GLY C 252 -22.95 1.17 51.84
C GLY C 252 -22.03 0.27 51.03
N PHE C 253 -21.46 0.77 49.94
CA PHE C 253 -20.56 0.01 49.10
C PHE C 253 -19.78 1.01 48.27
N VAL C 254 -18.79 0.50 47.53
CA VAL C 254 -18.03 1.33 46.60
C VAL C 254 -18.02 0.62 45.26
N ALA C 255 -18.26 1.36 44.18
CA ALA C 255 -18.04 0.82 42.85
C ALA C 255 -16.55 0.90 42.55
N LEU C 256 -15.85 -0.19 42.78
CA LEU C 256 -14.43 -0.28 42.51
C LEU C 256 -14.20 -1.05 41.22
N ASN C 257 -13.07 -0.77 40.57
CA ASN C 257 -12.60 -1.63 39.50
C ASN C 257 -11.99 -2.90 40.10
N LYS C 258 -11.47 -3.76 39.22
CA LYS C 258 -10.82 -4.97 39.71
C LYS C 258 -9.51 -4.65 40.40
N ASP C 259 -8.72 -3.74 39.80
CA ASP C 259 -7.48 -3.29 40.41
C ASP C 259 -7.75 -2.54 41.70
N ASP C 260 -8.81 -1.73 41.74
CA ASP C 260 -9.13 -1.01 42.95
C ASP C 260 -9.62 -1.94 44.04
N GLU C 261 -10.33 -3.01 43.68
CA GLU C 261 -10.75 -3.99 44.67
C GLU C 261 -9.54 -4.74 45.21
N GLU C 262 -8.53 -4.96 44.36
CA GLU C 262 -7.26 -5.50 44.85
C GLU C 262 -6.57 -4.54 45.80
N LEU C 263 -6.67 -3.24 45.54
CA LEU C 263 -6.05 -2.25 46.44
C LEU C 263 -6.76 -2.21 47.79
N ILE C 264 -8.09 -2.33 47.81
CA ILE C 264 -8.80 -2.37 49.08
C ILE C 264 -8.51 -3.67 49.81
N ALA C 265 -8.27 -4.75 49.05
CA ALA C 265 -7.92 -6.02 49.67
C ALA C 265 -6.55 -5.96 50.33
N ASN C 266 -5.54 -5.45 49.62
CA ASN C 266 -4.17 -5.51 50.12
C ASN C 266 -3.93 -4.53 51.25
N PHE C 267 -4.28 -3.26 51.06
CA PHE C 267 -3.85 -2.19 51.93
C PHE C 267 -5.03 -1.60 52.69
N PRO C 268 -5.22 -1.92 53.95
CA PRO C 268 -6.29 -1.29 54.72
C PRO C 268 -5.82 -0.02 55.41
N VAL C 269 -6.73 0.92 55.67
CA VAL C 269 -6.46 2.05 56.54
C VAL C 269 -7.41 2.03 57.71
N GLU C 270 -6.88 2.33 58.89
CA GLU C 270 -7.72 2.76 59.99
C GLU C 270 -7.86 4.28 60.00
N GLY C 271 -6.77 4.97 59.73
CA GLY C 271 -6.81 6.42 59.65
C GLY C 271 -5.57 6.96 58.98
N THR C 272 -5.63 8.24 58.63
CA THR C 272 -4.51 8.88 57.98
C THR C 272 -3.52 9.41 59.01
N GLN C 273 -2.50 10.11 58.52
CA GLN C 273 -1.38 10.48 59.34
C GLN C 273 -1.51 11.91 59.83
N PRO C 274 -1.07 12.21 61.05
CA PRO C 274 -1.28 13.54 61.60
C PRO C 274 -0.48 14.61 60.89
N ARG C 275 -0.94 15.85 61.05
CA ARG C 275 -0.27 16.98 60.42
C ARG C 275 1.15 17.26 60.92
N PRO C 276 1.52 17.10 62.20
CA PRO C 276 2.95 17.28 62.54
C PRO C 276 3.85 16.22 61.93
N GLN C 277 3.32 15.04 61.68
CA GLN C 277 4.12 14.00 61.02
C GLN C 277 4.37 14.35 59.55
N TRP C 278 3.34 14.86 58.89
CA TRP C 278 3.50 15.38 57.53
C TRP C 278 4.43 16.57 57.49
N ASN C 279 4.45 17.36 58.56
CA ASN C 279 5.39 18.47 58.63
C ASN C 279 6.80 17.96 58.85
N ALA C 280 6.93 16.86 59.58
CA ALA C 280 8.24 16.31 59.89
C ALA C 280 8.90 15.74 58.65
N ILE C 281 8.13 15.20 57.73
CA ILE C 281 8.77 14.62 56.55
C ILE C 281 8.92 15.65 55.44
N THR C 282 8.47 16.88 55.65
CA THR C 282 8.55 17.88 54.61
C THR C 282 9.60 18.93 54.97
N GLY C 283 10.17 19.56 53.95
CA GLY C 283 11.16 20.59 54.16
C GLY C 283 12.41 20.26 53.38
N VAL C 284 13.40 21.14 53.52
CA VAL C 284 14.68 20.91 52.88
C VAL C 284 15.52 20.01 53.76
N TYR C 285 16.34 19.17 53.13
CA TYR C 285 17.16 18.21 53.85
C TYR C 285 18.63 18.45 53.62
N LEU C 286 19.42 18.37 54.70
CA LEU C 286 20.82 18.75 54.65
C LEU C 286 21.78 17.64 55.11
N TYR C 287 21.45 16.37 54.85
CA TYR C 287 22.35 15.22 55.09
C TYR C 287 22.80 15.12 56.55
N ARG C 288 21.88 14.71 57.42
CA ARG C 288 22.32 14.32 58.75
C ARG C 288 22.86 12.90 58.73
N GLU C 289 23.41 12.47 59.85
CA GLU C 289 23.82 11.09 60.07
C GLU C 289 23.43 10.68 61.48
N ASN C 290 22.67 9.61 61.60
CA ASN C 290 22.26 9.09 62.90
C ASN C 290 23.16 7.92 63.25
N GLN C 291 24.02 8.12 64.26
CA GLN C 291 24.96 7.13 64.79
C GLN C 291 25.89 6.58 63.71
N GLY C 292 26.43 7.46 62.89
CA GLY C 292 27.35 7.07 61.84
C GLY C 292 26.71 6.62 60.55
N LEU C 293 25.47 6.12 60.58
CA LEU C 293 24.80 5.72 59.38
C LEU C 293 24.13 6.92 58.74
N PRO C 294 24.12 7.03 57.42
CA PRO C 294 23.59 8.24 56.80
C PRO C 294 22.09 8.18 56.66
N LEU C 295 21.48 9.36 56.67
CA LEU C 295 20.06 9.54 56.43
C LEU C 295 19.94 10.41 55.19
N TYR C 296 19.07 10.03 54.27
CA TYR C 296 19.06 10.64 52.95
C TYR C 296 17.85 11.51 52.67
N SER C 297 16.90 11.57 53.59
CA SER C 297 15.77 12.47 53.44
C SER C 297 15.16 12.70 54.80
N ARG C 298 14.19 13.62 54.86
CA ARG C 298 13.48 13.85 56.11
C ARG C 298 12.55 12.69 56.41
N LEU C 299 12.06 12.02 55.38
CA LEU C 299 11.29 10.81 55.58
C LEU C 299 12.17 9.70 56.13
N HIS C 300 13.41 9.61 55.64
CA HIS C 300 14.33 8.62 56.16
C HIS C 300 14.74 8.93 57.58
N LYS C 301 14.96 10.20 57.87
CA LYS C 301 15.30 10.63 59.23
C LYS C 301 14.14 10.38 60.17
N TRP C 302 12.92 10.59 59.68
CA TRP C 302 11.74 10.37 60.51
C TRP C 302 11.51 8.88 60.74
N ALA C 303 11.77 8.05 59.73
CA ALA C 303 11.56 6.62 59.89
C ALA C 303 12.62 6.01 60.80
N GLN C 304 13.84 6.52 60.75
CA GLN C 304 14.86 6.06 61.70
C GLN C 304 14.61 6.64 63.08
N GLY C 305 13.89 7.76 63.16
CA GLY C 305 13.64 8.38 64.45
C GLY C 305 12.63 7.61 65.30
N LEU C 306 11.90 6.69 64.67
CA LEU C 306 10.98 5.84 65.42
C LEU C 306 11.69 4.59 65.90
N SER D 13 9.38 7.54 24.98
CA SER D 13 9.58 6.76 23.77
C SER D 13 10.94 7.01 23.15
N LEU D 14 11.81 7.70 23.90
CA LEU D 14 13.14 8.00 23.39
C LEU D 14 14.01 6.75 23.33
N PHE D 15 14.08 6.00 24.44
CA PHE D 15 14.85 4.76 24.46
C PHE D 15 14.20 3.70 23.60
N PHE D 16 12.86 3.72 23.50
CA PHE D 16 12.15 2.74 22.68
C PHE D 16 12.43 2.94 21.19
N LYS D 17 12.33 4.18 20.71
CA LYS D 17 12.59 4.44 19.30
C LYS D 17 14.07 4.38 18.99
N SER D 18 14.92 4.71 19.97
CA SER D 18 16.36 4.63 19.76
C SER D 18 16.85 3.19 19.76
N LYS D 19 16.12 2.30 20.44
CA LYS D 19 16.50 0.89 20.45
C LYS D 19 15.77 0.11 19.36
N ASP D 20 14.52 0.44 19.11
CA ASP D 20 13.72 -0.21 18.08
C ASP D 20 13.06 0.87 17.24
N VAL D 21 13.53 1.06 16.02
CA VAL D 21 13.19 2.25 15.27
C VAL D 21 11.84 2.11 14.57
N MET D 22 11.00 3.12 14.73
CA MET D 22 9.87 3.39 13.85
C MET D 22 10.47 3.99 12.59
N ILE D 23 9.64 4.10 11.53
CA ILE D 23 10.04 4.11 10.11
C ILE D 23 11.17 5.09 9.80
N PHE D 24 12.28 4.55 9.28
CA PHE D 24 13.55 5.28 9.30
C PHE D 24 13.60 6.30 8.18
N ASN D 25 12.75 6.15 7.16
CA ASN D 25 12.64 7.20 6.15
C ASN D 25 12.01 8.45 6.75
N GLY D 26 10.88 8.30 7.44
CA GLY D 26 10.27 9.43 8.13
C GLY D 26 11.12 9.93 9.28
N LEU D 27 11.86 9.04 9.94
CA LEU D 27 12.76 9.44 11.01
C LEU D 27 13.91 10.28 10.46
N VAL D 28 14.47 9.88 9.32
CA VAL D 28 15.56 10.64 8.71
C VAL D 28 15.03 11.95 8.12
N ALA D 29 13.76 11.96 7.71
CA ALA D 29 13.17 13.21 7.21
C ALA D 29 12.92 14.19 8.34
N LEU D 30 12.44 13.71 9.48
CA LEU D 30 12.25 14.60 10.64
C LEU D 30 13.59 15.04 11.22
N GLY D 31 14.61 14.17 11.12
CA GLY D 31 15.95 14.58 11.51
C GLY D 31 16.54 15.60 10.56
N THR D 32 16.20 15.51 9.27
CA THR D 32 16.64 16.52 8.32
C THR D 32 15.93 17.85 8.55
N VAL D 33 14.66 17.81 8.97
CA VAL D 33 13.94 19.05 9.28
C VAL D 33 14.48 19.71 10.55
N GLY D 34 14.72 18.91 11.60
CA GLY D 34 15.33 19.45 12.80
C GLY D 34 16.76 19.92 12.57
N SER D 35 17.49 19.22 11.69
CA SER D 35 18.83 19.66 11.34
C SER D 35 18.79 20.93 10.52
N GLN D 36 17.75 21.11 9.70
CA GLN D 36 17.57 22.35 8.96
C GLN D 36 17.34 23.52 9.89
N GLU D 37 16.45 23.34 10.86
CA GLU D 37 16.11 24.39 11.88
C GLU D 37 17.28 24.71 12.82
N LEU D 38 18.00 23.70 13.32
CA LEU D 38 19.11 23.90 14.25
C LEU D 38 20.38 24.34 13.53
N PHE D 39 20.61 23.86 12.30
CA PHE D 39 21.76 24.31 11.55
C PHE D 39 21.50 25.66 10.90
N SER D 40 20.22 26.07 10.83
CA SER D 40 19.93 27.43 10.43
C SER D 40 20.24 28.40 11.56
N VAL D 41 20.03 27.98 12.81
CA VAL D 41 20.28 28.90 13.90
C VAL D 41 21.77 28.95 14.24
N VAL D 42 22.55 27.97 13.77
CA VAL D 42 24.00 28.02 14.01
C VAL D 42 24.80 28.21 12.72
N ALA D 43 24.14 28.60 11.63
CA ALA D 43 24.82 28.78 10.35
C ALA D 43 25.80 29.94 10.42
N PHE D 44 26.93 29.78 9.72
CA PHE D 44 28.01 30.76 9.77
C PHE D 44 27.62 31.94 8.91
N HIS D 45 27.46 33.09 9.57
CA HIS D 45 27.21 34.32 8.85
C HIS D 45 28.37 35.27 9.03
N CYS D 46 29.18 35.42 7.99
CA CYS D 46 30.41 36.17 8.10
C CYS D 46 30.14 37.65 8.16
N PRO D 47 30.67 38.37 9.16
CA PRO D 47 30.61 39.83 9.14
C PRO D 47 31.65 40.37 8.18
N CYS D 48 31.21 40.81 7.03
CA CYS D 48 32.16 41.27 6.02
C CYS D 48 32.64 42.67 6.40
N SER D 49 33.58 42.68 7.33
CA SER D 49 34.14 43.89 7.92
C SER D 49 35.47 43.57 8.55
N PRO D 50 36.45 44.47 8.45
CA PRO D 50 37.77 44.17 9.01
C PRO D 50 37.77 44.25 10.52
N ALA D 51 38.72 43.54 11.13
CA ALA D 51 38.95 43.47 12.59
C ALA D 51 37.76 42.90 13.35
N ARG D 52 36.85 42.25 12.65
CA ARG D 52 35.55 41.93 13.19
C ARG D 52 35.19 40.51 12.78
N ASN D 53 35.78 40.04 11.70
CA ASN D 53 35.38 38.74 11.18
C ASN D 53 36.26 37.63 11.69
N TYR D 54 37.50 37.95 12.07
CA TYR D 54 38.30 36.92 12.73
C TYR D 54 37.82 36.71 14.15
N LEU D 55 37.29 37.77 14.78
CA LEU D 55 36.66 37.61 16.07
C LEU D 55 35.41 36.75 15.98
N TYR D 56 34.66 36.87 14.89
CA TYR D 56 33.48 36.03 14.72
C TYR D 56 33.88 34.60 14.39
N GLY D 57 34.92 34.41 13.57
CA GLY D 57 35.39 33.06 13.31
C GLY D 57 35.90 32.38 14.55
N LEU D 58 36.67 33.11 15.37
CA LEU D 58 37.17 32.60 16.63
C LEU D 58 36.03 32.27 17.59
N ALA D 59 35.01 33.12 17.66
CA ALA D 59 33.87 32.81 18.51
C ALA D 59 33.09 31.62 18.00
N ALA D 60 32.63 31.67 16.75
CA ALA D 60 31.71 30.66 16.25
C ALA D 60 32.38 29.32 16.02
N ILE D 61 33.72 29.27 16.09
CA ILE D 61 34.37 27.97 16.02
C ILE D 61 34.90 27.54 17.37
N GLY D 62 35.67 28.40 18.04
CA GLY D 62 36.32 27.98 19.28
C GLY D 62 35.36 27.90 20.44
N VAL D 63 34.21 28.55 20.35
CA VAL D 63 33.20 28.43 21.41
C VAL D 63 32.43 27.14 21.34
N PRO D 64 31.97 26.63 20.17
CA PRO D 64 31.48 25.25 20.17
C PRO D 64 32.57 24.24 20.46
N ALA D 65 33.83 24.56 20.13
CA ALA D 65 34.95 23.72 20.56
C ALA D 65 35.07 23.71 22.07
N LEU D 66 35.02 24.89 22.70
CA LEU D 66 35.15 24.95 24.15
C LEU D 66 33.94 24.33 24.84
N VAL D 67 32.76 24.44 24.24
CA VAL D 67 31.57 23.84 24.80
C VAL D 67 31.66 22.32 24.75
N LEU D 68 32.10 21.78 23.60
CA LEU D 68 32.21 20.33 23.49
C LEU D 68 33.35 19.80 24.35
N PHE D 69 34.40 20.60 24.54
CA PHE D 69 35.47 20.22 25.43
C PHE D 69 35.01 20.19 26.88
N ILE D 70 34.24 21.19 27.29
CA ILE D 70 33.67 21.24 28.63
C ILE D 70 32.73 20.08 28.86
N ILE D 71 31.88 19.78 27.87
CA ILE D 71 30.95 18.66 27.96
C ILE D 71 31.69 17.34 28.08
N GLY D 72 32.79 17.19 27.34
CA GLY D 72 33.57 15.98 27.45
C GLY D 72 34.28 15.85 28.78
N ILE D 73 34.62 16.97 29.41
CA ILE D 73 35.18 16.89 30.75
C ILE D 73 34.09 16.53 31.77
N ILE D 74 32.89 17.08 31.59
CA ILE D 74 31.77 16.87 32.51
C ILE D 74 31.32 15.42 32.50
N LEU D 75 31.10 14.86 31.31
CA LEU D 75 30.50 13.54 31.25
C LEU D 75 31.50 12.44 31.58
N ASN D 76 32.79 12.76 31.55
CA ASN D 76 33.79 11.79 31.97
C ASN D 76 33.80 11.68 33.48
N ASN D 77 33.59 10.46 33.99
CA ASN D 77 33.50 10.29 35.43
C ASN D 77 34.88 10.22 36.07
N HIS D 78 35.93 10.09 35.25
CA HIS D 78 37.29 10.13 35.78
C HIS D 78 37.64 11.53 36.26
N THR D 79 36.96 12.54 35.71
CA THR D 79 37.06 13.91 36.23
C THR D 79 36.65 13.95 37.70
N TRP D 80 35.53 13.32 38.01
CA TRP D 80 35.03 13.39 39.37
C TRP D 80 35.76 12.42 40.26
N ASN D 81 36.32 11.36 39.70
CA ASN D 81 37.21 10.49 40.47
C ASN D 81 38.47 11.22 40.88
N LEU D 82 39.03 12.02 39.97
CA LEU D 82 40.24 12.78 40.31
C LEU D 82 39.93 13.91 41.26
N VAL D 83 38.76 14.54 41.10
CA VAL D 83 38.40 15.63 41.99
C VAL D 83 38.05 15.08 43.37
N ALA D 84 37.58 13.83 43.43
CA ALA D 84 37.32 13.21 44.73
C ALA D 84 38.61 12.79 45.39
N GLU D 85 39.59 12.36 44.58
CA GLU D 85 40.90 12.04 45.13
C GLU D 85 41.56 13.27 45.74
N CYS D 86 41.58 14.38 45.02
CA CYS D 86 42.18 15.58 45.58
C CYS D 86 41.30 16.22 46.64
N GLN D 87 40.01 15.87 46.66
CA GLN D 87 39.11 16.40 47.66
C GLN D 87 39.30 15.70 49.00
N HIS D 88 39.04 14.40 49.06
CA HIS D 88 39.01 13.74 50.37
C HIS D 88 40.30 12.97 50.64
N ARG D 89 41.03 12.58 49.60
CA ARG D 89 42.37 12.05 49.83
C ARG D 89 43.28 13.14 50.37
N ARG D 90 43.21 14.33 49.77
CA ARG D 90 43.56 15.64 50.34
C ARG D 90 45.01 15.77 50.81
N THR D 91 45.88 14.82 50.47
CA THR D 91 47.27 14.87 50.91
C THR D 91 48.23 14.43 49.81
N LYS D 92 47.81 14.52 48.55
CA LYS D 92 48.52 13.95 47.39
C LYS D 92 48.80 12.46 47.59
N ASN D 93 47.74 11.70 47.85
CA ASN D 93 47.88 10.24 47.97
C ASN D 93 48.28 9.62 46.65
N CYS D 94 47.58 9.98 45.57
CA CYS D 94 48.12 9.78 44.24
C CYS D 94 48.99 10.98 43.88
N SER D 95 50.22 10.71 43.45
CA SER D 95 51.21 11.76 43.26
C SER D 95 50.96 12.51 41.96
N ALA D 96 51.97 13.31 41.58
CA ALA D 96 51.81 14.18 40.40
C ALA D 96 51.81 13.36 39.10
N ALA D 97 52.48 12.22 39.09
CA ALA D 97 52.49 11.38 37.89
C ALA D 97 51.19 10.58 37.67
N PRO D 98 50.55 9.96 38.69
CA PRO D 98 49.22 9.39 38.43
C PRO D 98 48.16 10.44 38.14
N THR D 99 48.28 11.61 38.77
CA THR D 99 47.39 12.73 38.45
C THR D 99 47.60 13.19 37.01
N PHE D 100 48.85 13.18 36.53
CA PHE D 100 49.13 13.59 35.17
C PHE D 100 48.62 12.57 34.16
N LEU D 101 48.74 11.27 34.48
CA LEU D 101 48.23 10.24 33.58
C LEU D 101 46.71 10.25 33.52
N LEU D 102 46.05 10.43 34.66
CA LEU D 102 44.60 10.51 34.70
C LEU D 102 44.10 11.75 33.97
N LEU D 103 44.77 12.90 34.19
CA LEU D 103 44.41 14.13 33.50
C LEU D 103 44.61 14.01 31.99
N SER D 104 45.64 13.29 31.56
CA SER D 104 45.86 13.08 30.13
C SER D 104 44.73 12.24 29.53
N SER D 105 44.30 11.19 30.24
CA SER D 105 43.18 10.38 29.75
C SER D 105 41.89 11.20 29.67
N ILE D 106 41.63 12.02 30.69
CA ILE D 106 40.43 12.85 30.72
C ILE D 106 40.44 13.88 29.60
N LEU D 107 41.55 14.61 29.46
CA LEU D 107 41.63 15.65 28.44
C LEU D 107 41.60 15.07 27.04
N GLY D 108 42.08 13.83 26.86
CA GLY D 108 41.97 13.21 25.55
C GLY D 108 40.55 12.84 25.17
N ARG D 109 39.85 12.16 26.09
CA ARG D 109 38.47 11.78 25.77
C ARG D 109 37.57 13.00 25.72
N ALA D 110 37.95 14.08 26.38
CA ALA D 110 37.27 15.36 26.20
C ALA D 110 37.54 15.93 24.83
N ALA D 111 38.82 16.03 24.45
CA ALA D 111 39.22 16.72 23.23
C ALA D 111 39.02 15.90 21.97
N VAL D 112 38.37 14.74 22.07
CA VAL D 112 37.84 14.10 20.86
C VAL D 112 36.93 15.04 20.09
N ALA D 113 35.91 15.58 20.75
CA ALA D 113 34.86 16.31 20.03
C ALA D 113 35.23 17.73 19.59
N PRO D 114 35.96 18.57 20.35
CA PRO D 114 36.34 19.86 19.78
C PRO D 114 37.31 19.76 18.62
N VAL D 115 38.20 18.76 18.64
CA VAL D 115 39.09 18.55 17.50
C VAL D 115 38.29 18.15 16.28
N THR D 116 37.25 17.33 16.45
CA THR D 116 36.44 16.92 15.32
C THR D 116 35.62 18.09 14.79
N TRP D 117 35.15 18.96 15.69
CA TRP D 117 34.42 20.15 15.27
C TRP D 117 35.31 21.12 14.53
N SER D 118 36.52 21.34 15.04
CA SER D 118 37.41 22.32 14.42
C SER D 118 37.97 21.78 13.11
N VAL D 119 38.09 20.45 12.99
CA VAL D 119 38.52 19.87 11.73
C VAL D 119 37.43 19.97 10.69
N ILE D 120 36.17 19.71 11.07
CA ILE D 120 35.06 19.85 10.13
C ILE D 120 34.90 21.31 9.72
N SER D 121 35.13 22.24 10.65
CA SER D 121 34.97 23.64 10.33
C SER D 121 36.15 24.15 9.50
N LEU D 122 37.32 23.53 9.63
CA LEU D 122 38.44 23.92 8.79
C LEU D 122 38.32 23.34 7.40
N LEU D 123 37.72 22.15 7.28
CA LEU D 123 37.56 21.54 5.97
C LEU D 123 36.37 22.15 5.25
N ARG D 124 35.46 22.75 6.01
CA ARG D 124 34.35 23.55 5.45
C ARG D 124 34.99 24.79 4.80
N GLY D 125 35.99 25.36 5.49
CA GLY D 125 36.76 26.48 5.00
C GLY D 125 36.17 27.84 5.26
N GLU D 126 34.89 27.92 5.61
CA GLU D 126 34.17 29.19 5.60
C GLU D 126 34.64 30.13 6.70
N ALA D 127 34.97 29.56 7.86
CA ALA D 127 35.46 30.38 8.97
C ALA D 127 36.83 30.96 8.66
N TYR D 128 37.61 30.27 7.84
CA TYR D 128 38.97 30.74 7.61
C TYR D 128 39.01 31.80 6.51
N VAL D 129 38.21 31.65 5.43
CA VAL D 129 38.11 32.73 4.45
C VAL D 129 37.53 33.97 5.12
N CYS D 130 36.55 33.77 6.00
CA CYS D 130 35.97 34.89 6.72
C CYS D 130 36.97 35.52 7.67
N ALA D 131 37.79 34.70 8.32
CA ALA D 131 38.67 35.22 9.36
C ALA D 131 39.92 35.86 8.78
N LEU D 132 40.32 35.47 7.57
CA LEU D 132 41.57 35.97 7.04
C LEU D 132 41.43 36.70 5.72
N SER D 133 40.21 37.09 5.33
CA SER D 133 40.05 37.91 4.13
C SER D 133 40.80 39.23 4.26
N GLU D 134 40.81 39.81 5.46
CA GLU D 134 41.37 41.15 5.60
C GLU D 134 42.88 41.12 5.69
N PHE D 135 43.46 39.95 5.94
CA PHE D 135 44.90 39.88 6.12
C PHE D 135 45.62 39.55 4.82
N VAL D 136 44.86 39.32 3.75
CA VAL D 136 45.48 38.99 2.48
C VAL D 136 46.15 40.22 1.90
N ASP D 137 47.43 40.09 1.59
CA ASP D 137 48.21 41.17 1.01
C ASP D 137 47.71 41.49 -0.39
N PRO D 138 47.34 42.74 -0.64
CA PRO D 138 46.69 43.06 -1.94
C PRO D 138 47.66 43.01 -3.11
N SER D 139 48.95 43.21 -2.87
CA SER D 139 49.92 43.14 -3.96
C SER D 139 50.16 41.71 -4.40
N SER D 140 49.83 40.73 -3.56
CA SER D 140 50.08 39.33 -3.90
C SER D 140 48.98 38.75 -4.76
N LEU D 141 47.97 39.53 -5.12
CA LEU D 141 46.87 39.01 -5.93
C LEU D 141 47.25 38.98 -7.40
N THR D 142 46.70 38.00 -8.12
CA THR D 142 46.94 37.83 -9.55
C THR D 142 45.61 37.67 -10.28
N ALA D 143 45.71 37.29 -11.55
CA ALA D 143 44.64 36.96 -12.50
C ALA D 143 43.78 38.16 -12.92
N ARG D 144 44.19 39.39 -12.59
CA ARG D 144 43.52 40.59 -13.05
C ARG D 144 44.46 41.76 -12.90
N GLU D 145 44.00 42.93 -13.35
CA GLU D 145 44.74 44.16 -13.13
C GLU D 145 44.50 44.67 -11.72
N GLU D 146 45.57 45.10 -11.05
CA GLU D 146 45.52 45.44 -9.63
C GLU D 146 44.68 46.69 -9.40
N HIS D 147 43.53 46.51 -8.74
CA HIS D 147 42.57 47.58 -8.50
C HIS D 147 42.25 47.59 -7.00
N PHE D 148 43.07 48.31 -6.24
CA PHE D 148 42.90 48.38 -4.80
C PHE D 148 43.30 49.76 -4.29
N PRO D 149 42.35 50.60 -3.89
CA PRO D 149 42.71 51.80 -3.13
C PRO D 149 43.33 51.42 -1.79
N SER D 150 44.52 51.94 -1.53
CA SER D 150 45.26 51.56 -0.33
C SER D 150 44.60 52.08 0.94
N ALA D 151 43.75 53.10 0.81
CA ALA D 151 42.93 53.53 1.94
C ALA D 151 41.85 52.50 2.26
N HIS D 152 41.11 52.07 1.24
CA HIS D 152 40.04 51.09 1.41
C HIS D 152 40.49 49.68 1.08
N ALA D 153 41.75 49.33 1.35
CA ALA D 153 42.24 48.01 1.00
C ALA D 153 41.64 46.95 1.89
N THR D 154 41.81 47.09 3.20
CA THR D 154 41.42 46.05 4.15
C THR D 154 39.91 45.84 4.18
N GLU D 155 39.13 46.90 3.94
CA GLU D 155 37.68 46.77 3.99
C GLU D 155 37.15 46.01 2.78
N ILE D 156 37.66 46.31 1.59
CA ILE D 156 37.18 45.60 0.41
C ILE D 156 37.78 44.20 0.35
N LEU D 157 38.91 43.99 1.03
CA LEU D 157 39.39 42.63 1.22
C LEU D 157 38.46 41.86 2.15
N ALA D 158 38.09 42.45 3.27
CA ALA D 158 37.25 41.78 4.26
C ALA D 158 35.84 41.58 3.78
N ARG D 159 35.40 42.30 2.76
CA ARG D 159 34.06 42.13 2.24
C ARG D 159 33.97 41.01 1.20
N PHE D 160 35.11 40.38 0.87
CA PHE D 160 35.11 39.27 -0.10
C PHE D 160 34.28 38.04 0.26
N PRO D 161 34.27 37.49 1.49
CA PRO D 161 33.57 36.21 1.67
C PRO D 161 32.06 36.28 1.60
N CYS D 162 31.47 37.47 1.56
CA CYS D 162 30.02 37.57 1.38
C CYS D 162 29.64 37.61 -0.08
N LYS D 163 30.60 37.35 -0.98
CA LYS D 163 30.52 37.62 -2.41
C LYS D 163 30.10 39.05 -2.71
N GLU D 164 30.57 40.00 -1.91
CA GLU D 164 30.21 41.40 -2.07
C GLU D 164 31.33 42.21 -2.70
N ASN D 165 32.19 41.58 -3.49
CA ASN D 165 33.15 42.32 -4.28
C ASN D 165 32.44 43.02 -5.43
N PRO D 166 33.05 44.07 -5.99
CA PRO D 166 32.58 44.56 -7.29
C PRO D 166 32.82 43.53 -8.37
N ASP D 167 32.06 43.64 -9.46
CA ASP D 167 32.19 42.69 -10.56
C ASP D 167 33.50 42.91 -11.31
N ASN D 168 34.12 44.09 -11.13
CA ASN D 168 35.48 44.30 -11.64
C ASN D 168 36.50 43.50 -10.85
N LEU D 169 36.14 43.07 -9.63
CA LEU D 169 37.05 42.33 -8.77
C LEU D 169 36.58 40.90 -8.50
N SER D 170 35.73 40.33 -9.35
CA SER D 170 35.24 38.98 -9.11
C SER D 170 36.33 37.94 -9.31
N ASP D 171 37.27 38.20 -10.23
CA ASP D 171 38.39 37.28 -10.41
C ASP D 171 39.34 37.35 -9.22
N PHE D 172 39.59 38.56 -8.72
CA PHE D 172 40.35 38.74 -7.48
C PHE D 172 39.69 38.02 -6.31
N ARG D 173 38.37 38.11 -6.21
CA ARG D 173 37.66 37.49 -5.11
C ARG D 173 37.70 35.97 -5.20
N GLU D 174 37.60 35.43 -6.42
CA GLU D 174 37.73 33.99 -6.58
C GLU D 174 39.15 33.52 -6.27
N GLU D 175 40.15 34.34 -6.57
CA GLU D 175 41.53 33.98 -6.25
C GLU D 175 41.78 33.94 -4.74
N VAL D 176 41.30 34.97 -4.02
CA VAL D 176 41.45 34.97 -2.57
C VAL D 176 40.62 33.88 -1.92
N SER D 177 39.43 33.61 -2.46
CA SER D 177 38.60 32.54 -1.91
C SER D 177 39.26 31.19 -2.07
N ARG D 178 39.86 30.93 -3.23
CA ARG D 178 40.51 29.64 -3.44
C ARG D 178 41.78 29.52 -2.62
N ARG D 179 42.54 30.62 -2.47
CA ARG D 179 43.79 30.56 -1.72
C ARG D 179 43.53 30.35 -0.23
N LEU D 180 42.56 31.08 0.32
CA LEU D 180 42.30 30.95 1.75
C LEU D 180 41.52 29.67 2.06
N ARG D 181 40.71 29.19 1.12
CA ARG D 181 40.09 27.89 1.32
C ARG D 181 41.13 26.78 1.23
N TYR D 182 42.16 26.98 0.42
CA TYR D 182 43.31 26.07 0.42
C TYR D 182 43.98 26.05 1.77
N GLU D 183 44.26 27.23 2.33
CA GLU D 183 44.97 27.28 3.60
C GLU D 183 44.11 26.73 4.73
N SER D 184 42.79 26.88 4.61
CA SER D 184 41.86 26.27 5.56
C SER D 184 41.90 24.76 5.50
N GLN D 185 41.74 24.19 4.30
CA GLN D 185 41.70 22.75 4.19
C GLN D 185 43.06 22.13 4.44
N LEU D 186 44.14 22.88 4.16
CA LEU D 186 45.47 22.41 4.49
C LEU D 186 45.68 22.38 5.99
N PHE D 187 45.21 23.41 6.69
CA PHE D 187 45.28 23.40 8.15
C PHE D 187 44.41 22.29 8.73
N GLY D 188 43.27 22.02 8.11
CA GLY D 188 42.40 20.96 8.60
C GLY D 188 42.99 19.57 8.39
N TRP D 189 43.63 19.35 7.24
CA TRP D 189 44.24 18.06 6.99
C TRP D 189 45.49 17.87 7.82
N LEU D 190 46.30 18.90 8.00
CA LEU D 190 47.47 18.75 8.87
C LEU D 190 47.05 18.60 10.33
N LEU D 191 45.90 19.16 10.70
CA LEU D 191 45.39 18.97 12.04
C LEU D 191 44.93 17.55 12.27
N ILE D 192 44.15 16.99 11.34
CA ILE D 192 43.68 15.63 11.52
C ILE D 192 44.84 14.64 11.37
N GLY D 193 45.89 15.04 10.65
CA GLY D 193 47.08 14.22 10.57
C GLY D 193 47.84 14.16 11.87
N VAL D 194 48.09 15.33 12.49
CA VAL D 194 48.84 15.33 13.74
C VAL D 194 47.99 14.78 14.87
N VAL D 195 46.67 14.87 14.76
CA VAL D 195 45.80 14.26 15.75
C VAL D 195 45.83 12.75 15.62
N ALA D 196 45.91 12.24 14.38
CA ALA D 196 46.01 10.80 14.19
C ALA D 196 47.34 10.27 14.70
N ILE D 197 48.44 10.98 14.44
CA ILE D 197 49.71 10.44 14.90
C ILE D 197 49.88 10.62 16.40
N LEU D 198 49.18 11.63 16.94
CA LEU D 198 49.14 11.88 18.41
C LEU D 198 48.37 10.72 19.08
N VAL D 199 47.22 10.34 18.49
CA VAL D 199 46.42 9.21 18.97
C VAL D 199 47.24 7.93 18.92
N PHE D 200 48.01 7.76 17.84
CA PHE D 200 48.86 6.59 17.69
C PHE D 200 49.98 6.56 18.73
N LEU D 201 50.63 7.69 18.97
CA LEU D 201 51.72 7.68 19.94
C LEU D 201 51.22 7.61 21.37
N THR D 202 50.01 8.13 21.64
CA THR D 202 49.49 7.99 22.99
C THR D 202 49.11 6.55 23.26
N LYS D 203 48.55 5.86 22.25
CA LYS D 203 48.24 4.44 22.43
C LYS D 203 49.52 3.61 22.57
N CYS D 204 50.56 3.96 21.81
CA CYS D 204 51.80 3.21 21.89
C CYS D 204 52.52 3.43 23.21
N LEU D 205 52.52 4.67 23.70
CA LEU D 205 53.19 4.93 24.98
C LEU D 205 52.35 4.44 26.15
N LYS D 206 51.03 4.37 25.98
CA LYS D 206 50.21 3.76 27.01
C LYS D 206 50.48 2.27 27.10
N HIS D 207 50.59 1.59 25.96
CA HIS D 207 50.83 0.15 25.98
C HIS D 207 52.27 -0.14 26.39
N TYR D 208 53.19 0.77 26.10
CA TYR D 208 54.59 0.53 26.45
C TYR D 208 54.84 0.86 27.92
N CYS D 209 54.09 1.80 28.48
CA CYS D 209 54.41 2.28 29.82
C CYS D 209 53.35 1.84 30.83
N SER D 210 52.47 0.95 30.43
CA SER D 210 51.60 0.31 31.40
C SER D 210 52.37 -0.79 32.11
N PRO D 211 52.16 -0.98 33.41
CA PRO D 211 52.87 -2.09 34.09
C PRO D 211 52.27 -3.44 33.74
N LEU D 212 50.95 -3.49 33.57
CA LEU D 212 50.29 -4.72 33.23
C LEU D 212 50.13 -4.84 31.72
N SER D 213 49.80 -6.04 31.27
CA SER D 213 49.75 -6.32 29.85
C SER D 213 48.53 -5.70 29.20
N TYR D 214 48.36 -5.96 27.90
CA TYR D 214 47.24 -5.36 27.20
C TYR D 214 46.02 -6.26 27.26
N ARG D 215 46.22 -7.56 27.42
CA ARG D 215 45.08 -8.44 27.62
C ARG D 215 44.50 -8.27 29.01
N GLN D 216 45.38 -8.05 29.99
CA GLN D 216 44.90 -7.76 31.33
C GLN D 216 44.28 -6.38 31.40
N GLU D 217 44.77 -5.45 30.59
CA GLU D 217 44.13 -4.13 30.56
C GLU D 217 42.77 -4.21 29.88
N ALA D 218 42.60 -5.13 28.95
CA ALA D 218 41.28 -5.33 28.36
C ALA D 218 40.34 -5.99 29.35
N TYR D 219 40.87 -6.90 30.16
CA TYR D 219 40.07 -7.50 31.23
C TYR D 219 39.71 -6.47 32.28
N TRP D 220 40.64 -5.56 32.58
CA TRP D 220 40.39 -4.49 33.53
C TRP D 220 39.32 -3.55 33.02
N ALA D 221 39.34 -3.26 31.72
CA ALA D 221 38.30 -2.41 31.15
C ALA D 221 36.94 -3.09 31.19
N GLN D 222 36.92 -4.41 30.95
CA GLN D 222 35.67 -5.14 31.04
C GLN D 222 35.18 -5.22 32.47
N TYR D 223 36.11 -5.31 33.42
CA TYR D 223 35.73 -5.31 34.83
C TYR D 223 35.15 -3.98 35.23
N ARG D 224 35.77 -2.88 34.80
CA ARG D 224 35.31 -1.57 35.20
C ARG D 224 33.95 -1.29 34.60
N ALA D 225 33.71 -1.75 33.37
CA ALA D 225 32.39 -1.58 32.79
C ALA D 225 31.35 -2.41 33.51
N ASN D 226 31.68 -3.67 33.83
CA ASN D 226 30.75 -4.53 34.55
C ASN D 226 30.50 -4.04 35.95
N GLU D 227 31.52 -3.47 36.58
CA GLU D 227 31.37 -3.06 37.97
C GLU D 227 30.59 -1.77 38.07
N ASP D 228 30.80 -0.84 37.14
CA ASP D 228 29.99 0.38 37.15
C ASP D 228 28.55 0.09 36.78
N GLN D 229 28.32 -0.84 35.85
CA GLN D 229 26.94 -1.16 35.49
C GLN D 229 26.23 -1.90 36.61
N LEU D 230 26.90 -2.88 37.22
CA LEU D 230 26.30 -3.62 38.31
C LEU D 230 26.11 -2.74 39.53
N PHE D 231 27.01 -1.79 39.73
CA PHE D 231 26.91 -0.92 40.89
C PHE D 231 25.78 0.08 40.73
N GLN D 232 25.59 0.63 39.53
CA GLN D 232 24.46 1.52 39.30
C GLN D 232 23.14 0.78 39.43
N ARG D 233 23.09 -0.46 38.94
CA ARG D 233 21.85 -1.22 39.03
C ARG D 233 21.52 -1.56 40.47
N THR D 234 22.49 -2.04 41.23
CA THR D 234 22.15 -2.42 42.59
C THR D 234 22.09 -1.21 43.51
N ALA D 235 22.63 -0.07 43.09
CA ALA D 235 22.42 1.14 43.89
C ALA D 235 21.01 1.65 43.69
N GLU D 236 20.50 1.57 42.46
CA GLU D 236 19.10 1.90 42.21
C GLU D 236 18.17 0.97 42.96
N VAL D 237 18.50 -0.33 42.98
CA VAL D 237 17.62 -1.30 43.64
C VAL D 237 17.69 -1.15 45.16
N HIS D 238 18.89 -0.95 45.70
CA HIS D 238 19.08 -0.79 47.13
C HIS D 238 18.43 0.50 47.62
N SER D 239 18.50 1.56 46.81
CA SER D 239 17.85 2.80 47.17
C SER D 239 16.34 2.66 47.09
N ARG D 240 15.85 1.85 46.15
CA ARG D 240 14.42 1.62 46.05
C ARG D 240 13.89 0.84 47.23
N VAL D 241 14.65 -0.13 47.72
CA VAL D 241 14.15 -0.91 48.86
C VAL D 241 14.27 -0.10 50.14
N LEU D 242 15.27 0.78 50.23
CA LEU D 242 15.35 1.67 51.38
C LEU D 242 14.23 2.69 51.37
N ALA D 243 13.90 3.20 50.18
CA ALA D 243 12.78 4.12 50.05
C ALA D 243 11.47 3.45 50.37
N ALA D 244 11.32 2.18 49.99
CA ALA D 244 10.12 1.45 50.33
C ALA D 244 10.02 1.20 51.83
N ASN D 245 11.15 0.99 52.49
CA ASN D 245 11.11 0.82 53.95
C ASN D 245 10.66 2.10 54.64
N ASN D 246 11.17 3.25 54.18
CA ASN D 246 10.80 4.51 54.81
C ASN D 246 9.35 4.87 54.51
N VAL D 247 8.92 4.63 53.28
CA VAL D 247 7.55 4.89 52.86
C VAL D 247 6.57 4.01 53.60
N ARG D 248 6.90 2.73 53.78
CA ARG D 248 6.07 1.83 54.57
C ARG D 248 6.03 2.25 56.03
N ARG D 249 7.12 2.81 56.54
CA ARG D 249 7.09 3.32 57.89
C ARG D 249 6.19 4.54 58.00
N PHE D 250 6.02 5.27 56.90
CA PHE D 250 5.13 6.42 56.93
C PHE D 250 3.67 6.01 56.84
N PHE D 251 3.30 5.34 55.76
CA PHE D 251 1.90 5.06 55.48
C PHE D 251 1.39 3.76 56.04
N GLY D 252 2.25 2.78 56.27
CA GLY D 252 1.80 1.47 56.64
C GLY D 252 1.93 0.44 55.54
N PHE D 253 2.15 0.86 54.31
CA PHE D 253 2.30 -0.02 53.17
C PHE D 253 3.00 0.76 52.08
N VAL D 254 3.34 0.07 50.99
CA VAL D 254 3.91 0.71 49.81
C VAL D 254 3.13 0.23 48.60
N ALA D 255 2.77 1.15 47.72
CA ALA D 255 2.22 0.76 46.43
C ALA D 255 3.39 0.39 45.52
N LEU D 256 3.68 -0.89 45.45
CA LEU D 256 4.74 -1.41 44.61
C LEU D 256 4.14 -2.03 43.36
N ASN D 257 4.93 -2.05 42.29
CA ASN D 257 4.59 -2.86 41.13
C ASN D 257 4.88 -4.33 41.43
N LYS D 258 4.68 -5.18 40.43
CA LYS D 258 4.97 -6.60 40.62
C LYS D 258 6.48 -6.82 40.68
N ASP D 259 7.22 -6.16 39.78
CA ASP D 259 8.68 -6.23 39.82
C ASP D 259 9.24 -5.62 41.08
N ASP D 260 8.65 -4.53 41.55
CA ASP D 260 9.12 -3.91 42.78
C ASP D 260 8.81 -4.77 43.99
N GLU D 261 7.68 -5.48 43.98
CA GLU D 261 7.37 -6.40 45.07
C GLU D 261 8.34 -7.56 45.06
N GLU D 262 8.77 -7.99 43.87
CA GLU D 262 9.84 -8.98 43.77
C GLU D 262 11.15 -8.45 44.33
N LEU D 263 11.43 -7.16 44.12
CA LEU D 263 12.66 -6.58 44.66
C LEU D 263 12.62 -6.50 46.17
N ILE D 264 11.46 -6.16 46.75
CA ILE D 264 11.36 -6.14 48.22
C ILE D 264 11.43 -7.55 48.77
N ALA D 265 10.94 -8.54 48.00
CA ALA D 265 11.03 -9.92 48.41
C ALA D 265 12.47 -10.41 48.45
N ASN D 266 13.22 -10.17 47.37
CA ASN D 266 14.55 -10.75 47.24
C ASN D 266 15.56 -10.07 48.15
N PHE D 267 15.64 -8.75 48.10
CA PHE D 267 16.75 -8.01 48.70
C PHE D 267 16.26 -7.18 49.87
N PRO D 268 16.48 -7.59 51.09
CA PRO D 268 16.12 -6.75 52.24
C PRO D 268 17.25 -5.82 52.65
N VAL D 269 16.92 -4.68 53.26
CA VAL D 269 17.90 -3.83 53.92
C VAL D 269 17.56 -3.70 55.38
N GLU D 270 18.59 -3.76 56.22
CA GLU D 270 18.47 -3.23 57.56
C GLU D 270 18.91 -1.77 57.61
N GLY D 271 19.96 -1.44 56.89
CA GLY D 271 20.43 -0.07 56.82
C GLY D 271 21.39 0.11 55.67
N THR D 272 21.65 1.37 55.36
CA THR D 272 22.58 1.69 54.29
C THR D 272 24.02 1.72 54.80
N GLN D 273 24.93 2.10 53.91
CA GLN D 273 26.34 1.95 54.18
C GLN D 273 26.93 3.27 54.65
N PRO D 274 27.90 3.23 55.56
CA PRO D 274 28.42 4.48 56.14
C PRO D 274 29.20 5.30 55.14
N ARG D 275 29.32 6.58 55.46
CA ARG D 275 30.03 7.51 54.59
C ARG D 275 31.53 7.22 54.43
N PRO D 276 32.31 6.79 55.44
CA PRO D 276 33.70 6.43 55.14
C PRO D 276 33.84 5.23 54.23
N GLN D 277 32.87 4.32 54.24
CA GLN D 277 32.91 3.19 53.32
C GLN D 277 32.65 3.63 51.88
N TRP D 278 31.70 4.55 51.70
CA TRP D 278 31.48 5.18 50.40
C TRP D 278 32.68 5.97 49.95
N ASN D 279 33.41 6.57 50.90
CA ASN D 279 34.63 7.27 50.55
C ASN D 279 35.72 6.30 50.16
N ALA D 280 35.72 5.13 50.79
CA ALA D 280 36.76 4.14 50.52
C ALA D 280 36.62 3.57 49.12
N ILE D 281 35.40 3.44 48.62
CA ILE D 281 35.27 2.85 47.29
C ILE D 281 35.31 3.92 46.20
N THR D 282 35.47 5.18 46.58
CA THR D 282 35.48 6.24 45.57
C THR D 282 36.88 6.83 45.44
N GLY D 283 37.17 7.36 44.28
CA GLY D 283 38.46 7.96 44.03
C GLY D 283 39.09 7.35 42.79
N VAL D 284 40.30 7.82 42.50
CA VAL D 284 41.04 7.28 41.37
C VAL D 284 41.78 6.03 41.83
N TYR D 285 41.92 5.07 40.93
CA TYR D 285 42.54 3.79 41.24
C TYR D 285 43.78 3.56 40.41
N LEU D 286 44.85 3.08 41.06
CA LEU D 286 46.15 2.97 40.41
C LEU D 286 46.74 1.57 40.44
N TYR D 287 45.91 0.52 40.36
CA TYR D 287 46.34 -0.88 40.22
C TYR D 287 47.27 -1.34 41.35
N ARG D 288 46.71 -1.54 42.53
CA ARG D 288 47.46 -2.23 43.55
C ARG D 288 47.39 -3.73 43.33
N GLU D 289 48.16 -4.46 44.13
CA GLU D 289 48.10 -5.92 44.17
C GLU D 289 48.19 -6.37 45.61
N ASN D 290 47.20 -7.13 46.07
CA ASN D 290 47.19 -7.67 47.41
C ASN D 290 47.67 -9.10 47.37
N GLN D 291 48.87 -9.33 47.93
CA GLN D 291 49.52 -10.65 48.02
C GLN D 291 49.67 -11.32 46.65
N GLY D 292 50.12 -10.56 45.67
CA GLY D 292 50.33 -11.09 44.34
C GLY D 292 49.12 -11.12 43.45
N LEU D 293 47.91 -11.17 44.01
CA LEU D 293 46.71 -11.16 43.21
C LEU D 293 46.33 -9.72 42.90
N PRO D 294 45.84 -9.44 41.71
CA PRO D 294 45.56 -8.05 41.34
C PRO D 294 44.22 -7.59 41.86
N LEU D 295 44.15 -6.29 42.11
CA LEU D 295 42.91 -5.61 42.47
C LEU D 295 42.62 -4.59 41.40
N TYR D 296 41.39 -4.53 40.93
CA TYR D 296 41.08 -3.78 39.74
C TYR D 296 40.26 -2.53 39.99
N SER D 297 39.84 -2.27 41.21
CA SER D 297 39.15 -1.03 41.55
C SER D 297 39.27 -0.81 43.04
N ARG D 298 38.81 0.36 43.48
CA ARG D 298 38.78 0.64 44.90
C ARG D 298 37.70 -0.18 45.59
N LEU D 299 36.64 -0.50 44.87
CA LEU D 299 35.63 -1.41 45.41
C LEU D 299 36.19 -2.81 45.54
N HIS D 300 37.02 -3.23 44.58
CA HIS D 300 37.63 -4.54 44.67
C HIS D 300 38.67 -4.58 45.77
N LYS D 301 39.43 -3.50 45.93
CA LYS D 301 40.40 -3.42 47.02
C LYS D 301 39.71 -3.39 48.37
N TRP D 302 38.57 -2.72 48.45
CA TRP D 302 37.82 -2.65 49.69
C TRP D 302 37.20 -3.99 50.02
N ALA D 303 36.71 -4.71 49.01
CA ALA D 303 36.08 -6.00 49.25
C ALA D 303 37.12 -7.05 49.64
N GLN D 304 38.32 -6.97 49.07
CA GLN D 304 39.38 -7.86 49.51
C GLN D 304 39.93 -7.44 50.86
N GLY D 305 39.76 -6.16 51.21
CA GLY D 305 40.28 -5.69 52.48
C GLY D 305 39.50 -6.19 53.68
N LEU D 306 38.31 -6.73 53.44
CA LEU D 306 37.52 -7.31 54.52
C LEU D 306 37.86 -8.79 54.68
N SER E 13 20.61 0.45 18.54
CA SER E 13 20.01 -0.18 17.37
C SER E 13 21.00 -0.31 16.24
N LEU E 14 22.28 -0.05 16.54
CA LEU E 14 23.31 -0.15 15.51
C LEU E 14 23.57 -1.59 15.11
N PHE E 15 23.80 -2.46 16.10
CA PHE E 15 24.01 -3.88 15.81
C PHE E 15 22.73 -4.53 15.31
N PHE E 16 21.58 -4.05 15.79
CA PHE E 16 20.30 -4.63 15.37
C PHE E 16 20.00 -4.32 13.90
N LYS E 17 20.18 -3.07 13.48
CA LYS E 17 19.93 -2.71 12.10
C LYS E 17 21.04 -3.22 11.18
N SER E 18 22.26 -3.34 11.71
CA SER E 18 23.37 -3.85 10.90
C SER E 18 23.25 -5.36 10.73
N LYS E 19 22.59 -6.05 11.67
CA LYS E 19 22.42 -7.48 11.53
C LYS E 19 21.09 -7.82 10.86
N ASP E 20 20.04 -7.06 11.17
CA ASP E 20 18.72 -7.27 10.58
C ASP E 20 18.23 -5.91 10.09
N VAL E 21 18.19 -5.73 8.78
CA VAL E 21 18.04 -4.39 8.22
C VAL E 21 16.57 -3.99 8.15
N MET E 22 16.29 -2.78 8.66
CA MET E 22 15.08 -2.04 8.32
C MET E 22 15.29 -1.49 6.92
N ILE E 23 14.21 -0.97 6.31
CA ILE E 23 13.99 -0.90 4.85
C ILE E 23 15.17 -0.32 4.08
N PHE E 24 15.70 -1.12 3.15
CA PHE E 24 17.04 -0.85 2.62
C PHE E 24 17.01 0.24 1.56
N ASN E 25 15.83 0.53 1.00
CA ASN E 25 15.70 1.68 0.12
C ASN E 25 15.85 2.98 0.91
N GLY E 26 15.12 3.10 2.02
CA GLY E 26 15.30 4.26 2.88
C GLY E 26 16.65 4.30 3.55
N LEU E 27 17.21 3.12 3.86
CA LEU E 27 18.55 3.05 4.43
C LEU E 27 19.60 3.53 3.44
N VAL E 28 19.48 3.12 2.17
CA VAL E 28 20.42 3.57 1.15
C VAL E 28 20.21 5.04 0.83
N ALA E 29 18.98 5.53 0.98
CA ALA E 29 18.73 6.96 0.77
C ALA E 29 19.33 7.80 1.87
N LEU E 30 19.21 7.37 3.13
CA LEU E 30 19.83 8.09 4.24
C LEU E 30 21.35 7.97 4.19
N GLY E 31 21.85 6.84 3.68
CA GLY E 31 23.28 6.72 3.46
C GLY E 31 23.77 7.61 2.33
N THR E 32 22.93 7.82 1.32
CA THR E 32 23.28 8.75 0.25
C THR E 32 23.26 10.19 0.75
N VAL E 33 22.34 10.52 1.66
CA VAL E 33 22.30 11.87 2.23
C VAL E 33 23.51 12.13 3.13
N GLY E 34 23.83 11.16 4.00
CA GLY E 34 25.02 11.29 4.82
C GLY E 34 26.30 11.28 4.00
N SER E 35 26.32 10.51 2.92
CA SER E 35 27.47 10.52 2.01
C SER E 35 27.57 11.85 1.27
N GLN E 36 26.42 12.47 0.97
CA GLN E 36 26.43 13.79 0.34
C GLN E 36 27.03 14.83 1.27
N GLU E 37 26.59 14.82 2.54
CA GLU E 37 27.09 15.77 3.58
C GLU E 37 28.56 15.55 3.93
N LEU E 38 29.00 14.30 4.09
CA LEU E 38 30.38 13.99 4.46
C LEU E 38 31.33 14.09 3.27
N PHE E 39 30.87 13.73 2.07
CA PHE E 39 31.69 13.87 0.89
C PHE E 39 31.70 15.31 0.40
N SER E 40 30.74 16.12 0.87
CA SER E 40 30.82 17.55 0.62
C SER E 40 31.88 18.18 1.49
N VAL E 41 32.04 17.69 2.72
CA VAL E 41 33.04 18.32 3.58
C VAL E 41 34.44 17.83 3.27
N VAL E 42 34.57 16.71 2.52
CA VAL E 42 35.90 16.25 2.11
C VAL E 42 36.13 16.35 0.61
N ALA E 43 35.27 17.09 -0.10
CA ALA E 43 35.41 17.19 -1.55
C ALA E 43 36.67 17.94 -1.93
N PHE E 44 37.28 17.52 -3.03
CA PHE E 44 38.57 18.06 -3.46
C PHE E 44 38.33 19.43 -4.09
N HIS E 45 38.86 20.46 -3.44
CA HIS E 45 38.79 21.79 -4.01
C HIS E 45 40.20 22.27 -4.35
N CYS E 46 40.51 22.28 -5.64
CA CYS E 46 41.87 22.56 -6.07
C CYS E 46 42.20 24.03 -5.92
N PRO E 47 43.29 24.38 -5.25
CA PRO E 47 43.77 25.76 -5.26
C PRO E 47 44.45 26.05 -6.58
N CYS E 48 43.78 26.77 -7.45
CA CYS E 48 44.33 27.02 -8.76
C CYS E 48 45.40 28.12 -8.64
N SER E 49 46.58 27.70 -8.20
CA SER E 49 47.71 28.56 -7.93
C SER E 49 48.97 27.72 -7.92
N PRO E 50 50.08 28.25 -8.42
CA PRO E 50 51.31 27.47 -8.47
C PRO E 50 51.93 27.32 -7.10
N ALA E 51 52.73 26.25 -6.94
CA ALA E 51 53.48 25.91 -5.73
C ALA E 51 52.58 25.67 -4.53
N ARG E 52 51.30 25.47 -4.77
CA ARG E 52 50.29 25.53 -3.72
C ARG E 52 49.33 24.37 -3.90
N ASN E 53 49.22 23.89 -5.14
CA ASN E 53 48.21 22.89 -5.42
C ASN E 53 48.76 21.49 -5.32
N TYR E 54 50.08 21.32 -5.50
CA TYR E 54 50.64 20.01 -5.23
C TYR E 54 50.72 19.77 -3.74
N LEU E 55 50.90 20.84 -2.96
CA LEU E 55 50.84 20.73 -1.51
C LEU E 55 49.44 20.34 -1.06
N TYR E 56 48.42 20.86 -1.73
CA TYR E 56 47.06 20.48 -1.37
C TYR E 56 46.74 19.06 -1.82
N GLY E 57 47.23 18.66 -2.99
CA GLY E 57 47.03 17.29 -3.42
C GLY E 57 47.72 16.30 -2.49
N LEU E 58 48.95 16.63 -2.09
CA LEU E 58 49.69 15.80 -1.15
C LEU E 58 49.00 15.74 0.20
N ALA E 59 48.47 16.86 0.69
CA ALA E 59 47.75 16.83 1.95
C ALA E 59 46.45 16.04 1.84
N ALA E 60 45.58 16.41 0.90
CA ALA E 60 44.24 15.85 0.85
C ALA E 60 44.24 14.40 0.36
N ILE E 61 45.37 13.90 -0.13
CA ILE E 61 45.42 12.49 -0.45
C ILE E 61 46.27 11.73 0.56
N GLY E 62 47.50 12.18 0.82
CA GLY E 62 48.38 11.41 1.67
C GLY E 62 48.02 11.48 3.14
N VAL E 63 47.23 12.48 3.54
CA VAL E 63 46.78 12.56 4.92
C VAL E 63 45.62 11.62 5.20
N PRO E 64 44.59 11.46 4.35
CA PRO E 64 43.68 10.33 4.57
C PRO E 64 44.36 8.98 4.39
N ALA E 65 45.39 8.91 3.55
CA ALA E 65 46.21 7.70 3.48
C ALA E 65 46.91 7.45 4.80
N LEU E 66 47.54 8.47 5.37
CA LEU E 66 48.26 8.28 6.63
C LEU E 66 47.29 8.00 7.77
N VAL E 67 46.10 8.59 7.73
CA VAL E 67 45.09 8.34 8.75
C VAL E 67 44.60 6.90 8.69
N LEU E 68 44.32 6.41 7.48
CA LEU E 68 43.85 5.03 7.34
C LEU E 68 44.97 4.04 7.65
N PHE E 69 46.21 4.42 7.38
CA PHE E 69 47.34 3.58 7.73
C PHE E 69 47.53 3.50 9.23
N ILE E 70 47.39 4.64 9.92
CA ILE E 70 47.48 4.69 11.37
C ILE E 70 46.35 3.87 12.00
N ILE E 71 45.14 4.01 11.46
CA ILE E 71 43.97 3.27 11.95
C ILE E 71 44.17 1.78 11.77
N GLY E 72 44.75 1.38 10.64
CA GLY E 72 45.03 -0.03 10.41
C GLY E 72 46.11 -0.58 11.34
N ILE E 73 47.04 0.28 11.74
CA ILE E 73 48.03 -0.17 12.73
C ILE E 73 47.39 -0.29 14.11
N ILE E 74 46.51 0.66 14.44
CA ILE E 74 45.86 0.70 15.75
C ILE E 74 44.94 -0.50 15.96
N LEU E 75 44.08 -0.79 14.99
CA LEU E 75 43.07 -1.82 15.20
C LEU E 75 43.66 -3.22 15.09
N ASN E 76 44.85 -3.35 14.52
CA ASN E 76 45.51 -4.64 14.49
C ASN E 76 46.09 -4.96 15.85
N ASN E 77 45.68 -6.09 16.42
CA ASN E 77 46.12 -6.43 17.77
C ASN E 77 47.51 -7.04 17.76
N HIS E 78 48.01 -7.40 16.58
CA HIS E 78 49.39 -7.87 16.48
C HIS E 78 50.38 -6.75 16.76
N THR E 79 49.95 -5.50 16.53
CA THR E 79 50.73 -4.34 16.94
C THR E 79 50.99 -4.36 18.43
N TRP E 80 49.95 -4.62 19.20
CA TRP E 80 50.09 -4.58 20.65
C TRP E 80 50.71 -5.86 21.17
N ASN E 81 50.58 -6.95 20.42
CA ASN E 81 51.32 -8.17 20.77
C ASN E 81 52.82 -7.95 20.59
N LEU E 82 53.22 -7.27 19.52
CA LEU E 82 54.64 -7.01 19.30
C LEU E 82 55.17 -5.99 20.29
N VAL E 83 54.34 -4.98 20.61
CA VAL E 83 54.78 -3.98 21.56
C VAL E 83 54.84 -4.57 22.97
N ALA E 84 54.03 -5.59 23.24
CA ALA E 84 54.10 -6.25 24.53
C ALA E 84 55.30 -7.17 24.59
N GLU E 85 55.66 -7.78 23.46
CA GLU E 85 56.86 -8.59 23.39
C GLU E 85 58.10 -7.75 23.66
N CYS E 86 58.23 -6.61 22.98
CA CYS E 86 59.40 -5.77 23.21
C CYS E 86 59.30 -5.04 24.54
N GLN E 87 58.09 -4.93 25.10
CA GLN E 87 57.94 -4.28 26.38
C GLN E 87 58.37 -5.18 27.53
N HIS E 88 57.71 -6.32 27.71
CA HIS E 88 57.97 -7.11 28.92
C HIS E 88 58.90 -8.29 28.63
N ARG E 89 58.95 -8.74 27.38
CA ARG E 89 59.98 -9.73 27.03
C ARG E 89 61.36 -9.08 27.11
N ARG E 90 61.49 -7.86 26.59
CA ARG E 90 62.47 -6.84 26.94
C ARG E 90 63.93 -7.26 26.75
N THR E 91 64.20 -8.39 26.09
CA THR E 91 65.56 -8.87 25.90
C THR E 91 65.78 -9.45 24.51
N LYS E 92 64.95 -9.04 23.53
CA LYS E 92 64.87 -9.65 22.19
C LYS E 92 64.66 -11.16 22.28
N ASN E 93 63.59 -11.56 22.97
CA ASN E 93 63.23 -12.97 23.05
C ASN E 93 62.83 -13.50 21.68
N CYS E 94 61.93 -12.79 21.00
CA CYS E 94 61.78 -12.96 19.57
C CYS E 94 62.81 -12.08 18.86
N SER E 95 63.57 -12.68 17.95
CA SER E 95 64.70 -12.01 17.35
C SER E 95 64.26 -11.04 16.25
N ALA E 96 65.23 -10.57 15.47
CA ALA E 96 64.95 -9.55 14.46
C ALA E 96 64.13 -10.12 13.30
N ALA E 97 64.27 -11.42 13.02
CA ALA E 97 63.50 -12.03 11.94
C ALA E 97 62.04 -12.32 12.32
N PRO E 98 61.69 -12.83 13.51
CA PRO E 98 60.24 -12.89 13.85
C PRO E 98 59.62 -11.51 14.01
N THR E 99 60.39 -10.55 14.52
CA THR E 99 59.92 -9.16 14.58
C THR E 99 59.68 -8.60 13.18
N PHE E 100 60.54 -8.97 12.23
CA PHE E 100 60.38 -8.48 10.87
C PHE E 100 59.17 -9.13 10.19
N LEU E 101 58.94 -10.42 10.44
CA LEU E 101 57.77 -11.09 9.86
C LEU E 101 56.47 -10.56 10.44
N LEU E 102 56.44 -10.34 11.76
CA LEU E 102 55.26 -9.78 12.40
C LEU E 102 55.00 -8.37 11.93
N LEU E 103 56.05 -7.55 11.83
CA LEU E 103 55.93 -6.18 11.34
C LEU E 103 55.43 -6.16 9.90
N SER E 104 55.89 -7.11 9.08
CA SER E 104 55.42 -7.18 7.69
C SER E 104 53.93 -7.50 7.63
N SER E 105 53.47 -8.43 8.48
CA SER E 105 52.04 -8.75 8.53
C SER E 105 51.21 -7.55 8.98
N ILE E 106 51.69 -6.84 10.01
CA ILE E 106 51.00 -5.67 10.53
C ILE E 106 50.92 -4.56 9.50
N LEU E 107 52.06 -4.22 8.89
CA LEU E 107 52.10 -3.14 7.92
C LEU E 107 51.30 -3.48 6.66
N GLY E 108 51.20 -4.76 6.32
CA GLY E 108 50.36 -5.12 5.19
C GLY E 108 48.88 -4.96 5.45
N ARG E 109 48.40 -5.48 6.58
CA ARG E 109 46.99 -5.34 6.89
C ARG E 109 46.63 -3.89 7.21
N ALA E 110 47.62 -3.10 7.64
CA ALA E 110 47.42 -1.66 7.74
C ALA E 110 47.31 -1.02 6.36
N ALA E 111 48.28 -1.29 5.48
CA ALA E 111 48.37 -0.61 4.19
C ALA E 111 47.40 -1.15 3.15
N VAL E 112 46.48 -2.02 3.54
CA VAL E 112 45.32 -2.28 2.68
C VAL E 112 44.58 -1.00 2.35
N ALA E 113 44.18 -0.23 3.37
CA ALA E 113 43.26 0.89 3.15
C ALA E 113 43.90 2.16 2.57
N PRO E 114 45.13 2.59 2.95
CA PRO E 114 45.69 3.75 2.24
C PRO E 114 46.00 3.50 0.79
N VAL E 115 46.39 2.27 0.45
CA VAL E 115 46.62 1.93 -0.96
C VAL E 115 45.31 1.99 -1.73
N THR E 116 44.22 1.55 -1.11
CA THR E 116 42.93 1.59 -1.79
C THR E 116 42.44 3.03 -1.95
N TRP E 117 42.71 3.87 -0.94
CA TRP E 117 42.36 5.28 -1.03
C TRP E 117 43.17 5.99 -2.09
N SER E 118 44.48 5.73 -2.15
CA SER E 118 45.32 6.42 -3.10
C SER E 118 45.07 5.93 -4.52
N VAL E 119 44.66 4.67 -4.66
CA VAL E 119 44.31 4.15 -5.97
C VAL E 119 43.00 4.77 -6.45
N ILE E 120 42.01 4.88 -5.57
CA ILE E 120 40.75 5.51 -5.96
C ILE E 120 40.97 6.98 -6.28
N SER E 121 41.86 7.64 -5.55
CA SER E 121 42.11 9.04 -5.80
C SER E 121 42.94 9.25 -7.06
N LEU E 122 43.76 8.27 -7.42
CA LEU E 122 44.52 8.37 -8.66
C LEU E 122 43.65 8.07 -9.86
N LEU E 123 42.68 7.17 -9.69
CA LEU E 123 41.79 6.83 -10.80
C LEU E 123 40.72 7.90 -10.97
N ARG E 124 40.47 8.65 -9.89
CA ARG E 124 39.60 9.85 -9.95
C ARG E 124 40.33 10.87 -10.82
N GLY E 125 41.65 10.99 -10.64
CA GLY E 125 42.51 11.84 -11.42
C GLY E 125 42.60 13.28 -10.96
N GLU E 126 41.70 13.73 -10.10
CA GLU E 126 41.54 15.15 -9.82
C GLU E 126 42.71 15.72 -9.03
N ALA E 127 43.25 14.92 -8.11
CA ALA E 127 44.40 15.36 -7.33
C ALA E 127 45.63 15.50 -8.20
N TYR E 128 45.71 14.71 -9.27
CA TYR E 128 46.93 14.73 -10.06
C TYR E 128 46.91 15.85 -11.09
N VAL E 129 45.76 16.13 -11.72
CA VAL E 129 45.67 17.31 -12.58
C VAL E 129 45.90 18.56 -11.76
N CYS E 130 45.34 18.58 -10.53
CA CYS E 130 45.54 19.72 -9.65
C CYS E 130 46.99 19.83 -9.23
N ALA E 131 47.66 18.72 -8.96
CA ALA E 131 49.00 18.77 -8.41
C ALA E 131 50.04 19.03 -9.48
N LEU E 132 49.76 18.69 -10.73
CA LEU E 132 50.78 18.83 -11.75
C LEU E 132 50.39 19.73 -12.90
N SER E 133 49.35 20.55 -12.75
CA SER E 133 49.04 21.54 -13.78
C SER E 133 50.18 22.51 -13.99
N GLU E 134 50.88 22.89 -12.92
CA GLU E 134 51.90 23.93 -13.03
C GLU E 134 53.20 23.38 -13.60
N PHE E 135 53.36 22.07 -13.61
CA PHE E 135 54.64 21.50 -14.05
C PHE E 135 54.59 21.14 -15.53
N VAL E 136 53.45 21.32 -16.17
CA VAL E 136 53.33 20.99 -17.58
C VAL E 136 54.11 21.99 -18.40
N ASP E 137 55.03 21.49 -19.23
CA ASP E 137 55.84 22.32 -20.10
C ASP E 137 54.97 22.98 -21.16
N PRO E 138 55.00 24.31 -21.25
CA PRO E 138 54.06 25.00 -22.16
C PRO E 138 54.38 24.81 -23.62
N SER E 139 55.64 24.52 -23.95
CA SER E 139 56.00 24.29 -25.35
C SER E 139 55.51 22.94 -25.83
N SER E 140 55.21 22.02 -24.91
CA SER E 140 54.79 20.67 -25.31
C SER E 140 53.31 20.61 -25.62
N LEU E 141 52.59 21.72 -25.53
CA LEU E 141 51.16 21.71 -25.79
C LEU E 141 50.87 21.76 -27.28
N THR E 142 49.77 21.14 -27.68
CA THR E 142 49.34 21.09 -29.07
C THR E 142 47.88 21.49 -29.16
N ALA E 143 47.31 21.28 -30.36
CA ALA E 143 45.90 21.46 -30.77
C ALA E 143 45.46 22.91 -30.79
N ARG E 144 46.37 23.87 -30.69
CA ARG E 144 46.05 25.29 -30.83
C ARG E 144 47.33 26.06 -31.12
N GLU E 145 47.18 27.36 -31.35
CA GLU E 145 48.33 28.23 -31.48
C GLU E 145 48.87 28.59 -30.11
N GLU E 146 50.20 28.54 -29.96
CA GLU E 146 50.85 28.68 -28.66
C GLU E 146 50.68 30.09 -28.12
N HIS E 147 49.91 30.21 -27.03
CA HIS E 147 49.58 31.50 -26.42
C HIS E 147 49.91 31.41 -24.93
N PHE E 148 51.16 31.69 -24.60
CA PHE E 148 51.63 31.61 -23.22
C PHE E 148 52.66 32.71 -22.95
N PRO E 149 52.32 33.74 -22.19
CA PRO E 149 53.36 34.64 -21.68
C PRO E 149 54.28 33.89 -20.73
N SER E 150 55.59 33.95 -21.00
CA SER E 150 56.54 33.18 -20.22
C SER E 150 56.68 33.72 -18.79
N ALA E 151 56.28 34.96 -18.57
CA ALA E 151 56.20 35.48 -17.21
C ALA E 151 55.04 34.82 -16.45
N HIS E 152 53.85 34.81 -17.04
CA HIS E 152 52.68 34.23 -16.42
C HIS E 152 52.40 32.81 -16.90
N ALA E 153 53.45 32.04 -17.18
CA ALA E 153 53.25 30.69 -17.69
C ALA E 153 52.71 29.76 -16.61
N THR E 154 53.44 29.65 -15.48
CA THR E 154 53.12 28.68 -14.44
C THR E 154 51.78 28.99 -13.79
N GLU E 155 51.41 30.27 -13.69
CA GLU E 155 50.16 30.61 -13.03
C GLU E 155 48.95 30.25 -13.88
N ILE E 156 49.02 30.53 -15.18
CA ILE E 156 47.89 30.19 -16.04
C ILE E 156 47.87 28.70 -16.32
N LEU E 157 49.01 28.03 -16.18
CA LEU E 157 49.01 26.57 -16.20
C LEU E 157 48.32 26.04 -14.95
N ALA E 158 48.66 26.56 -13.78
CA ALA E 158 48.11 26.07 -12.52
C ALA E 158 46.65 26.41 -12.35
N ARG E 159 46.13 27.37 -13.11
CA ARG E 159 44.73 27.72 -13.01
C ARG E 159 43.85 26.86 -13.90
N PHE E 160 44.45 25.94 -14.67
CA PHE E 160 43.67 25.05 -15.53
C PHE E 160 42.66 24.12 -14.84
N PRO E 161 42.95 23.43 -13.71
CA PRO E 161 41.97 22.45 -13.23
C PRO E 161 40.70 23.02 -12.65
N CYS E 162 40.61 24.34 -12.46
CA CYS E 162 39.35 24.93 -12.01
C CYS E 162 38.46 25.29 -13.18
N LYS E 163 38.83 24.87 -14.39
CA LYS E 163 38.27 25.34 -15.67
C LYS E 163 38.31 26.85 -15.78
N GLU E 164 39.37 27.47 -15.26
CA GLU E 164 39.51 28.92 -15.28
C GLU E 164 40.49 29.40 -16.33
N ASN E 165 40.68 28.64 -17.40
CA ASN E 165 41.44 29.11 -18.53
C ASN E 165 40.63 30.16 -19.29
N PRO E 166 41.29 31.02 -20.07
CA PRO E 166 40.56 31.82 -21.05
C PRO E 166 39.96 30.92 -22.12
N ASP E 167 38.92 31.43 -22.78
CA ASP E 167 38.25 30.66 -23.82
C ASP E 167 39.13 30.53 -25.06
N ASN E 168 40.15 31.40 -25.18
CA ASN E 168 41.16 31.22 -26.21
C ASN E 168 42.05 30.01 -25.91
N LEU E 169 42.09 29.57 -24.66
CA LEU E 169 42.92 28.46 -24.25
C LEU E 169 42.13 27.25 -23.79
N SER E 170 40.87 27.11 -24.19
CA SER E 170 40.07 25.98 -23.74
C SER E 170 40.54 24.67 -24.37
N ASP E 171 41.05 24.74 -25.60
CA ASP E 171 41.60 23.54 -26.23
C ASP E 171 42.90 23.12 -25.56
N PHE E 172 43.74 24.09 -25.22
CA PHE E 172 44.94 23.83 -24.43
C PHE E 172 44.59 23.22 -23.09
N ARG E 173 43.55 23.73 -22.43
CA ARG E 173 43.17 23.23 -21.11
C ARG E 173 42.63 21.82 -21.20
N GLU E 174 41.86 21.51 -22.25
CA GLU E 174 41.39 20.14 -22.44
C GLU E 174 42.54 19.20 -22.74
N GLU E 175 43.56 19.67 -23.45
CA GLU E 175 44.73 18.83 -23.74
C GLU E 175 45.51 18.51 -22.48
N VAL E 176 45.77 19.51 -21.64
CA VAL E 176 46.48 19.28 -20.38
C VAL E 176 45.65 18.44 -19.43
N SER E 177 44.33 18.65 -19.42
CA SER E 177 43.46 17.86 -18.55
C SER E 177 43.48 16.40 -18.95
N ARG E 178 43.42 16.11 -20.26
CA ARG E 178 43.43 14.73 -20.70
C ARG E 178 44.79 14.08 -20.49
N ARG E 179 45.88 14.83 -20.70
CA ARG E 179 47.22 14.27 -20.54
C ARG E 179 47.51 13.95 -19.08
N LEU E 180 47.17 14.86 -18.18
CA LEU E 180 47.48 14.64 -16.78
C LEU E 180 46.50 13.66 -16.14
N ARG E 181 45.25 13.60 -16.65
CA ARG E 181 44.35 12.57 -16.18
C ARG E 181 44.79 11.21 -16.68
N TYR E 182 45.41 11.16 -17.87
CA TYR E 182 46.05 9.93 -18.33
C TYR E 182 47.15 9.51 -17.39
N GLU E 183 48.03 10.44 -17.02
CA GLU E 183 49.16 10.07 -16.17
C GLU E 183 48.69 9.68 -14.78
N SER E 184 47.57 10.27 -14.34
CA SER E 184 46.96 9.89 -13.07
C SER E 184 46.42 8.47 -13.12
N GLN E 185 45.60 8.16 -14.12
CA GLN E 185 45.00 6.83 -14.19
C GLN E 185 46.04 5.78 -14.53
N LEU E 186 47.09 6.17 -15.25
CA LEU E 186 48.18 5.24 -15.51
C LEU E 186 48.95 4.93 -14.24
N PHE E 187 49.20 5.94 -13.41
CA PHE E 187 49.84 5.72 -12.12
C PHE E 187 48.94 4.88 -11.22
N GLY E 188 47.64 5.10 -11.29
CA GLY E 188 46.72 4.32 -10.46
C GLY E 188 46.65 2.86 -10.88
N TRP E 189 46.64 2.61 -12.19
CA TRP E 189 46.59 1.24 -12.66
C TRP E 189 47.91 0.52 -12.43
N LEU E 190 49.04 1.20 -12.63
CA LEU E 190 50.31 0.55 -12.33
C LEU E 190 50.48 0.34 -10.83
N LEU E 191 49.87 1.20 -10.02
CA LEU E 191 49.91 1.01 -8.58
C LEU E 191 49.09 -0.20 -8.16
N ILE E 192 47.87 -0.34 -8.67
CA ILE E 192 47.05 -1.48 -8.29
C ILE E 192 47.62 -2.76 -8.89
N GLY E 193 48.35 -2.64 -10.00
CA GLY E 193 49.03 -3.80 -10.56
C GLY E 193 50.18 -4.27 -9.70
N VAL E 194 51.04 -3.35 -9.26
CA VAL E 194 52.18 -3.77 -8.45
C VAL E 194 51.72 -4.17 -7.05
N VAL E 195 50.59 -3.63 -6.60
CA VAL E 195 50.05 -4.05 -5.32
C VAL E 195 49.48 -5.45 -5.44
N ALA E 196 48.87 -5.78 -6.58
CA ALA E 196 48.36 -7.13 -6.78
C ALA E 196 49.48 -8.14 -6.87
N ILE E 197 50.57 -7.80 -7.58
CA ILE E 197 51.63 -8.79 -7.70
C ILE E 197 52.44 -8.89 -6.40
N LEU E 198 52.43 -7.79 -5.64
CA LEU E 198 53.06 -7.75 -4.29
C LEU E 198 52.26 -8.66 -3.34
N VAL E 199 50.92 -8.57 -3.38
CA VAL E 199 50.05 -9.42 -2.60
C VAL E 199 50.25 -10.88 -2.97
N PHE E 200 50.40 -11.14 -4.27
CA PHE E 200 50.64 -12.49 -4.75
C PHE E 200 51.98 -13.03 -4.28
N LEU E 201 53.05 -12.23 -4.36
CA LEU E 201 54.35 -12.74 -3.94
C LEU E 201 54.48 -12.83 -2.43
N THR E 202 53.76 -11.98 -1.68
CA THR E 202 53.79 -12.13 -0.24
C THR E 202 53.07 -13.39 0.19
N LYS E 203 51.95 -13.71 -0.47
CA LYS E 203 51.25 -14.96 -0.16
C LYS E 203 52.09 -16.17 -0.56
N CYS E 204 52.78 -16.08 -1.70
CA CYS E 204 53.59 -17.22 -2.13
C CYS E 204 54.81 -17.42 -1.25
N LEU E 205 55.45 -16.33 -0.82
CA LEU E 205 56.61 -16.49 0.05
C LEU E 205 56.20 -16.83 1.47
N LYS E 206 55.00 -16.44 1.88
CA LYS E 206 54.49 -16.87 3.17
C LYS E 206 54.24 -18.37 3.16
N HIS E 207 53.61 -18.88 2.09
CA HIS E 207 53.32 -20.31 2.02
C HIS E 207 54.58 -21.12 1.79
N TYR E 208 55.57 -20.53 1.12
CA TYR E 208 56.80 -21.26 0.86
C TYR E 208 57.73 -21.24 2.07
N CYS E 209 57.65 -20.19 2.89
CA CYS E 209 58.62 -20.04 3.96
C CYS E 209 57.99 -20.24 5.32
N SER E 210 56.76 -20.73 5.35
CA SER E 210 56.18 -21.17 6.61
C SER E 210 56.73 -22.55 6.94
N PRO E 211 57.00 -22.85 8.21
CA PRO E 211 57.46 -24.21 8.54
C PRO E 211 56.33 -25.21 8.50
N LEU E 212 55.15 -24.80 8.91
CA LEU E 212 54.00 -25.69 8.89
C LEU E 212 53.23 -25.53 7.60
N SER E 213 52.34 -26.47 7.34
CA SER E 213 51.62 -26.53 6.08
C SER E 213 50.56 -25.45 6.00
N TYR E 214 49.81 -25.46 4.90
CA TYR E 214 48.80 -24.44 4.73
C TYR E 214 47.46 -24.87 5.32
N ARG E 215 47.23 -26.18 5.39
CA ARG E 215 46.03 -26.65 6.07
C ARG E 215 46.18 -26.49 7.57
N GLN E 216 47.37 -26.72 8.09
CA GLN E 216 47.61 -26.47 9.50
C GLN E 216 47.62 -24.99 9.80
N GLU E 217 48.03 -24.16 8.85
CA GLU E 217 47.95 -22.73 9.06
C GLU E 217 46.52 -22.25 9.03
N ALA E 218 45.65 -22.93 8.27
CA ALA E 218 44.24 -22.59 8.31
C ALA E 218 43.60 -23.03 9.61
N TYR E 219 44.05 -24.17 10.13
CA TYR E 219 43.59 -24.62 11.44
C TYR E 219 44.08 -23.68 12.54
N TRP E 220 45.30 -23.18 12.39
CA TRP E 220 45.86 -22.24 13.34
C TRP E 220 45.08 -20.93 13.32
N ALA E 221 44.69 -20.49 12.14
CA ALA E 221 43.89 -19.26 12.05
C ALA E 221 42.52 -19.46 12.67
N GLN E 222 41.94 -20.65 12.48
CA GLN E 222 40.66 -20.93 13.10
C GLN E 222 40.79 -21.04 14.61
N TYR E 223 41.91 -21.57 15.09
CA TYR E 223 42.16 -21.64 16.51
C TYR E 223 42.31 -20.26 17.10
N ARG E 224 43.06 -19.38 16.43
CA ARG E 224 43.29 -18.06 16.97
C ARG E 224 42.00 -17.26 17.00
N ALA E 225 41.14 -17.44 15.99
CA ALA E 225 39.85 -16.77 16.01
C ALA E 225 38.97 -17.31 17.14
N ASN E 226 38.93 -18.64 17.30
CA ASN E 226 38.12 -19.22 18.35
C ASN E 226 38.65 -18.87 19.72
N GLU E 227 39.97 -18.77 19.85
CA GLU E 227 40.54 -18.53 21.17
C GLU E 227 40.39 -17.08 21.57
N ASP E 228 40.53 -16.16 20.62
CA ASP E 228 40.29 -14.75 20.96
C ASP E 228 38.82 -14.50 21.23
N GLN E 229 37.91 -15.15 20.50
CA GLN E 229 36.49 -14.94 20.76
C GLN E 229 36.08 -15.55 22.10
N LEU E 230 36.54 -16.78 22.37
CA LEU E 230 36.20 -17.42 23.63
C LEU E 230 36.84 -16.72 24.80
N PHE E 231 38.03 -16.14 24.59
CA PHE E 231 38.71 -15.46 25.67
C PHE E 231 38.05 -14.13 25.98
N GLN E 232 37.62 -13.39 24.97
CA GLN E 232 36.89 -12.15 25.23
C GLN E 232 35.58 -12.43 25.92
N ARG E 233 34.88 -13.49 25.51
CA ARG E 233 33.59 -13.80 26.13
C ARG E 233 33.77 -14.22 27.58
N THR E 234 34.72 -15.10 27.86
CA THR E 234 34.84 -15.52 29.26
C THR E 234 35.59 -14.50 30.09
N ALA E 235 36.29 -13.56 29.47
CA ALA E 235 36.86 -12.48 30.24
C ALA E 235 35.78 -11.51 30.66
N GLU E 236 34.83 -11.23 29.77
CA GLU E 236 33.67 -10.43 30.13
C GLU E 236 32.85 -11.10 31.22
N VAL E 237 32.66 -12.41 31.11
CA VAL E 237 31.85 -13.12 32.10
C VAL E 237 32.57 -13.22 33.44
N HIS E 238 33.86 -13.51 33.41
CA HIS E 238 34.65 -13.61 34.64
C HIS E 238 34.76 -12.27 35.33
N SER E 239 34.89 -11.20 34.57
CA SER E 239 34.92 -9.86 35.14
C SER E 239 33.57 -9.49 35.70
N ARG E 240 32.49 -9.95 35.07
CA ARG E 240 31.15 -9.67 35.59
C ARG E 240 30.90 -10.40 36.90
N VAL E 241 31.38 -11.63 37.04
CA VAL E 241 31.15 -12.35 38.29
C VAL E 241 32.05 -11.80 39.39
N LEU E 242 33.24 -11.33 39.03
CA LEU E 242 34.09 -10.69 40.03
C LEU E 242 33.50 -9.36 40.48
N ALA E 243 32.94 -8.61 39.54
CA ALA E 243 32.28 -7.36 39.86
C ALA E 243 31.05 -7.60 40.72
N ALA E 244 30.33 -8.68 40.47
CA ALA E 244 29.17 -9.00 41.29
C ALA E 244 29.60 -9.42 42.69
N ASN E 245 30.74 -10.09 42.82
CA ASN E 245 31.23 -10.42 44.16
C ASN E 245 31.60 -9.19 44.96
N ASN E 246 32.25 -8.22 44.31
CA ASN E 246 32.64 -7.01 45.02
C ASN E 246 31.43 -6.14 45.35
N VAL E 247 30.48 -6.07 44.42
CA VAL E 247 29.26 -5.30 44.62
C VAL E 247 28.41 -5.90 45.73
N ARG E 248 28.30 -7.24 45.77
CA ARG E 248 27.59 -7.91 46.84
C ARG E 248 28.29 -7.70 48.17
N ARG E 249 29.61 -7.61 48.16
CA ARG E 249 30.33 -7.32 49.39
C ARG E 249 30.04 -5.90 49.86
N PHE E 250 29.72 -5.00 48.92
CA PHE E 250 29.39 -3.64 49.32
C PHE E 250 27.99 -3.53 49.85
N PHE E 251 27.00 -3.88 49.04
CA PHE E 251 25.60 -3.63 49.38
C PHE E 251 24.93 -4.76 50.13
N GLY E 252 25.39 -5.99 49.98
CA GLY E 252 24.70 -7.13 50.53
C GLY E 252 24.00 -7.97 49.49
N PHE E 253 23.84 -7.47 48.27
CA PHE E 253 23.20 -8.20 47.19
C PHE E 253 23.62 -7.54 45.90
N VAL E 254 23.23 -8.15 44.78
CA VAL E 254 23.47 -7.57 43.46
C VAL E 254 22.16 -7.59 42.70
N ALA E 255 21.83 -6.49 42.04
CA ALA E 255 20.72 -6.49 41.10
C ALA E 255 21.19 -7.10 39.80
N LEU E 256 20.96 -8.39 39.64
CA LEU E 256 21.33 -9.10 38.43
C LEU E 256 20.10 -9.31 37.56
N ASN E 257 20.33 -9.44 36.25
CA ASN E 257 19.29 -9.92 35.36
C ASN E 257 19.14 -11.43 35.54
N LYS E 258 18.25 -12.01 34.73
CA LYS E 258 18.07 -13.46 34.79
C LYS E 258 19.28 -14.18 34.22
N ASP E 259 19.79 -13.69 33.08
CA ASP E 259 21.00 -14.23 32.49
C ASP E 259 22.20 -14.02 33.39
N ASP E 260 22.28 -12.87 34.06
CA ASP E 260 23.40 -12.63 34.96
C ASP E 260 23.31 -13.50 36.20
N GLU E 261 22.09 -13.78 36.67
CA GLU E 261 21.94 -14.69 37.80
C GLU E 261 22.33 -16.10 37.40
N GLU E 262 22.07 -16.47 36.15
CA GLU E 262 22.58 -17.74 35.62
C GLU E 262 24.09 -17.75 35.57
N LEU E 263 24.71 -16.62 35.23
CA LEU E 263 26.17 -16.55 35.20
C LEU E 263 26.78 -16.68 36.59
N ILE E 264 26.15 -16.06 37.60
CA ILE E 264 26.66 -16.21 38.97
C ILE E 264 26.42 -17.63 39.47
N ALA E 265 25.35 -18.27 38.98
CA ALA E 265 25.10 -19.66 39.35
C ALA E 265 26.15 -20.59 38.77
N ASN E 266 26.44 -20.46 37.47
CA ASN E 266 27.30 -21.43 36.80
C ASN E 266 28.76 -21.27 37.20
N PHE E 267 29.29 -20.05 37.10
CA PHE E 267 30.72 -19.80 37.15
C PHE E 267 31.08 -19.03 38.41
N PRO E 268 31.61 -19.66 39.44
CA PRO E 268 32.06 -18.91 40.60
C PRO E 268 33.51 -18.48 40.49
N VAL E 269 33.89 -17.39 41.15
CA VAL E 269 35.29 -17.00 41.33
C VAL E 269 35.62 -16.98 42.80
N GLU E 270 36.81 -17.49 43.12
CA GLU E 270 37.44 -17.16 44.38
C GLU E 270 38.34 -15.94 44.21
N GLY E 271 39.08 -15.89 43.11
CA GLY E 271 39.92 -14.75 42.84
C GLY E 271 40.34 -14.74 41.39
N THR E 272 40.89 -13.60 40.97
CA THR E 272 41.36 -13.46 39.60
C THR E 272 42.78 -13.99 39.46
N GLN E 273 43.33 -13.80 38.26
CA GLN E 273 44.58 -14.44 37.91
C GLN E 273 45.74 -13.47 38.07
N PRO E 274 46.90 -13.96 38.48
CA PRO E 274 48.02 -13.06 38.77
C PRO E 274 48.58 -12.40 37.51
N ARG E 275 49.26 -11.29 37.73
CA ARG E 275 49.86 -10.54 36.63
C ARG E 275 50.95 -11.28 35.86
N PRO E 276 51.85 -12.09 36.46
CA PRO E 276 52.78 -12.84 35.60
C PRO E 276 52.10 -13.88 34.74
N GLN E 277 50.96 -14.40 35.16
CA GLN E 277 50.22 -15.35 34.33
C GLN E 277 49.58 -14.65 33.13
N TRP E 278 49.05 -13.45 33.35
CA TRP E 278 48.56 -12.62 32.26
C TRP E 278 49.68 -12.20 31.34
N ASN E 279 50.88 -12.02 31.87
CA ASN E 279 52.03 -11.72 31.03
C ASN E 279 52.44 -12.94 30.23
N ALA E 280 52.28 -14.12 30.81
CA ALA E 280 52.69 -15.34 30.15
C ALA E 280 51.81 -15.64 28.95
N ILE E 281 50.53 -15.28 29.01
CA ILE E 281 49.68 -15.60 27.87
C ILE E 281 49.66 -14.47 26.86
N THR E 282 50.39 -13.39 27.11
CA THR E 282 50.38 -12.28 26.18
C THR E 282 51.72 -12.18 25.46
N GLY E 283 51.69 -11.61 24.27
CA GLY E 283 52.90 -11.44 23.48
C GLY E 283 52.72 -12.05 22.11
N VAL E 284 53.79 -11.96 21.33
CA VAL E 284 53.77 -12.55 20.01
C VAL E 284 54.12 -14.03 20.13
N TYR E 285 53.54 -14.85 19.26
CA TYR E 285 53.73 -16.29 19.31
C TYR E 285 54.36 -16.81 18.02
N LEU E 286 55.34 -17.70 18.17
CA LEU E 286 56.15 -18.14 17.03
C LEU E 286 56.15 -19.64 16.83
N TYR E 287 55.04 -20.34 17.13
CA TYR E 287 54.85 -21.77 16.84
C TYR E 287 55.93 -22.66 17.48
N ARG E 288 55.84 -22.82 18.78
CA ARG E 288 56.65 -23.86 19.41
C ARG E 288 55.97 -25.21 19.25
N GLU E 289 56.66 -26.26 19.66
CA GLU E 289 56.10 -27.61 19.75
C GLU E 289 56.59 -28.25 21.03
N ASN E 290 55.67 -28.70 21.86
CA ASN E 290 56.01 -29.39 23.10
C ASN E 290 55.88 -30.89 22.88
N GLN E 291 57.03 -31.57 22.87
CA GLN E 291 57.14 -33.02 22.71
C GLN E 291 56.48 -33.50 21.42
N GLY E 292 56.74 -32.81 20.33
CA GLY E 292 56.21 -33.19 19.03
C GLY E 292 54.80 -32.70 18.74
N LEU E 293 54.00 -32.42 19.76
CA LEU E 293 52.67 -31.90 19.55
C LEU E 293 52.74 -30.39 19.40
N PRO E 294 51.94 -29.80 18.52
CA PRO E 294 52.07 -28.36 18.28
C PRO E 294 51.32 -27.55 19.32
N LEU E 295 51.82 -26.35 19.56
CA LEU E 295 51.16 -25.36 20.41
C LEU E 295 50.85 -24.16 19.53
N TYR E 296 49.65 -23.63 19.64
CA TYR E 296 49.18 -22.66 18.67
C TYR E 296 49.03 -21.26 19.22
N SER E 297 49.26 -21.06 20.52
CA SER E 297 49.25 -19.72 21.09
C SER E 297 50.03 -19.75 22.39
N ARG E 298 50.24 -18.57 22.96
CA ARG E 298 50.90 -18.50 24.27
C ARG E 298 49.97 -19.01 25.35
N LEU E 299 48.66 -18.85 25.15
CA LEU E 299 47.71 -19.44 26.08
C LEU E 299 47.73 -20.95 25.99
N HIS E 300 47.89 -21.48 24.77
CA HIS E 300 47.98 -22.93 24.61
C HIS E 300 49.28 -23.46 25.18
N LYS E 301 50.36 -22.73 24.98
CA LYS E 301 51.66 -23.12 25.55
C LYS E 301 51.62 -23.05 27.06
N TRP E 302 50.93 -22.06 27.60
CA TRP E 302 50.80 -21.92 29.05
C TRP E 302 49.93 -23.02 29.63
N ALA E 303 48.86 -23.38 28.93
CA ALA E 303 47.97 -24.42 29.44
C ALA E 303 48.62 -25.78 29.37
N GLN E 304 49.43 -26.03 28.34
CA GLN E 304 50.19 -27.27 28.30
C GLN E 304 51.34 -27.25 29.29
N GLY E 305 51.81 -26.06 29.66
CA GLY E 305 52.92 -25.96 30.59
C GLY E 305 52.56 -26.33 32.01
N LEU E 306 51.26 -26.40 32.30
CA LEU E 306 50.82 -26.84 33.63
C LEU E 306 50.64 -28.35 33.65
N SER F 13 24.95 -8.99 8.07
CA SER F 13 23.75 -9.21 7.28
C SER F 13 24.09 -9.50 5.83
N LEU F 14 25.38 -9.72 5.55
CA LEU F 14 25.81 -10.01 4.18
C LEU F 14 25.35 -11.39 3.74
N PHE F 15 25.63 -12.42 4.54
CA PHE F 15 25.18 -13.77 4.21
C PHE F 15 23.67 -13.89 4.32
N PHE F 16 23.06 -13.12 5.22
CA PHE F 16 21.60 -13.18 5.40
C PHE F 16 20.88 -12.59 4.19
N LYS F 17 21.31 -11.42 3.73
CA LYS F 17 20.67 -10.81 2.55
C LYS F 17 21.06 -11.53 1.28
N SER F 18 22.26 -12.11 1.23
CA SER F 18 22.68 -12.84 0.05
C SER F 18 21.97 -14.19 -0.05
N LYS F 19 21.54 -14.74 1.09
CA LYS F 19 20.82 -16.01 1.07
C LYS F 19 19.32 -15.80 1.03
N ASP F 20 18.83 -14.77 1.74
CA ASP F 20 17.41 -14.45 1.76
C ASP F 20 17.28 -12.95 1.51
N VAL F 21 16.80 -12.59 0.33
CA VAL F 21 16.91 -11.21 -0.13
C VAL F 21 15.80 -10.34 0.43
N MET F 22 16.19 -9.19 0.98
CA MET F 22 15.31 -8.05 1.18
C MET F 22 15.12 -7.41 -0.19
N ILE F 23 14.15 -6.49 -0.30
CA ILE F 23 13.41 -6.15 -1.52
C ILE F 23 14.31 -5.89 -2.72
N PHE F 24 14.10 -6.68 -3.78
CA PHE F 24 15.10 -6.80 -4.83
C PHE F 24 15.04 -5.62 -5.80
N ASN F 25 13.93 -4.89 -5.80
CA ASN F 25 13.88 -3.65 -6.57
C ASN F 25 14.80 -2.59 -5.94
N GLY F 26 14.68 -2.39 -4.63
CA GLY F 26 15.58 -1.48 -3.93
C GLY F 26 17.01 -2.00 -3.89
N LEU F 27 17.18 -3.32 -3.84
CA LEU F 27 18.51 -3.91 -3.88
C LEU F 27 19.17 -3.68 -5.24
N VAL F 28 18.41 -3.83 -6.33
CA VAL F 28 18.95 -3.60 -7.66
C VAL F 28 19.19 -2.10 -7.89
N ALA F 29 18.38 -1.25 -7.24
CA ALA F 29 18.59 0.19 -7.35
C ALA F 29 19.86 0.63 -6.61
N LEU F 30 20.09 0.08 -5.41
CA LEU F 30 21.31 0.40 -4.68
C LEU F 30 22.53 -0.22 -5.37
N GLY F 31 22.35 -1.36 -6.03
CA GLY F 31 23.42 -1.92 -6.83
C GLY F 31 23.70 -1.10 -8.07
N THR F 32 22.67 -0.47 -8.64
CA THR F 32 22.87 0.43 -9.77
C THR F 32 23.57 1.71 -9.33
N VAL F 33 23.28 2.19 -8.11
CA VAL F 33 23.95 3.38 -7.60
C VAL F 33 25.42 3.10 -7.30
N GLY F 34 25.70 1.98 -6.65
CA GLY F 34 27.09 1.59 -6.40
C GLY F 34 27.84 1.27 -7.68
N SER F 35 27.14 0.69 -8.67
CA SER F 35 27.75 0.45 -9.97
C SER F 35 28.00 1.76 -10.70
N GLN F 36 27.14 2.76 -10.50
CA GLN F 36 27.37 4.07 -11.08
C GLN F 36 28.63 4.72 -10.51
N GLU F 37 28.76 4.69 -9.18
CA GLU F 37 29.93 5.26 -8.46
C GLU F 37 31.24 4.51 -8.77
N LEU F 38 31.22 3.18 -8.79
CA LEU F 38 32.43 2.37 -9.03
C LEU F 38 32.78 2.32 -10.51
N PHE F 39 31.78 2.30 -11.40
CA PHE F 39 32.06 2.33 -12.82
C PHE F 39 32.38 3.74 -13.29
N SER F 40 32.06 4.75 -12.47
CA SER F 40 32.53 6.09 -12.76
C SER F 40 34.01 6.22 -12.42
N VAL F 41 34.46 5.53 -11.37
CA VAL F 41 35.87 5.67 -11.02
C VAL F 41 36.75 4.78 -11.89
N VAL F 42 36.16 3.81 -12.61
CA VAL F 42 36.95 2.99 -13.53
C VAL F 42 36.57 3.21 -14.99
N ALA F 43 35.83 4.28 -15.29
CA ALA F 43 35.41 4.55 -16.65
C ALA F 43 36.59 4.88 -17.55
N PHE F 44 36.52 4.43 -18.79
CA PHE F 44 37.63 4.57 -19.73
C PHE F 44 37.65 6.02 -20.23
N HIS F 45 38.73 6.70 -19.88
CA HIS F 45 38.94 8.05 -20.39
C HIS F 45 40.15 8.08 -21.30
N CYS F 46 39.91 8.16 -22.59
CA CYS F 46 40.98 8.04 -23.56
C CYS F 46 41.84 9.28 -23.59
N PRO F 47 43.15 9.15 -23.45
CA PRO F 47 44.05 10.28 -23.69
C PRO F 47 44.20 10.51 -25.17
N CYS F 48 43.54 11.54 -25.68
CA CYS F 48 43.58 11.76 -27.11
C CYS F 48 44.91 12.42 -27.47
N SER F 49 45.93 11.57 -27.56
CA SER F 49 47.31 11.97 -27.80
C SER F 49 48.08 10.77 -28.32
N PRO F 50 49.00 10.96 -29.25
CA PRO F 50 49.73 9.82 -29.81
C PRO F 50 50.76 9.30 -28.82
N ALA F 51 51.11 8.02 -29.01
CA ALA F 51 52.11 7.27 -28.22
C ALA F 51 51.74 7.18 -26.74
N ARG F 52 50.49 7.45 -26.42
CA ARG F 52 50.09 7.70 -25.04
C ARG F 52 48.78 6.96 -24.79
N ASN F 53 48.03 6.71 -25.85
CA ASN F 53 46.70 6.16 -25.66
C ASN F 53 46.71 4.64 -25.78
N TYR F 54 47.68 4.08 -26.50
CA TYR F 54 47.79 2.63 -26.47
C TYR F 54 48.38 2.18 -25.14
N LEU F 55 49.22 3.01 -24.54
CA LEU F 55 49.71 2.72 -23.20
C LEU F 55 48.57 2.76 -22.19
N TYR F 56 47.62 3.68 -22.38
CA TYR F 56 46.49 3.72 -21.47
C TYR F 56 45.54 2.58 -21.72
N GLY F 57 45.33 2.20 -22.98
CA GLY F 57 44.50 1.04 -23.26
C GLY F 57 45.09 -0.23 -22.70
N LEU F 58 46.41 -0.40 -22.87
CA LEU F 58 47.12 -1.55 -22.32
C LEU F 58 47.05 -1.56 -20.79
N ALA F 59 47.20 -0.41 -20.15
CA ALA F 59 47.09 -0.38 -18.70
C ALA F 59 45.67 -0.66 -18.24
N ALA F 60 44.69 0.10 -18.73
CA ALA F 60 43.34 0.03 -18.20
C ALA F 60 42.62 -1.25 -18.62
N ILE F 61 43.21 -2.02 -19.53
CA ILE F 61 42.60 -3.32 -19.82
C ILE F 61 43.44 -4.45 -19.25
N GLY F 62 44.75 -4.47 -19.54
CA GLY F 62 45.56 -5.60 -19.13
C GLY F 62 45.87 -5.61 -17.66
N VAL F 63 45.72 -4.47 -16.98
CA VAL F 63 45.92 -4.44 -15.53
C VAL F 63 44.72 -4.99 -14.77
N PRO F 64 43.46 -4.67 -15.11
CA PRO F 64 42.36 -5.46 -14.50
C PRO F 64 42.39 -6.91 -14.93
N ALA F 65 42.90 -7.20 -16.12
CA ALA F 65 43.13 -8.59 -16.52
C ALA F 65 44.16 -9.25 -15.63
N LEU F 66 45.29 -8.58 -15.38
CA LEU F 66 46.31 -9.17 -14.55
C LEU F 66 45.86 -9.27 -13.10
N VAL F 67 45.04 -8.32 -12.64
CA VAL F 67 44.52 -8.37 -11.28
C VAL F 67 43.56 -9.54 -11.12
N LEU F 68 42.66 -9.73 -12.08
CA LEU F 68 41.72 -10.84 -11.98
C LEU F 68 42.43 -12.18 -12.17
N PHE F 69 43.50 -12.20 -12.95
CA PHE F 69 44.30 -13.40 -13.10
C PHE F 69 45.04 -13.75 -11.80
N ILE F 70 45.60 -12.73 -11.14
CA ILE F 70 46.26 -12.93 -9.86
C ILE F 70 45.27 -13.39 -8.81
N ILE F 71 44.09 -12.79 -8.79
CA ILE F 71 43.04 -13.16 -7.83
C ILE F 71 42.59 -14.60 -8.07
N GLY F 72 42.49 -15.00 -9.33
CA GLY F 72 42.12 -16.38 -9.62
C GLY F 72 43.20 -17.37 -9.24
N ILE F 73 44.47 -16.95 -9.28
CA ILE F 73 45.53 -17.83 -8.80
C ILE F 73 45.50 -17.92 -7.27
N ILE F 74 45.22 -16.79 -6.62
CA ILE F 74 45.22 -16.72 -5.15
C ILE F 74 44.10 -17.57 -4.56
N LEU F 75 42.89 -17.41 -5.07
CA LEU F 75 41.75 -18.07 -4.44
C LEU F 75 41.70 -19.56 -4.75
N ASN F 76 42.42 -19.99 -5.79
CA ASN F 76 42.50 -21.41 -6.07
C ASN F 76 43.43 -22.09 -5.06
N ASN F 77 42.90 -23.09 -4.37
CA ASN F 77 43.69 -23.74 -3.33
C ASN F 77 44.64 -24.76 -3.92
N HIS F 78 44.46 -25.10 -5.20
CA HIS F 78 45.42 -25.99 -5.85
C HIS F 78 46.76 -25.31 -6.04
N THR F 79 46.75 -23.97 -6.08
CA THR F 79 48.00 -23.20 -6.07
C THR F 79 48.80 -23.52 -4.83
N TRP F 80 48.14 -23.53 -3.67
CA TRP F 80 48.86 -23.74 -2.43
C TRP F 80 49.13 -25.21 -2.21
N ASN F 81 48.33 -26.08 -2.80
CA ASN F 81 48.66 -27.50 -2.79
C ASN F 81 49.93 -27.77 -3.59
N LEU F 82 50.08 -27.11 -4.74
CA LEU F 82 51.28 -27.32 -5.54
C LEU F 82 52.49 -26.67 -4.89
N VAL F 83 52.28 -25.52 -4.25
CA VAL F 83 53.40 -24.85 -3.60
C VAL F 83 53.79 -25.61 -2.33
N ALA F 84 52.85 -26.34 -1.73
CA ALA F 84 53.19 -27.16 -0.58
C ALA F 84 53.90 -28.43 -1.02
N GLU F 85 53.52 -28.95 -2.19
CA GLU F 85 54.23 -30.10 -2.74
C GLU F 85 55.67 -29.76 -3.05
N CYS F 86 55.92 -28.64 -3.73
CA CYS F 86 57.30 -28.28 -4.04
C CYS F 86 58.02 -27.75 -2.79
N GLN F 87 57.26 -27.33 -1.78
CA GLN F 87 57.88 -26.85 -0.55
C GLN F 87 58.37 -27.99 0.31
N HIS F 88 57.47 -28.87 0.78
CA HIS F 88 57.90 -29.85 1.77
C HIS F 88 58.14 -31.21 1.13
N ARG F 89 57.53 -31.49 -0.02
CA ARG F 89 57.90 -32.70 -0.75
C ARG F 89 59.33 -32.57 -1.27
N ARG F 90 59.66 -31.39 -1.82
CA ARG F 90 61.00 -30.81 -1.95
C ARG F 90 62.01 -31.66 -2.72
N THR F 91 61.57 -32.71 -3.41
CA THR F 91 62.46 -33.58 -4.16
C THR F 91 61.88 -34.00 -5.50
N LYS F 92 60.94 -33.21 -6.04
CA LYS F 92 60.12 -33.57 -7.21
C LYS F 92 59.44 -34.92 -7.02
N ASN F 93 58.67 -35.04 -5.93
CA ASN F 93 57.89 -36.25 -5.69
C ASN F 93 56.81 -36.41 -6.75
N CYS F 94 56.03 -35.36 -6.99
CA CYS F 94 55.29 -35.27 -8.23
C CYS F 94 56.17 -34.70 -9.32
N SER F 95 56.23 -35.39 -10.45
CA SER F 95 57.19 -35.04 -11.50
C SER F 95 56.72 -33.85 -12.31
N ALA F 96 57.40 -33.61 -13.43
CA ALA F 96 57.13 -32.43 -14.24
C ALA F 96 55.77 -32.54 -14.94
N ALA F 97 55.32 -33.75 -15.24
CA ALA F 97 54.01 -33.92 -15.87
C ALA F 97 52.82 -33.75 -14.91
N PRO F 98 52.81 -34.28 -13.67
CA PRO F 98 51.73 -33.90 -12.76
C PRO F 98 51.75 -32.43 -12.36
N THR F 99 52.95 -31.85 -12.24
CA THR F 99 53.08 -30.42 -12.01
C THR F 99 52.52 -29.63 -13.18
N PHE F 100 52.72 -30.11 -14.41
CA PHE F 100 52.22 -29.41 -15.59
C PHE F 100 50.70 -29.53 -15.68
N LEU F 101 50.14 -30.69 -15.34
CA LEU F 101 48.68 -30.85 -15.36
C LEU F 101 48.01 -30.01 -14.28
N LEU F 102 48.60 -29.97 -13.08
CA LEU F 102 48.05 -29.16 -12.00
C LEU F 102 48.15 -27.67 -12.34
N LEU F 103 49.29 -27.25 -12.89
CA LEU F 103 49.47 -25.86 -13.31
C LEU F 103 48.51 -25.48 -14.41
N SER F 104 48.21 -26.40 -15.33
CA SER F 104 47.23 -26.12 -16.38
C SER F 104 45.84 -25.91 -15.80
N SER F 105 45.45 -26.74 -14.83
CA SER F 105 44.16 -26.58 -14.17
C SER F 105 44.07 -25.25 -13.42
N ILE F 106 45.14 -24.88 -12.71
CA ILE F 106 45.18 -23.64 -11.96
C ILE F 106 45.10 -22.43 -12.88
N LEU F 107 45.94 -22.41 -13.93
CA LEU F 107 45.97 -21.27 -14.83
C LEU F 107 44.68 -21.15 -15.63
N GLY F 108 43.99 -22.26 -15.87
CA GLY F 108 42.71 -22.18 -16.53
C GLY F 108 41.63 -21.56 -15.67
N ARG F 109 41.49 -22.06 -14.43
CA ARG F 109 40.46 -21.49 -13.56
C ARG F 109 40.81 -20.07 -13.15
N ALA F 110 42.10 -19.72 -13.20
CA ALA F 110 42.49 -18.32 -13.04
C ALA F 110 42.07 -17.50 -14.25
N ALA F 111 42.44 -17.95 -15.45
CA ALA F 111 42.25 -17.17 -16.66
C ALA F 111 40.83 -17.20 -17.19
N VAL F 112 39.88 -17.76 -16.43
CA VAL F 112 38.47 -17.51 -16.73
C VAL F 112 38.17 -16.01 -16.73
N ALA F 113 38.52 -15.31 -15.65
CA ALA F 113 38.07 -13.93 -15.48
C ALA F 113 38.83 -12.88 -16.29
N PRO F 114 40.16 -12.94 -16.47
CA PRO F 114 40.78 -11.94 -17.36
C PRO F 114 40.36 -12.07 -18.80
N VAL F 115 40.12 -13.30 -19.28
CA VAL F 115 39.63 -13.49 -20.63
C VAL F 115 38.23 -12.90 -20.77
N THR F 116 37.40 -13.04 -19.75
CA THR F 116 36.05 -12.47 -19.82
C THR F 116 36.10 -10.95 -19.77
N TRP F 117 37.03 -10.40 -18.99
CA TRP F 117 37.21 -8.96 -18.94
C TRP F 117 37.72 -8.40 -20.26
N SER F 118 38.70 -9.07 -20.87
CA SER F 118 39.29 -8.57 -22.09
C SER F 118 38.34 -8.77 -23.26
N VAL F 119 37.48 -9.78 -23.20
CA VAL F 119 36.47 -9.96 -24.23
C VAL F 119 35.40 -8.89 -24.12
N ILE F 120 34.95 -8.58 -22.90
CA ILE F 120 33.95 -7.52 -22.72
C ILE F 120 34.54 -6.17 -23.14
N SER F 121 35.82 -5.96 -22.86
CA SER F 121 36.44 -4.69 -23.21
C SER F 121 36.71 -4.60 -24.71
N LEU F 122 36.90 -5.74 -25.38
CA LEU F 122 37.08 -5.72 -26.81
C LEU F 122 35.76 -5.56 -27.53
N LEU F 123 34.69 -6.09 -26.95
CA LEU F 123 33.38 -5.94 -27.58
C LEU F 123 32.79 -4.59 -27.30
N ARG F 124 33.28 -3.95 -26.23
CA ARG F 124 32.95 -2.54 -25.92
C ARG F 124 33.58 -1.69 -27.04
N GLY F 125 34.81 -2.06 -27.43
CA GLY F 125 35.52 -1.44 -28.52
C GLY F 125 36.30 -0.19 -28.16
N GLU F 126 36.04 0.42 -27.00
CA GLU F 126 36.54 1.76 -26.71
C GLU F 126 38.04 1.78 -26.49
N ALA F 127 38.58 0.74 -25.89
CA ALA F 127 40.02 0.67 -25.67
C ALA F 127 40.75 0.50 -26.98
N TYR F 128 40.12 -0.12 -27.97
CA TYR F 128 40.84 -0.39 -29.21
C TYR F 128 40.82 0.81 -30.15
N VAL F 129 39.69 1.53 -30.23
CA VAL F 129 39.69 2.78 -30.99
C VAL F 129 40.66 3.76 -30.35
N CYS F 130 40.69 3.79 -29.01
CA CYS F 130 41.62 4.67 -28.32
C CYS F 130 43.06 4.24 -28.55
N ALA F 131 43.32 2.94 -28.58
CA ALA F 131 44.70 2.47 -28.64
C ALA F 131 45.24 2.52 -30.06
N LEU F 132 44.38 2.47 -31.07
CA LEU F 132 44.88 2.40 -32.43
C LEU F 132 44.42 3.52 -33.31
N SER F 133 43.89 4.62 -32.74
CA SER F 133 43.57 5.78 -33.56
C SER F 133 44.81 6.35 -34.26
N GLU F 134 45.95 6.31 -33.58
CA GLU F 134 47.14 6.96 -34.14
C GLU F 134 47.81 6.11 -35.20
N PHE F 135 47.48 4.81 -35.25
CA PHE F 135 48.17 3.94 -36.18
C PHE F 135 47.42 3.81 -37.49
N VAL F 136 46.26 4.46 -37.60
CA VAL F 136 45.48 4.38 -38.82
C VAL F 136 46.17 5.18 -39.91
N ASP F 137 46.42 4.52 -41.03
CA ASP F 137 47.07 5.14 -42.18
C ASP F 137 46.14 6.19 -42.78
N PRO F 138 46.61 7.44 -42.89
CA PRO F 138 45.70 8.52 -43.33
C PRO F 138 45.31 8.43 -44.79
N SER F 139 46.14 7.79 -45.62
CA SER F 139 45.81 7.65 -47.03
C SER F 139 44.71 6.62 -47.24
N SER F 140 44.50 5.73 -46.27
CA SER F 140 43.51 4.68 -46.42
C SER F 140 42.11 5.15 -46.09
N LEU F 141 41.94 6.42 -45.71
CA LEU F 141 40.63 6.92 -45.35
C LEU F 141 39.80 7.26 -46.58
N THR F 142 38.49 7.11 -46.47
CA THR F 142 37.55 7.40 -47.54
C THR F 142 36.42 8.27 -47.01
N ALA F 143 35.39 8.42 -47.85
CA ALA F 143 34.11 9.11 -47.62
C ALA F 143 34.24 10.63 -47.48
N ARG F 144 35.40 11.21 -47.79
CA ARG F 144 35.58 12.65 -47.80
C ARG F 144 36.81 12.97 -48.62
N GLU F 145 37.06 14.28 -48.78
CA GLU F 145 38.30 14.73 -49.41
C GLU F 145 39.43 14.69 -48.39
N GLU F 146 40.59 14.19 -48.83
CA GLU F 146 41.71 13.92 -47.93
C GLU F 146 42.29 15.21 -47.38
N HIS F 147 42.12 15.43 -46.06
CA HIS F 147 42.54 16.65 -45.40
C HIS F 147 43.39 16.26 -44.19
N PHE F 148 44.68 16.07 -44.41
CA PHE F 148 45.59 15.65 -43.36
C PHE F 148 46.96 16.27 -43.58
N PRO F 149 47.36 17.25 -42.76
CA PRO F 149 48.77 17.68 -42.75
C PRO F 149 49.64 16.54 -42.26
N SER F 150 50.66 16.21 -43.06
CA SER F 150 51.50 15.06 -42.75
C SER F 150 52.38 15.31 -41.53
N ALA F 151 52.58 16.59 -41.17
CA ALA F 151 53.24 16.90 -39.90
C ALA F 151 52.34 16.56 -38.73
N HIS F 152 51.09 17.03 -38.76
CA HIS F 152 50.13 16.79 -37.69
C HIS F 152 49.21 15.63 -37.99
N ALA F 153 49.70 14.60 -38.68
CA ALA F 153 48.85 13.47 -39.03
C ALA F 153 48.50 12.63 -37.81
N THR F 154 49.52 12.14 -37.09
CA THR F 154 49.31 11.20 -36.00
C THR F 154 48.56 11.83 -34.84
N GLU F 155 48.74 13.13 -34.62
CA GLU F 155 48.08 13.78 -33.49
C GLU F 155 46.59 13.95 -33.75
N ILE F 156 46.22 14.38 -34.96
CA ILE F 156 44.80 14.56 -35.26
C ILE F 156 44.14 13.21 -35.49
N LEU F 157 44.91 12.18 -35.84
CA LEU F 157 44.39 10.83 -35.81
C LEU F 157 44.10 10.38 -34.39
N ALA F 158 45.06 10.60 -33.49
CA ALA F 158 44.92 10.14 -32.11
C ALA F 158 43.88 10.93 -31.33
N ARG F 159 43.49 12.09 -31.82
CA ARG F 159 42.47 12.87 -31.15
C ARG F 159 41.06 12.48 -31.55
N PHE F 160 40.93 11.54 -32.50
CA PHE F 160 39.60 11.08 -32.93
C PHE F 160 38.70 10.45 -31.86
N PRO F 161 39.15 9.56 -30.96
CA PRO F 161 38.16 8.89 -30.09
C PRO F 161 37.52 9.78 -29.04
N CYS F 162 37.99 11.01 -28.85
CA CYS F 162 37.33 11.90 -27.92
C CYS F 162 36.23 12.71 -28.60
N LYS F 163 35.91 12.35 -29.85
CA LYS F 163 35.11 13.15 -30.77
C LYS F 163 35.64 14.57 -30.91
N GLU F 164 36.96 14.73 -30.91
CA GLU F 164 37.58 16.04 -31.00
C GLU F 164 38.16 16.31 -32.37
N ASN F 165 37.61 15.68 -33.42
CA ASN F 165 37.98 16.04 -34.76
C ASN F 165 37.37 17.39 -35.13
N PRO F 166 37.93 18.07 -36.12
CA PRO F 166 37.20 19.20 -36.72
C PRO F 166 35.94 18.71 -37.42
N ASP F 167 34.98 19.63 -37.58
CA ASP F 167 33.73 19.26 -38.24
C ASP F 167 33.93 19.03 -39.73
N ASN F 168 35.04 19.51 -40.28
CA ASN F 168 35.43 19.16 -41.64
C ASN F 168 35.87 17.70 -41.73
N LEU F 169 36.24 17.10 -40.60
CA LEU F 169 36.71 15.73 -40.56
C LEU F 169 35.80 14.79 -39.79
N SER F 170 34.52 15.15 -39.63
CA SER F 170 33.61 14.29 -38.86
C SER F 170 33.29 13.00 -39.61
N ASP F 171 33.25 13.06 -40.94
CA ASP F 171 33.04 11.85 -41.73
C ASP F 171 34.25 10.93 -41.65
N PHE F 172 35.45 11.51 -41.73
CA PHE F 172 36.68 10.77 -41.51
C PHE F 172 36.70 10.12 -40.14
N ARG F 173 36.27 10.85 -39.11
CA ARG F 173 36.29 10.33 -37.75
C ARG F 173 35.30 9.19 -37.58
N GLU F 174 34.13 9.31 -38.20
CA GLU F 174 33.16 8.22 -38.15
C GLU F 174 33.67 6.99 -38.90
N GLU F 175 34.42 7.20 -39.99
CA GLU F 175 34.97 6.07 -40.72
C GLU F 175 36.03 5.33 -39.91
N VAL F 176 36.95 6.08 -39.27
CA VAL F 176 37.96 5.44 -38.43
C VAL F 176 37.34 4.81 -37.20
N SER F 177 36.31 5.43 -36.63
CA SER F 177 35.65 4.85 -35.47
C SER F 177 34.96 3.54 -35.82
N ARG F 178 34.30 3.49 -36.98
CA ARG F 178 33.63 2.25 -37.36
C ARG F 178 34.63 1.17 -37.75
N ARG F 179 35.74 1.54 -38.40
CA ARG F 179 36.71 0.54 -38.81
C ARG F 179 37.44 -0.04 -37.60
N LEU F 180 37.84 0.79 -36.66
CA LEU F 180 38.58 0.27 -35.52
C LEU F 180 37.65 -0.40 -34.51
N ARG F 181 36.39 0.03 -34.44
CA ARG F 181 35.43 -0.70 -33.63
C ARG F 181 35.12 -2.05 -34.24
N TYR F 182 35.15 -2.13 -35.57
CA TYR F 182 35.07 -3.42 -36.25
C TYR F 182 36.22 -4.32 -35.86
N GLU F 183 37.44 -3.79 -35.90
CA GLU F 183 38.60 -4.63 -35.61
C GLU F 183 38.63 -5.02 -34.14
N SER F 184 38.08 -4.17 -33.28
CA SER F 184 37.92 -4.50 -31.87
C SER F 184 36.94 -5.64 -31.66
N GLN F 185 35.74 -5.52 -32.22
CA GLN F 185 34.73 -6.54 -32.01
C GLN F 185 35.09 -7.82 -32.74
N LEU F 186 35.83 -7.72 -33.84
CA LEU F 186 36.31 -8.91 -34.53
C LEU F 186 37.36 -9.62 -33.69
N PHE F 187 38.27 -8.87 -33.07
CA PHE F 187 39.23 -9.48 -32.16
C PHE F 187 38.55 -10.09 -30.96
N GLY F 188 37.48 -9.45 -30.46
CA GLY F 188 36.76 -9.98 -29.32
C GLY F 188 36.01 -11.25 -29.65
N TRP F 189 35.39 -11.30 -30.83
CA TRP F 189 34.66 -12.51 -31.21
C TRP F 189 35.62 -13.64 -31.54
N LEU F 190 36.73 -13.36 -32.21
CA LEU F 190 37.69 -14.43 -32.47
C LEU F 190 38.37 -14.89 -31.18
N LEU F 191 38.47 -13.99 -30.20
CA LEU F 191 39.01 -14.39 -28.91
C LEU F 191 38.06 -15.31 -28.17
N ILE F 192 36.78 -14.95 -28.12
CA ILE F 192 35.83 -15.81 -27.40
C ILE F 192 35.61 -17.11 -28.17
N GLY F 193 35.84 -17.09 -29.49
CA GLY F 193 35.76 -18.31 -30.26
C GLY F 193 36.90 -19.25 -29.96
N VAL F 194 38.14 -18.73 -29.95
CA VAL F 194 39.27 -19.62 -29.68
C VAL F 194 39.30 -20.03 -28.22
N VAL F 195 38.73 -19.22 -27.34
CA VAL F 195 38.62 -19.61 -25.94
C VAL F 195 37.59 -20.72 -25.79
N ALA F 196 36.50 -20.65 -26.55
CA ALA F 196 35.51 -21.72 -26.50
C ALA F 196 36.07 -23.03 -27.05
N ILE F 197 36.82 -22.97 -28.15
CA ILE F 197 37.31 -24.23 -28.70
C ILE F 197 38.47 -24.76 -27.87
N LEU F 198 39.17 -23.84 -27.19
CA LEU F 198 40.25 -24.20 -26.23
C LEU F 198 39.64 -24.91 -25.02
N VAL F 199 38.52 -24.38 -24.49
CA VAL F 199 37.78 -25.00 -23.40
C VAL F 199 37.29 -26.37 -23.80
N PHE F 200 36.80 -26.49 -25.03
CA PHE F 200 36.33 -27.75 -25.56
C PHE F 200 37.45 -28.78 -25.69
N LEU F 201 38.60 -28.37 -26.22
CA LEU F 201 39.69 -29.33 -26.38
C LEU F 201 40.36 -29.67 -25.06
N THR F 202 40.36 -28.75 -24.10
CA THR F 202 40.92 -29.10 -22.80
C THR F 202 40.02 -30.10 -22.09
N LYS F 203 38.70 -29.92 -22.21
CA LYS F 203 37.79 -30.90 -21.62
C LYS F 203 37.90 -32.25 -22.32
N CYS F 204 38.06 -32.25 -23.63
CA CYS F 204 38.17 -33.51 -24.37
C CYS F 204 39.47 -34.21 -24.06
N LEU F 205 40.57 -33.48 -23.97
CA LEU F 205 41.84 -34.13 -23.67
C LEU F 205 41.95 -34.52 -22.21
N LYS F 206 41.23 -33.80 -21.33
CA LYS F 206 41.17 -34.24 -19.95
C LYS F 206 40.41 -35.54 -19.82
N HIS F 207 39.27 -35.66 -20.51
CA HIS F 207 38.49 -36.88 -20.43
C HIS F 207 39.17 -38.03 -21.17
N TYR F 208 39.94 -37.72 -22.20
CA TYR F 208 40.61 -38.77 -22.94
C TYR F 208 41.89 -39.22 -22.24
N CYS F 209 42.52 -38.33 -21.49
CA CYS F 209 43.83 -38.66 -20.93
C CYS F 209 43.76 -38.83 -19.42
N SER F 210 42.57 -38.87 -18.86
CA SER F 210 42.43 -39.27 -17.48
C SER F 210 42.52 -40.79 -17.38
N PRO F 211 43.16 -41.33 -16.35
CA PRO F 211 43.19 -42.80 -16.23
C PRO F 211 41.86 -43.36 -15.77
N LEU F 212 41.16 -42.65 -14.90
CA LEU F 212 39.88 -43.09 -14.41
C LEU F 212 38.77 -42.51 -15.26
N SER F 213 37.57 -43.06 -15.10
CA SER F 213 36.44 -42.70 -15.95
C SER F 213 35.91 -41.32 -15.59
N TYR F 214 34.83 -40.94 -16.26
CA TYR F 214 34.27 -39.61 -16.01
C TYR F 214 33.22 -39.67 -14.90
N ARG F 215 32.59 -40.82 -14.71
CA ARG F 215 31.68 -40.96 -13.59
C ARG F 215 32.46 -41.06 -12.29
N GLN F 216 33.60 -41.75 -12.33
CA GLN F 216 34.45 -41.79 -11.15
C GLN F 216 35.10 -40.45 -10.90
N GLU F 217 35.37 -39.68 -11.96
CA GLU F 217 35.91 -38.35 -11.74
C GLU F 217 34.85 -37.42 -11.18
N ALA F 218 33.58 -37.66 -11.49
CA ALA F 218 32.52 -36.88 -10.86
C ALA F 218 32.35 -37.27 -9.40
N TYR F 219 32.53 -38.55 -9.10
CA TYR F 219 32.51 -38.99 -7.72
C TYR F 219 33.69 -38.44 -6.95
N TRP F 220 34.84 -38.35 -7.60
CA TRP F 220 36.03 -37.79 -6.99
C TRP F 220 35.84 -36.31 -6.71
N ALA F 221 35.19 -35.60 -7.62
CA ALA F 221 34.92 -34.19 -7.38
C ALA F 221 33.94 -34.01 -6.23
N GLN F 222 32.94 -34.90 -6.14
CA GLN F 222 32.00 -34.82 -5.02
C GLN F 222 32.68 -35.18 -3.71
N TYR F 223 33.64 -36.10 -3.75
CA TYR F 223 34.39 -36.45 -2.56
C TYR F 223 35.25 -35.29 -2.11
N ARG F 224 35.92 -34.64 -3.05
CA ARG F 224 36.81 -33.55 -2.68
C ARG F 224 36.02 -32.38 -2.12
N ALA F 225 34.85 -32.12 -2.66
CA ALA F 225 34.00 -31.07 -2.11
C ALA F 225 33.50 -31.44 -0.72
N ASN F 226 33.07 -32.69 -0.53
CA ASN F 226 32.59 -33.12 0.77
C ASN F 226 33.71 -33.16 1.79
N GLU F 227 34.92 -33.51 1.35
CA GLU F 227 36.01 -33.66 2.29
C GLU F 227 36.55 -32.31 2.71
N ASP F 228 36.62 -31.36 1.77
CA ASP F 228 37.06 -30.03 2.15
C ASP F 228 36.03 -29.34 3.03
N GLN F 229 34.73 -29.55 2.75
CA GLN F 229 33.72 -28.91 3.58
C GLN F 229 33.68 -29.54 4.98
N LEU F 230 33.73 -30.87 5.05
CA LEU F 230 33.72 -31.52 6.35
C LEU F 230 34.99 -31.25 7.12
N PHE F 231 36.11 -31.08 6.43
CA PHE F 231 37.37 -30.82 7.10
C PHE F 231 37.41 -29.41 7.64
N GLN F 232 36.91 -28.42 6.90
CA GLN F 232 36.84 -27.06 7.42
C GLN F 232 35.91 -26.98 8.61
N ARG F 233 34.78 -27.69 8.54
CA ARG F 233 33.83 -27.64 9.66
C ARG F 233 34.41 -28.29 10.91
N THR F 234 35.01 -29.45 10.77
CA THR F 234 35.51 -30.09 11.98
C THR F 234 36.85 -29.50 12.41
N ALA F 235 37.52 -28.77 11.54
CA ALA F 235 38.71 -28.06 11.99
C ALA F 235 38.31 -26.85 12.80
N GLU F 236 37.25 -26.16 12.39
CA GLU F 236 36.70 -25.08 13.20
C GLU F 236 36.21 -25.58 14.54
N VAL F 237 35.54 -26.73 14.55
CA VAL F 237 34.98 -27.25 15.79
C VAL F 237 36.09 -27.77 16.71
N HIS F 238 37.08 -28.47 16.14
CA HIS F 238 38.19 -28.99 16.91
C HIS F 238 39.04 -27.87 17.47
N SER F 239 39.23 -26.81 16.71
CA SER F 239 39.96 -25.66 17.21
C SER F 239 39.18 -24.93 18.28
N ARG F 240 37.85 -24.92 18.16
CA ARG F 240 37.03 -24.29 19.19
C ARG F 240 37.09 -25.07 20.50
N VAL F 241 37.11 -26.39 20.44
CA VAL F 241 37.15 -27.16 21.68
C VAL F 241 38.54 -27.09 22.29
N LEU F 242 39.57 -27.01 21.46
CA LEU F 242 40.92 -26.83 21.99
C LEU F 242 41.09 -25.45 22.63
N ALA F 243 40.50 -24.44 22.00
CA ALA F 243 40.52 -23.10 22.56
C ALA F 243 39.74 -23.04 23.86
N ALA F 244 38.64 -23.77 23.95
CA ALA F 244 37.89 -23.81 25.20
C ALA F 244 38.66 -24.52 26.29
N ASN F 245 39.44 -25.54 25.93
CA ASN F 245 40.26 -26.22 26.94
C ASN F 245 41.33 -25.29 27.49
N ASN F 246 41.97 -24.51 26.62
CA ASN F 246 43.02 -23.61 27.07
C ASN F 246 42.44 -22.45 27.87
N VAL F 247 41.30 -21.94 27.42
CA VAL F 247 40.62 -20.84 28.10
C VAL F 247 40.13 -21.28 29.49
N ARG F 248 39.58 -22.49 29.59
CA ARG F 248 39.17 -23.04 30.87
C ARG F 248 40.36 -23.26 31.78
N ARG F 249 41.51 -23.61 31.20
CA ARG F 249 42.71 -23.74 32.02
C ARG F 249 43.16 -22.39 32.53
N PHE F 250 42.84 -21.32 31.81
CA PHE F 250 43.21 -19.99 32.29
C PHE F 250 42.27 -19.49 33.37
N PHE F 251 40.98 -19.37 33.06
CA PHE F 251 40.03 -18.73 33.95
C PHE F 251 39.36 -19.67 34.93
N GLY F 252 39.26 -20.95 34.62
CA GLY F 252 38.48 -21.85 35.43
C GLY F 252 37.17 -22.27 34.79
N PHE F 253 36.72 -21.58 33.74
CA PHE F 253 35.49 -21.89 33.06
C PHE F 253 35.57 -21.24 31.69
N VAL F 254 34.57 -21.52 30.86
CA VAL F 254 34.46 -20.88 29.55
C VAL F 254 33.04 -20.37 29.42
N ALA F 255 32.89 -19.14 28.95
CA ALA F 255 31.58 -18.63 28.56
C ALA F 255 31.24 -19.18 27.19
N LEU F 256 30.51 -20.28 27.16
CA LEU F 256 30.08 -20.90 25.92
C LEU F 256 28.63 -20.57 25.65
N ASN F 257 28.25 -20.59 24.38
CA ASN F 257 26.85 -20.57 24.02
C ASN F 257 26.24 -21.94 24.26
N LYS F 258 24.96 -22.08 23.91
CA LYS F 258 24.32 -23.38 24.06
C LYS F 258 24.85 -24.37 23.04
N ASP F 259 25.01 -23.93 21.80
CA ASP F 259 25.59 -24.75 20.75
C ASP F 259 27.05 -25.09 21.07
N ASP F 260 27.79 -24.14 21.61
CA ASP F 260 29.18 -24.39 21.95
C ASP F 260 29.29 -25.35 23.13
N GLU F 261 28.35 -25.27 24.07
CA GLU F 261 28.34 -26.23 25.17
C GLU F 261 28.01 -27.62 24.67
N GLU F 262 27.16 -27.70 23.65
CA GLU F 262 26.91 -28.98 22.98
C GLU F 262 28.17 -29.50 22.29
N LEU F 263 28.97 -28.59 21.71
CA LEU F 263 30.21 -29.01 21.06
C LEU F 263 31.23 -29.52 22.06
N ILE F 264 31.33 -28.89 23.23
CA ILE F 264 32.24 -29.37 24.25
C ILE F 264 31.73 -30.69 24.83
N ALA F 265 30.41 -30.87 24.85
CA ALA F 265 29.85 -32.13 25.31
C ALA F 265 30.16 -33.27 24.35
N ASN F 266 29.93 -33.07 23.06
CA ASN F 266 30.05 -34.16 22.10
C ASN F 266 31.50 -34.54 21.84
N PHE F 267 32.34 -33.57 21.51
CA PHE F 267 33.66 -33.82 20.94
C PHE F 267 34.74 -33.39 21.92
N PRO F 268 35.37 -34.30 22.63
CA PRO F 268 36.49 -33.91 23.49
C PRO F 268 37.82 -33.97 22.77
N VAL F 269 38.79 -33.17 23.19
CA VAL F 269 40.18 -33.31 22.75
C VAL F 269 41.06 -33.60 23.95
N GLU F 270 42.01 -34.51 23.74
CA GLU F 270 43.17 -34.58 24.62
C GLU F 270 44.29 -33.73 24.06
N GLY F 271 44.49 -33.75 22.75
CA GLY F 271 45.50 -32.94 22.13
C GLY F 271 45.28 -32.87 20.63
N THR F 272 45.98 -31.94 20.00
CA THR F 272 45.89 -31.76 18.57
C THR F 272 46.84 -32.71 17.84
N GLN F 273 46.89 -32.55 16.53
CA GLN F 273 47.57 -33.51 15.68
C GLN F 273 48.96 -33.01 15.32
N PRO F 274 49.94 -33.91 15.21
CA PRO F 274 51.32 -33.48 14.99
C PRO F 274 51.52 -32.87 13.62
N ARG F 275 52.58 -32.09 13.50
CA ARG F 275 52.91 -31.44 12.24
C ARG F 275 53.27 -32.38 11.09
N PRO F 276 53.96 -33.52 11.27
CA PRO F 276 54.13 -34.41 10.10
C PRO F 276 52.85 -35.03 9.62
N GLN F 277 51.87 -35.20 10.50
CA GLN F 277 50.58 -35.73 10.07
C GLN F 277 49.81 -34.69 9.24
N TRP F 278 49.87 -33.43 9.66
CA TRP F 278 49.32 -32.34 8.86
C TRP F 278 50.05 -32.19 7.53
N ASN F 279 51.35 -32.51 7.52
CA ASN F 279 52.09 -32.48 6.26
C ASN F 279 51.68 -33.64 5.38
N ALA F 280 51.35 -34.77 5.99
CA ALA F 280 50.98 -35.96 5.25
C ALA F 280 49.66 -35.78 4.53
N ILE F 281 48.73 -35.02 5.13
CA ILE F 281 47.44 -34.89 4.46
C ILE F 281 47.43 -33.69 3.53
N THR F 282 48.53 -32.95 3.42
CA THR F 282 48.56 -31.77 2.58
C THR F 282 49.43 -32.03 1.35
N GLY F 283 49.14 -31.33 0.29
CA GLY F 283 49.90 -31.46 -0.94
C GLY F 283 48.98 -31.77 -2.10
N VAL F 284 49.59 -31.93 -3.27
CA VAL F 284 48.83 -32.31 -4.45
C VAL F 284 48.65 -33.82 -4.47
N TYR F 285 47.52 -34.26 -4.98
CA TYR F 285 47.20 -35.68 -5.01
C TYR F 285 47.03 -36.19 -6.43
N LEU F 286 47.59 -37.36 -6.71
CA LEU F 286 47.65 -37.88 -8.06
C LEU F 286 47.03 -39.27 -8.23
N TYR F 287 45.97 -39.59 -7.48
CA TYR F 287 45.18 -40.82 -7.63
C TYR F 287 46.02 -42.09 -7.50
N ARG F 288 46.42 -42.40 -6.28
CA ARG F 288 46.97 -43.72 -6.03
C ARG F 288 45.85 -44.73 -5.87
N GLU F 289 46.23 -46.00 -5.77
CA GLU F 289 45.30 -47.08 -5.44
C GLU F 289 46.00 -48.03 -4.48
N ASN F 290 45.39 -48.26 -3.32
CA ASN F 290 45.92 -49.19 -2.34
C ASN F 290 45.20 -50.51 -2.46
N GLN F 291 45.91 -51.53 -2.94
CA GLN F 291 45.42 -52.89 -3.12
C GLN F 291 44.17 -52.95 -4.00
N GLY F 292 44.21 -52.23 -5.12
CA GLY F 292 43.10 -52.23 -6.04
C GLY F 292 41.99 -51.26 -5.73
N LEU F 293 41.81 -50.88 -4.47
CA LEU F 293 40.78 -49.93 -4.11
C LEU F 293 41.33 -48.52 -4.29
N PRO F 294 40.52 -47.59 -4.76
CA PRO F 294 41.05 -46.26 -5.05
C PRO F 294 41.12 -45.39 -3.80
N LEU F 295 42.06 -44.47 -3.82
CA LEU F 295 42.20 -43.45 -2.79
C LEU F 295 42.03 -42.11 -3.47
N TYR F 296 41.24 -41.23 -2.87
CA TYR F 296 40.80 -40.03 -3.56
C TYR F 296 41.41 -38.75 -3.02
N SER F 297 42.19 -38.81 -1.95
CA SER F 297 42.90 -37.64 -1.45
C SER F 297 44.05 -38.11 -0.59
N ARG F 298 44.89 -37.16 -0.18
CA ARG F 298 45.99 -37.49 0.71
C ARG F 298 45.46 -37.80 2.10
N LEU F 299 44.33 -37.20 2.47
CA LEU F 299 43.69 -37.56 3.72
C LEU F 299 43.13 -38.96 3.65
N HIS F 300 42.58 -39.35 2.50
CA HIS F 300 42.07 -40.70 2.33
C HIS F 300 43.21 -41.70 2.31
N LYS F 301 44.31 -41.36 1.65
CA LYS F 301 45.48 -42.23 1.62
C LYS F 301 46.09 -42.36 3.01
N TRP F 302 46.07 -41.28 3.78
CA TRP F 302 46.60 -41.32 5.13
C TRP F 302 45.71 -42.13 6.05
N ALA F 303 44.39 -42.03 5.88
CA ALA F 303 43.47 -42.76 6.73
C ALA F 303 43.50 -44.25 6.41
N GLN F 304 43.68 -44.60 5.14
CA GLN F 304 43.85 -46.01 4.81
C GLN F 304 45.24 -46.51 5.22
N GLY F 305 46.20 -45.59 5.34
CA GLY F 305 47.55 -46.00 5.70
C GLY F 305 47.68 -46.42 7.15
N LEU F 306 46.68 -46.11 7.97
CA LEU F 306 46.68 -46.55 9.35
C LEU F 306 45.99 -47.91 9.47
N SER G 13 21.07 -17.76 -3.11
CA SER G 13 19.65 -17.47 -3.32
C SER G 13 19.26 -17.65 -4.78
N LEU G 14 20.15 -18.24 -5.56
CA LEU G 14 19.86 -18.46 -6.97
C LEU G 14 18.80 -19.54 -7.16
N PHE G 15 18.98 -20.70 -6.54
CA PHE G 15 18.00 -21.76 -6.63
C PHE G 15 16.72 -21.39 -5.89
N PHE G 16 16.84 -20.60 -4.82
CA PHE G 16 15.66 -20.20 -4.05
C PHE G 16 14.78 -19.24 -4.84
N LYS G 17 15.37 -18.22 -5.48
CA LYS G 17 14.59 -17.28 -6.26
C LYS G 17 14.15 -17.90 -7.58
N SER G 18 14.94 -18.83 -8.11
CA SER G 18 14.55 -19.49 -9.36
C SER G 18 13.44 -20.50 -9.12
N LYS G 19 13.33 -21.04 -7.90
CA LYS G 19 12.26 -21.98 -7.60
C LYS G 19 11.05 -21.26 -7.00
N ASP G 20 11.28 -20.26 -6.17
CA ASP G 20 10.21 -19.48 -5.55
C ASP G 20 10.54 -18.01 -5.75
N VAL G 21 9.79 -17.35 -6.62
CA VAL G 21 10.21 -16.04 -7.10
C VAL G 21 9.81 -14.93 -6.14
N MET G 22 10.77 -14.07 -5.82
CA MET G 22 10.51 -12.73 -5.28
C MET G 22 10.04 -11.89 -6.46
N ILE G 23 9.51 -10.70 -6.16
CA ILE G 23 8.52 -9.95 -6.95
C ILE G 23 8.88 -9.84 -8.43
N PHE G 24 8.00 -10.37 -9.28
CA PHE G 24 8.38 -10.66 -10.66
C PHE G 24 8.37 -9.41 -11.52
N ASN G 25 7.70 -8.36 -11.08
CA ASN G 25 7.80 -7.08 -11.77
C ASN G 25 9.19 -6.48 -11.59
N GLY G 26 9.69 -6.44 -10.36
CA GLY G 26 11.05 -5.98 -10.13
C GLY G 26 12.09 -6.94 -10.69
N LEU G 27 11.78 -8.24 -10.69
CA LEU G 27 12.68 -9.22 -11.29
C LEU G 27 12.77 -9.04 -12.80
N VAL G 28 11.64 -8.78 -13.46
CA VAL G 28 11.66 -8.55 -14.90
C VAL G 28 12.29 -7.20 -15.22
N ALA G 29 12.18 -6.24 -14.30
CA ALA G 29 12.83 -4.95 -14.51
C ALA G 29 14.35 -5.06 -14.39
N LEU G 30 14.82 -5.81 -13.40
CA LEU G 30 16.26 -6.03 -13.26
C LEU G 30 16.80 -6.90 -14.38
N GLY G 31 15.97 -7.83 -14.89
CA GLY G 31 16.36 -8.59 -16.06
C GLY G 31 16.40 -7.74 -17.32
N THR G 32 15.52 -6.74 -17.40
CA THR G 32 15.56 -5.81 -18.52
C THR G 32 16.78 -4.90 -18.44
N VAL G 33 17.19 -4.52 -17.22
CA VAL G 33 18.39 -3.70 -17.07
C VAL G 33 19.66 -4.50 -17.42
N GLY G 34 19.75 -5.73 -16.91
CA GLY G 34 20.87 -6.58 -17.27
C GLY G 34 20.88 -6.96 -18.75
N SER G 35 19.69 -7.13 -19.34
CA SER G 35 19.60 -7.37 -20.78
C SER G 35 19.99 -6.14 -21.57
N GLN G 36 19.70 -4.94 -21.03
CA GLN G 36 20.13 -3.71 -21.67
C GLN G 36 21.65 -3.60 -21.70
N GLU G 37 22.28 -3.87 -20.54
CA GLU G 37 23.77 -3.82 -20.39
C GLU G 37 24.49 -4.91 -21.22
N LEU G 38 23.98 -6.15 -21.22
CA LEU G 38 24.62 -7.26 -21.93
C LEU G 38 24.30 -7.22 -23.43
N PHE G 39 23.09 -6.78 -23.80
CA PHE G 39 22.77 -6.65 -25.21
C PHE G 39 23.37 -5.38 -25.79
N SER G 40 23.77 -4.44 -24.92
CA SER G 40 24.54 -3.30 -25.40
C SER G 40 25.96 -3.72 -25.73
N VAL G 41 26.52 -4.66 -24.96
CA VAL G 41 27.90 -5.04 -25.23
C VAL G 41 27.97 -6.05 -26.39
N VAL G 42 26.84 -6.66 -26.77
CA VAL G 42 26.84 -7.55 -27.93
C VAL G 42 26.03 -7.02 -29.09
N ALA G 43 25.66 -5.73 -29.07
CA ALA G 43 24.86 -5.16 -30.13
C ALA G 43 25.62 -5.11 -31.44
N PHE G 44 24.90 -5.33 -32.54
CA PHE G 44 25.50 -5.43 -33.85
C PHE G 44 25.85 -4.02 -34.34
N HIS G 45 27.15 -3.80 -34.49
CA HIS G 45 27.59 -2.53 -35.06
C HIS G 45 28.27 -2.78 -36.40
N CYS G 46 27.58 -2.44 -37.47
CA CYS G 46 28.04 -2.78 -38.80
C CYS G 46 29.21 -1.90 -39.20
N PRO G 47 30.32 -2.48 -39.64
CA PRO G 47 31.40 -1.68 -40.24
C PRO G 47 31.01 -1.32 -41.66
N CYS G 48 30.62 -0.07 -41.85
CA CYS G 48 30.16 0.33 -43.17
C CYS G 48 31.38 0.55 -44.07
N SER G 49 31.90 -0.57 -44.57
CA SER G 49 33.10 -0.62 -45.37
C SER G 49 33.11 -1.92 -46.15
N PRO G 50 33.59 -1.92 -47.40
CA PRO G 50 33.57 -3.14 -48.19
C PRO G 50 34.64 -4.11 -47.73
N ALA G 51 34.41 -5.40 -48.02
CA ALA G 51 35.30 -6.53 -47.72
C ALA G 51 35.54 -6.70 -46.22
N ARG G 52 34.72 -6.07 -45.40
CA ARG G 52 35.01 -5.91 -43.99
C ARG G 52 33.75 -6.20 -43.20
N ASN G 53 32.61 -6.03 -43.83
CA ASN G 53 31.36 -6.14 -43.09
C ASN G 53 30.77 -7.53 -43.18
N TYR G 54 31.10 -8.28 -44.24
CA TYR G 54 30.69 -9.67 -44.23
C TYR G 54 31.55 -10.48 -43.28
N LEU G 55 32.80 -10.07 -43.10
CA LEU G 55 33.64 -10.69 -42.08
C LEU G 55 33.10 -10.41 -40.69
N TYR G 56 32.55 -9.21 -40.47
CA TYR G 56 31.98 -8.92 -39.17
C TYR G 56 30.66 -9.64 -38.98
N GLY G 57 29.85 -9.76 -40.03
CA GLY G 57 28.62 -10.52 -39.91
C GLY G 57 28.89 -11.98 -39.63
N LEU G 58 29.87 -12.54 -40.34
CA LEU G 58 30.28 -13.93 -40.12
C LEU G 58 30.83 -14.14 -38.72
N ALA G 59 31.62 -13.20 -38.22
CA ALA G 59 32.12 -13.33 -36.85
C ALA G 59 31.01 -13.19 -35.83
N ALA G 60 30.25 -12.09 -35.87
CA ALA G 60 29.30 -11.78 -34.81
C ALA G 60 28.07 -12.68 -34.87
N ILE G 61 27.92 -13.47 -35.94
CA ILE G 61 26.83 -14.44 -35.93
C ILE G 61 27.36 -15.85 -35.75
N GLY G 62 28.34 -16.27 -36.57
CA GLY G 62 28.79 -17.64 -36.53
C GLY G 62 29.63 -17.96 -35.31
N VAL G 63 30.19 -16.95 -34.66
CA VAL G 63 30.94 -17.18 -33.43
C VAL G 63 30.04 -17.40 -32.22
N PRO G 64 28.94 -16.64 -31.99
CA PRO G 64 27.99 -17.10 -30.98
C PRO G 64 27.32 -18.40 -31.35
N ALA G 65 27.16 -18.67 -32.64
CA ALA G 65 26.70 -19.98 -33.08
C ALA G 65 27.69 -21.07 -32.70
N LEU G 66 28.98 -20.85 -32.96
CA LEU G 66 29.98 -21.86 -32.63
C LEU G 66 30.14 -22.01 -31.13
N VAL G 67 29.96 -20.92 -30.38
CA VAL G 67 30.05 -20.97 -28.93
C VAL G 67 28.89 -21.77 -28.36
N LEU G 68 27.67 -21.52 -28.85
CA LEU G 68 26.52 -22.26 -28.34
C LEU G 68 26.56 -23.71 -28.78
N PHE G 69 27.15 -23.98 -29.95
CA PHE G 69 27.33 -25.35 -30.41
C PHE G 69 28.34 -26.10 -29.54
N ILE G 70 29.44 -25.43 -29.20
CA ILE G 70 30.45 -26.01 -28.31
C ILE G 70 29.86 -26.26 -26.93
N ILE G 71 29.09 -25.30 -26.42
CA ILE G 71 28.46 -25.44 -25.11
C ILE G 71 27.47 -26.60 -25.11
N GLY G 72 26.73 -26.76 -26.20
CA GLY G 72 25.82 -27.90 -26.29
C GLY G 72 26.53 -29.23 -26.39
N ILE G 73 27.73 -29.25 -26.96
CA ILE G 73 28.49 -30.48 -26.97
C ILE G 73 29.05 -30.77 -25.57
N ILE G 74 29.48 -29.72 -24.88
CA ILE G 74 30.09 -29.86 -23.54
C ILE G 74 29.08 -30.36 -22.53
N LEU G 75 27.91 -29.74 -22.48
CA LEU G 75 26.97 -30.06 -21.41
C LEU G 75 26.26 -31.39 -21.66
N ASN G 76 26.30 -31.90 -22.89
CA ASN G 76 25.75 -33.21 -23.16
C ASN G 76 26.69 -34.29 -22.63
N ASN G 77 26.17 -35.14 -21.76
CA ASN G 77 27.01 -36.15 -21.15
C ASN G 77 27.21 -37.35 -22.07
N HIS G 78 26.43 -37.42 -23.14
CA HIS G 78 26.65 -38.48 -24.13
C HIS G 78 27.95 -38.25 -24.88
N THR G 79 28.42 -37.00 -24.94
CA THR G 79 29.74 -36.70 -25.46
C THR G 79 30.80 -37.43 -24.67
N TRP G 80 30.70 -37.38 -23.34
CA TRP G 80 31.72 -37.99 -22.52
C TRP G 80 31.52 -39.48 -22.41
N ASN G 81 30.28 -39.95 -22.60
CA ASN G 81 30.07 -41.38 -22.70
C ASN G 81 30.72 -41.94 -23.95
N LEU G 82 30.62 -41.22 -25.08
CA LEU G 82 31.24 -41.70 -26.30
C LEU G 82 32.75 -41.58 -26.23
N VAL G 83 33.25 -40.53 -25.59
CA VAL G 83 34.69 -40.37 -25.48
C VAL G 83 35.26 -41.38 -24.49
N ALA G 84 34.44 -41.83 -23.53
CA ALA G 84 34.89 -42.88 -22.62
C ALA G 84 34.86 -44.23 -23.31
N GLU G 85 33.88 -44.43 -24.19
CA GLU G 85 33.84 -45.66 -24.98
C GLU G 85 35.07 -45.79 -25.88
N CYS G 86 35.40 -44.73 -26.61
CA CYS G 86 36.57 -44.79 -27.48
C CYS G 86 37.86 -44.71 -26.66
N GLN G 87 37.78 -44.22 -25.43
CA GLN G 87 38.96 -44.14 -24.59
C GLN G 87 39.32 -45.49 -23.99
N HIS G 88 38.43 -46.08 -23.19
CA HIS G 88 38.83 -47.28 -22.45
C HIS G 88 38.29 -48.53 -23.10
N ARG G 89 37.22 -48.44 -23.89
CA ARG G 89 36.82 -49.58 -24.70
C ARG G 89 37.85 -49.86 -25.77
N ARG G 90 38.34 -48.80 -26.42
CA ARG G 90 39.63 -48.69 -27.11
C ARG G 90 39.85 -49.70 -28.23
N THR G 91 38.82 -50.44 -28.65
CA THR G 91 38.97 -51.44 -29.69
C THR G 91 37.80 -51.45 -30.65
N LYS G 92 37.07 -50.33 -30.76
CA LYS G 92 35.79 -50.22 -31.46
C LYS G 92 34.80 -51.29 -30.98
N ASN G 93 34.55 -51.29 -29.67
CA ASN G 93 33.55 -52.20 -29.10
C ASN G 93 32.15 -51.84 -29.60
N CYS G 94 31.78 -50.57 -29.52
CA CYS G 94 30.69 -50.07 -30.32
C CYS G 94 31.21 -49.68 -31.69
N SER G 95 30.55 -50.18 -32.74
CA SER G 95 31.07 -50.03 -34.09
C SER G 95 30.78 -48.65 -34.63
N ALA G 96 30.99 -48.49 -35.95
CA ALA G 96 30.85 -47.19 -36.58
C ALA G 96 29.39 -46.74 -36.64
N ALA G 97 28.46 -47.68 -36.70
CA ALA G 97 27.04 -47.32 -36.72
C ALA G 97 26.48 -46.91 -35.36
N PRO G 98 26.79 -47.57 -34.21
CA PRO G 98 26.36 -46.98 -32.94
C PRO G 98 27.07 -45.67 -32.62
N THR G 99 28.34 -45.54 -33.02
CA THR G 99 29.05 -44.28 -32.88
C THR G 99 28.40 -43.19 -33.71
N PHE G 100 27.91 -43.54 -34.91
CA PHE G 100 27.26 -42.57 -35.77
C PHE G 100 25.90 -42.15 -35.21
N LEU G 101 25.16 -43.10 -34.64
CA LEU G 101 23.86 -42.76 -34.05
C LEU G 101 24.02 -41.91 -32.80
N LEU G 102 25.01 -42.23 -31.96
CA LEU G 102 25.27 -41.44 -30.76
C LEU G 102 25.75 -40.04 -31.14
N LEU G 103 26.65 -39.96 -32.13
CA LEU G 103 27.14 -38.66 -32.60
C LEU G 103 26.02 -37.82 -33.19
N SER G 104 25.07 -38.46 -33.89
CA SER G 104 23.92 -37.73 -34.43
C SER G 104 23.06 -37.15 -33.32
N SER G 105 22.82 -37.94 -32.27
CA SER G 105 22.04 -37.44 -31.12
C SER G 105 22.75 -36.28 -30.42
N ILE G 106 24.06 -36.40 -30.24
CA ILE G 106 24.86 -35.35 -29.59
C ILE G 106 24.85 -34.07 -30.42
N LEU G 107 25.15 -34.18 -31.72
CA LEU G 107 25.21 -33.00 -32.57
C LEU G 107 23.85 -32.35 -32.75
N GLY G 108 22.78 -33.13 -32.66
CA GLY G 108 21.46 -32.53 -32.71
C GLY G 108 21.11 -31.72 -31.48
N ARG G 109 21.31 -32.30 -30.30
CA ARG G 109 21.00 -31.56 -29.08
C ARG G 109 21.98 -30.40 -28.88
N ALA G 110 23.17 -30.50 -29.47
CA ALA G 110 24.05 -29.35 -29.52
C ALA G 110 23.52 -28.27 -30.44
N ALA G 111 23.17 -28.65 -31.68
CA ALA G 111 22.81 -27.69 -32.71
C ALA G 111 21.40 -27.17 -32.58
N VAL G 112 20.70 -27.49 -31.49
CA VAL G 112 19.49 -26.74 -31.16
C VAL G 112 19.78 -25.24 -31.06
N ALA G 113 20.75 -24.86 -30.24
CA ALA G 113 20.93 -23.44 -29.91
C ALA G 113 21.63 -22.60 -30.98
N PRO G 114 22.66 -23.07 -31.71
CA PRO G 114 23.18 -22.22 -32.80
C PRO G 114 22.21 -22.01 -33.93
N VAL G 115 21.37 -23.00 -34.23
CA VAL G 115 20.35 -22.84 -35.25
C VAL G 115 19.33 -21.80 -34.80
N THR G 116 18.98 -21.79 -33.52
CA THR G 116 18.02 -20.81 -33.02
C THR G 116 18.63 -19.41 -33.02
N TRP G 117 19.92 -19.32 -32.72
CA TRP G 117 20.61 -18.03 -32.76
C TRP G 117 20.71 -17.50 -34.18
N SER G 118 21.06 -18.37 -35.13
CA SER G 118 21.24 -17.93 -36.50
C SER G 118 19.90 -17.62 -37.16
N VAL G 119 18.84 -18.29 -36.71
CA VAL G 119 17.51 -17.99 -37.22
C VAL G 119 17.03 -16.65 -36.69
N ILE G 120 17.25 -16.37 -35.40
CA ILE G 120 16.87 -15.09 -34.84
C ILE G 120 17.69 -13.97 -35.47
N SER G 121 18.95 -14.24 -35.77
CA SER G 121 19.78 -13.20 -36.38
C SER G 121 19.45 -13.00 -37.85
N LEU G 122 18.94 -14.03 -38.51
CA LEU G 122 18.52 -13.87 -39.90
C LEU G 122 17.17 -13.18 -39.99
N LEU G 123 16.31 -13.40 -39.00
CA LEU G 123 15.01 -12.75 -39.01
C LEU G 123 15.11 -11.31 -38.53
N ARG G 124 16.18 -11.05 -37.78
CA ARG G 124 16.53 -9.65 -37.39
C ARG G 124 16.92 -8.92 -38.67
N GLY G 125 17.67 -9.61 -39.54
CA GLY G 125 18.06 -9.11 -40.84
C GLY G 125 19.31 -8.27 -40.87
N GLU G 126 19.77 -7.78 -39.72
CA GLU G 126 20.79 -6.72 -39.68
C GLU G 126 22.15 -7.23 -40.13
N ALA G 127 22.47 -8.47 -39.78
CA ALA G 127 23.75 -9.04 -40.19
C ALA G 127 23.78 -9.26 -41.69
N TYR G 128 22.64 -9.50 -42.30
CA TYR G 128 22.65 -9.81 -43.73
C TYR G 128 22.69 -8.56 -44.59
N VAL G 129 21.96 -7.49 -44.20
CA VAL G 129 22.11 -6.22 -44.90
C VAL G 129 23.53 -5.72 -44.75
N CYS G 130 24.10 -5.88 -43.54
CA CYS G 130 25.47 -5.47 -43.32
C CYS G 130 26.45 -6.32 -44.14
N ALA G 131 26.18 -7.61 -44.26
CA ALA G 131 27.15 -8.49 -44.88
C ALA G 131 27.06 -8.44 -46.40
N LEU G 132 25.91 -8.06 -46.95
CA LEU G 132 25.76 -8.10 -48.40
C LEU G 132 25.43 -6.76 -49.02
N SER G 133 25.61 -5.65 -48.31
CA SER G 133 25.43 -4.34 -48.93
C SER G 133 26.39 -4.13 -50.08
N GLU G 134 27.62 -4.64 -49.96
CA GLU G 134 28.63 -4.35 -50.97
C GLU G 134 28.47 -5.22 -52.20
N PHE G 135 27.70 -6.31 -52.09
CA PHE G 135 27.59 -7.23 -53.21
C PHE G 135 26.39 -6.91 -54.08
N VAL G 136 25.60 -5.91 -53.69
CA VAL G 136 24.43 -5.55 -54.47
C VAL G 136 24.85 -4.89 -55.76
N ASP G 137 24.39 -5.44 -56.87
CA ASP G 137 24.70 -4.91 -58.19
C ASP G 137 24.05 -3.53 -58.36
N PRO G 138 24.85 -2.51 -58.69
CA PRO G 138 24.30 -1.14 -58.71
C PRO G 138 23.36 -0.89 -59.87
N SER G 139 23.49 -1.64 -60.96
CA SER G 139 22.59 -1.46 -62.09
C SER G 139 21.21 -2.03 -61.81
N SER G 140 21.11 -2.94 -60.83
CA SER G 140 19.82 -3.56 -60.54
C SER G 140 18.95 -2.70 -59.64
N LEU G 141 19.42 -1.52 -59.26
CA LEU G 141 18.64 -0.67 -58.37
C LEU G 141 17.57 0.10 -59.15
N THR G 142 16.45 0.37 -58.48
CA THR G 142 15.33 1.10 -59.06
C THR G 142 14.91 2.22 -58.12
N ALA G 143 13.76 2.82 -58.45
CA ALA G 143 13.02 3.86 -57.71
C ALA G 143 13.73 5.20 -57.66
N ARG G 144 14.79 5.40 -58.44
CA ARG G 144 15.46 6.69 -58.54
C ARG G 144 16.29 6.71 -59.81
N GLU G 145 16.91 7.86 -60.09
CA GLU G 145 17.85 7.95 -61.18
C GLU G 145 19.21 7.41 -60.74
N GLU G 146 19.83 6.61 -61.61
CA GLU G 146 21.03 5.86 -61.27
C GLU G 146 22.21 6.81 -61.04
N HIS G 147 22.67 6.88 -59.79
CA HIS G 147 23.73 7.79 -59.37
C HIS G 147 24.78 6.97 -58.62
N PHE G 148 25.71 6.39 -59.38
CA PHE G 148 26.76 5.56 -58.80
C PHE G 148 28.05 5.72 -59.58
N PRO G 149 29.06 6.39 -59.03
CA PRO G 149 30.40 6.32 -59.61
C PRO G 149 30.93 4.89 -59.53
N SER G 150 31.35 4.35 -60.68
CA SER G 150 31.77 2.96 -60.74
C SER G 150 33.09 2.73 -60.01
N ALA G 151 33.86 3.81 -59.79
CA ALA G 151 35.03 3.70 -58.92
C ALA G 151 34.63 3.53 -57.47
N HIS G 152 33.73 4.38 -56.98
CA HIS G 152 33.26 4.33 -55.60
C HIS G 152 31.95 3.59 -55.46
N ALA G 153 31.71 2.56 -56.28
CA ALA G 153 30.45 1.84 -56.22
C ALA G 153 30.34 1.00 -54.95
N THR G 154 31.30 0.11 -54.73
CA THR G 154 31.23 -0.86 -53.64
C THR G 154 31.29 -0.18 -52.28
N GLU G 155 32.00 0.94 -52.18
CA GLU G 155 32.13 1.61 -50.88
C GLU G 155 30.82 2.30 -50.50
N ILE G 156 30.18 2.99 -51.44
CA ILE G 156 28.93 3.67 -51.11
C ILE G 156 27.80 2.67 -51.01
N LEU G 157 27.95 1.50 -51.64
CA LEU G 157 27.03 0.40 -51.37
C LEU G 157 27.20 -0.12 -49.96
N ALA G 158 28.43 -0.36 -49.55
CA ALA G 158 28.71 -0.93 -48.24
C ALA G 158 28.42 0.04 -47.11
N ARG G 159 28.31 1.32 -47.40
CA ARG G 159 28.01 2.30 -46.36
C ARG G 159 26.51 2.45 -46.14
N PHE G 160 25.69 1.75 -46.92
CA PHE G 160 24.23 1.82 -46.76
C PHE G 160 23.67 1.39 -45.40
N PRO G 161 24.10 0.28 -44.74
CA PRO G 161 23.36 -0.14 -43.53
C PRO G 161 23.56 0.76 -42.32
N CYS G 162 24.49 1.71 -42.37
CA CYS G 162 24.62 2.65 -41.25
C CYS G 162 23.71 3.86 -41.43
N LYS G 163 22.81 3.81 -42.41
CA LYS G 163 22.05 4.95 -42.93
C LYS G 163 22.95 6.12 -43.30
N GLU G 164 24.12 5.83 -43.85
CA GLU G 164 25.08 6.85 -44.22
C GLU G 164 25.12 7.10 -45.72
N ASN G 165 24.02 6.84 -46.41
CA ASN G 165 23.91 7.24 -47.80
C ASN G 165 23.74 8.75 -47.88
N PRO G 166 24.05 9.34 -49.04
CA PRO G 166 23.61 10.72 -49.29
C PRO G 166 22.09 10.78 -49.38
N ASP G 167 21.55 11.98 -49.13
CA ASP G 167 20.10 12.14 -49.20
C ASP G 167 19.58 12.06 -50.62
N ASN G 168 20.48 12.22 -51.60
CA ASN G 168 20.13 11.95 -52.99
C ASN G 168 19.94 10.46 -53.24
N LEU G 169 20.49 9.63 -52.36
CA LEU G 169 20.42 8.18 -52.51
C LEU G 169 19.61 7.51 -51.41
N SER G 170 18.73 8.23 -50.73
CA SER G 170 17.97 7.63 -49.64
C SER G 170 16.94 6.64 -50.16
N ASP G 171 16.38 6.89 -51.34
CA ASP G 171 15.45 5.94 -51.95
C ASP G 171 16.17 4.67 -52.38
N PHE G 172 17.37 4.83 -52.97
CA PHE G 172 18.22 3.70 -53.28
C PHE G 172 18.57 2.90 -52.04
N ARG G 173 18.87 3.58 -50.94
CA ARG G 173 19.25 2.89 -49.70
C ARG G 173 18.07 2.14 -49.11
N GLU G 174 16.87 2.72 -49.19
CA GLU G 174 15.68 2.02 -48.70
C GLU G 174 15.37 0.81 -49.58
N GLU G 175 15.65 0.90 -50.88
CA GLU G 175 15.42 -0.23 -51.78
C GLU G 175 16.37 -1.38 -51.48
N VAL G 176 17.66 -1.09 -51.30
CA VAL G 176 18.63 -2.13 -50.96
C VAL G 176 18.36 -2.68 -49.57
N SER G 177 17.95 -1.84 -48.63
CA SER G 177 17.64 -2.32 -47.29
C SER G 177 16.46 -3.26 -47.29
N ARG G 178 15.42 -2.94 -48.06
CA ARG G 178 14.25 -3.82 -48.11
C ARG G 178 14.56 -5.11 -48.85
N ARG G 179 15.36 -5.04 -49.92
CA ARG G 179 15.67 -6.23 -50.70
C ARG G 179 16.54 -7.20 -49.91
N LEU G 180 17.56 -6.68 -49.23
CA LEU G 180 18.45 -7.56 -48.50
C LEU G 180 17.84 -8.02 -47.19
N ARG G 181 16.94 -7.21 -46.59
CA ARG G 181 16.21 -7.69 -45.44
C ARG G 181 15.21 -8.76 -45.84
N TYR G 182 14.68 -8.67 -47.07
CA TYR G 182 13.88 -9.75 -47.61
C TYR G 182 14.68 -11.02 -47.75
N GLU G 183 15.88 -10.92 -48.31
CA GLU G 183 16.68 -12.13 -48.52
C GLU G 183 17.14 -12.71 -47.19
N SER G 184 17.33 -11.85 -46.19
CA SER G 184 17.64 -12.30 -44.84
C SER G 184 16.49 -13.07 -44.23
N GLN G 185 15.30 -12.48 -44.22
CA GLN G 185 14.16 -13.14 -43.59
C GLN G 185 13.71 -14.35 -44.39
N LEU G 186 13.93 -14.34 -45.70
CA LEU G 186 13.64 -15.51 -46.51
C LEU G 186 14.60 -16.65 -46.18
N PHE G 187 15.88 -16.34 -46.01
CA PHE G 187 16.85 -17.34 -45.59
C PHE G 187 16.53 -17.85 -44.19
N GLY G 188 16.06 -16.97 -43.31
CA GLY G 188 15.71 -17.39 -41.97
C GLY G 188 14.50 -18.29 -41.93
N TRP G 189 13.48 -17.97 -42.73
CA TRP G 189 12.29 -18.79 -42.75
C TRP G 189 12.54 -20.12 -43.44
N LEU G 190 13.33 -20.13 -44.53
CA LEU G 190 13.65 -21.41 -45.15
C LEU G 190 14.56 -22.24 -44.27
N LEU G 191 15.37 -21.58 -43.43
CA LEU G 191 16.20 -22.31 -42.48
C LEU G 191 15.36 -22.95 -41.39
N ILE G 192 14.43 -22.21 -40.80
CA ILE G 192 13.61 -22.79 -39.74
C ILE G 192 12.64 -23.82 -40.33
N GLY G 193 12.31 -23.69 -41.62
CA GLY G 193 11.50 -24.70 -42.27
C GLY G 193 12.25 -26.01 -42.47
N VAL G 194 13.49 -25.93 -42.99
CA VAL G 194 14.22 -27.17 -43.22
C VAL G 194 14.68 -27.77 -41.89
N VAL G 195 14.85 -26.94 -40.86
CA VAL G 195 15.18 -27.47 -39.55
C VAL G 195 13.98 -28.17 -38.95
N ALA G 196 12.77 -27.65 -39.19
CA ALA G 196 11.57 -28.32 -38.70
C ALA G 196 11.35 -29.65 -39.42
N ILE G 197 11.56 -29.69 -40.73
CA ILE G 197 11.31 -30.95 -41.42
C ILE G 197 12.43 -31.96 -41.15
N LEU G 198 13.62 -31.42 -40.85
CA LEU G 198 14.79 -32.25 -40.43
C LEU G 198 14.49 -32.88 -39.06
N VAL G 199 13.96 -32.09 -38.12
CA VAL G 199 13.55 -32.57 -36.80
C VAL G 199 12.47 -33.64 -36.94
N PHE G 200 11.54 -33.41 -37.85
CA PHE G 200 10.47 -34.36 -38.10
C PHE G 200 11.00 -35.67 -38.69
N LEU G 201 11.90 -35.60 -39.66
CA LEU G 201 12.41 -36.83 -40.26
C LEU G 201 13.39 -37.55 -39.34
N THR G 202 14.10 -36.83 -38.48
CA THR G 202 14.96 -37.52 -37.53
C THR G 202 14.13 -38.25 -36.49
N LYS G 203 13.03 -37.64 -36.05
CA LYS G 203 12.15 -38.33 -35.11
C LYS G 203 11.48 -39.54 -35.77
N CYS G 204 11.09 -39.40 -37.04
CA CYS G 204 10.43 -40.51 -37.72
C CYS G 204 11.39 -41.65 -37.99
N LEU G 205 12.64 -41.33 -38.38
CA LEU G 205 13.59 -42.40 -38.64
C LEU G 205 14.11 -43.00 -37.34
N LYS G 206 14.12 -42.23 -36.27
CA LYS G 206 14.47 -42.79 -34.97
C LYS G 206 13.41 -43.77 -34.51
N HIS G 207 12.13 -43.42 -34.67
CA HIS G 207 11.06 -44.31 -34.24
C HIS G 207 10.93 -45.50 -35.18
N TYR G 208 11.29 -45.32 -36.44
CA TYR G 208 11.18 -46.42 -37.39
C TYR G 208 12.36 -47.36 -37.28
N CYS G 209 13.53 -46.85 -36.88
CA CYS G 209 14.73 -47.67 -36.92
C CYS G 209 15.22 -48.02 -35.53
N SER G 210 14.42 -47.74 -34.52
CA SER G 210 14.72 -48.26 -33.19
C SER G 210 14.28 -49.72 -33.13
N PRO G 211 15.04 -50.58 -32.45
CA PRO G 211 14.59 -51.98 -32.33
C PRO G 211 13.45 -52.12 -31.34
N LEU G 212 13.46 -51.34 -30.29
CA LEU G 212 12.42 -51.40 -29.29
C LEU G 212 11.34 -50.37 -29.60
N SER G 213 10.20 -50.51 -28.94
CA SER G 213 9.04 -49.69 -29.23
C SER G 213 9.22 -48.28 -28.69
N TYR G 214 8.19 -47.46 -28.86
CA TYR G 214 8.30 -46.08 -28.41
C TYR G 214 7.83 -45.94 -26.97
N ARG G 215 6.96 -46.83 -26.51
CA ARG G 215 6.59 -46.81 -25.10
C ARG G 215 7.74 -47.35 -24.25
N GLN G 216 8.43 -48.36 -24.75
CA GLN G 216 9.61 -48.84 -24.05
C GLN G 216 10.74 -47.85 -24.12
N GLU G 217 10.81 -47.07 -25.19
CA GLU G 217 11.84 -46.03 -25.26
C GLU G 217 11.50 -44.89 -24.31
N ALA G 218 10.22 -44.66 -24.05
CA ALA G 218 9.85 -43.67 -23.05
C ALA G 218 10.15 -44.17 -21.66
N TYR G 219 9.96 -45.47 -21.43
CA TYR G 219 10.34 -46.07 -20.16
C TYR G 219 11.84 -46.05 -19.97
N TRP G 220 12.58 -46.27 -21.05
CA TRP G 220 14.04 -46.21 -21.01
C TRP G 220 14.53 -44.81 -20.69
N ALA G 221 13.87 -43.80 -21.25
CA ALA G 221 14.24 -42.43 -20.94
C ALA G 221 13.94 -42.10 -19.49
N GLN G 222 12.82 -42.61 -18.98
CA GLN G 222 12.50 -42.38 -17.57
C GLN G 222 13.47 -43.12 -16.67
N TYR G 223 13.92 -44.30 -17.09
CA TYR G 223 14.91 -45.04 -16.33
C TYR G 223 16.23 -44.30 -16.30
N ARG G 224 16.66 -43.79 -17.44
CA ARG G 224 17.95 -43.11 -17.50
C ARG G 224 17.93 -41.84 -16.68
N ALA G 225 16.80 -41.13 -16.67
CA ALA G 225 16.69 -39.95 -15.83
C ALA G 225 16.70 -40.33 -14.35
N ASN G 226 15.95 -41.37 -13.98
CA ASN G 226 15.92 -41.79 -12.59
C ASN G 226 17.26 -42.35 -12.15
N GLU G 227 17.97 -43.02 -13.04
CA GLU G 227 19.22 -43.64 -12.65
C GLU G 227 20.32 -42.63 -12.53
N ASP G 228 20.35 -41.63 -13.42
CA ASP G 228 21.35 -40.59 -13.28
C ASP G 228 21.07 -39.72 -12.06
N GLN G 229 19.81 -39.45 -11.76
CA GLN G 229 19.51 -38.64 -10.58
C GLN G 229 19.80 -39.40 -9.29
N LEU G 230 19.41 -40.67 -9.23
CA LEU G 230 19.67 -41.47 -8.05
C LEU G 230 21.14 -41.73 -7.88
N PHE G 231 21.88 -41.84 -8.99
CA PHE G 231 23.30 -42.11 -8.91
C PHE G 231 24.07 -40.89 -8.46
N GLN G 232 23.69 -39.70 -8.94
CA GLN G 232 24.34 -38.49 -8.46
C GLN G 232 24.05 -38.26 -6.99
N ARG G 233 22.82 -38.54 -6.55
CA ARG G 233 22.48 -38.34 -5.14
C ARG G 233 23.24 -39.30 -4.24
N THR G 234 23.28 -40.58 -4.61
CA THR G 234 23.95 -41.50 -3.72
C THR G 234 25.46 -41.46 -3.91
N ALA G 235 25.95 -40.88 -4.99
CA ALA G 235 27.38 -40.67 -5.09
C ALA G 235 27.80 -39.53 -4.21
N GLU G 236 26.99 -38.47 -4.14
CA GLU G 236 27.24 -37.38 -3.19
C GLU G 236 27.17 -37.88 -1.76
N VAL G 237 26.20 -38.73 -1.45
CA VAL G 237 26.04 -39.21 -0.09
C VAL G 237 27.16 -40.19 0.28
N HIS G 238 27.51 -41.09 -0.64
CA HIS G 238 28.58 -42.05 -0.40
C HIS G 238 29.92 -41.37 -0.26
N SER G 239 30.15 -40.33 -1.05
CA SER G 239 31.38 -39.57 -0.93
C SER G 239 31.41 -38.79 0.36
N ARG G 240 30.25 -38.32 0.81
CA ARG G 240 30.20 -37.61 2.09
C ARG G 240 30.49 -38.53 3.26
N VAL G 241 30.01 -39.76 3.21
CA VAL G 241 30.27 -40.66 4.33
C VAL G 241 31.70 -41.15 4.30
N LEU G 242 32.27 -41.29 3.10
CA LEU G 242 33.69 -41.65 3.01
C LEU G 242 34.58 -40.51 3.50
N ALA G 243 34.20 -39.28 3.17
CA ALA G 243 34.92 -38.12 3.65
C ALA G 243 34.81 -37.98 5.15
N ALA G 244 33.64 -38.31 5.71
CA ALA G 244 33.49 -38.27 7.15
C ALA G 244 34.33 -39.35 7.82
N ASN G 245 34.48 -40.50 7.19
CA ASN G 245 35.33 -41.55 7.76
C ASN G 245 36.78 -41.11 7.79
N ASN G 246 37.25 -40.48 6.72
CA ASN G 246 38.64 -40.04 6.68
C ASN G 246 38.89 -38.88 7.64
N VAL G 247 37.94 -37.96 7.70
CA VAL G 247 38.03 -36.82 8.59
C VAL G 247 38.01 -37.25 10.05
N ARG G 248 37.15 -38.21 10.40
CA ARG G 248 37.12 -38.76 11.74
C ARG G 248 38.41 -39.50 12.07
N ARG G 249 39.02 -40.13 11.06
CA ARG G 249 40.30 -40.76 11.29
C ARG G 249 41.39 -39.71 11.55
N PHE G 250 41.21 -38.51 11.01
CA PHE G 250 42.18 -37.45 11.27
C PHE G 250 42.01 -36.83 12.63
N PHE G 251 40.84 -36.26 12.90
CA PHE G 251 40.63 -35.47 14.10
C PHE G 251 40.12 -36.26 15.28
N GLY G 252 39.44 -37.37 15.07
CA GLY G 252 38.77 -38.07 16.14
C GLY G 252 37.28 -37.93 16.14
N PHE G 253 36.73 -37.00 15.36
CA PHE G 253 35.31 -36.79 15.26
C PHE G 253 35.05 -36.01 13.99
N VAL G 254 33.78 -35.83 13.65
CA VAL G 254 33.39 -35.00 12.51
C VAL G 254 32.32 -34.04 12.98
N ALA G 255 32.45 -32.78 12.59
CA ALA G 255 31.37 -31.82 12.80
C ALA G 255 30.35 -32.03 11.70
N LEU G 256 29.32 -32.81 12.00
CA LEU G 256 28.25 -33.07 11.06
C LEU G 256 27.03 -32.25 11.44
N ASN G 257 26.21 -31.96 10.44
CA ASN G 257 24.89 -31.43 10.71
C ASN G 257 23.96 -32.54 11.21
N LYS G 258 22.70 -32.20 11.43
CA LYS G 258 21.75 -33.22 11.86
C LYS G 258 21.44 -34.18 10.73
N ASP G 259 21.22 -33.63 9.52
CA ASP G 259 21.01 -34.46 8.34
C ASP G 259 22.23 -35.29 8.02
N ASP G 260 23.43 -34.73 8.19
CA ASP G 260 24.64 -35.48 7.90
C ASP G 260 24.86 -36.58 8.94
N GLU G 261 24.48 -36.32 10.19
CA GLU G 261 24.57 -37.37 11.20
C GLU G 261 23.58 -38.49 10.91
N GLU G 262 22.42 -38.14 10.35
CA GLU G 262 21.50 -39.15 9.87
C GLU G 262 22.09 -39.96 8.72
N LEU G 263 22.86 -39.29 7.84
CA LEU G 263 23.50 -40.00 6.74
C LEU G 263 24.57 -40.96 7.22
N ILE G 264 25.36 -40.56 8.22
CA ILE G 264 26.36 -41.47 8.78
C ILE G 264 25.69 -42.60 9.53
N ALA G 265 24.52 -42.33 10.11
CA ALA G 265 23.77 -43.39 10.79
C ALA G 265 23.25 -44.43 9.80
N ASN G 266 22.61 -43.98 8.72
CA ASN G 266 21.93 -44.90 7.82
C ASN G 266 22.91 -45.70 6.98
N PHE G 267 23.83 -45.02 6.31
CA PHE G 267 24.63 -45.62 5.24
C PHE G 267 26.09 -45.71 5.66
N PRO G 268 26.58 -46.87 6.06
CA PRO G 268 28.01 -46.99 6.36
C PRO G 268 28.82 -47.39 5.13
N VAL G 269 30.10 -47.03 5.09
CA VAL G 269 31.04 -47.56 4.11
C VAL G 269 32.16 -48.29 4.83
N GLU G 270 32.55 -49.42 4.25
CA GLU G 270 33.85 -49.99 4.55
C GLU G 270 34.89 -49.49 3.56
N GLY G 271 34.51 -49.41 2.30
CA GLY G 271 35.41 -48.89 1.28
C GLY G 271 34.66 -48.54 0.03
N THR G 272 35.33 -47.81 -0.85
CA THR G 272 34.73 -47.42 -2.11
C THR G 272 34.91 -48.52 -3.17
N GLN G 273 34.48 -48.20 -4.38
CA GLN G 273 34.37 -49.21 -5.41
C GLN G 273 35.58 -49.16 -6.33
N PRO G 274 36.03 -50.30 -6.83
CA PRO G 274 37.26 -50.32 -7.63
C PRO G 274 37.10 -49.63 -8.97
N ARG G 275 38.23 -49.25 -9.53
CA ARG G 275 38.24 -48.57 -10.82
C ARG G 275 37.74 -49.40 -12.01
N PRO G 276 37.99 -50.72 -12.13
CA PRO G 276 37.35 -51.44 -13.24
C PRO G 276 35.85 -51.52 -13.12
N GLN G 277 35.32 -51.48 -11.91
CA GLN G 277 33.87 -51.48 -11.73
C GLN G 277 33.26 -50.16 -12.18
N TRP G 278 33.93 -49.05 -11.85
CA TRP G 278 33.54 -47.74 -12.36
C TRP G 278 33.68 -47.67 -13.86
N ASN G 279 34.65 -48.38 -14.42
CA ASN G 279 34.78 -48.42 -15.88
C ASN G 279 33.67 -49.25 -16.49
N ALA G 280 33.23 -50.28 -15.77
CA ALA G 280 32.19 -51.16 -16.28
C ALA G 280 30.86 -50.46 -16.36
N ILE G 281 30.59 -49.54 -15.44
CA ILE G 281 29.28 -48.88 -15.51
C ILE G 281 29.33 -47.63 -16.37
N THR G 282 30.48 -47.31 -16.93
CA THR G 282 30.58 -46.09 -17.74
C THR G 282 30.74 -46.44 -19.21
N GLY G 283 30.32 -45.55 -20.07
CA GLY G 283 30.43 -45.74 -21.49
C GLY G 283 29.08 -45.57 -22.16
N VAL G 284 29.07 -45.77 -23.47
CA VAL G 284 27.82 -45.69 -24.20
C VAL G 284 27.12 -47.04 -24.12
N TYR G 285 25.80 -47.01 -24.11
CA TYR G 285 25.00 -48.22 -23.97
C TYR G 285 24.11 -48.44 -25.17
N LEU G 286 24.06 -49.69 -25.65
CA LEU G 286 23.38 -50.00 -26.89
C LEU G 286 22.30 -51.07 -26.77
N TYR G 287 21.59 -51.12 -25.63
CA TYR G 287 20.41 -51.99 -25.42
C TYR G 287 20.71 -53.46 -25.63
N ARG G 288 21.42 -54.05 -24.69
CA ARG G 288 21.52 -55.51 -24.69
C ARG G 288 20.27 -56.10 -24.05
N GLU G 289 20.17 -57.43 -24.10
CA GLU G 289 19.14 -58.17 -23.39
C GLU G 289 19.77 -59.42 -22.81
N ASN G 290 19.64 -59.59 -21.50
CA ASN G 290 20.15 -60.77 -20.81
C ASN G 290 19.01 -61.75 -20.59
N GLN G 291 19.06 -62.87 -21.33
CA GLN G 291 18.08 -63.96 -21.25
C GLN G 291 16.66 -63.48 -21.53
N GLY G 292 16.49 -62.66 -22.56
CA GLY G 292 15.19 -62.17 -22.93
C GLY G 292 14.73 -60.94 -22.19
N LEU G 293 15.21 -60.70 -20.98
CA LEU G 293 14.84 -59.51 -20.23
C LEU G 293 15.73 -58.37 -20.65
N PRO G 294 15.20 -57.15 -20.75
CA PRO G 294 16.00 -56.05 -21.25
C PRO G 294 16.87 -55.44 -20.17
N LEU G 295 18.00 -54.89 -20.59
CA LEU G 295 18.89 -54.12 -19.73
C LEU G 295 18.96 -52.72 -20.30
N TYR G 296 18.85 -51.73 -19.43
CA TYR G 296 18.63 -50.37 -19.89
C TYR G 296 19.82 -49.45 -19.67
N SER G 297 20.88 -49.92 -19.04
CA SER G 297 22.10 -49.12 -18.89
C SER G 297 23.25 -50.07 -18.61
N ARG G 298 24.46 -49.51 -18.60
CA ARG G 298 25.62 -50.31 -18.24
C ARG G 298 25.62 -50.62 -16.77
N LEU G 299 25.03 -49.74 -15.96
CA LEU G 299 24.86 -50.03 -14.55
C LEU G 299 23.85 -51.14 -14.36
N HIS G 300 22.80 -51.16 -15.16
CA HIS G 300 21.81 -52.23 -15.08
C HIS G 300 22.40 -53.54 -15.57
N LYS G 301 23.19 -53.50 -16.64
CA LYS G 301 23.86 -54.68 -17.14
C LYS G 301 24.87 -55.21 -16.14
N TRP G 302 25.56 -54.30 -15.45
CA TRP G 302 26.54 -54.70 -14.44
C TRP G 302 25.85 -55.29 -13.22
N ALA G 303 24.71 -54.73 -12.83
CA ALA G 303 24.00 -55.23 -11.65
C ALA G 303 23.37 -56.58 -11.93
N GLN G 304 22.90 -56.80 -13.15
CA GLN G 304 22.40 -58.12 -13.51
C GLN G 304 23.54 -59.09 -13.73
N GLY G 305 24.74 -58.59 -14.03
CA GLY G 305 25.87 -59.47 -14.27
C GLY G 305 26.41 -60.10 -13.00
N LEU G 306 26.01 -59.60 -11.84
CA LEU G 306 26.39 -60.20 -10.58
C LEU G 306 25.39 -61.26 -10.16
N SER H 13 10.13 -23.12 -11.46
CA SER H 13 8.96 -22.34 -11.06
C SER H 13 7.98 -22.19 -12.21
N LEU H 14 8.20 -22.93 -13.29
CA LEU H 14 7.31 -22.84 -14.44
C LEU H 14 5.95 -23.46 -14.16
N PHE H 15 5.95 -24.70 -13.65
CA PHE H 15 4.70 -25.36 -13.29
C PHE H 15 4.04 -24.68 -12.09
N PHE H 16 4.86 -24.14 -11.18
CA PHE H 16 4.32 -23.48 -9.99
C PHE H 16 3.60 -22.18 -10.35
N LYS H 17 4.22 -21.34 -11.19
CA LYS H 17 3.58 -20.09 -11.58
C LYS H 17 2.45 -20.34 -12.59
N SER H 18 2.57 -21.40 -13.39
CA SER H 18 1.51 -21.71 -14.34
C SER H 18 0.30 -22.32 -13.64
N LYS H 19 0.51 -22.95 -12.48
CA LYS H 19 -0.61 -23.52 -11.74
C LYS H 19 -1.13 -22.54 -10.70
N ASP H 20 -0.24 -21.79 -10.05
CA ASP H 20 -0.61 -20.80 -9.05
C ASP H 20 0.11 -19.50 -9.39
N VAL H 21 -0.63 -18.52 -9.88
CA VAL H 21 -0.01 -17.37 -10.50
C VAL H 21 0.44 -16.33 -9.48
N MET H 22 1.69 -15.89 -9.61
CA MET H 22 2.16 -14.64 -9.04
C MET H 22 1.59 -13.53 -9.91
N ILE H 23 1.70 -12.28 -9.43
CA ILE H 23 0.81 -11.15 -9.76
C ILE H 23 0.56 -10.96 -11.25
N PHE H 24 -0.71 -11.04 -11.63
CA PHE H 24 -1.04 -11.24 -13.04
C PHE H 24 -0.95 -9.96 -13.83
N ASN H 25 -0.96 -8.81 -13.16
CA ASN H 25 -0.69 -7.56 -13.84
C ASN H 25 0.77 -7.49 -14.29
N GLY H 26 1.69 -7.78 -13.38
CA GLY H 26 3.10 -7.84 -13.76
C GLY H 26 3.40 -8.99 -14.69
N LEU H 27 2.68 -10.11 -14.54
CA LEU H 27 2.84 -11.24 -15.45
C LEU H 27 2.38 -10.89 -16.86
N VAL H 28 1.26 -10.18 -16.98
CA VAL H 28 0.78 -9.77 -18.30
C VAL H 28 1.67 -8.68 -18.88
N ALA H 29 2.29 -7.86 -18.01
CA ALA H 29 3.21 -6.85 -18.50
C ALA H 29 4.50 -7.47 -19.02
N LEU H 30 5.04 -8.47 -18.32
CA LEU H 30 6.23 -9.17 -18.79
C LEU H 30 5.92 -10.00 -20.03
N GLY H 31 4.69 -10.52 -20.12
CA GLY H 31 4.26 -11.20 -21.34
C GLY H 31 4.09 -10.25 -22.50
N THR H 32 3.69 -9.01 -22.23
CA THR H 32 3.60 -7.99 -23.27
C THR H 32 5.00 -7.56 -23.73
N VAL H 33 5.96 -7.51 -22.80
CA VAL H 33 7.33 -7.17 -23.19
C VAL H 33 7.98 -8.28 -24.02
N GLY H 34 7.80 -9.54 -23.59
CA GLY H 34 8.30 -10.66 -24.38
C GLY H 34 7.59 -10.79 -25.71
N SER H 35 6.29 -10.48 -25.74
CA SER H 35 5.56 -10.48 -27.00
C SER H 35 6.01 -9.34 -27.90
N GLN H 36 6.41 -8.21 -27.30
CA GLN H 36 6.96 -7.11 -28.10
C GLN H 36 8.26 -7.50 -28.76
N GLU H 37 9.16 -8.12 -27.97
CA GLU H 37 10.49 -8.59 -28.48
C GLU H 37 10.38 -9.74 -29.50
N LEU H 38 9.50 -10.72 -29.27
CA LEU H 38 9.35 -11.86 -30.17
C LEU H 38 8.51 -11.52 -31.39
N PHE H 39 7.50 -10.65 -31.23
CA PHE H 39 6.71 -10.23 -32.37
C PHE H 39 7.43 -9.17 -33.16
N SER H 40 8.46 -8.54 -32.57
CA SER H 40 9.33 -7.67 -33.34
C SER H 40 10.24 -8.48 -34.24
N VAL H 41 10.68 -9.66 -33.76
CA VAL H 41 11.60 -10.43 -34.58
C VAL H 41 10.84 -11.22 -35.65
N VAL H 42 9.52 -11.38 -35.50
CA VAL H 42 8.73 -12.05 -36.54
C VAL H 42 7.77 -11.11 -37.26
N ALA H 43 7.93 -9.80 -37.11
CA ALA H 43 7.04 -8.84 -37.72
C ALA H 43 7.17 -8.88 -39.24
N PHE H 44 6.04 -8.69 -39.92
CA PHE H 44 5.99 -8.80 -41.37
C PHE H 44 6.60 -7.54 -41.98
N HIS H 45 7.70 -7.72 -42.67
CA HIS H 45 8.31 -6.61 -43.39
C HIS H 45 8.26 -6.88 -44.88
N CYS H 46 7.37 -6.19 -45.57
CA CYS H 46 7.11 -6.47 -46.96
C CYS H 46 8.24 -5.98 -47.84
N PRO H 47 8.80 -6.83 -48.70
CA PRO H 47 9.75 -6.36 -49.71
C PRO H 47 8.99 -5.69 -50.84
N CYS H 48 9.03 -4.37 -50.87
CA CYS H 48 8.25 -3.67 -51.87
C CYS H 48 9.01 -3.73 -53.19
N SER H 49 8.84 -4.87 -53.86
CA SER H 49 9.52 -5.21 -55.10
C SER H 49 8.75 -6.32 -55.78
N PRO H 50 8.65 -6.31 -57.11
CA PRO H 50 7.88 -7.33 -57.81
C PRO H 50 8.62 -8.65 -57.83
N ALA H 51 7.85 -9.74 -57.98
CA ALA H 51 8.31 -11.14 -58.06
C ALA H 51 9.06 -11.58 -56.81
N ARG H 52 8.91 -10.84 -55.72
CA ARG H 52 9.78 -10.99 -54.58
C ARG H 52 8.94 -10.93 -53.32
N ASN H 53 7.77 -10.31 -53.41
CA ASN H 53 6.98 -10.11 -52.21
C ASN H 53 5.95 -11.20 -52.03
N TYR H 54 5.53 -11.86 -53.11
CA TYR H 54 4.68 -13.02 -52.91
C TYR H 54 5.50 -14.19 -52.40
N LEU H 55 6.79 -14.25 -52.77
CA LEU H 55 7.68 -15.24 -52.19
C LEU H 55 7.88 -15.00 -50.71
N TYR H 56 7.94 -13.74 -50.29
CA TYR H 56 8.08 -13.45 -48.88
C TYR H 56 6.78 -13.72 -48.13
N GLY H 57 5.63 -13.40 -48.74
CA GLY H 57 4.37 -13.73 -48.11
C GLY H 57 4.19 -15.23 -47.95
N LEU H 58 4.53 -15.98 -49.00
CA LEU H 58 4.47 -17.44 -48.95
C LEU H 58 5.41 -18.00 -47.91
N ALA H 59 6.62 -17.47 -47.80
CA ALA H 59 7.54 -17.94 -46.77
C ALA H 59 7.06 -17.58 -45.38
N ALA H 60 6.81 -16.29 -45.12
CA ALA H 60 6.53 -15.85 -43.76
C ALA H 60 5.16 -16.27 -43.28
N ILE H 61 4.32 -16.81 -44.16
CA ILE H 61 3.05 -17.35 -43.68
C ILE H 61 3.07 -18.87 -43.73
N GLY H 62 3.41 -19.46 -44.87
CA GLY H 62 3.31 -20.91 -45.00
C GLY H 62 4.39 -21.66 -44.25
N VAL H 63 5.49 -20.98 -43.91
CA VAL H 63 6.54 -21.63 -43.12
C VAL H 63 6.17 -21.69 -41.64
N PRO H 64 5.62 -20.65 -40.99
CA PRO H 64 5.06 -20.91 -39.65
C PRO H 64 3.87 -21.85 -39.68
N ALA H 65 3.13 -21.87 -40.79
CA ALA H 65 2.09 -22.89 -40.97
C ALA H 65 2.69 -24.28 -41.02
N LEU H 66 3.74 -24.46 -41.81
CA LEU H 66 4.36 -25.78 -41.91
C LEU H 66 5.05 -26.18 -40.62
N VAL H 67 5.59 -25.21 -39.89
CA VAL H 67 6.22 -25.49 -38.61
C VAL H 67 5.19 -25.93 -37.59
N LEU H 68 4.05 -25.23 -37.52
CA LEU H 68 3.02 -25.60 -36.57
C LEU H 68 2.36 -26.92 -36.95
N PHE H 69 2.30 -27.20 -38.26
CA PHE H 69 1.77 -28.48 -38.73
C PHE H 69 2.70 -29.62 -38.36
N ILE H 70 4.01 -29.41 -38.52
CA ILE H 70 5.00 -30.41 -38.14
C ILE H 70 4.96 -30.64 -36.64
N ILE H 71 4.87 -29.57 -35.86
CA ILE H 71 4.81 -29.67 -34.40
C ILE H 71 3.56 -30.43 -33.97
N GLY H 72 2.44 -30.19 -34.65
CA GLY H 72 1.23 -30.92 -34.32
C GLY H 72 1.31 -32.39 -34.69
N ILE H 73 2.08 -32.72 -35.72
CA ILE H 73 2.28 -34.14 -36.03
C ILE H 73 3.20 -34.78 -35.00
N ILE H 74 4.23 -34.04 -34.56
CA ILE H 74 5.22 -34.55 -33.61
C ILE H 74 4.60 -34.83 -32.26
N LEU H 75 3.85 -33.86 -31.73
CA LEU H 75 3.36 -34.01 -30.35
C LEU H 75 2.20 -34.98 -30.27
N ASN H 76 1.57 -35.29 -31.39
CA ASN H 76 0.52 -36.29 -31.38
C ASN H 76 1.13 -37.68 -31.29
N ASN H 77 0.73 -38.43 -30.26
CA ASN H 77 1.32 -39.74 -30.05
C ASN H 77 0.71 -40.79 -30.94
N HIS H 78 -0.41 -40.45 -31.58
CA HIS H 78 -1.00 -41.37 -32.56
C HIS H 78 -0.13 -41.49 -33.79
N THR H 79 0.69 -40.47 -34.07
CA THR H 79 1.71 -40.56 -35.10
C THR H 79 2.66 -41.70 -34.82
N TRP H 80 3.12 -41.80 -33.58
CA TRP H 80 4.10 -42.81 -33.26
C TRP H 80 3.43 -44.16 -33.04
N ASN H 81 2.15 -44.16 -32.69
CA ASN H 81 1.41 -45.41 -32.67
C ASN H 81 1.26 -45.99 -34.07
N LEU H 82 0.98 -45.13 -35.06
CA LEU H 82 0.84 -45.60 -36.43
C LEU H 82 2.18 -45.99 -37.00
N VAL H 83 3.24 -45.26 -36.64
CA VAL H 83 4.56 -45.61 -37.15
C VAL H 83 5.06 -46.88 -36.49
N ALA H 84 4.60 -47.16 -35.27
CA ALA H 84 4.97 -48.41 -34.62
C ALA H 84 4.19 -49.57 -35.21
N GLU H 85 2.94 -49.32 -35.60
CA GLU H 85 2.15 -50.34 -36.27
C GLU H 85 2.78 -50.73 -37.60
N CYS H 86 3.15 -49.76 -38.42
CA CYS H 86 3.77 -50.10 -39.70
C CYS H 86 5.20 -50.55 -39.51
N GLN H 87 5.81 -50.23 -38.37
CA GLN H 87 7.17 -50.67 -38.10
C GLN H 87 7.22 -52.14 -37.70
N HIS H 88 6.59 -52.50 -36.58
CA HIS H 88 6.78 -53.85 -36.06
C HIS H 88 5.63 -54.77 -36.41
N ARG H 89 4.43 -54.20 -36.67
CA ARG H 89 3.36 -55.02 -37.21
C ARG H 89 3.71 -55.48 -38.62
N ARG H 90 4.23 -54.55 -39.43
CA ARG H 90 5.09 -54.78 -40.60
C ARG H 90 4.46 -55.64 -41.69
N THR H 91 3.17 -55.94 -41.63
CA THR H 91 2.51 -56.77 -42.63
C THR H 91 1.13 -56.26 -43.00
N LYS H 92 0.88 -54.96 -42.80
CA LYS H 92 -0.44 -54.34 -42.90
C LYS H 92 -1.46 -55.07 -42.03
N ASN H 93 -1.16 -55.18 -40.73
CA ASN H 93 -2.10 -55.77 -39.79
C ASN H 93 -3.35 -54.91 -39.65
N CYS H 94 -3.18 -53.62 -39.43
CA CYS H 94 -4.24 -52.67 -39.70
C CYS H 94 -4.20 -52.28 -41.17
N SER H 95 -5.34 -52.39 -41.84
CA SER H 95 -5.41 -52.24 -43.28
C SER H 95 -5.37 -50.77 -43.68
N ALA H 96 -5.67 -50.52 -44.96
CA ALA H 96 -5.57 -49.16 -45.50
C ALA H 96 -6.66 -48.25 -44.94
N ALA H 97 -7.80 -48.81 -44.58
CA ALA H 97 -8.88 -48.00 -44.01
C ALA H 97 -8.66 -47.62 -42.54
N PRO H 98 -8.18 -48.50 -41.62
CA PRO H 98 -7.81 -47.98 -40.29
C PRO H 98 -6.63 -47.05 -40.31
N THR H 99 -5.67 -47.30 -41.23
CA THR H 99 -4.56 -46.37 -41.42
C THR H 99 -5.06 -45.02 -41.92
N PHE H 100 -6.06 -45.02 -42.79
CA PHE H 100 -6.61 -43.77 -43.30
C PHE H 100 -7.38 -43.01 -42.22
N LEU H 101 -8.13 -43.73 -41.38
CA LEU H 101 -8.87 -43.08 -40.31
C LEU H 101 -7.92 -42.49 -39.25
N LEU H 102 -6.87 -43.25 -38.90
CA LEU H 102 -5.89 -42.76 -37.95
C LEU H 102 -5.12 -41.57 -38.51
N LEU H 103 -4.73 -41.64 -39.79
CA LEU H 103 -4.05 -40.52 -40.44
C LEU H 103 -4.93 -39.29 -40.51
N SER H 104 -6.24 -39.48 -40.73
CA SER H 104 -7.15 -38.34 -40.75
C SER H 104 -7.24 -37.67 -39.38
N SER H 105 -7.30 -38.47 -38.31
CA SER H 105 -7.32 -37.91 -36.96
C SER H 105 -6.02 -37.15 -36.64
N ILE H 106 -4.88 -37.73 -37.03
CA ILE H 106 -3.58 -37.09 -36.79
C ILE H 106 -3.46 -35.80 -37.56
N LEU H 107 -3.76 -35.81 -38.85
CA LEU H 107 -3.62 -34.62 -39.68
C LEU H 107 -4.61 -33.54 -39.27
N GLY H 108 -5.76 -33.92 -38.72
CA GLY H 108 -6.68 -32.90 -38.23
C GLY H 108 -6.19 -32.20 -36.98
N ARG H 109 -5.76 -32.98 -35.98
CA ARG H 109 -5.26 -32.36 -34.75
C ARG H 109 -3.95 -31.63 -35.00
N ALA H 110 -3.22 -32.03 -36.04
CA ALA H 110 -2.07 -31.25 -36.48
C ALA H 110 -2.51 -29.94 -37.10
N ALA H 111 -3.42 -30.00 -38.08
CA ALA H 111 -3.80 -28.83 -38.87
C ALA H 111 -4.75 -27.90 -38.17
N VAL H 112 -5.01 -28.12 -36.88
CA VAL H 112 -5.64 -27.07 -36.07
C VAL H 112 -4.82 -25.79 -36.13
N ALA H 113 -3.54 -25.86 -35.79
CA ALA H 113 -2.75 -24.64 -35.60
C ALA H 113 -2.28 -23.94 -36.88
N PRO H 114 -1.88 -24.61 -37.97
CA PRO H 114 -1.57 -23.83 -39.18
C PRO H 114 -2.77 -23.16 -39.81
N VAL H 115 -3.95 -23.78 -39.71
CA VAL H 115 -5.16 -23.14 -40.19
C VAL H 115 -5.47 -21.89 -39.37
N THR H 116 -5.24 -21.95 -38.07
CA THR H 116 -5.50 -20.80 -37.22
C THR H 116 -4.49 -19.68 -37.50
N TRP H 117 -3.23 -20.07 -37.78
CA TRP H 117 -2.22 -19.09 -38.12
C TRP H 117 -2.52 -18.43 -39.46
N SER H 118 -2.91 -19.22 -40.46
CA SER H 118 -3.15 -18.68 -41.78
C SER H 118 -4.43 -17.86 -41.81
N VAL H 119 -5.38 -18.20 -40.96
CA VAL H 119 -6.60 -17.41 -40.86
C VAL H 119 -6.31 -16.07 -40.19
N ILE H 120 -5.51 -16.07 -39.13
CA ILE H 120 -5.15 -14.82 -38.47
C ILE H 120 -4.31 -13.95 -39.40
N SER H 121 -3.46 -14.58 -40.20
CA SER H 121 -2.62 -13.81 -41.12
C SER H 121 -3.43 -13.31 -42.31
N LEU H 122 -4.50 -14.00 -42.68
CA LEU H 122 -5.33 -13.53 -43.77
C LEU H 122 -6.26 -12.42 -43.29
N LEU H 123 -6.67 -12.48 -42.02
CA LEU H 123 -7.55 -11.44 -41.49
C LEU H 123 -6.75 -10.20 -41.12
N ARG H 124 -5.45 -10.41 -40.90
CA ARG H 124 -4.50 -9.28 -40.71
C ARG H 124 -4.42 -8.55 -42.05
N GLY H 125 -4.39 -9.31 -43.15
CA GLY H 125 -4.41 -8.80 -44.50
C GLY H 125 -3.06 -8.42 -45.07
N GLU H 126 -2.02 -8.28 -44.22
CA GLU H 126 -0.78 -7.63 -44.63
C GLU H 126 0.00 -8.49 -45.61
N ALA H 127 -0.03 -9.81 -45.41
CA ALA H 127 0.67 -10.71 -46.32
C ALA H 127 0.03 -10.71 -47.69
N TYR H 128 -1.27 -10.46 -47.76
CA TYR H 128 -1.94 -10.56 -49.04
C TYR H 128 -1.80 -9.29 -49.86
N VAL H 129 -1.88 -8.11 -49.21
CA VAL H 129 -1.58 -6.87 -49.94
C VAL H 129 -0.13 -6.89 -50.41
N CYS H 130 0.76 -7.40 -49.56
CA CYS H 130 2.16 -7.50 -49.95
C CYS H 130 2.35 -8.50 -51.07
N ALA H 131 1.62 -9.61 -51.05
CA ALA H 131 1.86 -10.66 -52.02
C ALA H 131 1.21 -10.37 -53.35
N LEU H 132 0.16 -9.56 -53.37
CA LEU H 132 -0.57 -9.35 -54.62
C LEU H 132 -0.61 -7.91 -55.06
N SER H 133 0.22 -7.03 -54.51
CA SER H 133 0.29 -5.66 -55.01
C SER H 133 0.71 -5.62 -56.47
N GLU H 134 1.62 -6.51 -56.87
CA GLU H 134 2.17 -6.44 -58.22
C GLU H 134 1.23 -7.03 -59.25
N PHE H 135 0.23 -7.80 -58.81
CA PHE H 135 -0.64 -8.47 -59.77
C PHE H 135 -1.88 -7.65 -60.05
N VAL H 136 -2.03 -6.52 -59.38
CA VAL H 136 -3.21 -5.68 -59.59
C VAL H 136 -3.13 -5.02 -60.95
N ASP H 137 -4.16 -5.22 -61.76
CA ASP H 137 -4.24 -4.65 -63.08
C ASP H 137 -4.36 -3.13 -62.99
N PRO H 138 -3.45 -2.39 -63.63
CA PRO H 138 -3.43 -0.93 -63.45
C PRO H 138 -4.60 -0.22 -64.10
N SER H 139 -5.19 -0.81 -65.14
CA SER H 139 -6.34 -0.19 -65.79
C SER H 139 -7.60 -0.31 -64.94
N SER H 140 -7.60 -1.25 -63.98
CA SER H 140 -8.80 -1.46 -63.17
C SER H 140 -8.87 -0.49 -61.99
N LEU H 141 -7.90 0.41 -61.86
CA LEU H 141 -7.90 1.33 -60.74
C LEU H 141 -8.84 2.51 -61.01
N THR H 142 -9.41 3.04 -59.93
CA THR H 142 -10.33 4.18 -60.00
C THR H 142 -9.91 5.23 -58.98
N ALA H 143 -10.80 6.21 -58.80
CA ALA H 143 -10.75 7.33 -57.84
C ALA H 143 -9.65 8.34 -58.10
N ARG H 144 -8.99 8.28 -59.26
CA ARG H 144 -8.01 9.28 -59.67
C ARG H 144 -7.82 9.20 -61.17
N GLU H 145 -6.99 10.11 -61.69
CA GLU H 145 -6.60 10.03 -63.09
C GLU H 145 -5.47 9.02 -63.25
N GLU H 146 -5.58 8.19 -64.29
CA GLU H 146 -4.70 7.05 -64.47
C GLU H 146 -3.28 7.51 -64.78
N HIS H 147 -2.35 7.25 -63.84
CA HIS H 147 -0.97 7.69 -63.93
C HIS H 147 -0.07 6.47 -63.69
N PHE H 148 0.20 5.73 -64.76
CA PHE H 148 1.01 4.52 -64.66
C PHE H 148 1.85 4.35 -65.93
N PRO H 149 3.16 4.56 -65.85
CA PRO H 149 4.03 4.14 -66.95
C PRO H 149 4.00 2.63 -67.08
N SER H 150 3.69 2.15 -68.29
CA SER H 150 3.53 0.71 -68.50
C SER H 150 4.86 -0.04 -68.40
N ALA H 151 5.98 0.68 -68.54
CA ALA H 151 7.27 0.08 -68.25
C ALA H 151 7.45 -0.16 -66.76
N HIS H 152 7.19 0.86 -65.95
CA HIS H 152 7.33 0.78 -64.50
C HIS H 152 6.01 0.50 -63.80
N ALA H 153 5.12 -0.27 -64.43
CA ALA H 153 3.82 -0.53 -63.83
C ALA H 153 3.94 -1.45 -62.63
N THR H 154 4.52 -2.64 -62.82
CA THR H 154 4.55 -3.67 -61.79
C THR H 154 5.38 -3.24 -60.60
N GLU H 155 6.42 -2.44 -60.82
CA GLU H 155 7.29 -2.04 -59.71
C GLU H 155 6.60 -1.02 -58.82
N ILE H 156 5.93 -0.03 -59.41
CA ILE H 156 5.25 0.97 -58.59
C ILE H 156 3.97 0.39 -58.01
N LEU H 157 3.43 -0.66 -58.62
CA LEU H 157 2.36 -1.41 -57.98
C LEU H 157 2.88 -2.15 -56.77
N ALA H 158 4.01 -2.85 -56.91
CA ALA H 158 4.55 -3.65 -55.83
C ALA H 158 5.11 -2.82 -54.70
N ARG H 159 5.37 -1.53 -54.94
CA ARG H 159 5.87 -0.67 -53.88
C ARG H 159 4.75 -0.05 -53.05
N PHE H 160 3.50 -0.33 -53.39
CA PHE H 160 2.36 0.19 -52.62
C PHE H 160 2.28 -0.22 -51.15
N PRO H 161 2.49 -1.48 -50.72
CA PRO H 161 2.21 -1.80 -49.31
C PRO H 161 3.19 -1.20 -48.31
N CYS H 162 4.29 -0.61 -48.76
CA CYS H 162 5.19 0.07 -47.83
C CYS H 162 4.78 1.52 -47.61
N LYS H 163 3.61 1.91 -48.12
CA LYS H 163 3.17 3.30 -48.28
C LYS H 163 4.20 4.14 -49.02
N GLU H 164 4.87 3.56 -50.01
CA GLU H 164 5.90 4.25 -50.77
C GLU H 164 5.42 4.68 -52.15
N ASN H 165 4.12 4.90 -52.30
CA ASN H 165 3.61 5.49 -53.52
C ASN H 165 3.98 6.98 -53.54
N PRO H 166 3.99 7.60 -54.73
CA PRO H 166 4.02 9.05 -54.79
C PRO H 166 2.72 9.63 -54.23
N ASP H 167 2.78 10.89 -53.80
CA ASP H 167 1.60 11.53 -53.23
C ASP H 167 0.56 11.83 -54.32
N ASN H 168 0.99 11.81 -55.58
CA ASN H 168 0.04 11.87 -56.69
C ASN H 168 -0.75 10.58 -56.81
N LEU H 169 -0.23 9.49 -56.25
CA LEU H 169 -0.88 8.19 -56.33
C LEU H 169 -1.36 7.67 -54.98
N SER H 170 -1.57 8.55 -53.99
CA SER H 170 -1.99 8.09 -52.67
C SER H 170 -3.44 7.57 -52.69
N ASP H 171 -4.28 8.15 -53.54
CA ASP H 171 -5.65 7.66 -53.68
C ASP H 171 -5.66 6.30 -54.35
N PHE H 172 -4.84 6.14 -55.40
CA PHE H 172 -4.64 4.84 -56.03
C PHE H 172 -4.15 3.80 -55.04
N ARG H 173 -3.21 4.19 -54.17
CA ARG H 173 -2.65 3.24 -53.21
C ARG H 173 -3.67 2.86 -52.16
N GLU H 174 -4.50 3.81 -51.72
CA GLU H 174 -5.56 3.47 -50.78
C GLU H 174 -6.61 2.57 -51.42
N GLU H 175 -6.86 2.75 -52.72
CA GLU H 175 -7.82 1.88 -53.41
C GLU H 175 -7.31 0.46 -53.53
N VAL H 176 -6.05 0.28 -53.92
CA VAL H 176 -5.47 -1.06 -54.00
C VAL H 176 -5.33 -1.68 -52.63
N SER H 177 -5.00 -0.89 -51.61
CA SER H 177 -4.90 -1.42 -50.26
C SER H 177 -6.24 -1.91 -49.75
N ARG H 178 -7.31 -1.16 -50.01
CA ARG H 178 -8.62 -1.58 -49.54
C ARG H 178 -9.13 -2.79 -50.33
N ARG H 179 -8.86 -2.83 -51.64
CA ARG H 179 -9.33 -3.95 -52.45
C ARG H 179 -8.62 -5.24 -52.09
N LEU H 180 -7.30 -5.19 -51.92
CA LEU H 180 -6.58 -6.42 -51.62
C LEU H 180 -6.74 -6.81 -50.16
N ARG H 181 -6.95 -5.86 -49.27
CA ARG H 181 -7.29 -6.21 -47.90
C ARG H 181 -8.68 -6.83 -47.83
N TYR H 182 -9.59 -6.40 -48.70
CA TYR H 182 -10.87 -7.06 -48.85
C TYR H 182 -10.69 -8.49 -49.29
N GLU H 183 -9.88 -8.73 -50.32
CA GLU H 183 -9.72 -10.09 -50.83
C GLU H 183 -9.01 -10.96 -49.80
N SER H 184 -8.14 -10.37 -49.00
CA SER H 184 -7.50 -11.08 -47.90
C SER H 184 -8.51 -11.50 -46.84
N GLN H 185 -9.30 -10.56 -46.35
CA GLN H 185 -10.23 -10.88 -45.27
C GLN H 185 -11.37 -11.75 -45.79
N LEU H 186 -11.70 -11.63 -47.08
CA LEU H 186 -12.69 -12.52 -47.66
C LEU H 186 -12.16 -13.94 -47.76
N PHE H 187 -10.89 -14.09 -48.14
CA PHE H 187 -10.28 -15.41 -48.16
C PHE H 187 -10.17 -15.98 -46.75
N GLY H 188 -9.90 -15.12 -45.77
CA GLY H 188 -9.80 -15.59 -44.40
C GLY H 188 -11.13 -16.03 -43.83
N TRP H 189 -12.19 -15.29 -44.14
CA TRP H 189 -13.51 -15.66 -43.63
C TRP H 189 -14.04 -16.88 -44.36
N LEU H 190 -13.82 -17.00 -45.66
CA LEU H 190 -14.26 -18.21 -46.34
C LEU H 190 -13.43 -19.42 -45.93
N LEU H 191 -12.18 -19.19 -45.52
CA LEU H 191 -11.37 -20.27 -44.99
C LEU H 191 -11.87 -20.75 -43.64
N ILE H 192 -12.14 -19.82 -42.73
CA ILE H 192 -12.62 -20.24 -41.42
C ILE H 192 -14.04 -20.80 -41.51
N GLY H 193 -14.78 -20.40 -42.54
CA GLY H 193 -16.09 -20.98 -42.78
C GLY H 193 -16.01 -22.42 -43.26
N VAL H 194 -15.15 -22.69 -44.26
CA VAL H 194 -15.06 -24.05 -44.76
C VAL H 194 -14.37 -24.95 -43.74
N VAL H 195 -13.51 -24.36 -42.89
CA VAL H 195 -12.90 -25.15 -41.83
C VAL H 195 -13.93 -25.50 -40.78
N ALA H 196 -14.84 -24.58 -40.49
CA ALA H 196 -15.91 -24.88 -39.53
C ALA H 196 -16.85 -25.94 -40.07
N ILE H 197 -17.22 -25.87 -41.34
CA ILE H 197 -18.16 -26.88 -41.84
C ILE H 197 -17.46 -28.21 -42.05
N LEU H 198 -16.14 -28.15 -42.29
CA LEU H 198 -15.29 -29.37 -42.39
C LEU H 198 -15.22 -30.05 -41.02
N VAL H 199 -15.02 -29.26 -39.95
CA VAL H 199 -15.00 -29.76 -38.58
C VAL H 199 -16.35 -30.38 -38.23
N PHE H 200 -17.42 -29.73 -38.67
CA PHE H 200 -18.77 -30.23 -38.43
C PHE H 200 -19.02 -31.56 -39.16
N LEU H 201 -18.62 -31.64 -40.43
CA LEU H 201 -18.87 -32.88 -41.17
C LEU H 201 -17.94 -34.00 -40.74
N THR H 202 -16.74 -33.69 -40.27
CA THR H 202 -15.88 -34.75 -39.75
C THR H 202 -16.43 -35.30 -38.46
N LYS H 203 -16.96 -34.43 -37.60
CA LYS H 203 -17.57 -34.91 -36.37
C LYS H 203 -18.83 -35.72 -36.67
N CYS H 204 -19.62 -35.28 -37.65
CA CYS H 204 -20.84 -36.01 -37.97
C CYS H 204 -20.55 -37.36 -38.61
N LEU H 205 -19.55 -37.42 -39.48
CA LEU H 205 -19.24 -38.70 -40.11
C LEU H 205 -18.48 -39.61 -39.16
N LYS H 206 -17.77 -39.04 -38.19
CA LYS H 206 -17.16 -39.85 -37.16
C LYS H 206 -18.23 -40.49 -36.28
N HIS H 207 -19.23 -39.71 -35.89
CA HIS H 207 -20.28 -40.25 -35.03
C HIS H 207 -21.20 -41.19 -35.81
N TYR H 208 -21.35 -40.96 -37.11
CA TYR H 208 -22.21 -41.82 -37.91
C TYR H 208 -21.50 -43.10 -38.29
N CYS H 209 -20.18 -43.07 -38.43
CA CYS H 209 -19.47 -44.22 -38.96
C CYS H 209 -18.63 -44.90 -37.90
N SER H 210 -18.80 -44.53 -36.65
CA SER H 210 -18.21 -45.29 -35.57
C SER H 210 -19.06 -46.51 -35.31
N PRO H 211 -18.47 -47.67 -35.00
CA PRO H 211 -19.30 -48.84 -34.68
C PRO H 211 -19.92 -48.74 -33.30
N LEU H 212 -19.20 -48.16 -32.36
CA LEU H 212 -19.71 -48.01 -31.02
C LEU H 212 -20.37 -46.64 -30.86
N SER H 213 -21.11 -46.49 -29.78
CA SER H 213 -21.91 -45.30 -29.56
C SER H 213 -21.04 -44.11 -29.17
N TYR H 214 -21.69 -42.99 -28.90
CA TYR H 214 -20.92 -41.81 -28.55
C TYR H 214 -20.68 -41.72 -27.05
N ARG H 215 -21.56 -42.33 -26.25
CA ARG H 215 -21.30 -42.38 -24.83
C ARG H 215 -20.19 -43.38 -24.53
N GLN H 216 -20.16 -44.49 -25.27
CA GLN H 216 -19.07 -45.42 -25.12
C GLN H 216 -17.78 -44.86 -25.68
N GLU H 217 -17.87 -44.01 -26.70
CA GLU H 217 -16.65 -43.37 -27.20
C GLU H 217 -16.14 -42.33 -26.22
N ALA H 218 -17.04 -41.72 -25.44
CA ALA H 218 -16.59 -40.81 -24.39
C ALA H 218 -15.97 -41.58 -23.24
N TYR H 219 -16.50 -42.76 -22.94
CA TYR H 219 -15.89 -43.62 -21.94
C TYR H 219 -14.53 -44.13 -22.42
N TRP H 220 -14.42 -44.42 -23.70
CA TRP H 220 -13.16 -44.86 -24.28
C TRP H 220 -12.13 -43.76 -24.22
N ALA H 221 -12.54 -42.51 -24.46
CA ALA H 221 -11.61 -41.41 -24.36
C ALA H 221 -11.17 -41.20 -22.92
N GLN H 222 -12.08 -41.37 -21.98
CA GLN H 222 -11.72 -41.26 -20.57
C GLN H 222 -10.80 -42.38 -20.15
N TYR H 223 -11.01 -43.58 -20.71
CA TYR H 223 -10.14 -44.70 -20.42
C TYR H 223 -8.75 -44.46 -20.97
N ARG H 224 -8.66 -43.96 -22.19
CA ARG H 224 -7.35 -43.75 -22.80
C ARG H 224 -6.59 -42.67 -22.06
N ALA H 225 -7.28 -41.63 -21.60
CA ALA H 225 -6.61 -40.61 -20.80
C ALA H 225 -6.14 -41.17 -19.46
N ASN H 226 -6.99 -41.95 -18.79
CA ASN H 226 -6.62 -42.52 -17.51
C ASN H 226 -5.52 -43.55 -17.67
N GLU H 227 -5.51 -44.28 -18.78
CA GLU H 227 -4.53 -45.34 -18.94
C GLU H 227 -3.18 -44.77 -19.32
N ASP H 228 -3.16 -43.73 -20.14
CA ASP H 228 -1.89 -43.09 -20.45
C ASP H 228 -1.32 -42.37 -19.26
N GLN H 229 -2.18 -41.75 -18.44
CA GLN H 229 -1.67 -41.05 -17.26
C GLN H 229 -1.17 -42.03 -16.21
N LEU H 230 -1.94 -43.10 -15.96
CA LEU H 230 -1.53 -44.10 -14.99
C LEU H 230 -0.31 -44.86 -15.46
N PHE H 231 -0.18 -45.05 -16.78
CA PHE H 231 0.96 -45.79 -17.31
C PHE H 231 2.22 -44.95 -17.24
N GLN H 232 2.14 -43.66 -17.53
CA GLN H 232 3.31 -42.81 -17.39
C GLN H 232 3.75 -42.70 -15.93
N ARG H 233 2.78 -42.62 -15.02
CA ARG H 233 3.13 -42.51 -13.61
C ARG H 233 3.78 -43.79 -13.10
N THR H 234 3.21 -44.94 -13.42
CA THR H 234 3.80 -46.15 -12.89
C THR H 234 5.02 -46.58 -13.68
N ALA H 235 5.20 -46.05 -14.89
CA ALA H 235 6.44 -46.31 -15.60
C ALA H 235 7.57 -45.51 -14.98
N GLU H 236 7.28 -44.26 -14.60
CA GLU H 236 8.27 -43.47 -13.87
C GLU H 236 8.61 -44.11 -12.53
N VAL H 237 7.60 -44.63 -11.83
CA VAL H 237 7.84 -45.22 -10.51
C VAL H 237 8.57 -46.55 -10.64
N HIS H 238 8.19 -47.37 -11.61
CA HIS H 238 8.83 -48.66 -11.82
C HIS H 238 10.27 -48.48 -12.28
N SER H 239 10.52 -47.47 -13.12
CA SER H 239 11.88 -47.19 -13.54
C SER H 239 12.70 -46.66 -12.39
N ARG H 240 12.07 -45.90 -11.49
CA ARG H 240 12.79 -45.39 -10.33
C ARG H 240 13.18 -46.51 -9.38
N VAL H 241 12.31 -47.49 -9.20
CA VAL H 241 12.65 -48.58 -8.28
C VAL H 241 13.68 -49.51 -8.91
N LEU H 242 13.63 -49.65 -10.24
CA LEU H 242 14.65 -50.45 -10.91
C LEU H 242 16.01 -49.74 -10.86
N ALA H 243 16.00 -48.42 -11.01
CA ALA H 243 17.21 -47.64 -10.90
C ALA H 243 17.77 -47.69 -9.50
N ALA H 244 16.90 -47.69 -8.50
CA ALA H 244 17.36 -47.81 -7.13
C ALA H 244 17.94 -49.19 -6.85
N ASN H 245 17.39 -50.22 -7.47
CA ASN H 245 17.97 -51.55 -7.30
C ASN H 245 19.37 -51.63 -7.90
N ASN H 246 19.56 -51.05 -9.08
CA ASN H 246 20.88 -51.09 -9.71
C ASN H 246 21.88 -50.23 -8.97
N VAL H 247 21.44 -49.06 -8.51
CA VAL H 247 22.28 -48.15 -7.76
C VAL H 247 22.69 -48.75 -6.42
N ARG H 248 21.76 -49.41 -5.74
CA ARG H 248 22.07 -50.10 -4.50
C ARG H 248 23.03 -51.26 -4.74
N ARG H 249 22.92 -51.91 -5.89
CA ARG H 249 23.88 -52.95 -6.22
C ARG H 249 25.26 -52.37 -6.46
N PHE H 250 25.33 -51.11 -6.89
CA PHE H 250 26.63 -50.49 -7.09
C PHE H 250 27.25 -50.04 -5.78
N PHE H 251 26.58 -49.16 -5.06
CA PHE H 251 27.15 -48.52 -3.89
C PHE H 251 26.93 -49.25 -2.59
N GLY H 252 25.87 -50.04 -2.49
CA GLY H 252 25.48 -50.62 -1.23
C GLY H 252 24.26 -49.99 -0.59
N PHE H 253 23.83 -48.84 -1.08
CA PHE H 253 22.66 -48.15 -0.57
C PHE H 253 22.22 -47.17 -1.63
N VAL H 254 21.07 -46.52 -1.40
CA VAL H 254 20.58 -45.48 -2.28
C VAL H 254 20.22 -44.28 -1.42
N ALA H 255 20.63 -43.10 -1.84
CA ALA H 255 20.15 -41.88 -1.21
C ALA H 255 18.76 -41.57 -1.77
N LEU H 256 17.74 -42.00 -1.04
CA LEU H 256 16.36 -41.77 -1.44
C LEU H 256 15.79 -40.64 -0.60
N ASN H 257 14.79 -39.96 -1.15
CA ASN H 257 13.98 -39.07 -0.36
C ASN H 257 13.00 -39.88 0.50
N LYS H 258 12.15 -39.17 1.23
CA LYS H 258 11.15 -39.87 2.04
C LYS H 258 10.08 -40.50 1.16
N ASP H 259 9.63 -39.75 0.15
CA ASP H 259 8.68 -40.29 -0.82
C ASP H 259 9.28 -41.42 -1.62
N ASP H 260 10.55 -41.31 -1.98
CA ASP H 260 11.20 -42.38 -2.73
C ASP H 260 11.40 -43.61 -1.88
N GLU H 261 11.67 -43.43 -0.58
CA GLU H 261 11.78 -44.58 0.31
C GLU H 261 10.43 -45.26 0.48
N GLU H 262 9.35 -44.47 0.46
CA GLU H 262 8.01 -45.04 0.43
C GLU H 262 7.77 -45.82 -0.86
N LEU H 263 8.30 -45.34 -1.99
CA LEU H 263 8.14 -46.06 -3.25
C LEU H 263 8.90 -47.37 -3.24
N ILE H 264 10.10 -47.39 -2.68
CA ILE H 264 10.85 -48.66 -2.59
C ILE H 264 10.17 -49.60 -1.61
N ALA H 265 9.51 -49.05 -0.59
CA ALA H 265 8.78 -49.88 0.36
C ALA H 265 7.57 -50.53 -0.29
N ASN H 266 6.75 -49.75 -1.01
CA ASN H 266 5.49 -50.26 -1.52
C ASN H 266 5.70 -51.22 -2.69
N PHE H 267 6.45 -50.80 -3.70
CA PHE H 267 6.48 -51.47 -5.00
C PHE H 267 7.85 -52.09 -5.23
N PRO H 268 8.00 -53.40 -5.06
CA PRO H 268 9.28 -54.03 -5.40
C PRO H 268 9.34 -54.50 -6.84
N VAL H 269 10.53 -54.57 -7.42
CA VAL H 269 10.74 -55.23 -8.70
C VAL H 269 11.71 -56.38 -8.52
N GLU H 270 11.39 -57.50 -9.18
CA GLU H 270 12.41 -58.51 -9.45
C GLU H 270 13.07 -58.24 -10.80
N GLY H 271 12.28 -57.86 -11.79
CA GLY H 271 12.82 -57.53 -13.10
C GLY H 271 11.80 -56.77 -13.92
N THR H 272 12.28 -56.20 -15.02
CA THR H 272 11.42 -55.47 -15.91
C THR H 272 10.76 -56.40 -16.92
N GLN H 273 10.01 -55.80 -17.84
CA GLN H 273 9.14 -56.56 -18.71
C GLN H 273 9.82 -56.78 -20.07
N PRO H 274 9.59 -57.93 -20.69
CA PRO H 274 10.30 -58.24 -21.94
C PRO H 274 9.88 -57.36 -23.09
N ARG H 275 10.74 -57.29 -24.09
CA ARG H 275 10.48 -56.48 -25.26
C ARG H 275 9.28 -56.93 -26.11
N PRO H 276 8.98 -58.23 -26.32
CA PRO H 276 7.74 -58.54 -27.04
C PRO H 276 6.47 -58.13 -26.29
N GLN H 277 6.53 -58.09 -24.96
CA GLN H 277 5.38 -57.63 -24.20
C GLN H 277 5.16 -56.13 -24.36
N TRP H 278 6.26 -55.37 -24.37
CA TRP H 278 6.20 -53.94 -24.68
C TRP H 278 5.74 -53.71 -26.10
N ASN H 279 6.07 -54.62 -27.02
CA ASN H 279 5.59 -54.50 -28.37
C ASN H 279 4.11 -54.82 -28.45
N ALA H 280 3.66 -55.74 -27.60
CA ALA H 280 2.27 -56.15 -27.61
C ALA H 280 1.36 -55.03 -27.13
N ILE H 281 1.82 -54.21 -26.20
CA ILE H 281 0.94 -53.16 -25.71
C ILE H 281 1.08 -51.88 -26.54
N THR H 282 1.94 -51.88 -27.54
CA THR H 282 2.14 -50.67 -28.32
C THR H 282 1.56 -50.84 -29.72
N GLY H 283 1.18 -49.75 -30.33
CA GLY H 283 0.63 -49.77 -31.67
C GLY H 283 -0.71 -49.08 -31.69
N VAL H 284 -1.31 -49.07 -32.88
CA VAL H 284 -2.63 -48.48 -33.02
C VAL H 284 -3.68 -49.52 -32.63
N TYR H 285 -4.78 -49.06 -32.06
CA TYR H 285 -5.83 -49.94 -31.57
C TYR H 285 -7.14 -49.68 -32.29
N LEU H 286 -7.82 -50.77 -32.67
CA LEU H 286 -9.00 -50.67 -33.51
C LEU H 286 -10.25 -51.32 -32.92
N TYR H 287 -10.40 -51.29 -31.59
CA TYR H 287 -11.63 -51.74 -30.89
C TYR H 287 -11.98 -53.20 -31.19
N ARG H 288 -11.22 -54.11 -30.62
CA ARG H 288 -11.66 -55.49 -30.64
C ARG H 288 -12.67 -55.73 -29.52
N GLU H 289 -13.25 -56.92 -29.51
CA GLU H 289 -14.10 -57.38 -28.42
C GLU H 289 -13.78 -58.84 -28.14
N ASN H 290 -13.44 -59.13 -26.89
CA ASN H 290 -13.15 -60.50 -26.48
C ASN H 290 -14.37 -61.07 -25.78
N GLN H 291 -15.03 -62.03 -26.45
CA GLN H 291 -16.22 -62.73 -25.95
C GLN H 291 -17.35 -61.77 -25.60
N GLY H 292 -17.61 -60.81 -26.48
CA GLY H 292 -18.68 -59.86 -26.27
C GLY H 292 -18.34 -58.66 -25.41
N LEU H 293 -17.36 -58.77 -24.53
CA LEU H 293 -16.96 -57.65 -23.72
C LEU H 293 -15.95 -56.81 -24.48
N PRO H 294 -16.00 -55.49 -24.37
CA PRO H 294 -15.13 -54.65 -25.19
C PRO H 294 -13.75 -54.52 -24.58
N LEU H 295 -12.77 -54.33 -25.45
CA LEU H 295 -11.40 -54.03 -25.06
C LEU H 295 -11.07 -52.65 -25.62
N TYR H 296 -10.45 -51.81 -24.81
CA TYR H 296 -10.33 -50.41 -25.15
C TYR H 296 -8.91 -49.97 -25.48
N SER H 297 -7.93 -50.86 -25.33
CA SER H 297 -6.57 -50.53 -25.74
C SER H 297 -5.82 -51.84 -25.95
N ARG H 298 -4.60 -51.72 -26.47
CA ARG H 298 -3.76 -52.90 -26.62
C ARG H 298 -3.29 -53.40 -25.27
N LEU H 299 -3.13 -52.49 -24.31
CA LEU H 299 -2.83 -52.90 -22.95
C LEU H 299 -4.00 -53.64 -22.33
N HIS H 300 -5.21 -53.19 -22.62
CA HIS H 300 -6.40 -53.87 -22.11
C HIS H 300 -6.57 -55.23 -22.78
N LYS H 301 -6.30 -55.29 -24.08
CA LYS H 301 -6.38 -56.56 -24.80
C LYS H 301 -5.31 -57.52 -24.32
N TRP H 302 -4.13 -57.00 -24.00
CA TRP H 302 -3.05 -57.83 -23.50
C TRP H 302 -3.35 -58.33 -22.09
N ALA H 303 -3.95 -57.47 -21.26
CA ALA H 303 -4.25 -57.89 -19.89
C ALA H 303 -5.38 -58.89 -19.86
N GLN H 304 -6.35 -58.76 -20.76
CA GLN H 304 -7.38 -59.78 -20.86
C GLN H 304 -6.85 -61.04 -21.51
N GLY H 305 -5.79 -60.93 -22.31
CA GLY H 305 -5.24 -62.08 -22.99
C GLY H 305 -4.51 -63.03 -22.06
N LEU H 306 -4.21 -62.58 -20.85
CA LEU H 306 -3.59 -63.45 -19.86
C LEU H 306 -4.65 -64.16 -19.03
N SER I 13 -4.32 -23.34 -14.34
CA SER I 13 -4.87 -22.29 -13.49
C SER I 13 -6.10 -21.65 -14.12
N LEU I 14 -6.61 -22.27 -15.19
CA LEU I 14 -7.78 -21.73 -15.86
C LEU I 14 -9.04 -21.91 -15.00
N PHE I 15 -9.29 -23.12 -14.53
CA PHE I 15 -10.44 -23.37 -13.66
C PHE I 15 -10.26 -22.70 -12.31
N PHE I 16 -9.02 -22.58 -11.84
CA PHE I 16 -8.76 -21.95 -10.54
C PHE I 16 -9.05 -20.46 -10.58
N LYS I 17 -8.56 -19.76 -11.62
CA LYS I 17 -8.81 -18.33 -11.73
C LYS I 17 -10.24 -18.04 -12.15
N SER I 18 -10.84 -18.96 -12.91
CA SER I 18 -12.23 -18.77 -13.32
C SER I 18 -13.19 -19.03 -12.17
N LYS I 19 -12.78 -19.86 -11.20
CA LYS I 19 -13.63 -20.11 -10.05
C LYS I 19 -13.30 -19.18 -8.90
N ASP I 20 -12.02 -18.86 -8.70
CA ASP I 20 -11.59 -17.95 -7.64
C ASP I 20 -10.65 -16.93 -8.28
N VAL I 21 -11.11 -15.70 -8.41
CA VAL I 21 -10.43 -14.75 -9.27
C VAL I 21 -9.27 -14.07 -8.54
N MET I 22 -8.11 -14.05 -9.20
CA MET I 22 -7.04 -13.12 -8.90
C MET I 22 -7.45 -11.77 -9.46
N ILE I 23 -6.73 -10.71 -9.10
CA ILE I 23 -7.20 -9.33 -9.02
C ILE I 23 -7.93 -8.86 -10.27
N PHE I 24 -9.19 -8.45 -10.09
CA PHE I 24 -10.11 -8.34 -11.21
C PHE I 24 -9.88 -7.06 -12.00
N ASN I 25 -9.22 -6.08 -11.39
CA ASN I 25 -8.81 -4.90 -12.15
C ASN I 25 -7.74 -5.25 -13.17
N GLY I 26 -6.70 -5.97 -12.74
CA GLY I 26 -5.69 -6.43 -13.67
C GLY I 26 -6.21 -7.48 -14.63
N LEU I 27 -7.17 -8.30 -14.17
CA LEU I 27 -7.79 -9.28 -15.04
C LEU I 27 -8.62 -8.61 -16.13
N VAL I 28 -9.36 -7.56 -15.78
CA VAL I 28 -10.15 -6.83 -16.77
C VAL I 28 -9.24 -6.02 -17.69
N ALA I 29 -8.08 -5.59 -17.19
CA ALA I 29 -7.12 -4.88 -18.03
C ALA I 29 -6.47 -5.82 -19.05
N LEU I 30 -6.10 -7.03 -18.61
CA LEU I 30 -5.54 -8.00 -19.54
C LEU I 30 -6.59 -8.51 -20.52
N GLY I 31 -7.86 -8.57 -20.07
CA GLY I 31 -8.94 -8.89 -20.98
C GLY I 31 -9.21 -7.79 -21.98
N THR I 32 -9.00 -6.54 -21.58
CA THR I 32 -9.12 -5.42 -22.51
C THR I 32 -7.98 -5.41 -23.51
N VAL I 33 -6.77 -5.82 -23.08
CA VAL I 33 -5.65 -5.90 -24.01
C VAL I 33 -5.84 -7.03 -25.03
N GLY I 34 -6.26 -8.21 -24.55
CA GLY I 34 -6.55 -9.30 -25.45
C GLY I 34 -7.74 -9.01 -26.36
N SER I 35 -8.74 -8.28 -25.84
CA SER I 35 -9.85 -7.86 -26.67
C SER I 35 -9.43 -6.83 -27.69
N GLN I 36 -8.45 -5.99 -27.34
CA GLN I 36 -7.90 -5.03 -28.30
C GLN I 36 -7.21 -5.74 -29.45
N GLU I 37 -6.36 -6.73 -29.12
CA GLU I 37 -5.61 -7.54 -30.12
C GLU I 37 -6.52 -8.41 -30.99
N LEU I 38 -7.52 -9.08 -30.40
CA LEU I 38 -8.41 -9.98 -31.13
C LEU I 38 -9.50 -9.20 -31.88
N PHE I 39 -9.97 -8.09 -31.31
CA PHE I 39 -10.95 -7.27 -32.03
C PHE I 39 -10.26 -6.40 -33.06
N SER I 40 -8.94 -6.24 -32.97
CA SER I 40 -8.21 -5.61 -34.06
C SER I 40 -8.08 -6.55 -35.23
N VAL I 41 -7.94 -7.85 -34.97
CA VAL I 41 -7.78 -8.77 -36.10
C VAL I 41 -9.12 -9.11 -36.72
N VAL I 42 -10.24 -8.83 -36.04
CA VAL I 42 -11.55 -9.05 -36.64
C VAL I 42 -12.32 -7.76 -36.89
N ALA I 43 -11.65 -6.61 -36.84
CA ALA I 43 -12.30 -5.33 -37.04
C ALA I 43 -12.82 -5.19 -38.47
N PHE I 44 -13.97 -4.55 -38.61
CA PHE I 44 -14.64 -4.44 -39.90
C PHE I 44 -13.92 -3.38 -40.73
N HIS I 45 -13.32 -3.82 -41.82
CA HIS I 45 -12.69 -2.89 -42.75
C HIS I 45 -13.44 -2.91 -44.07
N CYS I 46 -14.22 -1.87 -44.33
CA CYS I 46 -15.09 -1.86 -45.47
C CYS I 46 -14.31 -1.65 -46.75
N PRO I 47 -14.48 -2.52 -47.75
CA PRO I 47 -13.92 -2.24 -49.08
C PRO I 47 -14.77 -1.22 -49.79
N CYS I 48 -14.28 0.02 -49.85
CA CYS I 48 -15.08 1.07 -50.44
C CYS I 48 -15.00 0.94 -51.96
N SER I 49 -15.82 0.03 -52.48
CA SER I 49 -15.86 -0.34 -53.88
C SER I 49 -17.19 -1.03 -54.15
N PRO I 50 -17.79 -0.80 -55.32
CA PRO I 50 -19.09 -1.41 -55.62
C PRO I 50 -18.94 -2.88 -55.93
N ALA I 51 -20.05 -3.62 -55.71
CA ALA I 51 -20.19 -5.06 -55.96
C ALA I 51 -19.22 -5.90 -55.14
N ARG I 52 -18.64 -5.31 -54.10
CA ARG I 52 -17.50 -5.89 -53.43
C ARG I 52 -17.70 -5.74 -51.94
N ASN I 53 -18.49 -4.76 -51.54
CA ASN I 53 -18.60 -4.47 -50.12
C ASN I 53 -19.79 -5.18 -49.50
N TYR I 54 -20.81 -5.50 -50.29
CA TYR I 54 -21.86 -6.34 -49.73
C TYR I 54 -21.39 -7.77 -49.60
N LEU I 55 -20.48 -8.20 -50.48
CA LEU I 55 -19.86 -9.50 -50.33
C LEU I 55 -19.00 -9.55 -49.07
N TYR I 56 -18.33 -8.45 -48.74
CA TYR I 56 -17.55 -8.42 -47.51
C TYR I 56 -18.44 -8.35 -46.29
N GLY I 57 -19.53 -7.60 -46.35
CA GLY I 57 -20.47 -7.56 -45.24
C GLY I 57 -21.10 -8.92 -45.00
N LEU I 58 -21.49 -9.59 -46.08
CA LEU I 58 -22.05 -10.94 -45.99
C LEU I 58 -21.04 -11.92 -45.44
N ALA I 59 -19.78 -11.84 -45.86
CA ALA I 59 -18.77 -12.73 -45.31
C ALA I 59 -18.49 -12.43 -43.84
N ALA I 60 -18.13 -11.19 -43.52
CA ALA I 60 -17.66 -10.86 -42.19
C ALA I 60 -18.79 -10.87 -41.16
N ILE I 61 -20.04 -10.97 -41.59
CA ILE I 61 -21.11 -11.12 -40.62
C ILE I 61 -21.66 -12.55 -40.64
N GLY I 62 -22.04 -13.06 -41.82
CA GLY I 62 -22.69 -14.35 -41.87
C GLY I 62 -21.75 -15.50 -41.64
N VAL I 63 -20.44 -15.29 -41.81
CA VAL I 63 -19.48 -16.34 -41.51
C VAL I 63 -19.21 -16.50 -40.03
N PRO I 64 -19.04 -15.43 -39.21
CA PRO I 64 -19.09 -15.66 -37.77
C PRO I 64 -20.43 -16.15 -37.27
N ALA I 65 -21.51 -15.77 -37.96
CA ALA I 65 -22.82 -16.35 -37.67
C ALA I 65 -22.83 -17.84 -37.95
N LEU I 66 -22.33 -18.25 -39.11
CA LEU I 66 -22.33 -19.67 -39.45
C LEU I 66 -21.37 -20.45 -38.55
N VAL I 67 -20.27 -19.82 -38.14
CA VAL I 67 -19.32 -20.47 -37.25
C VAL I 67 -19.95 -20.69 -35.88
N LEU I 68 -20.62 -19.67 -35.34
CA LEU I 68 -21.24 -19.81 -34.04
C LEU I 68 -22.43 -20.76 -34.09
N PHE I 69 -23.11 -20.82 -35.24
CA PHE I 69 -24.20 -21.77 -35.42
C PHE I 69 -23.68 -23.20 -35.46
N ILE I 70 -22.57 -23.41 -36.18
CA ILE I 70 -21.94 -24.72 -36.23
C ILE I 70 -21.45 -25.14 -34.86
N ILE I 71 -20.83 -24.21 -34.12
CA ILE I 71 -20.34 -24.49 -32.77
C ILE I 71 -21.49 -24.85 -31.84
N GLY I 72 -22.62 -24.15 -31.98
CA GLY I 72 -23.77 -24.48 -31.16
C GLY I 72 -24.38 -25.83 -31.51
N ILE I 73 -24.26 -26.25 -32.77
CA ILE I 73 -24.72 -27.59 -33.12
C ILE I 73 -23.76 -28.64 -32.55
N ILE I 74 -22.45 -28.35 -32.60
CA ILE I 74 -21.43 -29.29 -32.16
C ILE I 74 -21.50 -29.54 -30.66
N LEU I 75 -21.58 -28.46 -29.88
CA LEU I 75 -21.49 -28.63 -28.43
C LEU I 75 -22.78 -29.16 -27.84
N ASN I 76 -23.88 -29.07 -28.58
CA ASN I 76 -25.12 -29.67 -28.12
C ASN I 76 -25.07 -31.19 -28.27
N ASN I 77 -25.27 -31.89 -27.16
CA ASN I 77 -25.14 -33.35 -27.20
C ASN I 77 -26.40 -33.99 -27.74
N HIS I 78 -27.49 -33.22 -27.85
CA HIS I 78 -28.70 -33.74 -28.47
C HIS I 78 -28.50 -33.98 -29.95
N THR I 79 -27.55 -33.25 -30.56
CA THR I 79 -27.13 -33.53 -31.93
C THR I 79 -26.63 -34.95 -32.06
N TRP I 80 -25.79 -35.37 -31.13
CA TRP I 80 -25.20 -36.69 -31.24
C TRP I 80 -26.16 -37.76 -30.75
N ASN I 81 -27.09 -37.37 -29.88
CA ASN I 81 -28.16 -38.30 -29.53
C ASN I 81 -29.06 -38.59 -30.73
N LEU I 82 -29.37 -37.55 -31.51
CA LEU I 82 -30.21 -37.76 -32.69
C LEU I 82 -29.45 -38.50 -33.78
N VAL I 83 -28.16 -38.21 -33.91
CA VAL I 83 -27.37 -38.91 -34.92
C VAL I 83 -27.13 -40.35 -34.52
N ALA I 84 -27.14 -40.63 -33.20
CA ALA I 84 -27.02 -42.01 -32.76
C ALA I 84 -28.33 -42.75 -32.94
N GLU I 85 -29.45 -42.04 -32.77
CA GLU I 85 -30.75 -42.64 -33.03
C GLU I 85 -30.89 -43.03 -34.49
N CYS I 86 -30.56 -42.13 -35.40
CA CYS I 86 -30.67 -42.47 -36.83
C CYS I 86 -29.54 -43.40 -37.25
N GLN I 87 -28.46 -43.46 -36.48
CA GLN I 87 -27.36 -44.35 -36.81
C GLN I 87 -27.69 -45.80 -36.45
N HIS I 88 -27.90 -46.08 -35.16
CA HIS I 88 -28.01 -47.49 -34.76
C HIS I 88 -29.46 -47.90 -34.56
N ARG I 89 -30.36 -46.94 -34.30
CA ARG I 89 -31.78 -47.27 -34.32
C ARG I 89 -32.21 -47.62 -35.74
N ARG I 90 -31.76 -46.82 -36.71
CA ARG I 90 -31.59 -47.16 -38.13
C ARG I 90 -32.87 -47.60 -38.84
N THR I 91 -34.04 -47.46 -38.24
CA THR I 91 -35.30 -47.89 -38.84
C THR I 91 -36.42 -46.89 -38.61
N LYS I 92 -36.09 -45.62 -38.33
CA LYS I 92 -37.02 -44.59 -37.88
C LYS I 92 -37.80 -45.06 -36.65
N ASN I 93 -37.06 -45.44 -35.60
CA ASN I 93 -37.69 -45.81 -34.33
C ASN I 93 -38.37 -44.62 -33.70
N CYS I 94 -37.68 -43.50 -33.60
CA CYS I 94 -38.34 -42.23 -33.40
C CYS I 94 -38.76 -41.67 -34.76
N SER I 95 -40.03 -41.30 -34.87
CA SER I 95 -40.59 -40.94 -36.16
C SER I 95 -40.20 -39.52 -36.55
N ALA I 96 -40.88 -39.01 -37.59
CA ALA I 96 -40.52 -37.70 -38.14
C ALA I 96 -40.89 -36.57 -37.18
N ALA I 97 -41.91 -36.76 -36.37
CA ALA I 97 -42.30 -35.73 -35.41
C ALA I 97 -41.39 -35.65 -34.17
N PRO I 98 -40.94 -36.76 -33.53
CA PRO I 98 -39.91 -36.58 -32.49
C PRO I 98 -38.59 -36.10 -33.03
N THR I 99 -38.23 -36.52 -34.25
CA THR I 99 -37.04 -36.00 -34.92
C THR I 99 -37.17 -34.50 -35.18
N PHE I 100 -38.38 -34.04 -35.54
CA PHE I 100 -38.59 -32.63 -35.79
C PHE I 100 -38.54 -31.82 -34.50
N LEU I 101 -39.08 -32.36 -33.40
CA LEU I 101 -39.04 -31.65 -32.13
C LEU I 101 -37.61 -31.57 -31.59
N LEU I 102 -36.86 -32.66 -31.71
CA LEU I 102 -35.47 -32.67 -31.26
C LEU I 102 -34.62 -31.73 -32.10
N LEU I 103 -34.83 -31.75 -33.43
CA LEU I 103 -34.12 -30.85 -34.33
C LEU I 103 -34.44 -29.39 -34.04
N SER I 104 -35.70 -29.11 -33.68
CA SER I 104 -36.07 -27.74 -33.33
C SER I 104 -35.36 -27.28 -32.06
N SER I 105 -35.27 -28.16 -31.06
CA SER I 105 -34.54 -27.82 -29.83
C SER I 105 -33.05 -27.57 -30.10
N ILE I 106 -32.45 -28.44 -30.93
CA ILE I 106 -31.03 -28.31 -31.28
C ILE I 106 -30.76 -27.03 -32.04
N LEU I 107 -31.55 -26.76 -33.09
CA LEU I 107 -31.34 -25.58 -33.91
C LEU I 107 -31.61 -24.31 -33.14
N GLY I 108 -32.50 -24.35 -32.15
CA GLY I 108 -32.72 -23.17 -31.33
C GLY I 108 -31.55 -22.86 -30.42
N ARG I 109 -31.07 -23.86 -29.68
CA ARG I 109 -29.93 -23.62 -28.79
C ARG I 109 -28.67 -23.34 -29.58
N ALA I 110 -28.61 -23.81 -30.82
CA ALA I 110 -27.53 -23.40 -31.71
C ALA I 110 -27.68 -21.94 -32.12
N ALA I 111 -28.87 -21.56 -32.61
CA ALA I 111 -29.08 -20.24 -33.20
C ALA I 111 -29.28 -19.15 -32.16
N VAL I 112 -29.06 -19.45 -30.88
CA VAL I 112 -28.89 -18.37 -29.90
C VAL I 112 -27.75 -17.44 -30.31
N ALA I 113 -26.56 -17.98 -30.56
CA ALA I 113 -25.38 -17.13 -30.73
C ALA I 113 -25.25 -16.44 -32.10
N PRO I 114 -25.59 -17.06 -33.25
CA PRO I 114 -25.53 -16.27 -34.49
C PRO I 114 -26.55 -15.17 -34.55
N VAL I 115 -27.73 -15.36 -33.96
CA VAL I 115 -28.72 -14.29 -33.90
C VAL I 115 -28.20 -13.14 -33.04
N THR I 116 -27.51 -13.45 -31.96
CA THR I 116 -26.98 -12.40 -31.09
C THR I 116 -25.83 -11.66 -31.79
N TRP I 117 -25.02 -12.40 -32.57
CA TRP I 117 -23.95 -11.77 -33.32
C TRP I 117 -24.50 -10.88 -34.43
N SER I 118 -25.52 -11.34 -35.15
CA SER I 118 -26.05 -10.58 -36.26
C SER I 118 -26.85 -9.38 -35.76
N VAL I 119 -27.44 -9.50 -34.57
CA VAL I 119 -28.14 -8.37 -33.97
C VAL I 119 -27.15 -7.31 -33.52
N ILE I 120 -26.04 -7.72 -32.88
CA ILE I 120 -25.03 -6.77 -32.47
C ILE I 120 -24.39 -6.10 -33.68
N SER I 121 -24.21 -6.86 -34.76
CA SER I 121 -23.60 -6.29 -35.95
C SER I 121 -24.57 -5.39 -36.70
N LEU I 122 -25.87 -5.64 -36.57
CA LEU I 122 -26.84 -4.76 -37.20
C LEU I 122 -27.04 -3.49 -36.39
N LEU I 123 -26.90 -3.58 -35.07
CA LEU I 123 -27.04 -2.40 -34.24
C LEU I 123 -25.78 -1.56 -34.26
N ARG I 124 -24.67 -2.21 -34.60
CA ARG I 124 -23.39 -1.50 -34.85
C ARG I 124 -23.61 -0.66 -36.11
N GLY I 125 -24.29 -1.24 -37.11
CA GLY I 125 -24.65 -0.56 -38.33
C GLY I 125 -23.60 -0.57 -39.42
N GLU I 126 -22.34 -0.90 -39.10
CA GLU I 126 -21.23 -0.65 -40.00
C GLU I 126 -21.27 -1.58 -41.21
N ALA I 127 -21.69 -2.82 -41.00
CA ALA I 127 -21.78 -3.77 -42.10
C ALA I 127 -22.87 -3.37 -43.07
N TYR I 128 -23.91 -2.69 -42.59
CA TYR I 128 -25.02 -2.39 -43.47
C TYR I 128 -24.77 -1.13 -44.28
N VAL I 129 -24.15 -0.09 -43.69
CA VAL I 129 -23.75 1.07 -44.48
C VAL I 129 -22.73 0.63 -45.52
N CYS I 130 -21.81 -0.26 -45.12
CA CYS I 130 -20.82 -0.76 -46.06
C CYS I 130 -21.48 -1.60 -47.15
N ALA I 131 -22.48 -2.39 -46.80
CA ALA I 131 -23.05 -3.33 -47.77
C ALA I 131 -24.03 -2.65 -48.70
N LEU I 132 -24.63 -1.54 -48.29
CA LEU I 132 -25.66 -0.94 -49.12
C LEU I 132 -25.36 0.50 -49.52
N SER I 133 -24.12 0.96 -49.39
CA SER I 133 -23.77 2.29 -49.88
C SER I 133 -23.98 2.38 -51.39
N GLU I 134 -23.70 1.31 -52.12
CA GLU I 134 -23.74 1.38 -53.57
C GLU I 134 -25.17 1.29 -54.10
N PHE I 135 -26.10 0.84 -53.27
CA PHE I 135 -27.46 0.63 -53.76
C PHE I 135 -28.33 1.84 -53.51
N VAL I 136 -27.78 2.86 -52.85
CA VAL I 136 -28.56 4.06 -52.55
C VAL I 136 -28.79 4.83 -53.83
N ASP I 137 -30.06 5.11 -54.13
CA ASP I 137 -30.46 5.85 -55.30
C ASP I 137 -29.98 7.29 -55.19
N PRO I 138 -29.19 7.77 -56.17
CA PRO I 138 -28.58 9.11 -56.03
C PRO I 138 -29.57 10.25 -56.13
N SER I 139 -30.70 10.03 -56.82
CA SER I 139 -31.71 11.08 -56.93
C SER I 139 -32.47 11.27 -55.62
N SER I 140 -32.43 10.26 -54.74
CA SER I 140 -33.19 10.35 -53.49
C SER I 140 -32.43 11.11 -52.41
N LEU I 141 -31.24 11.61 -52.72
CA LEU I 141 -30.45 12.32 -51.72
C LEU I 141 -30.93 13.77 -51.58
N THR I 142 -30.80 14.30 -50.37
CA THR I 142 -31.19 15.67 -50.06
C THR I 142 -30.04 16.37 -49.33
N ALA I 143 -30.36 17.56 -48.81
CA ALA I 143 -29.55 18.45 -47.97
C ALA I 143 -28.36 19.07 -48.70
N ARG I 144 -28.29 18.96 -50.02
CA ARG I 144 -27.26 19.63 -50.81
C ARG I 144 -27.73 19.69 -52.26
N GLU I 145 -26.91 20.34 -53.09
CA GLU I 145 -27.17 20.33 -54.53
C GLU I 145 -26.66 19.03 -55.14
N GLU I 146 -27.46 18.45 -56.01
CA GLU I 146 -27.19 17.11 -56.54
C GLU I 146 -25.95 17.11 -57.43
N HIS I 147 -24.90 16.44 -56.96
CA HIS I 147 -23.61 16.40 -57.63
C HIS I 147 -23.19 14.93 -57.78
N PHE I 148 -23.65 14.29 -58.85
CA PHE I 148 -23.38 12.89 -59.09
C PHE I 148 -23.23 12.64 -60.58
N PRO I 149 -22.02 12.38 -61.07
CA PRO I 149 -21.88 11.85 -62.44
C PRO I 149 -22.50 10.46 -62.51
N SER I 150 -23.40 10.29 -63.48
CA SER I 150 -24.15 9.03 -63.58
C SER I 150 -23.25 7.88 -64.04
N ALA I 151 -22.11 8.20 -64.64
CA ALA I 151 -21.12 7.17 -64.93
C ALA I 151 -20.46 6.68 -63.65
N HIS I 152 -19.98 7.61 -62.81
CA HIS I 152 -19.31 7.28 -61.57
C HIS I 152 -20.24 7.36 -60.37
N ALA I 153 -21.53 7.02 -60.55
CA ALA I 153 -22.48 7.13 -59.45
C ALA I 153 -22.22 6.07 -58.39
N THR I 154 -22.24 4.79 -58.80
CA THR I 154 -22.18 3.68 -57.85
C THR I 154 -20.84 3.63 -57.14
N GLU I 155 -19.77 4.06 -57.79
CA GLU I 155 -18.45 4.00 -57.16
C GLU I 155 -18.31 5.06 -56.07
N ILE I 156 -18.76 6.28 -56.34
CA ILE I 156 -18.64 7.33 -55.33
C ILE I 156 -19.70 7.13 -54.25
N LEU I 157 -20.78 6.42 -54.57
CA LEU I 157 -21.69 5.98 -53.52
C LEU I 157 -21.03 4.94 -52.62
N ALA I 158 -20.38 3.94 -53.22
CA ALA I 158 -19.78 2.85 -52.47
C ALA I 158 -18.56 3.30 -51.69
N ARG I 159 -17.98 4.45 -52.03
CA ARG I 159 -16.82 4.93 -51.30
C ARG I 159 -17.21 5.75 -50.08
N PHE I 160 -18.51 5.96 -49.86
CA PHE I 160 -18.97 6.72 -48.69
C PHE I 160 -18.59 6.16 -47.32
N PRO I 161 -18.70 4.85 -47.00
CA PRO I 161 -18.48 4.45 -45.60
C PRO I 161 -17.05 4.55 -45.11
N CYS I 162 -16.08 4.80 -46.00
CA CYS I 162 -14.71 5.01 -45.54
C CYS I 162 -14.44 6.46 -45.20
N LYS I 163 -15.50 7.29 -45.17
CA LYS I 163 -15.43 8.76 -45.14
C LYS I 163 -14.55 9.30 -46.26
N GLU I 164 -14.60 8.67 -47.43
CA GLU I 164 -13.79 9.08 -48.57
C GLU I 164 -14.59 9.83 -49.62
N ASN I 165 -15.67 10.49 -49.21
CA ASN I 165 -16.36 11.39 -50.10
C ASN I 165 -15.54 12.65 -50.31
N PRO I 166 -15.78 13.38 -51.40
CA PRO I 166 -15.26 14.75 -51.49
C PRO I 166 -15.92 15.63 -50.44
N ASP I 167 -15.24 16.73 -50.09
CA ASP I 167 -15.79 17.64 -49.09
C ASP I 167 -16.98 18.41 -49.64
N ASN I 168 -17.14 18.44 -50.97
CA ASN I 168 -18.35 18.96 -51.57
C ASN I 168 -19.54 18.03 -51.32
N LEU I 169 -19.27 16.77 -51.01
CA LEU I 169 -20.32 15.78 -50.79
C LEU I 169 -20.36 15.27 -49.36
N SER I 170 -19.83 16.02 -48.39
CA SER I 170 -19.83 15.54 -47.01
C SER I 170 -21.23 15.54 -46.41
N ASP I 171 -22.07 16.48 -46.83
CA ASP I 171 -23.46 16.50 -46.36
C ASP I 171 -24.23 15.32 -46.95
N PHE I 172 -24.01 15.05 -48.24
CA PHE I 172 -24.57 13.85 -48.88
C PHE I 172 -24.13 12.59 -48.17
N ARG I 173 -22.84 12.51 -47.80
CA ARG I 173 -22.33 11.31 -47.15
C ARG I 173 -22.91 11.14 -45.76
N GLU I 174 -23.09 12.25 -45.03
CA GLU I 174 -23.73 12.16 -43.71
C GLU I 174 -25.19 11.75 -43.84
N GLU I 175 -25.87 12.18 -44.92
CA GLU I 175 -27.26 11.79 -45.13
C GLU I 175 -27.38 10.30 -45.42
N VAL I 176 -26.54 9.77 -46.31
CA VAL I 176 -26.57 8.35 -46.60
C VAL I 176 -26.13 7.53 -45.40
N SER I 177 -25.16 8.01 -44.63
CA SER I 177 -24.72 7.30 -43.45
C SER I 177 -25.82 7.20 -42.41
N ARG I 178 -26.56 8.30 -42.21
CA ARG I 178 -27.63 8.27 -41.23
C ARG I 178 -28.81 7.43 -41.71
N ARG I 179 -29.12 7.48 -43.00
CA ARG I 179 -30.24 6.70 -43.52
C ARG I 179 -29.97 5.21 -43.48
N LEU I 180 -28.77 4.80 -43.88
CA LEU I 180 -28.48 3.39 -43.90
C LEU I 180 -28.17 2.85 -42.51
N ARG I 181 -27.65 3.70 -41.61
CA ARG I 181 -27.52 3.29 -40.23
C ARG I 181 -28.89 3.16 -39.57
N TYR I 182 -29.84 4.00 -39.99
CA TYR I 182 -31.22 3.81 -39.56
C TYR I 182 -31.77 2.48 -40.01
N GLU I 183 -31.57 2.14 -41.28
CA GLU I 183 -32.12 0.88 -41.80
C GLU I 183 -31.44 -0.32 -41.16
N SER I 184 -30.16 -0.15 -40.80
CA SER I 184 -29.43 -1.19 -40.07
C SER I 184 -30.01 -1.39 -38.68
N GLN I 185 -30.14 -0.32 -37.90
CA GLN I 185 -30.62 -0.47 -36.54
C GLN I 185 -32.09 -0.83 -36.51
N LEU I 186 -32.85 -0.43 -37.54
CA LEU I 186 -34.24 -0.84 -37.63
C LEU I 186 -34.34 -2.33 -37.92
N PHE I 187 -33.49 -2.84 -38.81
CA PHE I 187 -33.45 -4.27 -39.06
C PHE I 187 -33.00 -5.04 -37.83
N GLY I 188 -32.06 -4.46 -37.07
CA GLY I 188 -31.60 -5.12 -35.86
C GLY I 188 -32.66 -5.17 -34.77
N TRP I 189 -33.40 -4.08 -34.61
CA TRP I 189 -34.44 -4.07 -33.59
C TRP I 189 -35.62 -4.93 -34.00
N LEU I 190 -36.01 -4.93 -35.28
CA LEU I 190 -37.08 -5.82 -35.69
C LEU I 190 -36.64 -7.28 -35.64
N LEU I 191 -35.34 -7.54 -35.81
CA LEU I 191 -34.83 -8.89 -35.67
C LEU I 191 -34.89 -9.35 -34.23
N ILE I 192 -34.43 -8.53 -33.28
CA ILE I 192 -34.46 -8.94 -31.89
C ILE I 192 -35.90 -8.99 -31.37
N GLY I 193 -36.79 -8.21 -32.00
CA GLY I 193 -38.19 -8.30 -31.65
C GLY I 193 -38.83 -9.59 -32.09
N VAL I 194 -38.61 -9.99 -33.35
CA VAL I 194 -39.22 -11.23 -33.83
C VAL I 194 -38.54 -12.43 -33.18
N VAL I 195 -37.28 -12.29 -32.79
CA VAL I 195 -36.62 -13.38 -32.07
C VAL I 195 -37.19 -13.50 -30.68
N ALA I 196 -37.53 -12.38 -30.04
CA ALA I 196 -38.14 -12.45 -28.73
C ALA I 196 -39.53 -13.05 -28.79
N ILE I 197 -40.33 -12.69 -29.80
CA ILE I 197 -41.68 -13.24 -29.82
C ILE I 197 -41.66 -14.69 -30.30
N LEU I 198 -40.62 -15.04 -31.07
CA LEU I 198 -40.37 -16.44 -31.51
C LEU I 198 -40.01 -17.29 -30.29
N VAL I 199 -39.13 -16.78 -29.42
CA VAL I 199 -38.74 -17.44 -28.17
C VAL I 199 -39.96 -17.62 -27.28
N PHE I 200 -40.81 -16.59 -27.23
CA PHE I 200 -42.03 -16.65 -26.43
C PHE I 200 -43.01 -17.69 -26.97
N LEU I 201 -43.21 -17.73 -28.28
CA LEU I 201 -44.16 -18.70 -28.83
C LEU I 201 -43.61 -20.12 -28.81
N THR I 202 -42.30 -20.29 -28.91
CA THR I 202 -41.75 -21.63 -28.80
C THR I 202 -41.89 -22.15 -27.38
N LYS I 203 -41.67 -21.28 -26.39
CA LYS I 203 -41.88 -21.70 -25.00
C LYS I 203 -43.34 -22.00 -24.73
N CYS I 204 -44.25 -21.19 -25.29
CA CYS I 204 -45.67 -21.42 -25.05
C CYS I 204 -46.16 -22.68 -25.73
N LEU I 205 -45.69 -22.95 -26.96
CA LEU I 205 -46.14 -24.16 -27.64
C LEU I 205 -45.44 -25.39 -27.07
N LYS I 206 -44.25 -25.23 -26.51
CA LYS I 206 -43.62 -26.34 -25.82
C LYS I 206 -44.40 -26.70 -24.56
N HIS I 207 -44.81 -25.69 -23.79
CA HIS I 207 -45.55 -25.97 -22.56
C HIS I 207 -46.97 -26.43 -22.87
N TYR I 208 -47.53 -25.99 -23.98
CA TYR I 208 -48.88 -26.40 -24.33
C TYR I 208 -48.90 -27.78 -24.96
N CYS I 209 -47.83 -28.16 -25.65
CA CYS I 209 -47.87 -29.40 -26.41
C CYS I 209 -46.96 -30.47 -25.80
N SER I 210 -46.48 -30.22 -24.59
CA SER I 210 -45.81 -31.28 -23.86
C SER I 210 -46.87 -32.18 -23.24
N PRO I 211 -46.67 -33.50 -23.19
CA PRO I 211 -47.66 -34.36 -22.53
C PRO I 211 -47.60 -34.25 -21.02
N LEU I 212 -46.41 -34.08 -20.49
CA LEU I 212 -46.24 -33.96 -19.05
C LEU I 212 -46.24 -32.49 -18.66
N SER I 213 -46.39 -32.25 -17.36
CA SER I 213 -46.54 -30.90 -16.84
C SER I 213 -45.23 -30.15 -16.88
N TYR I 214 -45.25 -28.92 -16.37
CA TYR I 214 -44.05 -28.12 -16.41
C TYR I 214 -43.21 -28.32 -15.15
N ARG I 215 -43.85 -28.71 -14.04
CA ARG I 215 -43.08 -29.05 -12.86
C ARG I 215 -42.38 -30.39 -13.05
N GLN I 216 -43.05 -31.32 -13.71
CA GLN I 216 -42.41 -32.58 -14.03
C GLN I 216 -41.35 -32.41 -15.08
N GLU I 217 -41.52 -31.44 -15.98
CA GLU I 217 -40.47 -31.17 -16.96
C GLU I 217 -39.27 -30.50 -16.30
N ALA I 218 -39.51 -29.74 -15.23
CA ALA I 218 -38.38 -29.20 -14.48
C ALA I 218 -37.67 -30.28 -13.70
N TYR I 219 -38.42 -31.25 -13.18
CA TYR I 219 -37.82 -32.39 -12.52
C TYR I 219 -37.04 -33.25 -13.51
N TRP I 220 -37.57 -33.38 -14.72
CA TRP I 220 -36.89 -34.13 -15.77
C TRP I 220 -35.61 -33.45 -16.17
N ALA I 221 -35.60 -32.12 -16.23
CA ALA I 221 -34.38 -31.40 -16.55
C ALA I 221 -33.35 -31.56 -15.43
N GLN I 222 -33.82 -31.55 -14.19
CA GLN I 222 -32.90 -31.75 -13.08
C GLN I 222 -32.36 -33.18 -13.07
N TYR I 223 -33.20 -34.14 -13.46
CA TYR I 223 -32.75 -35.52 -13.56
C TYR I 223 -31.70 -35.67 -14.64
N ARG I 224 -31.94 -35.07 -15.80
CA ARG I 224 -31.01 -35.22 -16.90
C ARG I 224 -29.67 -34.57 -16.58
N ALA I 225 -29.70 -33.44 -15.88
CA ALA I 225 -28.46 -32.81 -15.46
C ALA I 225 -27.72 -33.68 -14.43
N ASN I 226 -28.46 -34.22 -13.45
CA ASN I 226 -27.84 -35.06 -12.44
C ASN I 226 -27.33 -36.36 -13.04
N GLU I 227 -28.03 -36.89 -14.02
CA GLU I 227 -27.65 -38.17 -14.57
C GLU I 227 -26.46 -38.04 -15.49
N ASP I 228 -26.40 -36.97 -16.28
CA ASP I 228 -25.23 -36.75 -17.10
C ASP I 228 -24.00 -36.43 -16.27
N GLN I 229 -24.18 -35.67 -15.18
CA GLN I 229 -23.03 -35.37 -14.34
C GLN I 229 -22.55 -36.59 -13.58
N LEU I 230 -23.47 -37.36 -13.01
CA LEU I 230 -23.09 -38.57 -12.29
C LEU I 230 -22.54 -39.61 -13.22
N PHE I 231 -23.01 -39.65 -14.46
CA PHE I 231 -22.53 -40.64 -15.41
C PHE I 231 -21.14 -40.29 -15.91
N GLN I 232 -20.86 -39.01 -16.15
CA GLN I 232 -19.51 -38.63 -16.53
C GLN I 232 -18.53 -38.88 -15.40
N ARG I 233 -18.95 -38.60 -14.16
CA ARG I 233 -18.05 -38.82 -13.03
C ARG I 233 -17.75 -40.29 -12.82
N THR I 234 -18.78 -41.14 -12.86
CA THR I 234 -18.50 -42.53 -12.61
C THR I 234 -17.95 -43.23 -13.84
N ALA I 235 -18.08 -42.62 -15.02
CA ALA I 235 -17.41 -43.18 -16.18
C ALA I 235 -15.93 -42.89 -16.12
N GLU I 236 -15.57 -41.68 -15.66
CA GLU I 236 -14.16 -41.38 -15.42
C GLU I 236 -13.57 -42.27 -14.35
N VAL I 237 -14.32 -42.52 -13.28
CA VAL I 237 -13.80 -43.33 -12.19
C VAL I 237 -13.71 -44.80 -12.59
N HIS I 238 -14.72 -45.30 -13.29
CA HIS I 238 -14.73 -46.69 -13.74
C HIS I 238 -13.64 -46.94 -14.77
N SER I 239 -13.40 -45.97 -15.64
CA SER I 239 -12.33 -46.09 -16.60
C SER I 239 -10.98 -46.02 -15.92
N ARG I 240 -10.87 -45.23 -14.85
CA ARG I 240 -9.61 -45.16 -14.11
C ARG I 240 -9.31 -46.47 -13.39
N VAL I 241 -10.33 -47.12 -12.85
CA VAL I 241 -10.06 -48.37 -12.14
C VAL I 241 -9.78 -49.50 -13.14
N LEU I 242 -10.41 -49.44 -14.31
CA LEU I 242 -10.09 -50.42 -15.35
C LEU I 242 -8.68 -50.21 -15.88
N ALA I 243 -8.29 -48.95 -16.04
CA ALA I 243 -6.93 -48.65 -16.47
C ALA I 243 -5.91 -49.07 -15.43
N ALA I 244 -6.25 -48.92 -14.15
CA ALA I 244 -5.35 -49.37 -13.10
C ALA I 244 -5.25 -50.89 -13.08
N ASN I 245 -6.32 -51.60 -13.39
CA ASN I 245 -6.24 -53.05 -13.47
C ASN I 245 -5.33 -53.51 -14.60
N ASN I 246 -5.43 -52.86 -15.75
CA ASN I 246 -4.60 -53.25 -16.88
C ASN I 246 -3.14 -52.88 -16.65
N VAL I 247 -2.92 -51.71 -16.07
CA VAL I 247 -1.58 -51.23 -15.76
C VAL I 247 -0.91 -52.13 -14.71
N ARG I 248 -1.66 -52.53 -13.69
CA ARG I 248 -1.15 -53.45 -12.68
C ARG I 248 -0.86 -54.81 -13.30
N ARG I 249 -1.65 -55.22 -14.28
CA ARG I 249 -1.35 -56.47 -14.97
C ARG I 249 -0.07 -56.34 -15.78
N PHE I 250 0.27 -55.14 -16.21
CA PHE I 250 1.51 -54.95 -16.96
C PHE I 250 2.72 -54.92 -16.04
N PHE I 251 2.76 -53.98 -15.11
CA PHE I 251 3.94 -53.74 -14.32
C PHE I 251 4.01 -54.52 -13.02
N GLY I 252 2.88 -54.92 -12.47
CA GLY I 252 2.85 -55.52 -11.15
C GLY I 252 2.29 -54.61 -10.08
N PHE I 253 2.15 -53.33 -10.36
CA PHE I 253 1.62 -52.36 -9.41
C PHE I 253 1.17 -51.15 -10.20
N VAL I 254 0.53 -50.20 -9.51
CA VAL I 254 0.15 -48.94 -10.11
C VAL I 254 0.61 -47.83 -9.20
N ALA I 255 1.21 -46.80 -9.78
CA ALA I 255 1.49 -45.59 -9.02
C ALA I 255 0.21 -44.77 -8.95
N LEU I 256 -0.52 -44.94 -7.85
CA LEU I 256 -1.75 -44.20 -7.62
C LEU I 256 -1.50 -43.08 -6.64
N ASN I 257 -2.31 -42.04 -6.72
CA ASN I 257 -2.36 -41.03 -5.67
C ASN I 257 -3.14 -41.59 -4.47
N LYS I 258 -3.31 -40.76 -3.46
CA LYS I 258 -4.07 -41.19 -2.30
C LYS I 258 -5.55 -41.31 -2.64
N ASP I 259 -6.08 -40.31 -3.37
CA ASP I 259 -7.46 -40.36 -3.83
C ASP I 259 -7.68 -41.50 -4.79
N ASP I 260 -6.70 -41.78 -5.67
CA ASP I 260 -6.84 -42.88 -6.60
C ASP I 260 -6.77 -44.22 -5.89
N GLU I 261 -5.96 -44.32 -4.83
CA GLU I 261 -5.92 -45.55 -4.05
C GLU I 261 -7.23 -45.76 -3.32
N GLU I 262 -7.87 -44.66 -2.89
CA GLU I 262 -9.23 -44.75 -2.35
C GLU I 262 -10.22 -45.22 -3.40
N LEU I 263 -10.05 -44.78 -4.65
CA LEU I 263 -10.95 -45.22 -5.71
C LEU I 263 -10.79 -46.71 -6.02
N ILE I 264 -9.54 -47.21 -6.01
CA ILE I 264 -9.34 -48.64 -6.23
C ILE I 264 -9.86 -49.44 -5.04
N ALA I 265 -9.80 -48.84 -3.84
CA ALA I 265 -10.34 -49.51 -2.66
C ALA I 265 -11.85 -49.63 -2.73
N ASN I 266 -12.55 -48.53 -3.05
CA ASN I 266 -14.00 -48.52 -2.97
C ASN I 266 -14.64 -49.32 -4.10
N PHE I 267 -14.26 -49.04 -5.34
CA PHE I 267 -14.99 -49.49 -6.51
C PHE I 267 -14.16 -50.49 -7.30
N PRO I 268 -14.42 -51.78 -7.19
CA PRO I 268 -13.70 -52.74 -8.02
C PRO I 268 -14.40 -53.00 -9.35
N VAL I 269 -13.65 -53.38 -10.37
CA VAL I 269 -14.23 -53.89 -11.62
C VAL I 269 -13.76 -55.31 -11.85
N GLU I 270 -14.68 -56.16 -12.30
CA GLU I 270 -14.30 -57.40 -12.96
C GLU I 270 -14.18 -57.17 -14.46
N GLY I 271 -15.11 -56.42 -15.03
CA GLY I 271 -15.06 -56.11 -16.45
C GLY I 271 -15.97 -54.95 -16.77
N THR I 272 -15.80 -54.43 -17.98
CA THR I 272 -16.63 -53.33 -18.43
C THR I 272 -17.92 -53.84 -19.05
N GLN I 273 -18.69 -52.91 -19.58
CA GLN I 273 -20.06 -53.21 -20.00
C GLN I 273 -20.11 -53.45 -21.50
N PRO I 274 -20.96 -54.36 -21.96
CA PRO I 274 -20.97 -54.71 -23.38
C PRO I 274 -21.47 -53.58 -24.26
N ARG I 275 -21.12 -53.68 -25.53
CA ARG I 275 -21.52 -52.67 -26.50
C ARG I 275 -23.03 -52.57 -26.75
N PRO I 276 -23.83 -53.65 -26.79
CA PRO I 276 -25.29 -53.43 -26.91
C PRO I 276 -25.90 -52.73 -25.70
N GLN I 277 -25.31 -52.90 -24.52
CA GLN I 277 -25.82 -52.20 -23.36
C GLN I 277 -25.52 -50.70 -23.43
N TRP I 278 -24.32 -50.35 -23.91
CA TRP I 278 -23.99 -48.96 -24.18
C TRP I 278 -24.86 -48.39 -25.28
N ASN I 279 -25.26 -49.22 -26.24
CA ASN I 279 -26.18 -48.76 -27.27
C ASN I 279 -27.57 -48.56 -26.70
N ALA I 280 -27.94 -49.38 -25.73
CA ALA I 280 -29.27 -49.31 -25.15
C ALA I 280 -29.45 -48.03 -24.35
N ILE I 281 -28.38 -47.55 -23.71
CA ILE I 281 -28.57 -46.34 -22.91
C ILE I 281 -28.30 -45.09 -23.74
N THR I 282 -27.98 -45.23 -25.00
CA THR I 282 -27.69 -44.05 -25.83
C THR I 282 -28.80 -43.83 -26.85
N GLY I 283 -28.97 -42.60 -27.25
CA GLY I 283 -29.98 -42.25 -28.23
C GLY I 283 -30.87 -41.16 -27.69
N VAL I 284 -31.85 -40.79 -28.51
CA VAL I 284 -32.81 -39.78 -28.09
C VAL I 284 -33.91 -40.46 -27.29
N TYR I 285 -34.44 -39.74 -26.30
CA TYR I 285 -35.45 -40.28 -25.41
C TYR I 285 -36.75 -39.51 -25.50
N LEU I 286 -37.87 -40.24 -25.54
CA LEU I 286 -39.16 -39.64 -25.81
C LEU I 286 -40.21 -39.92 -24.73
N TYR I 287 -39.80 -40.01 -23.46
CA TYR I 287 -40.71 -40.13 -22.31
C TYR I 287 -41.66 -41.33 -22.40
N ARG I 288 -41.12 -42.52 -22.20
CA ARG I 288 -41.99 -43.66 -22.01
C ARG I 288 -42.48 -43.70 -20.57
N GLU I 289 -43.40 -44.62 -20.29
CA GLU I 289 -43.83 -44.93 -18.93
C GLU I 289 -43.98 -46.42 -18.79
N ASN I 290 -43.29 -47.00 -17.81
CA ASN I 290 -43.38 -48.41 -17.53
C ASN I 290 -44.34 -48.63 -16.38
N GLN I 291 -45.50 -49.22 -16.68
CA GLN I 291 -46.55 -49.56 -15.72
C GLN I 291 -47.03 -48.33 -14.94
N GLY I 292 -47.25 -47.23 -15.64
CA GLY I 292 -47.73 -46.02 -15.01
C GLY I 292 -46.68 -45.14 -14.40
N LEU I 293 -45.53 -45.69 -14.02
CA LEU I 293 -44.46 -44.89 -13.47
C LEU I 293 -43.62 -44.33 -14.59
N PRO I 294 -43.15 -43.09 -14.49
CA PRO I 294 -42.43 -42.49 -15.62
C PRO I 294 -40.97 -42.90 -15.64
N LEU I 295 -40.42 -42.93 -16.84
CA LEU I 295 -39.01 -43.16 -17.09
C LEU I 295 -38.46 -41.91 -17.75
N TYR I 296 -37.32 -41.44 -17.29
CA TYR I 296 -36.85 -40.12 -17.68
C TYR I 296 -35.62 -40.14 -18.57
N SER I 297 -35.06 -41.31 -18.85
CA SER I 297 -33.96 -41.40 -19.80
C SER I 297 -33.88 -42.83 -20.28
N ARG I 298 -33.01 -43.06 -21.27
CA ARG I 298 -32.79 -44.42 -21.75
C ARG I 298 -32.02 -45.23 -20.72
N LEU I 299 -31.19 -44.56 -19.93
CA LEU I 299 -30.53 -45.24 -18.82
C LEU I 299 -31.54 -45.62 -17.75
N HIS I 300 -32.52 -44.76 -17.51
CA HIS I 300 -33.55 -45.09 -16.54
C HIS I 300 -34.46 -46.20 -17.05
N LYS I 301 -34.78 -46.16 -18.34
CA LYS I 301 -35.58 -47.22 -18.94
C LYS I 301 -34.83 -48.54 -18.94
N TRP I 302 -33.52 -48.49 -19.16
CA TRP I 302 -32.70 -49.69 -19.15
C TRP I 302 -32.57 -50.25 -17.74
N ALA I 303 -32.44 -49.37 -16.75
CA ALA I 303 -32.30 -49.85 -15.37
C ALA I 303 -33.60 -50.42 -14.85
N GLN I 304 -34.73 -49.85 -15.25
CA GLN I 304 -36.01 -50.44 -14.89
C GLN I 304 -36.27 -51.71 -15.70
N GLY I 305 -35.65 -51.84 -16.86
CA GLY I 305 -35.88 -53.00 -17.70
C GLY I 305 -35.23 -54.26 -17.14
N LEU I 306 -34.33 -54.11 -16.19
CA LEU I 306 -33.72 -55.27 -15.55
C LEU I 306 -34.55 -55.69 -14.34
N SER J 13 -17.77 -18.33 -10.80
CA SER J 13 -17.50 -17.29 -9.81
C SER J 13 -18.57 -16.20 -9.87
N LEU J 14 -19.65 -16.46 -10.61
CA LEU J 14 -20.71 -15.47 -10.72
C LEU J 14 -21.49 -15.34 -9.42
N PHE J 15 -21.95 -16.46 -8.86
CA PHE J 15 -22.66 -16.43 -7.60
C PHE J 15 -21.73 -16.05 -6.45
N PHE J 16 -20.45 -16.42 -6.55
CA PHE J 16 -19.49 -16.10 -5.50
C PHE J 16 -19.21 -14.61 -5.44
N LYS J 17 -18.96 -13.97 -6.59
CA LYS J 17 -18.70 -12.54 -6.60
C LYS J 17 -19.99 -11.74 -6.38
N SER J 18 -21.13 -12.29 -6.80
CA SER J 18 -22.39 -11.59 -6.60
C SER J 18 -22.84 -11.68 -5.14
N LYS J 19 -22.39 -12.72 -4.43
CA LYS J 19 -22.75 -12.84 -3.01
C LYS J 19 -21.67 -12.23 -2.12
N ASP J 20 -20.40 -12.39 -2.49
CA ASP J 20 -19.28 -11.83 -1.74
C ASP J 20 -18.38 -11.11 -2.72
N VAL J 21 -18.38 -9.78 -2.66
CA VAL J 21 -17.80 -8.99 -3.75
C VAL J 21 -16.29 -8.85 -3.60
N MET J 22 -15.57 -9.13 -4.68
CA MET J 22 -14.21 -8.65 -4.87
C MET J 22 -14.31 -7.18 -5.23
N ILE J 23 -13.17 -6.48 -5.22
CA ILE J 23 -13.03 -5.03 -4.97
C ILE J 23 -13.98 -4.18 -5.80
N PHE J 24 -14.83 -3.42 -5.10
CA PHE J 24 -16.02 -2.85 -5.74
C PHE J 24 -15.69 -1.62 -6.56
N ASN J 25 -14.52 -1.01 -6.32
CA ASN J 25 -14.06 0.06 -7.19
C ASN J 25 -13.69 -0.49 -8.56
N GLY J 26 -12.89 -1.55 -8.60
CA GLY J 26 -12.58 -2.20 -9.87
C GLY J 26 -13.78 -2.87 -10.49
N LEU J 27 -14.70 -3.38 -9.65
CA LEU J 27 -15.94 -3.96 -10.17
C LEU J 27 -16.82 -2.91 -10.83
N VAL J 28 -16.93 -1.74 -10.21
CA VAL J 28 -17.72 -0.66 -10.78
C VAL J 28 -17.04 -0.09 -12.01
N ALA J 29 -15.70 -0.13 -12.05
CA ALA J 29 -14.98 0.33 -13.23
C ALA J 29 -15.16 -0.62 -14.41
N LEU J 30 -15.13 -1.93 -14.16
CA LEU J 30 -15.36 -2.90 -15.22
C LEU J 30 -16.83 -2.88 -15.65
N GLY J 31 -17.74 -2.59 -14.72
CA GLY J 31 -19.13 -2.41 -15.08
C GLY J 31 -19.36 -1.14 -15.90
N THR J 32 -18.57 -0.10 -15.62
CA THR J 32 -18.64 1.11 -16.43
C THR J 32 -18.08 0.88 -17.83
N VAL J 33 -17.04 0.05 -17.94
CA VAL J 33 -16.50 -0.27 -19.27
C VAL J 33 -17.46 -1.13 -20.09
N GLY J 34 -18.05 -2.15 -19.45
CA GLY J 34 -19.06 -2.95 -20.13
C GLY J 34 -20.31 -2.16 -20.45
N SER J 35 -20.68 -1.23 -19.57
CA SER J 35 -21.81 -0.34 -19.85
C SER J 35 -21.48 0.62 -20.98
N GLN J 36 -20.22 1.03 -21.09
CA GLN J 36 -19.80 1.88 -22.21
C GLN J 36 -19.92 1.15 -23.53
N GLU J 37 -19.43 -0.10 -23.57
CA GLU J 37 -19.49 -0.97 -24.79
C GLU J 37 -20.93 -1.37 -25.18
N LEU J 38 -21.76 -1.74 -24.21
CA LEU J 38 -23.13 -2.17 -24.47
C LEU J 38 -24.06 -0.99 -24.71
N PHE J 39 -23.84 0.12 -24.02
CA PHE J 39 -24.65 1.31 -24.26
C PHE J 39 -24.18 2.04 -25.50
N SER J 40 -22.97 1.74 -25.98
CA SER J 40 -22.56 2.24 -27.28
C SER J 40 -23.26 1.49 -28.39
N VAL J 41 -23.51 0.18 -28.20
CA VAL J 41 -24.15 -0.56 -29.27
C VAL J 41 -25.66 -0.36 -29.26
N VAL J 42 -26.22 0.18 -28.17
CA VAL J 42 -27.65 0.49 -28.15
C VAL J 42 -27.94 1.98 -28.07
N ALA J 43 -26.94 2.83 -28.33
CA ALA J 43 -27.12 4.27 -28.25
C ALA J 43 -28.06 4.76 -29.34
N PHE J 44 -28.87 5.77 -28.99
CA PHE J 44 -29.90 6.27 -29.87
C PHE J 44 -29.24 7.14 -30.94
N HIS J 45 -29.33 6.68 -32.18
CA HIS J 45 -28.84 7.47 -33.30
C HIS J 45 -30.01 7.88 -34.18
N CYS J 46 -30.39 9.15 -34.10
CA CYS J 46 -31.59 9.61 -34.77
C CYS J 46 -31.36 9.71 -36.26
N PRO J 47 -32.23 9.11 -37.08
CA PRO J 47 -32.18 9.36 -38.53
C PRO J 47 -32.81 10.70 -38.83
N CYS J 48 -31.98 11.69 -39.11
CA CYS J 48 -32.51 13.02 -39.33
C CYS J 48 -33.11 13.09 -40.74
N SER J 49 -34.33 12.57 -40.84
CA SER J 49 -35.06 12.45 -42.08
C SER J 49 -36.53 12.28 -41.77
N PRO J 50 -37.42 12.86 -42.57
CA PRO J 50 -38.85 12.76 -42.28
C PRO J 50 -39.38 11.37 -42.60
N ALA J 51 -40.50 11.03 -41.92
CA ALA J 51 -41.23 9.76 -42.07
C ALA J 51 -40.39 8.55 -41.73
N ARG J 52 -39.27 8.76 -41.04
CA ARG J 52 -38.24 7.75 -40.90
C ARG J 52 -37.76 7.73 -39.46
N ASN J 53 -37.92 8.86 -38.79
CA ASN J 53 -37.35 8.97 -37.46
C ASN J 53 -38.35 8.62 -36.38
N TYR J 54 -39.65 8.76 -36.67
CA TYR J 54 -40.61 8.25 -35.70
C TYR J 54 -40.67 6.74 -35.75
N LEU J 55 -40.41 6.17 -36.93
CA LEU J 55 -40.28 4.72 -37.04
C LEU J 55 -39.09 4.22 -36.25
N TYR J 56 -37.99 4.98 -36.26
CA TYR J 56 -36.83 4.57 -35.48
C TYR J 56 -37.07 4.77 -33.99
N GLY J 57 -37.75 5.84 -33.60
CA GLY J 57 -38.08 6.02 -32.21
C GLY J 57 -38.99 4.94 -31.69
N LEU J 58 -40.00 4.59 -32.49
CA LEU J 58 -40.92 3.51 -32.16
C LEU J 58 -40.20 2.17 -32.07
N ALA J 59 -39.28 1.90 -32.99
CA ALA J 59 -38.52 0.66 -32.91
C ALA J 59 -37.59 0.64 -31.70
N ALA J 60 -36.72 1.63 -31.58
CA ALA J 60 -35.67 1.60 -30.57
C ALA J 60 -36.21 1.82 -29.16
N ILE J 61 -37.48 2.20 -29.03
CA ILE J 61 -38.05 2.27 -27.69
C ILE J 61 -39.03 1.13 -27.45
N GLY J 62 -40.00 0.95 -28.35
CA GLY J 62 -41.04 -0.03 -28.10
C GLY J 62 -40.56 -1.46 -28.27
N VAL J 63 -39.45 -1.67 -28.99
CA VAL J 63 -38.90 -3.01 -29.11
C VAL J 63 -38.13 -3.44 -27.87
N PRO J 64 -37.29 -2.62 -27.22
CA PRO J 64 -36.82 -3.03 -25.89
C PRO J 64 -37.94 -3.11 -24.87
N ALA J 65 -38.99 -2.30 -25.03
CA ALA J 65 -40.18 -2.44 -24.21
C ALA J 65 -40.84 -3.79 -24.43
N LEU J 66 -41.02 -4.19 -25.69
CA LEU J 66 -41.67 -5.46 -25.98
C LEU J 66 -40.78 -6.63 -25.57
N VAL J 67 -39.47 -6.46 -25.67
CA VAL J 67 -38.55 -7.52 -25.24
C VAL J 67 -38.61 -7.69 -23.73
N LEU J 68 -38.60 -6.59 -22.98
CA LEU J 68 -38.65 -6.69 -21.53
C LEU J 68 -40.01 -7.19 -21.06
N PHE J 69 -41.07 -6.86 -21.82
CA PHE J 69 -42.39 -7.36 -21.51
C PHE J 69 -42.48 -8.86 -21.75
N ILE J 70 -41.90 -9.33 -22.85
CA ILE J 70 -41.87 -10.76 -23.15
C ILE J 70 -41.06 -11.51 -22.11
N ILE J 71 -39.91 -10.94 -21.72
CA ILE J 71 -39.06 -11.55 -20.70
C ILE J 71 -39.78 -11.63 -19.36
N GLY J 72 -40.54 -10.59 -19.02
CA GLY J 72 -41.31 -10.62 -17.79
C GLY J 72 -42.44 -11.63 -17.82
N ILE J 73 -42.99 -11.89 -19.01
CA ILE J 73 -44.00 -12.95 -19.11
C ILE J 73 -43.34 -14.32 -19.00
N ILE J 74 -42.16 -14.47 -19.60
CA ILE J 74 -41.45 -15.75 -19.62
C ILE J 74 -41.01 -16.16 -18.22
N LEU J 75 -40.37 -15.25 -17.49
CA LEU J 75 -39.78 -15.63 -16.22
C LEU J 75 -40.82 -15.77 -15.13
N ASN J 76 -42.01 -15.24 -15.33
CA ASN J 76 -43.09 -15.44 -14.38
C ASN J 76 -43.65 -16.85 -14.52
N ASN J 77 -43.62 -17.60 -13.43
CA ASN J 77 -44.05 -18.99 -13.48
C ASN J 77 -45.57 -19.10 -13.42
N HIS J 78 -46.25 -18.01 -13.08
CA HIS J 78 -47.71 -18.01 -13.13
C HIS J 78 -48.21 -18.09 -14.55
N THR J 79 -47.40 -17.64 -15.51
CA THR J 79 -47.69 -17.85 -16.92
C THR J 79 -47.83 -19.32 -17.24
N TRP J 80 -46.90 -20.12 -16.75
CA TRP J 80 -46.92 -21.54 -17.07
C TRP J 80 -47.91 -22.28 -16.20
N ASN J 81 -48.22 -21.74 -15.02
CA ASN J 81 -49.32 -22.30 -14.24
C ASN J 81 -50.65 -22.09 -14.94
N LEU J 82 -50.86 -20.92 -15.54
CA LEU J 82 -52.11 -20.67 -16.25
C LEU J 82 -52.16 -21.47 -17.54
N VAL J 83 -51.03 -21.62 -18.21
CA VAL J 83 -51.02 -22.37 -19.46
C VAL J 83 -51.18 -23.86 -19.16
N ALA J 84 -50.76 -24.30 -17.97
CA ALA J 84 -50.96 -25.69 -17.60
C ALA J 84 -52.41 -25.92 -17.19
N GLU J 85 -53.03 -24.91 -16.57
CA GLU J 85 -54.45 -25.00 -16.25
C GLU J 85 -55.30 -25.12 -17.51
N CYS J 86 -55.06 -24.25 -18.49
CA CYS J 86 -55.84 -24.34 -19.73
C CYS J 86 -55.39 -25.53 -20.58
N GLN J 87 -54.19 -26.04 -20.34
CA GLN J 87 -53.72 -27.20 -21.08
C GLN J 87 -54.36 -28.49 -20.60
N HIS J 88 -54.13 -28.86 -19.33
CA HIS J 88 -54.57 -30.19 -18.90
C HIS J 88 -55.86 -30.12 -18.11
N ARG J 89 -56.18 -28.97 -17.50
CA ARG J 89 -57.50 -28.81 -16.91
C ARG J 89 -58.56 -28.79 -18.02
N ARG J 90 -58.28 -28.05 -19.10
CA ARG J 90 -58.82 -28.23 -20.45
C ARG J 90 -60.34 -28.12 -20.56
N THR J 91 -61.04 -27.68 -19.50
CA THR J 91 -62.49 -27.58 -19.51
C THR J 91 -62.99 -26.32 -18.84
N LYS J 92 -62.15 -25.28 -18.76
CA LYS J 92 -62.38 -24.08 -17.96
C LYS J 92 -62.71 -24.42 -16.50
N ASN J 93 -61.80 -25.17 -15.87
CA ASN J 93 -61.96 -25.48 -14.45
C ASN J 93 -61.86 -24.23 -13.60
N CYS J 94 -60.83 -23.43 -13.83
CA CYS J 94 -60.85 -22.05 -13.39
C CYS J 94 -61.55 -21.21 -14.44
N SER J 95 -62.54 -20.42 -14.02
CA SER J 95 -63.39 -19.71 -14.95
C SER J 95 -62.71 -18.47 -15.50
N ALA J 96 -63.51 -17.62 -16.16
CA ALA J 96 -62.96 -16.45 -16.83
C ALA J 96 -62.49 -15.40 -15.82
N ALA J 97 -63.10 -15.35 -14.64
CA ALA J 97 -62.67 -14.39 -13.62
C ALA J 97 -61.37 -14.79 -12.89
N PRO J 98 -61.14 -16.06 -12.49
CA PRO J 98 -59.79 -16.38 -11.98
C PRO J 98 -58.72 -16.30 -13.04
N THR J 99 -59.05 -16.64 -14.29
CA THR J 99 -58.12 -16.46 -15.41
C THR J 99 -57.81 -14.98 -15.61
N PHE J 100 -58.80 -14.10 -15.43
CA PHE J 100 -58.57 -12.68 -15.59
C PHE J 100 -57.72 -12.12 -14.46
N LEU J 101 -57.94 -12.59 -13.22
CA LEU J 101 -57.13 -12.13 -12.10
C LEU J 101 -55.70 -12.60 -12.21
N LEU J 102 -55.49 -13.86 -12.62
CA LEU J 102 -54.15 -14.38 -12.80
C LEU J 102 -53.44 -13.67 -13.95
N LEU J 103 -54.15 -13.43 -15.06
CA LEU J 103 -53.58 -12.70 -16.18
C LEU J 103 -53.21 -11.28 -15.81
N SER J 104 -54.03 -10.64 -14.95
CA SER J 104 -53.70 -9.29 -14.50
C SER J 104 -52.44 -9.27 -13.66
N SER J 105 -52.27 -10.26 -12.78
CA SER J 105 -51.05 -10.36 -11.98
C SER J 105 -49.82 -10.58 -12.86
N ILE J 106 -49.96 -11.47 -13.85
CA ILE J 106 -48.85 -11.77 -14.76
C ILE J 106 -48.46 -10.57 -15.59
N LEU J 107 -49.46 -9.91 -16.20
CA LEU J 107 -49.17 -8.77 -17.06
C LEU J 107 -48.65 -7.59 -16.27
N GLY J 108 -49.01 -7.47 -14.99
CA GLY J 108 -48.44 -6.42 -14.18
C GLY J 108 -46.99 -6.64 -13.85
N ARG J 109 -46.64 -7.84 -13.37
CA ARG J 109 -45.25 -8.11 -13.05
C ARG J 109 -44.39 -8.16 -14.30
N ALA J 110 -45.00 -8.45 -15.45
CA ALA J 110 -44.31 -8.29 -16.72
C ALA J 110 -44.07 -6.83 -17.05
N ALA J 111 -45.13 -6.01 -17.00
CA ALA J 111 -45.07 -4.63 -17.45
C ALA J 111 -44.43 -3.68 -16.45
N VAL J 112 -43.84 -4.22 -15.37
CA VAL J 112 -42.92 -3.40 -14.58
C VAL J 112 -41.79 -2.84 -15.45
N ALA J 113 -41.08 -3.71 -16.16
CA ALA J 113 -39.86 -3.29 -16.83
C ALA J 113 -40.04 -2.51 -18.14
N PRO J 114 -41.01 -2.81 -19.03
CA PRO J 114 -41.17 -1.92 -20.19
C PRO J 114 -41.66 -0.53 -19.83
N VAL J 115 -42.48 -0.42 -18.79
CA VAL J 115 -42.91 0.90 -18.33
C VAL J 115 -41.72 1.68 -17.80
N THR J 116 -40.81 1.01 -17.10
CA THR J 116 -39.65 1.70 -16.56
C THR J 116 -38.70 2.10 -17.69
N TRP J 117 -38.58 1.26 -18.72
CA TRP J 117 -37.76 1.61 -19.87
C TRP J 117 -38.34 2.77 -20.64
N SER J 118 -39.66 2.76 -20.87
CA SER J 118 -40.27 3.82 -21.66
C SER J 118 -40.32 5.13 -20.88
N VAL J 119 -40.38 5.04 -19.55
CA VAL J 119 -40.33 6.25 -18.74
C VAL J 119 -38.93 6.84 -18.75
N ILE J 120 -37.90 6.01 -18.64
CA ILE J 120 -36.52 6.50 -18.71
C ILE J 120 -36.23 7.08 -20.09
N SER J 121 -36.79 6.47 -21.13
CA SER J 121 -36.55 6.96 -22.48
C SER J 121 -37.34 8.22 -22.76
N LEU J 122 -38.47 8.40 -22.09
CA LEU J 122 -39.23 9.63 -22.26
C LEU J 122 -38.61 10.77 -21.47
N LEU J 123 -38.00 10.45 -20.33
CA LEU J 123 -37.38 11.50 -19.54
C LEU J 123 -36.01 11.87 -20.09
N ARG J 124 -35.45 10.94 -20.87
CA ARG J 124 -34.21 11.20 -21.65
C ARG J 124 -34.59 12.24 -22.70
N GLY J 125 -35.78 12.07 -23.31
CA GLY J 125 -36.33 12.99 -24.28
C GLY J 125 -35.88 12.78 -25.71
N GLU J 126 -34.82 12.02 -25.94
CA GLU J 126 -34.14 12.00 -27.24
C GLU J 126 -34.99 11.32 -28.30
N ALA J 127 -35.71 10.26 -27.91
CA ALA J 127 -36.57 9.56 -28.86
C ALA J 127 -37.73 10.44 -29.28
N TYR J 128 -38.17 11.34 -28.42
CA TYR J 128 -39.35 12.11 -28.75
C TYR J 128 -39.01 13.32 -29.61
N VAL J 129 -37.89 14.00 -29.35
CA VAL J 129 -37.44 15.06 -30.26
C VAL J 129 -37.15 14.47 -31.62
N CYS J 130 -36.55 13.27 -31.64
CA CYS J 130 -36.27 12.60 -32.90
C CYS J 130 -37.55 12.19 -33.60
N ALA J 131 -38.54 11.74 -32.84
CA ALA J 131 -39.73 11.18 -33.47
C ALA J 131 -40.70 12.27 -33.91
N LEU J 132 -40.64 13.45 -33.30
CA LEU J 132 -41.63 14.47 -33.62
C LEU J 132 -41.03 15.76 -34.13
N SER J 133 -39.75 15.76 -34.54
CA SER J 133 -39.18 16.95 -35.16
C SER J 133 -39.93 17.32 -36.44
N GLU J 134 -40.37 16.33 -37.20
CA GLU J 134 -40.97 16.62 -38.50
C GLU J 134 -42.41 17.07 -38.38
N PHE J 135 -43.03 16.84 -37.23
CA PHE J 135 -44.44 17.17 -37.09
C PHE J 135 -44.64 18.56 -36.51
N VAL J 136 -43.55 19.24 -36.16
CA VAL J 136 -43.66 20.56 -35.58
C VAL J 136 -44.09 21.55 -36.65
N ASP J 137 -45.18 22.26 -36.38
CA ASP J 137 -45.71 23.26 -37.30
C ASP J 137 -44.73 24.42 -37.42
N PRO J 138 -44.30 24.75 -38.64
CA PRO J 138 -43.25 25.76 -38.80
C PRO J 138 -43.72 27.18 -38.49
N SER J 139 -45.02 27.44 -38.62
CA SER J 139 -45.54 28.77 -38.33
C SER J 139 -45.59 29.01 -36.82
N SER J 140 -45.57 27.94 -36.02
CA SER J 140 -45.68 28.10 -34.57
C SER J 140 -44.33 28.42 -33.92
N LEU J 141 -43.28 28.53 -34.71
CA LEU J 141 -41.96 28.80 -34.15
C LEU J 141 -41.78 30.27 -33.84
N THR J 142 -40.99 30.56 -32.81
CA THR J 142 -40.70 31.93 -32.39
C THR J 142 -39.21 32.10 -32.22
N ALA J 143 -38.84 33.25 -31.63
CA ALA J 143 -37.49 33.69 -31.22
C ALA J 143 -36.57 33.98 -32.40
N ARG J 144 -37.07 34.04 -33.63
CA ARG J 144 -36.28 34.43 -34.79
C ARG J 144 -37.23 34.84 -35.90
N GLU J 145 -36.65 35.29 -37.01
CA GLU J 145 -37.43 35.57 -38.20
C GLU J 145 -37.71 34.27 -38.95
N GLU J 146 -38.95 34.12 -39.40
CA GLU J 146 -39.42 32.85 -39.97
C GLU J 146 -38.72 32.57 -41.29
N HIS J 147 -37.90 31.52 -41.31
CA HIS J 147 -37.08 31.15 -42.47
C HIS J 147 -37.31 29.66 -42.75
N PHE J 148 -38.36 29.38 -43.51
CA PHE J 148 -38.73 28.00 -43.83
C PHE J 148 -39.30 27.92 -45.24
N PRO J 149 -38.56 27.36 -46.19
CA PRO J 149 -39.17 27.00 -47.49
C PRO J 149 -40.22 25.92 -47.27
N SER J 150 -41.44 26.19 -47.76
CA SER J 150 -42.56 25.28 -47.51
C SER J 150 -42.40 23.97 -48.29
N ALA J 151 -41.56 23.97 -49.33
CA ALA J 151 -41.21 22.72 -49.99
C ALA J 151 -40.31 21.87 -49.10
N HIS J 152 -39.25 22.47 -48.56
CA HIS J 152 -38.30 21.76 -47.70
C HIS J 152 -38.58 21.98 -46.23
N ALA J 153 -39.86 22.12 -45.85
CA ALA J 153 -40.18 22.37 -44.45
C ALA J 153 -39.93 21.16 -43.59
N THR J 154 -40.56 20.03 -43.92
CA THR J 154 -40.53 18.84 -43.08
C THR J 154 -39.13 18.25 -43.00
N GLU J 155 -38.33 18.38 -44.05
CA GLU J 155 -36.99 17.80 -44.03
C GLU J 155 -36.05 18.59 -43.12
N ILE J 156 -36.10 19.93 -43.19
CA ILE J 156 -35.23 20.72 -42.34
C ILE J 156 -35.75 20.73 -40.91
N LEU J 157 -37.05 20.47 -40.74
CA LEU J 157 -37.56 20.22 -39.39
C LEU J 157 -37.01 18.90 -38.84
N ALA J 158 -37.07 17.84 -39.64
CA ALA J 158 -36.64 16.53 -39.20
C ALA J 158 -35.15 16.43 -39.01
N ARG J 159 -34.38 17.35 -39.60
CA ARG J 159 -32.95 17.32 -39.43
C ARG J 159 -32.48 18.05 -38.17
N PHE J 160 -33.41 18.65 -37.42
CA PHE J 160 -33.06 19.34 -36.18
C PHE J 160 -32.40 18.51 -35.08
N PRO J 161 -32.84 17.27 -34.74
CA PRO J 161 -32.24 16.63 -33.55
C PRO J 161 -30.79 16.18 -33.71
N CYS J 162 -30.24 16.22 -34.93
CA CYS J 162 -28.83 15.89 -35.10
C CYS J 162 -27.95 17.11 -34.92
N LYS J 163 -28.52 18.23 -34.46
CA LYS J 163 -27.94 19.57 -34.49
C LYS J 163 -27.45 19.95 -35.88
N GLU J 164 -28.18 19.54 -36.92
CA GLU J 164 -27.80 19.81 -38.30
C GLU J 164 -28.62 20.92 -38.92
N ASN J 165 -29.14 21.84 -38.10
CA ASN J 165 -29.76 23.02 -38.63
C ASN J 165 -28.69 23.97 -39.18
N PRO J 166 -29.06 24.88 -40.09
CA PRO J 166 -28.17 25.99 -40.40
C PRO J 166 -28.00 26.89 -39.19
N ASP J 167 -26.89 27.64 -39.17
CA ASP J 167 -26.63 28.54 -38.05
C ASP J 167 -27.57 29.72 -38.05
N ASN J 168 -28.22 30.00 -39.19
CA ASN J 168 -29.31 30.97 -39.23
C ASN J 168 -30.54 30.46 -38.50
N LEU J 169 -30.64 29.14 -38.32
CA LEU J 169 -31.79 28.53 -37.65
C LEU J 169 -31.44 27.87 -36.32
N SER J 170 -30.33 28.26 -35.68
CA SER J 170 -29.95 27.62 -34.43
C SER J 170 -30.90 28.00 -33.29
N ASP J 171 -31.44 29.22 -33.33
CA ASP J 171 -32.42 29.63 -32.32
C ASP J 171 -33.72 28.87 -32.51
N PHE J 172 -34.16 28.72 -33.76
CA PHE J 172 -35.31 27.88 -34.09
C PHE J 172 -35.10 26.45 -33.61
N ARG J 173 -33.90 25.90 -33.81
CA ARG J 173 -33.63 24.53 -33.44
C ARG J 173 -33.63 24.36 -31.92
N GLU J 174 -33.09 25.35 -31.19
CA GLU J 174 -33.15 25.29 -29.74
C GLU J 174 -34.57 25.42 -29.23
N GLU J 175 -35.42 26.19 -29.92
CA GLU J 175 -36.81 26.32 -29.51
C GLU J 175 -37.57 25.01 -29.71
N VAL J 176 -37.40 24.37 -30.87
CA VAL J 176 -38.06 23.08 -31.10
C VAL J 176 -37.50 22.00 -30.19
N SER J 177 -36.20 22.04 -29.91
CA SER J 177 -35.62 21.05 -29.01
C SER J 177 -36.16 21.20 -27.60
N ARG J 178 -36.31 22.43 -27.11
CA ARG J 178 -36.83 22.62 -25.78
C ARG J 178 -38.31 22.29 -25.70
N ARG J 179 -39.07 22.62 -26.75
CA ARG J 179 -40.52 22.35 -26.73
C ARG J 179 -40.80 20.85 -26.78
N LEU J 180 -40.09 20.13 -27.65
CA LEU J 180 -40.37 18.71 -27.76
C LEU J 180 -39.74 17.92 -26.62
N ARG J 181 -38.64 18.42 -26.05
CA ARG J 181 -38.13 17.79 -24.84
C ARG J 181 -39.06 18.03 -23.67
N TYR J 182 -39.73 19.18 -23.65
CA TYR J 182 -40.80 19.42 -22.69
C TYR J 182 -41.91 18.41 -22.84
N GLU J 183 -42.38 18.20 -24.06
CA GLU J 183 -43.50 17.29 -24.27
C GLU J 183 -43.10 15.86 -23.98
N SER J 184 -41.82 15.53 -24.19
CA SER J 184 -41.29 14.23 -23.81
C SER J 184 -41.29 14.03 -22.31
N GLN J 185 -40.71 14.97 -21.57
CA GLN J 185 -40.62 14.81 -20.13
C GLN J 185 -41.98 14.96 -19.48
N LEU J 186 -42.88 15.71 -20.09
CA LEU J 186 -44.24 15.80 -19.59
C LEU J 186 -44.97 14.49 -19.78
N PHE J 187 -44.79 13.85 -20.94
CA PHE J 187 -45.38 12.54 -21.16
C PHE J 187 -44.77 11.51 -20.23
N GLY J 188 -43.48 11.62 -19.94
CA GLY J 188 -42.84 10.68 -19.03
C GLY J 188 -43.31 10.85 -17.60
N TRP J 189 -43.49 12.09 -17.16
CA TRP J 189 -43.96 12.30 -15.79
C TRP J 189 -45.42 11.94 -15.65
N LEU J 190 -46.25 12.24 -16.64
CA LEU J 190 -47.64 11.82 -16.55
C LEU J 190 -47.78 10.31 -16.66
N LEU J 191 -46.84 9.66 -17.36
CA LEU J 191 -46.84 8.21 -17.43
C LEU J 191 -46.48 7.60 -16.09
N ILE J 192 -45.42 8.08 -15.45
CA ILE J 192 -45.03 7.51 -14.17
C ILE J 192 -46.05 7.88 -13.09
N GLY J 193 -46.78 8.98 -13.29
CA GLY J 193 -47.86 9.33 -12.38
C GLY J 193 -49.04 8.39 -12.49
N VAL J 194 -49.49 8.12 -13.73
CA VAL J 194 -50.64 7.23 -13.87
C VAL J 194 -50.25 5.80 -13.56
N VAL J 195 -48.98 5.45 -13.74
CA VAL J 195 -48.52 4.12 -13.35
C VAL J 195 -48.49 3.99 -11.84
N ALA J 196 -48.11 5.06 -11.14
CA ALA J 196 -48.13 5.02 -9.68
C ALA J 196 -49.55 4.93 -9.14
N ILE J 197 -50.49 5.67 -9.73
CA ILE J 197 -51.84 5.61 -9.18
C ILE J 197 -52.53 4.32 -9.59
N LEU J 198 -52.08 3.76 -10.73
CA LEU J 198 -52.56 2.44 -11.20
C LEU J 198 -52.07 1.35 -10.24
N VAL J 199 -50.79 1.42 -9.83
CA VAL J 199 -50.21 0.49 -8.86
C VAL J 199 -50.95 0.60 -7.54
N PHE J 200 -51.27 1.83 -7.13
CA PHE J 200 -52.01 2.07 -5.90
C PHE J 200 -53.42 1.50 -5.96
N LEU J 201 -54.13 1.71 -7.06
CA LEU J 201 -55.50 1.19 -7.13
C LEU J 201 -55.53 -0.31 -7.34
N THR J 202 -54.51 -0.89 -7.97
CA THR J 202 -54.50 -2.34 -8.08
C THR J 202 -54.23 -2.97 -6.74
N LYS J 203 -53.35 -2.37 -5.93
CA LYS J 203 -53.12 -2.88 -4.60
C LYS J 203 -54.35 -2.71 -3.72
N CYS J 204 -55.05 -1.59 -3.85
CA CYS J 204 -56.23 -1.36 -3.04
C CYS J 204 -57.37 -2.28 -3.44
N LEU J 205 -57.56 -2.52 -4.73
CA LEU J 205 -58.64 -3.41 -5.14
C LEU J 205 -58.28 -4.86 -4.90
N LYS J 206 -56.99 -5.19 -4.91
CA LYS J 206 -56.58 -6.53 -4.53
C LYS J 206 -56.86 -6.78 -3.06
N HIS J 207 -56.54 -5.82 -2.19
CA HIS J 207 -56.76 -6.00 -0.77
C HIS J 207 -58.25 -5.92 -0.43
N TYR J 208 -59.01 -5.16 -1.21
CA TYR J 208 -60.44 -5.05 -0.95
C TYR J 208 -61.21 -6.24 -1.49
N CYS J 209 -60.71 -6.86 -2.56
CA CYS J 209 -61.49 -7.90 -3.22
C CYS J 209 -60.87 -9.27 -3.02
N SER J 210 -59.89 -9.38 -2.16
CA SER J 210 -59.42 -10.69 -1.74
C SER J 210 -60.39 -11.26 -0.72
N PRO J 211 -60.67 -12.56 -0.75
CA PRO J 211 -61.55 -13.13 0.28
C PRO J 211 -60.85 -13.25 1.62
N LEU J 212 -59.57 -13.58 1.60
CA LEU J 212 -58.81 -13.71 2.83
C LEU J 212 -58.13 -12.40 3.16
N SER J 213 -57.65 -12.30 4.40
CA SER J 213 -57.09 -11.07 4.92
C SER J 213 -55.72 -10.79 4.31
N TYR J 214 -55.10 -9.71 4.77
CA TYR J 214 -53.81 -9.35 4.21
C TYR J 214 -52.69 -9.99 5.00
N ARG J 215 -52.91 -10.30 6.28
CA ARG J 215 -51.91 -11.03 7.04
C ARG J 215 -51.88 -12.48 6.59
N GLN J 216 -53.05 -13.04 6.28
CA GLN J 216 -53.09 -14.39 5.75
C GLN J 216 -52.54 -14.43 4.34
N GLU J 217 -52.70 -13.35 3.58
CA GLU J 217 -52.12 -13.31 2.25
C GLU J 217 -50.60 -13.18 2.33
N ALA J 218 -50.10 -12.54 3.38
CA ALA J 218 -48.66 -12.50 3.57
C ALA J 218 -48.12 -13.86 4.00
N TYR J 219 -48.91 -14.58 4.80
CA TYR J 219 -48.53 -15.94 5.16
C TYR J 219 -48.59 -16.86 3.96
N TRP J 220 -49.56 -16.64 3.07
CA TRP J 220 -49.68 -17.42 1.86
C TRP J 220 -48.51 -17.16 0.94
N ALA J 221 -48.06 -15.91 0.86
CA ALA J 221 -46.89 -15.60 0.04
C ALA J 221 -45.64 -16.24 0.61
N GLN J 222 -45.53 -16.25 1.95
CA GLN J 222 -44.38 -16.91 2.57
C GLN J 222 -44.44 -18.41 2.37
N TYR J 223 -45.64 -18.97 2.38
CA TYR J 223 -45.79 -20.40 2.13
C TYR J 223 -45.41 -20.74 0.70
N ARG J 224 -45.84 -19.93 -0.26
CA ARG J 224 -45.56 -20.23 -1.64
C ARG J 224 -44.08 -20.11 -1.93
N ALA J 225 -43.41 -19.14 -1.29
CA ALA J 225 -41.96 -19.03 -1.45
C ALA J 225 -41.25 -20.22 -0.83
N ASN J 226 -41.67 -20.62 0.38
CA ASN J 226 -41.04 -21.75 1.05
C ASN J 226 -41.33 -23.05 0.32
N GLU J 227 -42.50 -23.17 -0.28
CA GLU J 227 -42.86 -24.42 -0.91
C GLU J 227 -42.17 -24.56 -2.25
N ASP J 228 -42.05 -23.47 -2.99
CA ASP J 228 -41.31 -23.55 -4.25
C ASP J 228 -39.82 -23.76 -4.01
N GLN J 229 -39.27 -23.15 -2.97
CA GLN J 229 -37.85 -23.36 -2.69
C GLN J 229 -37.58 -24.77 -2.19
N LEU J 230 -38.41 -25.27 -1.28
CA LEU J 230 -38.24 -26.62 -0.77
C LEU J 230 -38.52 -27.65 -1.83
N PHE J 231 -39.44 -27.35 -2.76
CA PHE J 231 -39.76 -28.30 -3.80
C PHE J 231 -38.66 -28.37 -4.84
N GLN J 232 -38.05 -27.23 -5.20
CA GLN J 232 -36.94 -27.27 -6.12
C GLN J 232 -35.74 -27.98 -5.51
N ARG J 233 -35.50 -27.76 -4.21
CA ARG J 233 -34.37 -28.42 -3.57
C ARG J 233 -34.57 -29.93 -3.48
N THR J 234 -35.75 -30.37 -3.07
CA THR J 234 -35.92 -31.80 -2.93
C THR J 234 -36.19 -32.46 -4.28
N ALA J 235 -36.56 -31.68 -5.29
CA ALA J 235 -36.66 -32.27 -6.62
C ALA J 235 -35.28 -32.49 -7.19
N GLU J 236 -34.36 -31.56 -6.95
CA GLU J 236 -32.97 -31.77 -7.34
C GLU J 236 -32.36 -32.94 -6.60
N VAL J 237 -32.66 -33.08 -5.31
CA VAL J 237 -32.07 -34.16 -4.53
C VAL J 237 -32.68 -35.50 -4.91
N HIS J 238 -34.00 -35.54 -5.10
CA HIS J 238 -34.68 -36.76 -5.49
C HIS J 238 -34.26 -37.22 -6.88
N SER J 239 -34.05 -36.27 -7.78
CA SER J 239 -33.58 -36.61 -9.11
C SER J 239 -32.15 -37.08 -9.06
N ARG J 240 -31.34 -36.53 -8.15
CA ARG J 240 -29.97 -36.98 -8.02
C ARG J 240 -29.90 -38.39 -7.47
N VAL J 241 -30.77 -38.75 -6.54
CA VAL J 241 -30.71 -40.11 -5.99
C VAL J 241 -31.28 -41.10 -7.00
N LEU J 242 -32.25 -40.68 -7.80
CA LEU J 242 -32.75 -41.55 -8.85
C LEU J 242 -31.70 -41.76 -9.93
N ALA J 243 -30.97 -40.69 -10.26
CA ALA J 243 -29.89 -40.79 -11.23
C ALA J 243 -28.77 -41.67 -10.71
N ALA J 244 -28.49 -41.60 -9.41
CA ALA J 244 -27.48 -42.47 -8.84
C ALA J 244 -27.93 -43.91 -8.84
N ASN J 245 -29.22 -44.17 -8.66
CA ASN J 245 -29.70 -45.55 -8.73
C ASN J 245 -29.55 -46.12 -10.13
N ASN J 246 -29.86 -45.33 -11.16
CA ASN J 246 -29.74 -45.81 -12.52
C ASN J 246 -28.29 -45.98 -12.93
N VAL J 247 -27.45 -45.03 -12.52
CA VAL J 247 -26.03 -45.08 -12.81
C VAL J 247 -25.36 -46.27 -12.13
N ARG J 248 -25.73 -46.54 -10.88
CA ARG J 248 -25.23 -47.72 -10.18
C ARG J 248 -25.71 -49.00 -10.82
N ARG J 249 -26.91 -48.98 -11.39
CA ARG J 249 -27.39 -50.15 -12.11
C ARG J 249 -26.59 -50.34 -13.39
N PHE J 250 -26.05 -49.27 -13.94
CA PHE J 250 -25.23 -49.41 -15.15
C PHE J 250 -23.83 -49.91 -14.84
N PHE J 251 -23.09 -49.17 -14.02
CA PHE J 251 -21.69 -49.45 -13.80
C PHE J 251 -21.40 -50.38 -12.65
N GLY J 252 -22.27 -50.46 -11.66
CA GLY J 252 -21.98 -51.18 -10.45
C GLY J 252 -21.70 -50.31 -9.25
N PHE J 253 -21.47 -49.02 -9.46
CA PHE J 253 -21.20 -48.08 -8.40
C PHE J 253 -21.46 -46.69 -8.93
N VAL J 254 -21.38 -45.69 -8.05
CA VAL J 254 -21.50 -44.30 -8.47
C VAL J 254 -20.33 -43.54 -7.85
N ALA J 255 -19.69 -42.70 -8.63
CA ALA J 255 -18.72 -41.77 -8.09
C ALA J 255 -19.47 -40.59 -7.49
N LEU J 256 -19.71 -40.65 -6.20
CA LEU J 256 -20.39 -39.59 -5.48
C LEU J 256 -19.38 -38.77 -4.70
N ASN J 257 -19.73 -37.51 -4.45
CA ASN J 257 -18.99 -36.71 -3.50
C ASN J 257 -19.37 -37.13 -2.08
N LYS J 258 -18.80 -36.43 -1.09
CA LYS J 258 -19.13 -36.75 0.29
C LYS J 258 -20.57 -36.32 0.61
N ASP J 259 -20.94 -35.12 0.15
CA ASP J 259 -22.31 -34.64 0.32
C ASP J 259 -23.30 -35.52 -0.45
N ASP J 260 -22.92 -35.96 -1.65
CA ASP J 260 -23.81 -36.81 -2.42
C ASP J 260 -23.94 -38.19 -1.78
N GLU J 261 -22.87 -38.69 -1.16
CA GLU J 261 -22.98 -39.96 -0.46
C GLU J 261 -23.87 -39.82 0.77
N GLU J 262 -23.83 -38.65 1.40
CA GLU J 262 -24.78 -38.36 2.48
C GLU J 262 -26.22 -38.32 1.95
N LEU J 263 -26.42 -37.81 0.74
CA LEU J 263 -27.76 -37.77 0.16
C LEU J 263 -28.27 -39.17 -0.17
N ILE J 264 -27.40 -40.05 -0.67
CA ILE J 264 -27.83 -41.41 -0.94
C ILE J 264 -28.08 -42.15 0.38
N ALA J 265 -27.33 -41.78 1.43
CA ALA J 265 -27.56 -42.38 2.74
C ALA J 265 -28.91 -41.98 3.31
N ASN J 266 -29.23 -40.69 3.30
CA ASN J 266 -30.42 -40.21 3.98
C ASN J 266 -31.69 -40.58 3.25
N PHE J 267 -31.76 -40.28 1.95
CA PHE J 267 -33.01 -40.29 1.21
C PHE J 267 -32.98 -41.40 0.16
N PRO J 268 -33.63 -42.53 0.39
CA PRO J 268 -33.70 -43.55 -0.66
C PRO J 268 -34.92 -43.37 -1.56
N VAL J 269 -34.83 -43.83 -2.80
CA VAL J 269 -36.00 -43.95 -3.68
C VAL J 269 -36.20 -45.40 -4.06
N GLU J 270 -37.46 -45.81 -4.06
CA GLU J 270 -37.84 -47.00 -4.80
C GLU J 270 -38.27 -46.64 -6.21
N GLY J 271 -39.01 -45.54 -6.36
CA GLY J 271 -39.42 -45.07 -7.66
C GLY J 271 -39.91 -43.65 -7.58
N THR J 272 -40.05 -43.05 -8.75
CA THR J 272 -40.54 -41.68 -8.84
C THR J 272 -42.06 -41.64 -8.83
N GLN J 273 -42.59 -40.45 -9.01
CA GLN J 273 -44.01 -40.21 -8.81
C GLN J 273 -44.74 -40.21 -10.15
N PRO J 274 -45.98 -40.72 -10.18
CA PRO J 274 -46.68 -40.84 -11.46
C PRO J 274 -47.05 -39.51 -12.06
N ARG J 275 -47.28 -39.53 -13.37
CA ARG J 275 -47.65 -38.31 -14.08
C ARG J 275 -48.99 -37.69 -13.68
N PRO J 276 -50.07 -38.43 -13.34
CA PRO J 276 -51.27 -37.73 -12.85
C PRO J 276 -51.06 -37.05 -11.51
N GLN J 277 -50.14 -37.55 -10.69
CA GLN J 277 -49.85 -36.90 -9.42
C GLN J 277 -49.10 -35.59 -9.65
N TRP J 278 -48.16 -35.59 -10.60
CA TRP J 278 -47.48 -34.37 -11.01
C TRP J 278 -48.45 -33.39 -11.65
N ASN J 279 -49.48 -33.91 -12.32
CA ASN J 279 -50.49 -33.03 -12.88
C ASN J 279 -51.37 -32.46 -11.78
N ALA J 280 -51.59 -33.24 -10.73
CA ALA J 280 -52.45 -32.81 -9.63
C ALA J 280 -51.81 -31.67 -8.85
N ILE J 281 -50.49 -31.66 -8.74
CA ILE J 281 -49.89 -30.58 -7.96
C ILE J 281 -49.55 -29.39 -8.82
N THR J 282 -49.83 -29.44 -10.12
CA THR J 282 -49.49 -28.34 -11.00
C THR J 282 -50.76 -27.62 -11.45
N GLY J 283 -50.63 -26.35 -11.77
CA GLY J 283 -51.75 -25.56 -12.23
C GLY J 283 -51.88 -24.32 -11.39
N VAL J 284 -52.91 -23.53 -11.72
CA VAL J 284 -53.19 -22.33 -10.95
C VAL J 284 -54.04 -22.72 -9.75
N TYR J 285 -53.84 -22.00 -8.64
CA TYR J 285 -54.52 -22.30 -7.39
C TYR J 285 -55.38 -21.14 -6.94
N LEU J 286 -56.60 -21.44 -6.49
CA LEU J 286 -57.58 -20.41 -6.19
C LEU J 286 -58.14 -20.48 -4.78
N TYR J 287 -57.32 -20.88 -3.79
CA TYR J 287 -57.67 -20.85 -2.36
C TYR J 287 -58.94 -21.64 -2.03
N ARG J 288 -58.82 -22.96 -2.05
CA ARG J 288 -59.89 -23.76 -1.50
C ARG J 288 -59.74 -23.84 0.02
N GLU J 289 -60.73 -24.44 0.66
CA GLU J 289 -60.68 -24.75 2.09
C GLU J 289 -61.28 -26.13 2.31
N ASN J 290 -60.51 -27.02 2.91
CA ASN J 290 -60.98 -28.36 3.22
C ASN J 290 -61.41 -28.41 4.67
N GLN J 291 -62.72 -28.53 4.90
CA GLN J 291 -63.34 -28.63 6.22
C GLN J 291 -62.99 -27.44 7.11
N GLY J 292 -63.07 -26.24 6.55
CA GLY J 292 -62.79 -25.04 7.30
C GLY J 292 -61.33 -24.64 7.40
N LEU J 293 -60.41 -25.60 7.27
CA LEU J 293 -59.00 -25.28 7.31
C LEU J 293 -58.55 -24.87 5.91
N PRO J 294 -57.65 -23.90 5.79
CA PRO J 294 -57.28 -23.41 4.46
C PRO J 294 -56.23 -24.28 3.82
N LEU J 295 -56.24 -24.31 2.50
CA LEU J 295 -55.23 -24.95 1.70
C LEU J 295 -54.59 -23.89 0.84
N TYR J 296 -53.27 -23.89 0.77
CA TYR J 296 -52.55 -22.76 0.20
C TYR J 296 -51.88 -23.06 -1.13
N SER J 297 -51.94 -24.30 -1.61
CA SER J 297 -51.42 -24.63 -2.93
C SER J 297 -52.07 -25.92 -3.38
N ARG J 298 -51.81 -26.28 -4.64
CA ARG J 298 -52.30 -27.55 -5.14
C ARG J 298 -51.53 -28.70 -4.52
N LEU J 299 -50.28 -28.47 -4.17
CA LEU J 299 -49.52 -29.47 -3.43
C LEU J 299 -50.08 -29.65 -2.04
N HIS J 300 -50.50 -28.55 -1.41
CA HIS J 300 -51.10 -28.64 -0.08
C HIS J 300 -52.46 -29.31 -0.15
N LYS J 301 -53.24 -29.00 -1.18
CA LYS J 301 -54.53 -29.63 -1.37
C LYS J 301 -54.37 -31.11 -1.67
N TRP J 302 -53.34 -31.47 -2.43
CA TRP J 302 -53.08 -32.86 -2.74
C TRP J 302 -52.61 -33.63 -1.52
N ALA J 303 -51.78 -32.99 -0.68
CA ALA J 303 -51.28 -33.67 0.51
C ALA J 303 -52.38 -33.84 1.55
N GLN J 304 -53.29 -32.88 1.65
CA GLN J 304 -54.44 -33.06 2.52
C GLN J 304 -55.44 -34.04 1.93
N GLY J 305 -55.41 -34.21 0.61
CA GLY J 305 -56.36 -35.10 -0.03
C GLY J 305 -56.05 -36.57 0.21
N LEU J 306 -54.86 -36.86 0.69
CA LEU J 306 -54.50 -38.23 1.05
C LEU J 306 -54.86 -38.52 2.49
N SER K 13 -25.89 -9.74 -1.99
CA SER K 13 -24.90 -8.99 -1.22
C SER K 13 -25.43 -7.61 -0.84
N LEU K 14 -26.73 -7.40 -1.06
CA LEU K 14 -27.32 -6.10 -0.72
C LEU K 14 -27.41 -5.90 0.78
N PHE K 15 -27.97 -6.88 1.50
CA PHE K 15 -28.06 -6.79 2.96
C PHE K 15 -26.68 -6.90 3.59
N PHE K 16 -25.77 -7.65 2.96
CA PHE K 16 -24.42 -7.81 3.50
C PHE K 16 -23.62 -6.52 3.41
N LYS K 17 -23.65 -5.85 2.26
CA LYS K 17 -22.92 -4.60 2.11
C LYS K 17 -23.63 -3.47 2.84
N SER K 18 -24.96 -3.54 2.95
CA SER K 18 -25.69 -2.50 3.67
C SER K 18 -25.51 -2.64 5.18
N LYS K 19 -25.23 -3.85 5.65
CA LYS K 19 -25.00 -4.05 7.09
C LYS K 19 -23.52 -3.96 7.43
N ASP K 20 -22.65 -4.48 6.56
CA ASP K 20 -21.21 -4.43 6.76
C ASP K 20 -20.58 -3.92 5.47
N VAL K 21 -20.09 -2.69 5.49
CA VAL K 21 -19.74 -1.99 4.26
C VAL K 21 -18.36 -2.38 3.77
N MET K 22 -18.28 -2.73 2.48
CA MET K 22 -17.04 -2.71 1.73
C MET K 22 -16.75 -1.25 1.43
N ILE K 23 -15.53 -0.98 0.94
CA ILE K 23 -14.79 0.29 1.08
C ILE K 23 -15.63 1.52 0.72
N PHE K 24 -15.79 2.42 1.70
CA PHE K 24 -16.84 3.42 1.61
C PHE K 24 -16.44 4.58 0.71
N ASN K 25 -15.14 4.72 0.43
CA ASN K 25 -14.71 5.70 -0.57
C ASN K 25 -15.15 5.25 -1.96
N GLY K 26 -14.88 4.00 -2.31
CA GLY K 26 -15.35 3.48 -3.59
C GLY K 26 -16.86 3.34 -3.64
N LEU K 27 -17.48 3.04 -2.48
CA LEU K 27 -18.93 2.97 -2.42
C LEU K 27 -19.56 4.33 -2.65
N VAL K 28 -18.98 5.40 -2.06
CA VAL K 28 -19.51 6.74 -2.26
C VAL K 28 -19.20 7.22 -3.68
N ALA K 29 -18.11 6.73 -4.27
CA ALA K 29 -17.81 7.09 -5.65
C ALA K 29 -18.79 6.44 -6.63
N LEU K 30 -19.12 5.16 -6.41
CA LEU K 30 -20.09 4.48 -7.25
C LEU K 30 -21.49 5.05 -7.02
N GLY K 31 -21.78 5.49 -5.79
CA GLY K 31 -23.03 6.18 -5.53
C GLY K 31 -23.09 7.54 -6.20
N THR K 32 -21.95 8.22 -6.30
CA THR K 32 -21.90 9.48 -7.02
C THR K 32 -22.07 9.28 -8.52
N VAL K 33 -21.53 8.17 -9.06
CA VAL K 33 -21.71 7.87 -10.47
C VAL K 33 -23.16 7.51 -10.79
N GLY K 34 -23.77 6.66 -9.96
CA GLY K 34 -25.18 6.34 -10.14
C GLY K 34 -26.09 7.54 -9.91
N SER K 35 -25.71 8.42 -8.98
CA SER K 35 -26.46 9.65 -8.76
C SER K 35 -26.29 10.59 -9.93
N GLN K 36 -25.12 10.59 -10.58
CA GLN K 36 -24.91 11.39 -11.77
C GLN K 36 -25.80 10.93 -12.91
N GLU K 37 -25.85 9.61 -13.14
CA GLU K 37 -26.70 8.99 -14.20
C GLU K 37 -28.20 9.15 -13.94
N LEU K 38 -28.67 8.93 -12.70
CA LEU K 38 -30.08 9.03 -12.36
C LEU K 38 -30.53 10.47 -12.19
N PHE K 39 -29.67 11.35 -11.68
CA PHE K 39 -30.02 12.75 -11.58
C PHE K 39 -29.86 13.46 -12.91
N SER K 40 -29.14 12.84 -13.85
CA SER K 40 -29.14 13.35 -15.21
C SER K 40 -30.44 13.03 -15.91
N VAL K 41 -31.04 11.88 -15.60
CA VAL K 41 -32.28 11.52 -16.30
C VAL K 41 -33.48 12.23 -15.65
N VAL K 42 -33.32 12.76 -14.44
CA VAL K 42 -34.41 13.52 -13.81
C VAL K 42 -34.08 15.00 -13.64
N ALA K 43 -33.03 15.49 -14.32
CA ALA K 43 -32.64 16.89 -14.19
C ALA K 43 -33.69 17.82 -14.78
N PHE K 44 -33.87 18.96 -14.14
CA PHE K 44 -34.91 19.91 -14.51
C PHE K 44 -34.47 20.64 -15.77
N HIS K 45 -35.21 20.41 -16.84
CA HIS K 45 -34.96 21.14 -18.07
C HIS K 45 -36.16 22.04 -18.40
N CYS K 46 -35.98 23.33 -18.17
CA CYS K 46 -37.10 24.25 -18.28
C CYS K 46 -37.47 24.49 -19.73
N PRO K 47 -38.74 24.32 -20.11
CA PRO K 47 -39.19 24.74 -21.43
C PRO K 47 -39.36 26.25 -21.46
N CYS K 48 -38.42 26.93 -22.07
CA CYS K 48 -38.47 28.38 -22.07
C CYS K 48 -39.50 28.84 -23.10
N SER K 49 -40.76 28.77 -22.67
CA SER K 49 -41.93 29.07 -23.48
C SER K 49 -43.10 29.36 -22.57
N PRO K 50 -43.96 30.31 -22.93
CA PRO K 50 -45.09 30.64 -22.06
C PRO K 50 -46.16 29.58 -22.10
N ALA K 51 -46.95 29.53 -21.02
CA ALA K 51 -48.09 28.61 -20.82
C ALA K 51 -47.67 27.14 -20.84
N ARG K 52 -46.38 26.88 -20.70
CA ARG K 52 -45.83 25.58 -20.99
C ARG K 52 -44.86 25.21 -19.90
N ASN K 53 -44.31 26.21 -19.23
CA ASN K 53 -43.26 25.94 -18.26
C ASN K 53 -43.80 25.80 -16.86
N TYR K 54 -44.95 26.39 -16.57
CA TYR K 54 -45.57 26.11 -15.28
C TYR K 54 -46.18 24.73 -15.29
N LEU K 55 -46.63 24.26 -16.46
CA LEU K 55 -47.09 22.89 -16.58
C LEU K 55 -45.95 21.91 -16.38
N TYR K 56 -44.75 22.27 -16.85
CA TYR K 56 -43.61 21.39 -16.63
C TYR K 56 -43.15 21.45 -15.19
N GLY K 57 -43.17 22.62 -14.57
CA GLY K 57 -42.82 22.70 -13.15
C GLY K 57 -43.79 21.91 -12.29
N LEU K 58 -45.09 22.05 -12.59
CA LEU K 58 -46.12 21.30 -11.88
C LEU K 58 -45.95 19.79 -12.08
N ALA K 59 -45.64 19.37 -13.30
CA ALA K 59 -45.42 17.93 -13.52
C ALA K 59 -44.15 17.45 -12.83
N ALA K 60 -43.01 18.07 -13.10
CA ALA K 60 -41.74 17.55 -12.63
C ALA K 60 -41.55 17.74 -11.13
N ILE K 61 -42.43 18.50 -10.48
CA ILE K 61 -42.35 18.57 -9.02
C ILE K 61 -43.49 17.79 -8.38
N GLY K 62 -44.73 18.06 -8.78
CA GLY K 62 -45.86 17.46 -8.10
C GLY K 62 -46.04 16.00 -8.43
N VAL K 63 -45.46 15.53 -9.55
CA VAL K 63 -45.53 14.12 -9.87
C VAL K 63 -44.55 13.28 -9.06
N PRO K 64 -43.28 13.68 -8.85
CA PRO K 64 -42.50 12.96 -7.83
C PRO K 64 -43.06 13.12 -6.43
N ALA K 65 -43.73 14.24 -6.15
CA ALA K 65 -44.46 14.39 -4.90
C ALA K 65 -45.58 13.38 -4.80
N LEU K 66 -46.38 13.25 -5.86
CA LEU K 66 -47.49 12.31 -5.83
C LEU K 66 -47.01 10.88 -5.81
N VAL K 67 -45.88 10.60 -6.46
CA VAL K 67 -45.31 9.26 -6.44
C VAL K 67 -44.81 8.90 -5.06
N LEU K 68 -44.11 9.82 -4.40
CA LEU K 68 -43.61 9.53 -3.05
C LEU K 68 -44.76 9.47 -2.05
N PHE K 69 -45.83 10.23 -2.29
CA PHE K 69 -47.00 10.16 -1.44
C PHE K 69 -47.71 8.83 -1.60
N ILE K 70 -47.84 8.34 -2.84
CA ILE K 70 -48.43 7.04 -3.10
C ILE K 70 -47.60 5.93 -2.49
N ILE K 71 -46.28 6.02 -2.63
CA ILE K 71 -45.37 5.03 -2.07
C ILE K 71 -45.47 5.01 -0.54
N GLY K 72 -45.60 6.19 0.07
CA GLY K 72 -45.77 6.23 1.51
C GLY K 72 -47.10 5.67 1.98
N ILE K 73 -48.14 5.78 1.14
CA ILE K 73 -49.40 5.14 1.49
C ILE K 73 -49.30 3.63 1.34
N ILE K 74 -48.59 3.18 0.30
CA ILE K 74 -48.46 1.74 0.00
C ILE K 74 -47.68 1.03 1.08
N LEU K 75 -46.52 1.57 1.46
CA LEU K 75 -45.65 0.84 2.37
C LEU K 75 -46.14 0.89 3.81
N ASN K 76 -47.04 1.81 4.11
CA ASN K 76 -47.64 1.85 5.43
C ASN K 76 -48.67 0.74 5.56
N ASN K 77 -48.48 -0.13 6.56
CA ASN K 77 -49.37 -1.26 6.71
C ASN K 77 -50.66 -0.88 7.40
N HIS K 78 -50.71 0.32 7.98
CA HIS K 78 -51.95 0.80 8.57
C HIS K 78 -52.99 1.11 7.49
N THR K 79 -52.51 1.39 6.26
CA THR K 79 -53.40 1.49 5.11
C THR K 79 -54.18 0.21 4.91
N TRP K 80 -53.47 -0.92 4.96
CA TRP K 80 -54.12 -2.19 4.71
C TRP K 80 -54.89 -2.68 5.92
N ASN K 81 -54.48 -2.24 7.12
CA ASN K 81 -55.29 -2.50 8.30
C ASN K 81 -56.63 -1.77 8.22
N LEU K 82 -56.62 -0.53 7.75
CA LEU K 82 -57.87 0.22 7.63
C LEU K 82 -58.73 -0.32 6.50
N VAL K 83 -58.08 -0.75 5.41
CA VAL K 83 -58.84 -1.28 4.30
C VAL K 83 -59.39 -2.66 4.65
N ALA K 84 -58.73 -3.38 5.56
CA ALA K 84 -59.25 -4.65 6.01
C ALA K 84 -60.39 -4.45 6.98
N GLU K 85 -60.30 -3.39 7.79
CA GLU K 85 -61.40 -3.04 8.68
C GLU K 85 -62.66 -2.70 7.91
N CYS K 86 -62.54 -1.83 6.90
CA CYS K 86 -63.73 -1.48 6.11
C CYS K 86 -64.12 -2.62 5.17
N GLN K 87 -63.20 -3.53 4.89
CA GLN K 87 -63.51 -4.66 4.04
C GLN K 87 -64.32 -5.72 4.76
N HIS K 88 -63.76 -6.33 5.82
CA HIS K 88 -64.43 -7.48 6.41
C HIS K 88 -65.18 -7.10 7.68
N ARG K 89 -64.79 -6.01 8.35
CA ARG K 89 -65.61 -5.49 9.43
C ARG K 89 -66.93 -4.98 8.88
N ARG K 90 -66.87 -4.23 7.78
CA ARG K 90 -67.93 -4.02 6.78
C ARG K 90 -69.21 -3.41 7.33
N THR K 91 -69.22 -2.91 8.56
CA THR K 91 -70.41 -2.34 9.17
C THR K 91 -70.11 -1.09 9.98
N LYS K 92 -68.99 -0.41 9.68
CA LYS K 92 -68.45 0.69 10.48
C LYS K 92 -68.27 0.27 11.94
N ASN K 93 -67.51 -0.82 12.15
CA ASN K 93 -67.19 -1.26 13.50
C ASN K 93 -66.32 -0.24 14.21
N CYS K 94 -65.24 0.19 13.56
CA CYS K 94 -64.59 1.43 13.95
C CYS K 94 -65.30 2.60 13.27
N SER K 95 -65.67 3.60 14.07
CA SER K 95 -66.53 4.67 13.57
C SER K 95 -65.72 5.68 12.77
N ALA K 96 -66.36 6.83 12.50
CA ALA K 96 -65.73 7.84 11.64
C ALA K 96 -64.55 8.52 12.33
N ALA K 97 -64.59 8.60 13.66
CA ALA K 97 -63.47 9.21 14.38
C ALA K 97 -62.23 8.31 14.51
N PRO K 98 -62.32 6.98 14.79
CA PRO K 98 -61.10 6.17 14.69
C PRO K 98 -60.59 6.04 13.27
N THR K 99 -61.49 6.01 12.29
CA THR K 99 -61.09 6.03 10.89
C THR K 99 -60.37 7.33 10.54
N PHE K 100 -60.83 8.45 11.11
CA PHE K 100 -60.19 9.73 10.85
C PHE K 100 -58.82 9.81 11.51
N LEU K 101 -58.69 9.27 12.72
CA LEU K 101 -57.39 9.28 13.39
C LEU K 101 -56.38 8.38 12.69
N LEU K 102 -56.83 7.20 12.25
CA LEU K 102 -55.96 6.29 11.52
C LEU K 102 -55.56 6.88 10.18
N LEU K 103 -56.52 7.48 9.46
CA LEU K 103 -56.22 8.13 8.19
C LEU K 103 -55.26 9.29 8.36
N SER K 104 -55.37 10.04 9.47
CA SER K 104 -54.43 11.13 9.72
C SER K 104 -53.02 10.61 9.95
N SER K 105 -52.89 9.51 10.69
CA SER K 105 -51.57 8.90 10.90
C SER K 105 -50.97 8.41 9.59
N ILE K 106 -51.79 7.76 8.76
CA ILE K 106 -51.34 7.23 7.47
C ILE K 106 -50.91 8.35 6.54
N LEU K 107 -51.75 9.38 6.39
CA LEU K 107 -51.45 10.48 5.48
C LEU K 107 -50.26 11.29 5.96
N GLY K 108 -50.02 11.33 7.26
CA GLY K 108 -48.83 12.02 7.75
C GLY K 108 -47.54 11.28 7.44
N ARG K 109 -47.51 9.98 7.73
CA ARG K 109 -46.29 9.22 7.44
C ARG K 109 -46.09 9.07 5.95
N ALA K 110 -47.16 9.16 5.17
CA ALA K 110 -47.03 9.25 3.72
C ALA K 110 -46.44 10.59 3.31
N ALA K 111 -47.02 11.70 3.79
CA ALA K 111 -46.66 13.03 3.33
C ALA K 111 -45.37 13.56 3.95
N VAL K 112 -44.64 12.72 4.68
CA VAL K 112 -43.25 13.05 5.00
C VAL K 112 -42.45 13.33 3.73
N ALA K 113 -42.45 12.38 2.80
CA ALA K 113 -41.53 12.46 1.66
C ALA K 113 -41.93 13.43 0.55
N PRO K 114 -43.21 13.59 0.16
CA PRO K 114 -43.49 14.64 -0.83
C PRO K 114 -43.26 16.04 -0.33
N VAL K 115 -43.50 16.29 0.96
CA VAL K 115 -43.20 17.60 1.53
C VAL K 115 -41.70 17.86 1.50
N THR K 116 -40.89 16.83 1.77
CA THR K 116 -39.45 17.01 1.74
C THR K 116 -38.96 17.22 0.31
N TRP K 117 -39.57 16.55 -0.65
CA TRP K 117 -39.22 16.75 -2.05
C TRP K 117 -39.60 18.14 -2.52
N SER K 118 -40.79 18.61 -2.17
CA SER K 118 -41.26 19.91 -2.63
C SER K 118 -40.51 21.03 -1.94
N VAL K 119 -40.07 20.79 -0.71
CA VAL K 119 -39.27 21.78 0.00
C VAL K 119 -37.88 21.88 -0.62
N ILE K 120 -37.27 20.74 -0.95
CA ILE K 120 -35.95 20.75 -1.59
C ILE K 120 -36.06 21.39 -2.98
N SER K 121 -37.16 21.14 -3.68
CA SER K 121 -37.32 21.71 -5.01
C SER K 121 -37.64 23.20 -4.94
N LEU K 122 -38.27 23.65 -3.86
CA LEU K 122 -38.53 25.07 -3.72
C LEU K 122 -37.29 25.81 -3.27
N LEU K 123 -36.43 25.16 -2.50
CA LEU K 123 -35.20 25.81 -2.05
C LEU K 123 -34.15 25.78 -3.15
N ARG K 124 -34.31 24.83 -4.08
CA ARG K 124 -33.49 24.78 -5.30
C ARG K 124 -33.86 26.03 -6.12
N GLY K 125 -35.17 26.34 -6.16
CA GLY K 125 -35.68 27.52 -6.82
C GLY K 125 -35.95 27.38 -8.30
N GLU K 126 -35.43 26.34 -8.95
CA GLU K 126 -35.38 26.29 -10.41
C GLU K 126 -36.76 26.07 -11.00
N ALA K 127 -37.59 25.28 -10.34
CA ALA K 127 -38.95 25.04 -10.82
C ALA K 127 -39.78 26.30 -10.73
N TYR K 128 -39.48 27.16 -9.77
CA TYR K 128 -40.33 28.33 -9.57
C TYR K 128 -39.96 29.47 -10.52
N VAL K 129 -38.66 29.68 -10.77
CA VAL K 129 -38.27 30.65 -11.79
C VAL K 129 -38.78 30.19 -13.14
N CYS K 130 -38.71 28.88 -13.39
CA CYS K 130 -39.21 28.34 -14.64
C CYS K 130 -40.73 28.48 -14.73
N ALA K 131 -41.43 28.28 -13.63
CA ALA K 131 -42.88 28.25 -13.68
C ALA K 131 -43.48 29.64 -13.69
N LEU K 132 -42.77 30.64 -13.17
CA LEU K 132 -43.36 31.96 -13.06
C LEU K 132 -42.59 33.03 -13.81
N SER K 133 -41.68 32.68 -14.71
CA SER K 133 -41.02 33.68 -15.54
C SER K 133 -42.03 34.46 -16.38
N GLU K 134 -43.06 33.78 -16.87
CA GLU K 134 -43.98 34.43 -17.80
C GLU K 134 -44.98 35.31 -17.09
N PHE K 135 -45.13 35.13 -15.77
CA PHE K 135 -46.14 35.90 -15.06
C PHE K 135 -45.58 37.17 -14.47
N VAL K 136 -44.28 37.40 -14.62
CA VAL K 136 -43.66 38.59 -14.07
C VAL K 136 -44.10 39.80 -14.87
N ASP K 137 -44.66 40.79 -14.19
CA ASP K 137 -45.12 42.02 -14.79
C ASP K 137 -43.93 42.81 -15.34
N PRO K 138 -43.93 43.14 -16.63
CA PRO K 138 -42.74 43.76 -17.24
C PRO K 138 -42.50 45.19 -16.78
N SER K 139 -43.56 45.88 -16.36
CA SER K 139 -43.40 47.26 -15.88
C SER K 139 -42.75 47.29 -14.50
N SER K 140 -42.81 46.18 -13.77
CA SER K 140 -42.25 46.15 -12.42
C SER K 140 -40.76 45.91 -12.40
N LEU K 141 -40.13 45.77 -13.57
CA LEU K 141 -38.70 45.50 -13.62
C LEU K 141 -37.90 46.79 -13.44
N THR K 142 -36.72 46.66 -12.84
CA THR K 142 -35.82 47.77 -12.60
C THR K 142 -34.42 47.41 -13.09
N ALA K 143 -33.47 48.29 -12.72
CA ALA K 143 -32.00 48.19 -12.93
C ALA K 143 -31.58 48.31 -14.39
N ARG K 144 -32.49 48.71 -15.30
CA ARG K 144 -32.15 48.97 -16.68
C ARG K 144 -33.24 49.83 -17.30
N GLU K 145 -33.03 50.22 -18.55
CA GLU K 145 -34.07 50.90 -19.31
C GLU K 145 -35.07 49.88 -19.85
N GLU K 146 -36.36 50.21 -19.73
CA GLU K 146 -37.43 49.26 -20.03
C GLU K 146 -37.48 48.95 -21.52
N HIS K 147 -37.16 47.70 -21.87
CA HIS K 147 -37.07 47.26 -23.25
C HIS K 147 -37.91 45.98 -23.39
N PHE K 148 -39.20 46.16 -23.63
CA PHE K 148 -40.14 45.05 -23.75
C PHE K 148 -41.20 45.36 -24.79
N PRO K 149 -41.17 44.72 -25.95
CA PRO K 149 -42.33 44.77 -26.86
C PRO K 149 -43.52 44.08 -26.20
N SER K 150 -44.64 44.80 -26.12
CA SER K 150 -45.81 44.29 -25.42
C SER K 150 -46.46 43.13 -26.17
N ALA K 151 -46.17 43.00 -27.46
CA ALA K 151 -46.59 41.80 -28.20
C ALA K 151 -45.78 40.58 -27.75
N HIS K 152 -44.46 40.71 -27.73
CA HIS K 152 -43.56 39.62 -27.34
C HIS K 152 -43.14 39.72 -25.89
N ALA K 153 -44.01 40.21 -25.01
CA ALA K 153 -43.63 40.37 -23.61
C ALA K 153 -43.51 39.02 -22.91
N THR K 154 -44.59 38.23 -22.93
CA THR K 154 -44.64 36.99 -22.17
C THR K 154 -43.64 35.96 -22.67
N GLU K 155 -43.34 35.97 -23.97
CA GLU K 155 -42.41 34.98 -24.51
C GLU K 155 -40.97 35.28 -24.09
N ILE K 156 -40.57 36.54 -24.15
CA ILE K 156 -39.20 36.89 -23.77
C ILE K 156 -39.07 36.88 -22.25
N LEU K 157 -40.18 37.03 -21.53
CA LEU K 157 -40.17 36.78 -20.10
C LEU K 157 -39.96 35.30 -19.81
N ALA K 158 -40.71 34.44 -20.51
CA ALA K 158 -40.64 33.01 -20.25
C ALA K 158 -39.34 32.39 -20.72
N ARG K 159 -38.60 33.07 -21.58
CA ARG K 159 -37.33 32.56 -22.05
C ARG K 159 -36.18 32.91 -21.11
N PHE K 160 -36.45 33.67 -20.05
CA PHE K 160 -35.41 34.03 -19.08
C PHE K 160 -34.71 32.87 -18.35
N PRO K 161 -35.38 31.82 -17.84
CA PRO K 161 -34.63 30.85 -17.01
C PRO K 161 -33.64 29.98 -17.76
N CYS K 162 -33.65 30.01 -19.09
CA CYS K 162 -32.65 29.25 -19.83
C CYS K 162 -31.39 30.07 -20.07
N LYS K 163 -31.29 31.24 -19.43
CA LYS K 163 -30.33 32.30 -19.73
C LYS K 163 -30.33 32.69 -21.20
N GLU K 164 -31.51 32.70 -21.82
CA GLU K 164 -31.64 33.00 -23.23
C GLU K 164 -32.19 34.41 -23.46
N ASN K 165 -31.97 35.33 -22.52
CA ASN K 165 -32.28 36.71 -22.76
C ASN K 165 -31.26 37.31 -23.72
N PRO K 166 -31.61 38.41 -24.39
CA PRO K 166 -30.58 39.20 -25.08
C PRO K 166 -29.63 39.81 -24.07
N ASP K 167 -28.42 40.14 -24.54
CA ASP K 167 -27.42 40.73 -23.64
C ASP K 167 -27.80 42.16 -23.26
N ASN K 168 -28.71 42.78 -24.02
CA ASN K 168 -29.30 44.05 -23.61
C ASN K 168 -30.21 43.88 -22.41
N LEU K 169 -30.70 42.66 -22.18
CA LEU K 169 -31.62 42.39 -21.09
C LEU K 169 -31.03 41.47 -20.03
N SER K 170 -29.71 41.37 -19.92
CA SER K 170 -29.11 40.47 -18.92
C SER K 170 -29.31 40.98 -17.50
N ASP K 171 -29.34 42.30 -17.33
CA ASP K 171 -29.62 42.87 -16.02
C ASP K 171 -31.07 42.62 -15.61
N PHE K 172 -32.00 42.80 -16.58
CA PHE K 172 -33.40 42.44 -16.36
C PHE K 172 -33.55 40.98 -16.00
N ARG K 173 -32.81 40.10 -16.69
CA ARG K 173 -32.93 38.67 -16.43
C ARG K 173 -32.38 38.31 -15.06
N GLU K 174 -31.29 38.95 -14.65
CA GLU K 174 -30.76 38.71 -13.30
C GLU K 174 -31.73 39.23 -12.23
N GLU K 175 -32.43 40.33 -12.52
CA GLU K 175 -33.40 40.85 -11.57
C GLU K 175 -34.59 39.92 -11.39
N VAL K 176 -35.14 39.41 -12.50
CA VAL K 176 -36.25 38.47 -12.42
C VAL K 176 -35.81 37.15 -11.82
N SER K 177 -34.58 36.70 -12.10
CA SER K 177 -34.08 35.47 -11.53
C SER K 177 -33.93 35.58 -10.02
N ARG K 178 -33.41 36.72 -9.54
CA ARG K 178 -33.24 36.89 -8.11
C ARG K 178 -34.59 37.05 -7.41
N ARG K 179 -35.53 37.76 -8.04
CA ARG K 179 -36.83 37.98 -7.41
C ARG K 179 -37.63 36.69 -7.32
N LEU K 180 -37.64 35.90 -8.38
CA LEU K 180 -38.44 34.69 -8.36
C LEU K 180 -37.73 33.58 -7.57
N ARG K 181 -36.39 33.59 -7.52
CA ARG K 181 -35.70 32.68 -6.64
C ARG K 181 -35.93 33.04 -5.18
N TYR K 182 -36.08 34.35 -4.91
CA TYR K 182 -36.51 34.77 -3.58
C TYR K 182 -37.87 34.23 -3.24
N GLU K 183 -38.83 34.36 -4.15
CA GLU K 183 -40.19 33.91 -3.85
C GLU K 183 -40.24 32.39 -3.73
N SER K 184 -39.37 31.70 -4.45
CA SER K 184 -39.24 30.26 -4.32
C SER K 184 -38.71 29.87 -2.95
N GLN K 185 -37.58 30.44 -2.55
CA GLN K 185 -36.99 30.05 -1.28
C GLN K 185 -37.82 30.55 -0.11
N LEU K 186 -38.55 31.65 -0.29
CA LEU K 186 -39.47 32.12 0.74
C LEU K 186 -40.64 31.15 0.88
N PHE K 187 -41.18 30.67 -0.23
CA PHE K 187 -42.23 29.66 -0.16
C PHE K 187 -41.72 28.36 0.44
N GLY K 188 -40.47 28.01 0.15
CA GLY K 188 -39.90 26.80 0.72
C GLY K 188 -39.67 26.90 2.22
N TRP K 189 -39.20 28.05 2.68
CA TRP K 189 -38.97 28.22 4.10
C TRP K 189 -40.27 28.35 4.86
N LEU K 190 -41.26 29.05 4.31
CA LEU K 190 -42.56 29.11 4.99
C LEU K 190 -43.26 27.75 4.96
N LEU K 191 -42.98 26.94 3.94
CA LEU K 191 -43.53 25.60 3.91
C LEU K 191 -42.90 24.71 4.97
N ILE K 192 -41.58 24.73 5.10
CA ILE K 192 -40.94 23.89 6.10
C ILE K 192 -41.25 24.42 7.50
N GLY K 193 -41.55 25.72 7.62
CA GLY K 193 -41.97 26.27 8.89
C GLY K 193 -43.34 25.80 9.31
N VAL K 194 -44.32 25.86 8.38
CA VAL K 194 -45.66 25.44 8.75
C VAL K 194 -45.72 23.93 8.88
N VAL K 195 -44.84 23.20 8.19
CA VAL K 195 -44.78 21.77 8.37
C VAL K 195 -44.20 21.42 9.72
N ALA K 196 -43.22 22.20 10.19
CA ALA K 196 -42.66 21.97 11.52
C ALA K 196 -43.67 22.27 12.60
N ILE K 197 -44.44 23.36 12.46
CA ILE K 197 -45.38 23.67 13.53
C ILE K 197 -46.59 22.75 13.47
N LEU K 198 -46.87 22.24 12.27
CA LEU K 198 -47.95 21.22 12.05
C LEU K 198 -47.53 19.92 12.73
N VAL K 199 -46.27 19.50 12.56
CA VAL K 199 -45.71 18.31 13.21
C VAL K 199 -45.77 18.47 14.73
N PHE K 200 -45.44 19.67 15.20
CA PHE K 200 -45.48 19.96 16.62
C PHE K 200 -46.90 19.91 17.18
N LEU K 201 -47.86 20.49 16.48
CA LEU K 201 -49.23 20.47 16.99
C LEU K 201 -49.89 19.11 16.85
N THR K 202 -49.49 18.32 15.85
CA THR K 202 -50.04 16.98 15.77
C THR K 202 -49.51 16.12 16.89
N LYS K 203 -48.22 16.27 17.22
CA LYS K 203 -47.67 15.53 18.35
C LYS K 203 -48.30 15.98 19.66
N CYS K 204 -48.54 17.27 19.82
CA CYS K 204 -49.13 17.77 21.05
C CYS K 204 -50.58 17.34 21.19
N LEU K 205 -51.34 17.37 20.11
CA LEU K 205 -52.74 16.95 20.21
C LEU K 205 -52.86 15.43 20.28
N LYS K 206 -51.89 14.71 19.74
CA LYS K 206 -51.88 13.26 19.93
C LYS K 206 -51.61 12.92 21.39
N HIS K 207 -50.65 13.59 22.02
CA HIS K 207 -50.34 13.31 23.41
C HIS K 207 -51.42 13.82 24.34
N TYR K 208 -52.11 14.89 23.94
CA TYR K 208 -53.16 15.43 24.79
C TYR K 208 -54.46 14.64 24.63
N CYS K 209 -54.69 14.05 23.47
CA CYS K 209 -55.99 13.44 23.22
C CYS K 209 -55.88 11.92 23.15
N SER K 210 -54.74 11.38 23.53
CA SER K 210 -54.65 9.93 23.72
C SER K 210 -55.26 9.58 25.06
N PRO K 211 -55.98 8.46 25.17
CA PRO K 211 -56.51 8.08 26.49
C PRO K 211 -55.43 7.55 27.41
N LEU K 212 -54.48 6.83 26.86
CA LEU K 212 -53.39 6.27 27.65
C LEU K 212 -52.21 7.22 27.65
N SER K 213 -51.28 6.98 28.56
CA SER K 213 -50.16 7.88 28.77
C SER K 213 -49.15 7.78 27.64
N TYR K 214 -48.05 8.51 27.77
CA TYR K 214 -47.06 8.50 26.72
C TYR K 214 -46.02 7.41 26.97
N ARG K 215 -45.82 7.03 28.22
CA ARG K 215 -44.94 5.90 28.50
C ARG K 215 -45.61 4.60 28.11
N GLN K 216 -46.91 4.51 28.33
CA GLN K 216 -47.64 3.34 27.88
C GLN K 216 -47.76 3.32 26.37
N GLU K 217 -47.81 4.48 25.74
CA GLU K 217 -47.83 4.51 24.28
C GLU K 217 -46.48 4.12 23.72
N ALA K 218 -45.41 4.40 24.45
CA ALA K 218 -44.09 3.93 24.01
C ALA K 218 -43.97 2.43 24.19
N TYR K 219 -44.56 1.91 25.26
CA TYR K 219 -44.60 0.46 25.45
C TYR K 219 -45.46 -0.20 24.40
N TRP K 220 -46.55 0.44 24.01
CA TRP K 220 -47.42 -0.07 22.96
C TRP K 220 -46.70 -0.09 21.63
N ALA K 221 -45.91 0.94 21.35
CA ALA K 221 -45.13 0.95 20.11
C ALA K 221 -44.08 -0.14 20.11
N GLN K 222 -43.46 -0.38 21.26
CA GLN K 222 -42.48 -1.44 21.35
C GLN K 222 -43.15 -2.81 21.22
N TYR K 223 -44.36 -2.94 21.75
CA TYR K 223 -45.10 -4.18 21.60
C TYR K 223 -45.46 -4.42 20.16
N ARG K 224 -45.93 -3.40 19.46
CA ARG K 224 -46.35 -3.57 18.08
C ARG K 224 -45.17 -3.91 17.20
N ALA K 225 -44.01 -3.32 17.47
CA ALA K 225 -42.81 -3.67 16.72
C ALA K 225 -42.38 -5.11 17.01
N ASN K 226 -42.40 -5.51 18.29
CA ASN K 226 -42.01 -6.87 18.65
C ASN K 226 -43.00 -7.88 18.12
N GLU K 227 -44.28 -7.53 18.08
CA GLU K 227 -45.29 -8.48 17.67
C GLU K 227 -45.29 -8.66 16.17
N ASP K 228 -45.10 -7.57 15.42
CA ASP K 228 -45.00 -7.71 13.98
C ASP K 228 -43.73 -8.44 13.58
N GLN K 229 -42.63 -8.20 14.28
CA GLN K 229 -41.40 -8.90 13.93
C GLN K 229 -41.47 -10.38 14.29
N LEU K 230 -41.99 -10.69 15.48
CA LEU K 230 -42.12 -12.08 15.88
C LEU K 230 -43.15 -12.80 15.05
N PHE K 231 -44.19 -12.10 14.60
CA PHE K 231 -45.21 -12.72 13.80
C PHE K 231 -44.73 -13.01 12.40
N GLN K 232 -43.97 -12.10 11.80
CA GLN K 232 -43.39 -12.38 10.49
C GLN K 232 -42.40 -13.53 10.55
N ARG K 233 -41.60 -13.57 11.62
CA ARG K 233 -40.63 -14.66 11.74
C ARG K 233 -41.30 -16.00 11.92
N THR K 234 -42.29 -16.08 12.80
CA THR K 234 -42.89 -17.39 13.01
C THR K 234 -43.89 -17.72 11.93
N ALA K 235 -44.33 -16.74 11.14
CA ALA K 235 -45.16 -17.06 9.99
C ALA K 235 -44.30 -17.65 8.90
N GLU K 236 -43.09 -17.11 8.71
CA GLU K 236 -42.16 -17.71 7.77
C GLU K 236 -41.77 -19.12 8.20
N VAL K 237 -41.55 -19.32 9.50
CA VAL K 237 -41.13 -20.64 9.98
C VAL K 237 -42.29 -21.64 9.91
N HIS K 238 -43.48 -21.21 10.29
CA HIS K 238 -44.66 -22.07 10.25
C HIS K 238 -45.02 -22.44 8.82
N SER K 239 -44.87 -21.50 7.89
CA SER K 239 -45.12 -21.79 6.50
C SER K 239 -44.06 -22.71 5.94
N ARG K 240 -42.82 -22.59 6.42
CA ARG K 240 -41.77 -23.48 5.97
C ARG K 240 -42.00 -24.91 6.46
N VAL K 241 -42.48 -25.08 7.68
CA VAL K 241 -42.70 -26.43 8.16
C VAL K 241 -43.94 -27.04 7.51
N LEU K 242 -44.93 -26.21 7.19
CA LEU K 242 -46.09 -26.71 6.46
C LEU K 242 -45.71 -27.10 5.04
N ALA K 243 -44.85 -26.30 4.40
CA ALA K 243 -44.36 -26.62 3.08
C ALA K 243 -43.52 -27.88 3.09
N ALA K 244 -42.74 -28.09 4.15
CA ALA K 244 -41.96 -29.31 4.25
C ALA K 244 -42.86 -30.52 4.46
N ASN K 245 -43.97 -30.36 5.17
CA ASN K 245 -44.90 -31.47 5.33
C ASN K 245 -45.54 -31.86 4.01
N ASN K 246 -45.93 -30.87 3.21
CA ASN K 246 -46.55 -31.17 1.92
C ASN K 246 -45.55 -31.75 0.94
N VAL K 247 -44.34 -31.21 0.95
CA VAL K 247 -43.27 -31.68 0.08
C VAL K 247 -42.87 -33.11 0.43
N ARG K 248 -42.77 -33.42 1.73
CA ARG K 248 -42.49 -34.77 2.17
C ARG K 248 -43.62 -35.72 1.81
N ARG K 249 -44.86 -35.23 1.81
CA ARG K 249 -45.96 -36.05 1.36
C ARG K 249 -45.87 -36.33 -0.13
N PHE K 250 -45.25 -35.42 -0.88
CA PHE K 250 -45.09 -35.66 -2.31
C PHE K 250 -43.96 -36.64 -2.61
N PHE K 251 -42.75 -36.30 -2.20
CA PHE K 251 -41.57 -37.05 -2.59
C PHE K 251 -41.20 -38.18 -1.66
N GLY K 252 -41.57 -38.10 -0.38
CA GLY K 252 -41.10 -39.04 0.60
C GLY K 252 -40.07 -38.49 1.55
N PHE K 253 -39.50 -37.33 1.24
CA PHE K 253 -38.50 -36.69 2.08
C PHE K 253 -38.44 -35.24 1.68
N VAL K 254 -37.67 -34.45 2.43
CA VAL K 254 -37.43 -33.05 2.09
C VAL K 254 -35.94 -32.82 2.15
N ALA K 255 -35.40 -32.14 1.15
CA ALA K 255 -34.03 -31.66 1.21
C ALA K 255 -34.00 -30.41 2.06
N LEU K 256 -33.70 -30.56 3.33
CA LEU K 256 -33.61 -29.45 4.26
C LEU K 256 -32.16 -29.12 4.52
N ASN K 257 -31.90 -27.87 4.87
CA ASN K 257 -30.61 -27.49 5.42
C ASN K 257 -30.51 -27.97 6.86
N LYS K 258 -29.39 -27.64 7.51
CA LYS K 258 -29.23 -28.01 8.91
C LYS K 258 -30.15 -27.19 9.79
N ASP K 259 -30.22 -25.87 9.52
CA ASP K 259 -31.13 -25.00 10.24
C ASP K 259 -32.58 -25.37 9.98
N ASP K 260 -32.91 -25.76 8.74
CA ASP K 260 -34.27 -26.15 8.43
C ASP K 260 -34.62 -27.47 9.09
N GLU K 261 -33.66 -28.38 9.20
CA GLU K 261 -33.91 -29.64 9.90
C GLU K 261 -34.13 -29.39 11.38
N GLU K 262 -33.42 -28.39 11.93
CA GLU K 262 -33.70 -27.95 13.30
C GLU K 262 -35.10 -27.37 13.43
N LEU K 263 -35.57 -26.64 12.41
CA LEU K 263 -36.92 -26.09 12.45
C LEU K 263 -37.99 -27.18 12.40
N ILE K 264 -37.76 -28.21 11.58
CA ILE K 264 -38.72 -29.32 11.54
C ILE K 264 -38.67 -30.10 12.84
N ALA K 265 -37.50 -30.15 13.48
CA ALA K 265 -37.38 -30.83 14.77
C ALA K 265 -38.14 -30.09 15.86
N ASN K 266 -37.94 -28.77 15.96
CA ASN K 266 -38.50 -28.02 17.08
C ASN K 266 -40.01 -27.83 16.96
N PHE K 267 -40.47 -27.36 15.81
CA PHE K 267 -41.84 -26.85 15.66
C PHE K 267 -42.63 -27.75 14.72
N PRO K 268 -43.48 -28.62 15.22
CA PRO K 268 -44.33 -29.40 14.32
C PRO K 268 -45.65 -28.71 14.01
N VAL K 269 -46.24 -29.00 12.86
CA VAL K 269 -47.62 -28.60 12.55
C VAL K 269 -48.46 -29.83 12.32
N GLU K 270 -49.68 -29.80 12.85
CA GLU K 270 -50.72 -30.68 12.36
C GLU K 270 -51.51 -29.99 11.26
N GLY K 271 -51.80 -28.71 11.43
CA GLY K 271 -52.51 -27.95 10.41
C GLY K 271 -52.37 -26.47 10.66
N THR K 272 -52.74 -25.70 9.66
CA THR K 272 -52.70 -24.26 9.77
C THR K 272 -53.97 -23.71 10.41
N GLN K 273 -54.06 -22.39 10.46
CA GLN K 273 -55.09 -21.74 11.25
C GLN K 273 -56.24 -21.31 10.34
N PRO K 274 -57.47 -21.37 10.83
CA PRO K 274 -58.63 -21.07 9.98
C PRO K 274 -58.69 -19.61 9.57
N ARG K 275 -59.43 -19.38 8.50
CA ARG K 275 -59.59 -18.02 7.97
C ARG K 275 -60.33 -17.06 8.90
N PRO K 276 -61.38 -17.43 9.67
CA PRO K 276 -61.93 -16.45 10.61
C PRO K 276 -60.98 -16.07 11.72
N GLN K 277 -60.05 -16.96 12.09
CA GLN K 277 -59.07 -16.62 13.10
C GLN K 277 -58.05 -15.61 12.56
N TRP K 278 -57.64 -15.81 11.31
CA TRP K 278 -56.79 -14.82 10.64
C TRP K 278 -57.51 -13.50 10.45
N ASN K 279 -58.84 -13.55 10.28
CA ASN K 279 -59.60 -12.32 10.18
C ASN K 279 -59.69 -11.65 11.55
N ALA K 280 -59.74 -12.45 12.61
CA ALA K 280 -59.87 -11.92 13.95
C ALA K 280 -58.62 -11.17 14.38
N ILE K 281 -57.45 -11.62 13.92
CA ILE K 281 -56.24 -10.93 14.36
C ILE K 281 -55.88 -9.80 13.41
N THR K 282 -56.66 -9.57 12.36
CA THR K 282 -56.32 -8.53 11.40
C THR K 282 -57.32 -7.38 11.52
N GLY K 283 -56.87 -6.19 11.15
CA GLY K 283 -57.71 -5.02 11.19
C GLY K 283 -57.05 -3.93 12.00
N VAL K 284 -57.77 -2.82 12.11
CA VAL K 284 -57.27 -1.71 12.91
C VAL K 284 -57.63 -1.96 14.37
N TYR K 285 -56.76 -1.52 15.28
CA TYR K 285 -56.95 -1.74 16.70
C TYR K 285 -57.08 -0.43 17.45
N LEU K 286 -58.04 -0.37 18.38
CA LEU K 286 -58.37 0.87 19.05
C LEU K 286 -58.29 0.79 20.58
N TYR K 287 -57.36 0.01 21.13
CA TYR K 287 -57.07 -0.04 22.57
C TYR K 287 -58.29 -0.41 23.42
N ARG K 288 -58.68 -1.67 23.37
CA ARG K 288 -59.64 -2.14 24.34
C ARG K 288 -58.94 -2.47 25.64
N GLU K 289 -59.73 -2.79 26.66
CA GLU K 289 -59.23 -3.31 27.93
C GLU K 289 -60.15 -4.42 28.41
N ASN K 290 -59.58 -5.59 28.65
CA ASN K 290 -60.33 -6.73 29.14
C ASN K 290 -60.12 -6.83 30.64
N GLN K 291 -61.18 -6.55 31.40
CA GLN K 291 -61.22 -6.62 32.87
C GLN K 291 -60.14 -5.74 33.51
N GLY K 292 -60.00 -4.51 33.01
CA GLY K 292 -59.02 -3.60 33.56
C GLY K 292 -57.62 -3.72 33.02
N LEU K 293 -57.24 -4.90 32.53
CA LEU K 293 -55.92 -5.08 31.96
C LEU K 293 -55.95 -4.65 30.50
N PRO K 294 -54.90 -4.03 29.99
CA PRO K 294 -54.94 -3.51 28.63
C PRO K 294 -54.61 -4.58 27.62
N LEU K 295 -55.17 -4.42 26.42
CA LEU K 295 -54.87 -5.25 25.27
C LEU K 295 -54.28 -4.34 24.21
N TYR K 296 -53.20 -4.77 23.59
CA TYR K 296 -52.42 -3.87 22.76
C TYR K 296 -52.50 -4.19 21.27
N SER K 297 -53.18 -5.27 20.88
CA SER K 297 -53.39 -5.56 19.47
C SER K 297 -54.58 -6.48 19.35
N ARG K 298 -54.99 -6.73 18.12
CA ARG K 298 -56.06 -7.69 17.88
C ARG K 298 -55.58 -9.10 18.13
N LEU K 299 -54.30 -9.35 17.92
CA LEU K 299 -53.72 -10.64 18.28
C LEU K 299 -53.70 -10.81 19.79
N HIS K 300 -53.41 -9.74 20.52
CA HIS K 300 -53.42 -9.80 21.98
C HIS K 300 -54.83 -9.97 22.50
N LYS K 301 -55.79 -9.27 21.88
CA LYS K 301 -57.19 -9.41 22.27
C LYS K 301 -57.71 -10.80 21.96
N TRP K 302 -57.26 -11.37 20.84
CA TRP K 302 -57.67 -12.72 20.46
C TRP K 302 -57.05 -13.75 21.39
N ALA K 303 -55.80 -13.56 21.79
CA ALA K 303 -55.14 -14.51 22.66
C ALA K 303 -55.71 -14.46 24.06
N GLN K 304 -56.10 -13.27 24.53
CA GLN K 304 -56.78 -13.19 25.82
C GLN K 304 -58.21 -13.69 25.71
N GLY K 305 -58.78 -13.66 24.51
CA GLY K 305 -60.16 -14.09 24.34
C GLY K 305 -60.33 -15.60 24.45
N LEU K 306 -59.22 -16.34 24.39
CA LEU K 306 -59.28 -17.79 24.57
C LEU K 306 -59.11 -18.13 26.04
#